data_8WLO
#
_entry.id   8WLO
#
_cell.length_a   1.00
_cell.length_b   1.00
_cell.length_c   1.00
_cell.angle_alpha   90.00
_cell.angle_beta   90.00
_cell.angle_gamma   90.00
#
_symmetry.space_group_name_H-M   'P 1'
#
loop_
_entity.id
_entity.type
_entity.pdbx_description
1 polymer 'Spike glycoprotein'
2 polymer 'Angiotensin-converting enzyme'
3 branched 2-acetamido-2-deoxy-beta-D-glucopyranose-(1-4)-2-acetamido-2-deoxy-beta-D-glucopyranose
4 non-polymer 2-acetamido-2-deoxy-beta-D-glucopyranose
5 non-polymer 'ZINC ION'
#
loop_
_entity_poly.entity_id
_entity_poly.type
_entity_poly.pdbx_seq_one_letter_code
_entity_poly.pdbx_strand_id
1 'polypeptide(L)'
;MFVFLVLLPLVSSQCVNLTTRTQLPPAYTNSFTRGVYYPDKVFRSSVLHSTQDLFLPFFSNVTWFHAIHVSGTNGTKRFD
NPVLPFNDGVYFASTEKSNIIRGWIFGTTLDSKTQSLLIVNNATNVVIKVCEFQFCNDPFLGVYYHKNNKSWMESEFRVY
SSANNCTFEYVSQPFLMDLEGKQGNFKNLREFVFKNIDGYFKIYSKHTPINLVRDLPQGFSALEPLVDLPIGINITRFQT
LLALHRSYLTPGDSSSGWTAGAAAYYVGYLQPRTFLLKYNENGTITDAVDCALDPLSETKCTLKSFTVEKGIYQTSNFRV
QPTESIVRFPNITNLCPFGEVFNATRFASVYAWNRKRISNCVADYSVLYNSASFSTFKCYGVSPTKLNDLCFTNVYADSF
VIRGDEVRQIAPGQTGKIADYNYKLPDDFTGCVIAWNSNNLDSKVGGNYNYLYRLFRKSNLKPFERDISTEIYQAGSTPC
NGVEGFNCYFPLQSYGFQPTNGVGYQPYRVVVLSFELLHAPATVCGPKKSTNLVKNKCVNFNFNGLTGTGVLTESNKKFL
PFQQFGRDIADTTDAVRDPQTLEILDITPCSFGGVSVITPGTNTSNQVAVLYQDVNCTEVPVAIHADQLTPTWRVYSTGS
NVFQTRAGCLIGAEHVNNSYECDIPIGAGICASYQTQTNSPGSASSVASQSIIAYTMSLGAENSVAYSNNSIAIPTNFTI
SVTTEILPVSMTKTSVDCTMYICGDSTECSNLLLQYGSFCTQLNRALTGIAVEQDKNTQEVFAQVKQIYKTPPIKDFGGF
NFSQILPDPSKPSKRSPIEDLLFNKVTLADAGFIKQYGDCLGDIAARDLICAQKFNGLTVLPPLLTDEMIAQYTSALLAG
TITSGWTFGAGPALQIPFPMQMAYRFNGIGVTQNVLYENQKLIANQFNSAIGKIQDSLSSTPSALGKLQDVVNQNAQALN
TLVKQLSSNFGAISSVLNDILSRLDPPEAEVQIDRLITGRLQSLQTYVTQQLIRAAEIRASANLAATKMSECVLGQSKRV
DFCGKGYHLMSFPQSAPHGVVFLHVTYVPAQEKNFTTAPAICHDGKAHFPREGVFVSNGTHWFVTQRNFYEPQIITTDNT
FVSGNCDVVIGIVNNTVYDPLQPELDSFKEELDKYFKNHTSPDVDLGDISGINASVVNIQKEIDRLNEVAKNLNESLIDL
QELGKYEQYIKWPWYIW
;
A,B,C
2 'polypeptide(L)'
;QSTTEEQAKTFLLKFDHDAEDLSYQSSLASWNYNTNITDENVQKMNEARAKWSAFYEEQSKAAKMFSLEEIQDLTLKRQL
QALQQSGTSALSADKSKRLNTILNTMSTIYSSGKVLDPNTQECLVLEPGLDDIMENSQDYSRRLWAWEGWRAEVGKQLRP
LYEEYVVLENEMARANNYEDYGDYWRGDYEVTGAGDYDYSRDQLITDVERTFAEIKPLYEQLHAYVRTKLMDAYPSHISP
TGCLPAHLLGDMWGRFWTNLYPLTVPFGQKPSIDVTREMENQSWDTKRIFKEAEKFFVSIGLPNMTQGFWDNSMLTEPGD
GRKVVCHPTAWDLGKGDFRIKMCTKVTMDDFLTAHHEMGHIQYDMAYATQPYLLRNGANEGFHEAVGEIMSLSAATPHYL
KALGLLPPDFYEDSETEINFLLKQALTIVGTLPFTYMLEKWRWMVFKGKIPKEQWMQKWWEMKREIVGVVEPLPHDETYC
DPACLFHVAEDYSFIRYYTRTIYQFQFHEALCQTAKHEGPLYKCDISNSTDAGQRLLQMLNLGKSEPWTLALERIVGAKT
MDVKPLLNYFEPLLTWLKDQNGNSFVGWSTDWTPYSE
;
E
#
# COMPACT_ATOMS: atom_id res chain seq x y z
N GLN A 14 -41.21 -34.54 -38.99
CA GLN A 14 -41.45 -34.70 -37.57
C GLN A 14 -40.12 -34.73 -36.80
N CYS A 15 -40.20 -34.46 -35.50
CA CYS A 15 -39.00 -34.44 -34.66
C CYS A 15 -39.15 -35.43 -33.51
N VAL A 16 -39.55 -36.65 -33.83
CA VAL A 16 -39.64 -37.73 -32.87
C VAL A 16 -38.39 -38.59 -32.99
N ASN A 17 -38.18 -39.47 -32.01
CA ASN A 17 -36.97 -40.26 -31.91
C ASN A 17 -36.69 -41.06 -33.18
N LEU A 18 -35.55 -40.80 -33.83
CA LEU A 18 -35.10 -41.56 -34.99
C LEU A 18 -33.89 -42.38 -34.60
N THR A 19 -33.89 -43.66 -34.99
CA THR A 19 -32.79 -44.57 -34.69
C THR A 19 -32.16 -45.12 -35.96
N THR A 20 -32.27 -44.38 -37.06
CA THR A 20 -31.62 -44.82 -38.30
C THR A 20 -30.11 -44.81 -38.17
N ARG A 21 -29.56 -43.77 -37.53
CA ARG A 21 -28.11 -43.64 -37.40
C ARG A 21 -27.58 -44.66 -36.40
N THR A 22 -26.50 -45.36 -36.79
CA THR A 22 -25.86 -46.33 -35.93
C THR A 22 -25.01 -45.63 -34.87
N GLN A 23 -24.63 -46.38 -33.84
CA GLN A 23 -23.89 -45.83 -32.70
C GLN A 23 -22.39 -45.87 -33.00
N LEU A 24 -21.97 -45.00 -33.93
CA LEU A 24 -20.57 -44.89 -34.27
C LEU A 24 -19.79 -44.22 -33.13
N PRO A 25 -18.52 -44.58 -32.94
CA PRO A 25 -17.72 -43.95 -31.90
C PRO A 25 -17.19 -42.61 -32.36
N PRO A 26 -17.41 -41.55 -31.58
CA PRO A 26 -16.93 -40.22 -31.98
C PRO A 26 -15.40 -40.14 -31.95
N ALA A 27 -14.82 -39.73 -33.07
CA ALA A 27 -13.38 -39.54 -33.16
C ALA A 27 -13.01 -38.11 -32.77
N TYR A 28 -11.72 -37.88 -32.59
CA TYR A 28 -11.20 -36.55 -32.30
C TYR A 28 -9.89 -36.35 -33.05
N THR A 29 -9.62 -35.10 -33.41
CA THR A 29 -8.47 -34.73 -34.22
C THR A 29 -7.70 -33.61 -33.55
N ASN A 30 -6.61 -33.19 -34.19
CA ASN A 30 -5.68 -32.21 -33.64
C ASN A 30 -5.84 -30.88 -34.36
N SER A 31 -6.01 -29.81 -33.58
CA SER A 31 -6.07 -28.44 -34.11
C SER A 31 -4.72 -27.79 -33.85
N PHE A 32 -3.98 -27.51 -34.93
CA PHE A 32 -2.59 -27.08 -34.78
C PHE A 32 -2.48 -25.60 -34.40
N THR A 33 -2.93 -24.71 -35.28
CA THR A 33 -2.76 -23.27 -35.08
C THR A 33 -4.03 -22.53 -35.46
N ARG A 34 -5.18 -23.05 -35.05
CA ARG A 34 -6.47 -22.43 -35.31
C ARG A 34 -7.05 -21.87 -34.03
N GLY A 35 -7.90 -20.85 -34.16
CA GLY A 35 -8.58 -20.30 -33.01
C GLY A 35 -7.97 -19.03 -32.47
N VAL A 36 -7.59 -18.12 -33.37
CA VAL A 36 -7.00 -16.85 -32.99
C VAL A 36 -7.93 -15.74 -33.47
N TYR A 37 -8.29 -14.83 -32.58
CA TYR A 37 -9.17 -13.71 -32.89
C TYR A 37 -8.57 -12.42 -32.36
N TYR A 38 -9.01 -11.31 -32.94
CA TYR A 38 -8.57 -10.00 -32.46
C TYR A 38 -9.19 -9.75 -31.10
N PRO A 39 -8.38 -9.60 -30.04
CA PRO A 39 -8.93 -9.49 -28.68
C PRO A 39 -9.28 -8.08 -28.23
N ASP A 40 -8.97 -7.06 -29.01
CA ASP A 40 -9.15 -5.68 -28.58
C ASP A 40 -9.59 -4.84 -29.75
N LYS A 41 -10.11 -3.65 -29.42
CA LYS A 41 -10.63 -2.73 -30.42
C LYS A 41 -9.54 -1.89 -31.08
N VAL A 42 -8.36 -1.79 -30.46
CA VAL A 42 -7.33 -0.89 -30.95
C VAL A 42 -6.66 -1.49 -32.18
N PHE A 43 -6.15 -0.61 -33.04
CA PHE A 43 -5.43 -1.00 -34.25
C PHE A 43 -3.94 -0.82 -34.04
N ARG A 44 -3.17 -1.87 -34.28
CA ARG A 44 -1.72 -1.84 -34.17
C ARG A 44 -1.10 -2.48 -35.39
N SER A 45 0.16 -2.10 -35.65
CA SER A 45 0.88 -2.63 -36.80
C SER A 45 2.37 -2.61 -36.51
N SER A 46 3.09 -3.58 -37.07
CA SER A 46 4.54 -3.70 -36.94
C SER A 46 4.99 -3.79 -35.49
N VAL A 47 4.15 -4.38 -34.62
CA VAL A 47 4.47 -4.54 -33.22
C VAL A 47 4.12 -5.94 -32.77
N LEU A 48 4.71 -6.35 -31.65
CA LEU A 48 4.38 -7.59 -30.98
C LEU A 48 3.72 -7.25 -29.65
N HIS A 49 2.49 -7.70 -29.47
CA HIS A 49 1.71 -7.39 -28.27
C HIS A 49 1.38 -8.68 -27.52
N SER A 50 1.45 -8.62 -26.20
CA SER A 50 1.12 -9.74 -25.33
C SER A 50 -0.22 -9.47 -24.66
N THR A 51 -1.16 -10.40 -24.82
CA THR A 51 -2.50 -10.25 -24.28
C THR A 51 -2.85 -11.47 -23.44
N GLN A 52 -3.68 -11.24 -22.42
CA GLN A 52 -4.20 -12.30 -21.56
C GLN A 52 -5.71 -12.37 -21.78
N ASP A 53 -6.18 -13.46 -22.37
CA ASP A 53 -7.59 -13.60 -22.72
C ASP A 53 -7.89 -15.07 -22.95
N LEU A 54 -9.18 -15.38 -23.02
CA LEU A 54 -9.60 -16.75 -23.30
C LEU A 54 -9.22 -17.12 -24.73
N PHE A 55 -8.60 -18.29 -24.89
CA PHE A 55 -8.08 -18.70 -26.17
C PHE A 55 -8.13 -20.22 -26.28
N LEU A 56 -8.05 -20.71 -27.51
CA LEU A 56 -7.95 -22.15 -27.74
C LEU A 56 -6.49 -22.57 -27.65
N PRO A 57 -6.12 -23.45 -26.73
CA PRO A 57 -4.71 -23.85 -26.61
C PRO A 57 -4.18 -24.48 -27.89
N PHE A 58 -2.93 -24.18 -28.20
CA PHE A 58 -2.31 -24.71 -29.41
C PHE A 58 -2.16 -26.23 -29.32
N PHE A 59 -2.29 -26.87 -30.48
CA PHE A 59 -2.09 -28.31 -30.60
C PHE A 59 -2.98 -29.10 -29.65
N SER A 60 -4.23 -28.67 -29.54
CA SER A 60 -5.21 -29.37 -28.71
C SER A 60 -5.97 -30.39 -29.54
N ASN A 61 -6.71 -31.26 -28.86
CA ASN A 61 -7.49 -32.30 -29.50
C ASN A 61 -8.95 -31.87 -29.51
N VAL A 62 -9.53 -31.79 -30.70
CA VAL A 62 -10.91 -31.35 -30.89
C VAL A 62 -11.75 -32.54 -31.33
N THR A 63 -12.92 -32.69 -30.71
CA THR A 63 -13.82 -33.77 -31.07
C THR A 63 -14.29 -33.63 -32.51
N TRP A 64 -14.36 -34.75 -33.22
CA TRP A 64 -14.77 -34.78 -34.62
C TRP A 64 -16.14 -35.42 -34.72
N PHE A 65 -17.07 -34.71 -35.36
CA PHE A 65 -18.45 -35.17 -35.50
C PHE A 65 -18.75 -35.39 -36.97
N HIS A 66 -19.25 -36.57 -37.30
CA HIS A 66 -19.61 -36.93 -38.67
C HIS A 66 -21.11 -37.12 -38.75
N ALA A 67 -21.77 -36.26 -39.51
CA ALA A 67 -23.22 -36.32 -39.71
C ALA A 67 -23.49 -36.81 -41.13
N ILE A 68 -24.25 -37.89 -41.24
CA ILE A 68 -24.58 -38.51 -42.52
C ILE A 68 -23.32 -38.89 -43.29
N LYS A 77 -24.83 -42.02 -43.87
CA LYS A 77 -26.17 -41.71 -43.35
C LYS A 77 -26.22 -41.86 -41.83
N ARG A 78 -25.11 -41.52 -41.17
CA ARG A 78 -25.01 -41.56 -39.72
C ARG A 78 -24.95 -40.13 -39.21
N PHE A 79 -26.12 -39.55 -38.95
CA PHE A 79 -26.18 -38.16 -38.50
C PHE A 79 -25.74 -38.06 -37.04
N ASP A 80 -24.84 -37.12 -36.76
CA ASP A 80 -24.32 -36.89 -35.42
C ASP A 80 -24.62 -35.44 -35.04
N ASN A 81 -25.74 -35.24 -34.35
CA ASN A 81 -26.14 -33.92 -33.86
C ASN A 81 -26.58 -34.02 -32.40
N PRO A 82 -25.64 -34.28 -31.49
CA PRO A 82 -26.00 -34.38 -30.07
C PRO A 82 -25.86 -33.06 -29.35
N VAL A 83 -26.27 -33.01 -28.08
CA VAL A 83 -26.11 -31.83 -27.27
C VAL A 83 -24.72 -31.84 -26.64
N LEU A 84 -24.08 -30.68 -26.57
CA LEU A 84 -22.75 -30.54 -26.01
C LEU A 84 -22.72 -29.38 -25.03
N PRO A 85 -21.93 -29.48 -23.97
CA PRO A 85 -21.84 -28.36 -23.02
C PRO A 85 -21.12 -27.17 -23.62
N PHE A 86 -21.56 -25.98 -23.18
CA PHE A 86 -20.92 -24.72 -23.56
C PHE A 86 -20.00 -24.33 -22.39
N ASN A 87 -18.72 -24.71 -22.51
CA ASN A 87 -17.78 -24.60 -21.40
C ASN A 87 -16.90 -23.36 -21.61
N ASP A 88 -17.43 -22.22 -21.18
CA ASP A 88 -16.71 -20.94 -21.17
C ASP A 88 -16.09 -20.65 -22.54
N GLY A 89 -16.95 -20.61 -23.56
CA GLY A 89 -16.50 -20.38 -24.91
C GLY A 89 -16.31 -21.65 -25.68
N VAL A 90 -16.64 -21.62 -26.97
CA VAL A 90 -16.58 -22.81 -27.82
C VAL A 90 -16.02 -22.41 -29.18
N TYR A 91 -15.07 -23.20 -29.67
CA TYR A 91 -14.57 -23.06 -31.03
C TYR A 91 -15.33 -23.99 -31.96
N PHE A 92 -15.70 -23.48 -33.13
CA PHE A 92 -16.49 -24.25 -34.08
C PHE A 92 -15.90 -24.10 -35.48
N ALA A 93 -15.86 -25.21 -36.21
CA ALA A 93 -15.40 -25.20 -37.60
C ALA A 93 -16.09 -26.31 -38.36
N SER A 94 -16.20 -26.13 -39.67
CA SER A 94 -16.87 -27.12 -40.52
C SER A 94 -16.45 -26.91 -41.95
N THR A 95 -15.84 -27.93 -42.57
CA THR A 95 -15.48 -27.89 -43.98
C THR A 95 -16.52 -28.70 -44.75
N GLU A 96 -17.63 -28.06 -45.09
CA GLU A 96 -18.72 -28.74 -45.77
C GLU A 96 -19.23 -27.91 -46.93
N LYS A 97 -19.61 -28.59 -48.00
CA LYS A 97 -20.18 -27.96 -49.18
C LYS A 97 -21.70 -27.96 -49.09
N SER A 98 -22.32 -27.15 -49.95
CA SER A 98 -23.78 -27.01 -50.03
C SER A 98 -24.40 -26.49 -48.74
N ASN A 99 -23.57 -25.93 -47.86
CA ASN A 99 -23.97 -25.32 -46.59
C ASN A 99 -25.06 -26.12 -45.89
N ILE A 100 -24.71 -27.37 -45.54
CA ILE A 100 -25.63 -28.22 -44.82
C ILE A 100 -25.93 -27.64 -43.45
N ILE A 101 -24.91 -27.14 -42.76
CA ILE A 101 -25.09 -26.55 -41.44
C ILE A 101 -25.86 -25.24 -41.56
N ARG A 102 -26.80 -25.02 -40.65
CA ARG A 102 -27.66 -23.84 -40.68
C ARG A 102 -27.39 -22.91 -39.51
N GLY A 103 -27.45 -23.39 -38.29
CA GLY A 103 -27.27 -22.53 -37.14
C GLY A 103 -27.06 -23.32 -35.87
N TRP A 104 -27.13 -22.60 -34.75
CA TRP A 104 -26.90 -23.18 -33.44
C TRP A 104 -27.97 -22.70 -32.47
N ILE A 105 -28.20 -23.49 -31.43
CA ILE A 105 -29.11 -23.14 -30.36
C ILE A 105 -28.38 -23.30 -29.02
N PHE A 106 -28.79 -22.50 -28.04
CA PHE A 106 -28.10 -22.46 -26.76
C PHE A 106 -29.11 -22.47 -25.62
N GLY A 107 -28.65 -22.22 -24.40
CA GLY A 107 -29.51 -22.14 -23.24
C GLY A 107 -28.99 -22.99 -22.10
N THR A 108 -29.77 -23.02 -21.02
CA THR A 108 -29.43 -23.79 -19.83
C THR A 108 -30.18 -25.11 -19.77
N THR A 109 -31.51 -25.07 -19.79
CA THR A 109 -32.33 -26.27 -19.77
C THR A 109 -32.79 -26.70 -21.16
N LEU A 110 -32.62 -25.85 -22.17
CA LEU A 110 -32.98 -26.16 -23.55
C LEU A 110 -34.47 -26.53 -23.66
N ASP A 111 -35.31 -25.80 -22.95
CA ASP A 111 -36.74 -26.07 -22.95
C ASP A 111 -37.49 -24.77 -22.71
N SER A 112 -38.82 -24.83 -22.85
CA SER A 112 -39.66 -23.67 -22.69
C SER A 112 -39.78 -23.20 -21.24
N LYS A 113 -39.18 -23.92 -20.30
CA LYS A 113 -39.21 -23.47 -18.91
C LYS A 113 -38.37 -22.20 -18.73
N THR A 114 -37.23 -22.12 -19.40
CA THR A 114 -36.30 -21.00 -19.25
C THR A 114 -35.96 -20.42 -20.62
N GLN A 115 -35.33 -19.25 -20.59
CA GLN A 115 -34.96 -18.55 -21.81
C GLN A 115 -33.81 -19.25 -22.53
N SER A 116 -33.84 -19.20 -23.85
CA SER A 116 -32.79 -19.79 -24.67
C SER A 116 -32.58 -18.93 -25.91
N LEU A 117 -31.40 -19.07 -26.51
CA LEU A 117 -31.01 -18.31 -27.69
C LEU A 117 -30.97 -19.22 -28.91
N LEU A 118 -31.51 -18.74 -30.02
CA LEU A 118 -31.59 -19.51 -31.26
C LEU A 118 -31.04 -18.67 -32.41
N ILE A 119 -30.30 -19.33 -33.31
CA ILE A 119 -29.77 -18.71 -34.52
C ILE A 119 -29.99 -19.69 -35.66
N VAL A 120 -30.62 -19.22 -36.75
CA VAL A 120 -30.93 -20.06 -37.89
C VAL A 120 -30.59 -19.33 -39.18
N ASN A 121 -30.48 -20.10 -40.26
CA ASN A 121 -30.15 -19.57 -41.58
C ASN A 121 -31.09 -20.14 -42.64
N ASN A 122 -32.32 -20.47 -42.25
CA ASN A 122 -33.27 -21.04 -43.21
C ASN A 122 -33.61 -20.05 -44.31
N ALA A 123 -33.99 -18.83 -43.92
CA ALA A 123 -34.29 -17.78 -44.89
C ALA A 123 -32.99 -17.16 -45.39
N THR A 124 -33.13 -16.30 -46.42
CA THR A 124 -31.97 -15.59 -46.94
C THR A 124 -31.30 -14.76 -45.84
N ASN A 125 -32.10 -14.22 -44.92
CA ASN A 125 -31.58 -13.54 -43.75
C ASN A 125 -31.52 -14.49 -42.56
N VAL A 126 -30.67 -14.17 -41.60
CA VAL A 126 -30.55 -14.95 -40.38
C VAL A 126 -31.52 -14.41 -39.34
N VAL A 127 -32.04 -15.30 -38.51
CA VAL A 127 -33.03 -14.95 -37.50
C VAL A 127 -32.43 -15.24 -36.13
N ILE A 128 -32.41 -14.24 -35.27
CA ILE A 128 -31.89 -14.36 -33.92
C ILE A 128 -32.99 -13.95 -32.95
N LYS A 129 -33.41 -14.88 -32.10
CA LYS A 129 -34.42 -14.62 -31.09
C LYS A 129 -33.97 -15.21 -29.77
N VAL A 130 -34.39 -14.58 -28.68
CA VAL A 130 -34.19 -15.12 -27.33
C VAL A 130 -35.56 -15.15 -26.64
N CYS A 131 -35.99 -16.35 -26.27
CA CYS A 131 -37.24 -16.59 -25.53
C CYS A 131 -37.37 -18.08 -25.32
N GLU A 132 -38.31 -18.46 -24.46
CA GLU A 132 -38.56 -19.86 -24.17
C GLU A 132 -39.05 -20.59 -25.40
N PHE A 133 -38.47 -21.75 -25.68
CA PHE A 133 -38.83 -22.58 -26.82
C PHE A 133 -39.05 -24.00 -26.33
N GLN A 134 -40.14 -24.63 -26.78
CA GLN A 134 -40.44 -26.01 -26.41
C GLN A 134 -39.69 -26.93 -27.38
N PHE A 135 -38.38 -27.03 -27.17
CA PHE A 135 -37.55 -27.87 -28.01
C PHE A 135 -37.86 -29.35 -27.78
N CYS A 136 -37.89 -30.12 -28.87
CA CYS A 136 -38.10 -31.55 -28.76
C CYS A 136 -36.75 -32.26 -28.62
N ASN A 137 -36.80 -33.59 -28.58
CA ASN A 137 -35.60 -34.37 -28.26
C ASN A 137 -34.52 -34.20 -29.32
N ASP A 138 -34.89 -34.21 -30.60
CA ASP A 138 -33.93 -34.10 -31.70
C ASP A 138 -34.37 -32.99 -32.63
N PRO A 139 -34.05 -31.74 -32.28
CA PRO A 139 -34.36 -30.63 -33.19
C PRO A 139 -33.59 -30.75 -34.50
N PHE A 140 -34.23 -30.35 -35.59
CA PHE A 140 -33.61 -30.45 -36.90
C PHE A 140 -34.28 -29.45 -37.84
N LEU A 141 -33.60 -29.16 -38.93
CA LEU A 141 -34.09 -28.19 -39.90
C LEU A 141 -34.48 -28.91 -41.18
N GLU A 154 -40.04 -30.30 -46.25
CA GLU A 154 -38.90 -29.79 -45.50
C GLU A 154 -39.34 -29.25 -44.14
N SER A 155 -38.43 -28.52 -43.49
CA SER A 155 -38.71 -27.93 -42.19
C SER A 155 -38.28 -26.47 -42.19
N GLU A 156 -39.06 -25.65 -41.48
CA GLU A 156 -38.74 -24.23 -41.32
C GLU A 156 -38.59 -23.85 -39.86
N PHE A 157 -39.50 -24.30 -38.99
CA PHE A 157 -39.43 -24.04 -37.56
C PHE A 157 -39.70 -25.33 -36.78
N ARG A 158 -39.32 -26.47 -37.34
CA ARG A 158 -39.57 -27.76 -36.69
C ARG A 158 -38.51 -28.05 -35.64
N VAL A 159 -38.28 -27.10 -34.75
CA VAL A 159 -37.39 -27.30 -33.61
C VAL A 159 -38.09 -27.07 -32.28
N TYR A 160 -39.15 -26.29 -32.25
CA TYR A 160 -39.91 -26.03 -31.02
C TYR A 160 -41.37 -25.88 -31.41
N SER A 161 -42.21 -25.55 -30.42
CA SER A 161 -43.63 -25.37 -30.68
C SER A 161 -44.24 -24.14 -30.03
N SER A 162 -43.59 -23.49 -29.07
CA SER A 162 -44.18 -22.36 -28.40
C SER A 162 -43.11 -21.35 -28.02
N ALA A 163 -43.52 -20.08 -27.91
CA ALA A 163 -42.66 -19.01 -27.47
C ALA A 163 -43.44 -18.14 -26.50
N ASN A 164 -42.89 -17.94 -25.30
CA ASN A 164 -43.61 -17.21 -24.26
C ASN A 164 -43.54 -15.70 -24.49
N ASN A 165 -42.32 -15.15 -24.46
CA ASN A 165 -42.14 -13.71 -24.63
C ASN A 165 -40.69 -13.47 -25.02
N CYS A 166 -40.46 -12.95 -26.23
CA CYS A 166 -39.12 -12.75 -26.75
C CYS A 166 -38.70 -11.30 -26.52
N THR A 167 -37.81 -11.09 -25.55
CA THR A 167 -37.34 -9.75 -25.25
C THR A 167 -36.49 -9.17 -26.38
N PHE A 168 -35.70 -10.01 -27.06
CA PHE A 168 -34.79 -9.55 -28.09
C PHE A 168 -35.03 -10.31 -29.39
N GLU A 169 -34.95 -9.58 -30.49
CA GLU A 169 -35.04 -10.16 -31.83
C GLU A 169 -34.39 -9.19 -32.80
N TYR A 170 -33.62 -9.73 -33.75
CA TYR A 170 -32.87 -8.89 -34.67
C TYR A 170 -32.50 -9.71 -35.90
N VAL A 171 -32.85 -9.19 -37.08
CA VAL A 171 -32.65 -9.88 -38.35
C VAL A 171 -31.74 -9.04 -39.22
N SER A 172 -30.70 -9.67 -39.79
CA SER A 172 -29.73 -8.98 -40.61
C SER A 172 -29.26 -9.92 -41.73
N GLN A 173 -28.16 -9.55 -42.36
CA GLN A 173 -27.62 -10.32 -43.47
C GLN A 173 -27.08 -11.66 -42.98
N PRO A 174 -27.06 -12.68 -43.85
CA PRO A 174 -26.57 -14.00 -43.43
C PRO A 174 -25.08 -13.99 -43.14
N PHE A 175 -24.68 -14.91 -42.27
CA PHE A 175 -23.27 -15.07 -41.92
C PHE A 175 -22.44 -15.64 -43.06
N LEU A 176 -23.07 -16.19 -44.09
CA LEU A 176 -22.35 -16.81 -45.20
C LEU A 176 -21.75 -15.73 -46.11
N ASN A 188 -14.10 -24.24 -48.43
CA ASN A 188 -15.40 -24.06 -47.78
C ASN A 188 -15.26 -24.18 -46.27
N LEU A 189 -14.15 -23.66 -45.74
CA LEU A 189 -13.92 -23.67 -44.31
C LEU A 189 -14.59 -22.47 -43.64
N ARG A 190 -15.37 -22.75 -42.60
CA ARG A 190 -16.05 -21.71 -41.84
C ARG A 190 -15.74 -21.92 -40.36
N GLU A 191 -15.18 -20.91 -39.71
CA GLU A 191 -14.77 -21.00 -38.32
C GLU A 191 -15.47 -19.93 -37.51
N PHE A 192 -15.90 -20.31 -36.30
CA PHE A 192 -16.63 -19.41 -35.42
C PHE A 192 -16.12 -19.56 -34.00
N VAL A 193 -16.13 -18.45 -33.26
CA VAL A 193 -15.79 -18.42 -31.85
C VAL A 193 -16.94 -17.74 -31.11
N PHE A 194 -17.49 -18.44 -30.12
CA PHE A 194 -18.58 -17.93 -29.30
C PHE A 194 -18.07 -17.67 -27.89
N LYS A 195 -18.40 -16.51 -27.35
CA LYS A 195 -17.93 -16.12 -26.02
C LYS A 195 -18.99 -15.30 -25.33
N ASN A 196 -19.30 -15.65 -24.08
CA ASN A 196 -20.36 -15.01 -23.31
C ASN A 196 -19.77 -14.48 -22.00
N ILE A 197 -19.39 -13.20 -22.00
CA ILE A 197 -18.82 -12.53 -20.84
C ILE A 197 -19.84 -11.52 -20.34
N ASP A 198 -20.09 -11.54 -19.03
CA ASP A 198 -20.98 -10.59 -18.33
C ASP A 198 -22.37 -10.49 -18.99
N GLY A 199 -22.75 -11.49 -19.77
CA GLY A 199 -23.98 -11.40 -20.53
C GLY A 199 -23.86 -10.63 -21.82
N TYR A 200 -22.64 -10.34 -22.26
CA TYR A 200 -22.37 -9.58 -23.47
C TYR A 200 -21.84 -10.57 -24.50
N PHE A 201 -22.74 -11.08 -25.33
CA PHE A 201 -22.43 -12.20 -26.22
C PHE A 201 -21.66 -11.70 -27.44
N LYS A 202 -20.50 -12.28 -27.71
CA LYS A 202 -19.65 -11.88 -28.81
C LYS A 202 -19.38 -13.06 -29.72
N ILE A 203 -19.39 -12.80 -31.04
CA ILE A 203 -19.17 -13.83 -32.05
C ILE A 203 -18.10 -13.36 -33.01
N TYR A 204 -17.13 -14.22 -33.30
CA TYR A 204 -16.09 -13.98 -34.29
C TYR A 204 -16.16 -15.05 -35.36
N SER A 205 -15.87 -14.65 -36.60
CA SER A 205 -16.00 -15.57 -37.72
C SER A 205 -15.00 -15.20 -38.81
N LYS A 206 -14.73 -16.18 -39.69
CA LYS A 206 -13.89 -16.01 -40.87
C LYS A 206 -14.09 -17.20 -41.78
N HIS A 207 -14.22 -16.94 -43.08
CA HIS A 207 -14.42 -17.98 -44.08
C HIS A 207 -13.13 -18.17 -44.87
N THR A 208 -12.59 -19.39 -44.81
CA THR A 208 -11.36 -19.71 -45.54
C THR A 208 -11.69 -20.57 -46.74
N PRO A 209 -11.34 -20.18 -47.96
CA PRO A 209 -11.70 -20.96 -49.15
C PRO A 209 -10.78 -22.15 -49.34
N ILE A 210 -11.30 -23.35 -49.08
CA ILE A 210 -10.59 -24.60 -49.34
C ILE A 210 -11.54 -25.55 -50.05
N ASN A 211 -10.96 -26.57 -50.70
CA ASN A 211 -11.73 -27.63 -51.35
C ASN A 211 -10.96 -28.93 -51.17
N LEU A 212 -11.28 -29.66 -50.10
CA LEU A 212 -10.69 -30.96 -49.85
C LEU A 212 -11.52 -31.66 -48.77
N VAL A 213 -11.28 -32.96 -48.61
CA VAL A 213 -12.02 -33.78 -47.66
C VAL A 213 -11.12 -34.24 -46.51
N ARG A 214 -10.00 -33.55 -46.27
CA ARG A 214 -9.07 -33.95 -45.23
C ARG A 214 -9.43 -33.23 -43.92
N ASP A 215 -8.57 -33.34 -42.93
CA ASP A 215 -8.84 -32.81 -41.60
C ASP A 215 -8.62 -31.30 -41.57
N LEU A 216 -8.52 -30.73 -40.38
CA LEU A 216 -8.21 -29.31 -40.27
C LEU A 216 -6.82 -29.04 -40.81
N PRO A 217 -6.66 -28.08 -41.73
CA PRO A 217 -5.37 -27.87 -42.37
C PRO A 217 -4.43 -26.98 -41.56
N GLN A 218 -3.14 -27.16 -41.82
CA GLN A 218 -2.13 -26.28 -41.23
C GLN A 218 -2.27 -24.87 -41.80
N GLY A 219 -2.16 -23.88 -40.93
CA GLY A 219 -2.22 -22.51 -41.38
C GLY A 219 -2.67 -21.59 -40.26
N PHE A 220 -2.56 -20.30 -40.52
CA PHE A 220 -2.94 -19.25 -39.59
C PHE A 220 -4.05 -18.40 -40.20
N SER A 221 -5.06 -18.10 -39.39
CA SER A 221 -6.18 -17.28 -39.86
C SER A 221 -6.81 -16.59 -38.65
N ALA A 222 -6.64 -15.28 -38.55
CA ALA A 222 -7.21 -14.52 -37.45
C ALA A 222 -8.70 -14.33 -37.66
N LEU A 223 -9.45 -14.41 -36.56
CA LEU A 223 -10.90 -14.26 -36.61
C LEU A 223 -11.28 -12.83 -36.26
N GLU A 224 -12.16 -12.25 -37.07
CA GLU A 224 -12.59 -10.88 -36.84
C GLU A 224 -13.96 -10.85 -36.18
N PRO A 225 -14.21 -9.86 -35.33
CA PRO A 225 -15.54 -9.75 -34.71
C PRO A 225 -16.62 -9.53 -35.76
N LEU A 226 -17.79 -10.15 -35.53
CA LEU A 226 -18.88 -10.07 -36.47
C LEU A 226 -20.09 -9.34 -35.89
N VAL A 227 -20.63 -9.80 -34.76
CA VAL A 227 -21.80 -9.19 -34.13
C VAL A 227 -21.60 -9.23 -32.62
N ASP A 228 -22.48 -8.54 -31.91
CA ASP A 228 -22.51 -8.56 -30.45
C ASP A 228 -23.95 -8.55 -29.99
N LEU A 229 -24.30 -9.47 -29.09
CA LEU A 229 -25.68 -9.64 -28.64
C LEU A 229 -25.79 -9.44 -27.14
N PRO A 230 -26.46 -8.39 -26.67
CA PRO A 230 -26.68 -8.23 -25.22
C PRO A 230 -27.84 -9.07 -24.73
N ILE A 231 -27.53 -10.15 -24.02
CA ILE A 231 -28.54 -11.07 -23.49
C ILE A 231 -28.65 -10.95 -21.96
N GLY A 232 -27.55 -11.21 -21.25
CA GLY A 232 -27.53 -11.09 -19.81
C GLY A 232 -27.69 -12.37 -19.02
N ILE A 233 -27.99 -13.49 -19.66
CA ILE A 233 -28.08 -14.77 -18.98
C ILE A 233 -27.00 -15.71 -19.53
N ASN A 234 -26.71 -16.77 -18.76
CA ASN A 234 -25.60 -17.65 -19.10
C ASN A 234 -26.10 -18.84 -19.92
N ILE A 235 -25.14 -19.56 -20.49
CA ILE A 235 -25.39 -20.75 -21.28
C ILE A 235 -24.45 -21.85 -20.79
N THR A 236 -25.00 -23.04 -20.52
CA THR A 236 -24.22 -24.18 -20.10
C THR A 236 -24.10 -25.26 -21.16
N ARG A 237 -25.19 -25.54 -21.89
CA ARG A 237 -25.18 -26.52 -22.96
C ARG A 237 -25.64 -25.85 -24.26
N PHE A 238 -25.34 -26.52 -25.37
CA PHE A 238 -25.74 -26.01 -26.68
C PHE A 238 -25.85 -27.17 -27.65
N GLN A 239 -26.48 -26.90 -28.78
CA GLN A 239 -26.68 -27.91 -29.81
C GLN A 239 -26.73 -27.23 -31.16
N THR A 240 -26.26 -27.94 -32.18
CA THR A 240 -26.30 -27.46 -33.55
C THR A 240 -27.45 -28.12 -34.30
N LEU A 241 -27.72 -27.61 -35.50
CA LEU A 241 -28.79 -28.14 -36.33
C LEU A 241 -28.37 -28.08 -37.79
N LEU A 242 -28.91 -29.00 -38.58
CA LEU A 242 -28.50 -29.17 -39.97
C LEU A 242 -29.74 -29.30 -40.84
N ALA A 243 -29.56 -29.05 -42.13
CA ALA A 243 -30.66 -29.08 -43.09
C ALA A 243 -30.98 -30.52 -43.46
N LEU A 244 -32.12 -31.02 -42.99
CA LEU A 244 -32.61 -32.35 -43.33
C LEU A 244 -33.96 -32.23 -44.00
N HIS A 245 -34.04 -32.68 -45.26
CA HIS A 245 -35.30 -32.70 -46.00
C HIS A 245 -35.88 -34.11 -45.92
N ARG A 246 -36.46 -34.42 -44.76
CA ARG A 246 -36.99 -35.76 -44.51
C ARG A 246 -38.14 -36.08 -45.47
N SER A 247 -38.27 -37.36 -45.79
CA SER A 247 -39.32 -37.82 -46.68
C SER A 247 -40.70 -37.63 -46.04
N GLY A 257 -36.45 -39.49 -53.26
CA GLY A 257 -35.65 -38.27 -53.36
C GLY A 257 -35.72 -37.40 -52.14
N TRP A 258 -34.80 -37.63 -51.20
CA TRP A 258 -34.72 -36.86 -49.97
C TRP A 258 -33.34 -36.24 -49.87
N THR A 259 -33.30 -34.93 -49.61
CA THR A 259 -32.04 -34.20 -49.60
C THR A 259 -31.23 -34.56 -48.35
N ALA A 260 -30.03 -35.09 -48.56
CA ALA A 260 -29.14 -35.43 -47.47
C ALA A 260 -27.70 -35.40 -47.98
N GLY A 261 -26.77 -35.27 -47.04
CA GLY A 261 -25.36 -35.26 -47.39
C GLY A 261 -24.50 -35.33 -46.15
N ALA A 262 -23.29 -35.86 -46.34
CA ALA A 262 -22.35 -36.00 -45.24
C ALA A 262 -21.96 -34.63 -44.70
N ALA A 263 -21.92 -34.50 -43.37
CA ALA A 263 -21.54 -33.27 -42.71
C ALA A 263 -20.47 -33.56 -41.66
N ALA A 264 -19.50 -32.66 -41.56
CA ALA A 264 -18.42 -32.76 -40.57
C ALA A 264 -18.23 -31.42 -39.89
N TYR A 265 -18.08 -31.44 -38.57
CA TYR A 265 -17.82 -30.22 -37.82
C TYR A 265 -17.10 -30.57 -36.53
N TYR A 266 -16.13 -29.74 -36.15
CA TYR A 266 -15.30 -29.96 -34.99
C TYR A 266 -15.66 -28.97 -33.88
N VAL A 267 -15.38 -29.37 -32.64
CA VAL A 267 -15.72 -28.58 -31.46
C VAL A 267 -14.48 -28.44 -30.58
N GLY A 268 -14.18 -27.22 -30.18
CA GLY A 268 -13.06 -26.97 -29.29
C GLY A 268 -13.46 -25.97 -28.22
N TYR A 269 -12.84 -26.12 -27.05
CA TYR A 269 -13.14 -25.30 -25.89
C TYR A 269 -12.02 -24.29 -25.65
N LEU A 270 -12.39 -23.14 -25.10
CA LEU A 270 -11.45 -22.05 -24.85
C LEU A 270 -10.99 -22.07 -23.39
N GLN A 271 -9.75 -21.63 -23.18
CA GLN A 271 -9.17 -21.54 -21.85
C GLN A 271 -8.49 -20.19 -21.67
N PRO A 272 -8.40 -19.69 -20.44
CA PRO A 272 -7.69 -18.44 -20.20
C PRO A 272 -6.18 -18.60 -20.34
N ARG A 273 -5.59 -17.94 -21.33
CA ARG A 273 -4.17 -18.11 -21.63
C ARG A 273 -3.57 -16.76 -22.00
N THR A 274 -2.25 -16.73 -22.09
CA THR A 274 -1.51 -15.55 -22.51
C THR A 274 -0.86 -15.82 -23.86
N PHE A 275 -1.09 -14.93 -24.82
CA PHE A 275 -0.59 -15.09 -26.18
C PHE A 275 0.26 -13.89 -26.56
N LEU A 276 1.21 -14.12 -27.47
CA LEU A 276 2.08 -13.07 -28.00
C LEU A 276 1.80 -12.98 -29.49
N LEU A 277 0.88 -12.11 -29.86
CA LEU A 277 0.47 -11.95 -31.25
C LEU A 277 1.37 -10.95 -31.95
N LYS A 278 1.61 -11.20 -33.24
CA LYS A 278 2.47 -10.35 -34.06
C LYS A 278 1.62 -9.70 -35.15
N TYR A 279 1.68 -8.37 -35.20
CA TYR A 279 1.06 -7.61 -36.28
C TYR A 279 2.13 -7.23 -37.29
N ASN A 280 1.81 -7.39 -38.58
CA ASN A 280 2.74 -7.04 -39.65
C ASN A 280 2.73 -5.53 -39.85
N GLU A 281 3.33 -5.08 -40.95
CA GLU A 281 3.28 -3.66 -41.29
C GLU A 281 1.85 -3.20 -41.54
N ASN A 282 0.95 -4.13 -41.83
CA ASN A 282 -0.46 -3.84 -41.98
C ASN A 282 -1.17 -4.13 -40.66
N GLY A 283 -2.50 -4.07 -40.65
CA GLY A 283 -3.25 -4.31 -39.43
C GLY A 283 -3.56 -5.76 -39.14
N THR A 284 -3.02 -6.69 -39.91
CA THR A 284 -3.38 -8.10 -39.81
C THR A 284 -2.48 -8.83 -38.82
N ILE A 285 -3.04 -9.86 -38.20
CA ILE A 285 -2.29 -10.74 -37.31
C ILE A 285 -1.76 -11.90 -38.14
N THR A 286 -0.45 -12.08 -38.14
CA THR A 286 0.18 -13.10 -38.97
C THR A 286 0.68 -14.31 -38.19
N ASP A 287 0.95 -14.17 -36.90
CA ASP A 287 1.44 -15.28 -36.11
C ASP A 287 1.20 -15.00 -34.63
N ALA A 288 1.23 -16.07 -33.84
CA ALA A 288 1.04 -15.96 -32.40
C ALA A 288 1.81 -17.08 -31.72
N VAL A 289 2.07 -16.90 -30.43
CA VAL A 289 2.82 -17.86 -29.62
C VAL A 289 2.02 -18.15 -28.36
N ASP A 290 1.80 -19.43 -28.10
CA ASP A 290 1.14 -19.87 -26.86
C ASP A 290 2.20 -19.95 -25.77
N CYS A 291 2.11 -19.05 -24.79
CA CYS A 291 3.20 -18.89 -23.82
C CYS A 291 3.40 -20.16 -23.00
N ALA A 292 2.32 -20.81 -22.59
CA ALA A 292 2.38 -21.94 -21.67
C ALA A 292 2.29 -23.29 -22.38
N LEU A 293 2.84 -23.40 -23.58
CA LEU A 293 2.82 -24.67 -24.32
C LEU A 293 4.03 -25.54 -23.99
N ASP A 294 5.23 -25.02 -24.26
CA ASP A 294 6.47 -25.73 -23.99
C ASP A 294 7.50 -24.73 -23.47
N PRO A 295 8.60 -25.19 -22.86
CA PRO A 295 9.58 -24.23 -22.33
C PRO A 295 10.13 -23.27 -23.38
N LEU A 296 10.27 -23.71 -24.63
CA LEU A 296 10.77 -22.81 -25.66
C LEU A 296 9.81 -21.64 -25.88
N SER A 297 8.50 -21.92 -25.88
CA SER A 297 7.52 -20.84 -26.05
C SER A 297 7.56 -19.88 -24.86
N GLU A 298 7.74 -20.40 -23.65
CA GLU A 298 7.88 -19.54 -22.49
C GLU A 298 9.12 -18.66 -22.60
N THR A 299 10.23 -19.23 -23.10
CA THR A 299 11.43 -18.44 -23.33
C THR A 299 11.16 -17.34 -24.34
N LYS A 300 10.46 -17.66 -25.43
CA LYS A 300 10.13 -16.65 -26.43
C LYS A 300 9.27 -15.55 -25.84
N CYS A 301 8.30 -15.92 -25.02
CA CYS A 301 7.45 -14.92 -24.38
C CYS A 301 8.25 -14.02 -23.45
N THR A 302 9.18 -14.61 -22.69
CA THR A 302 10.02 -13.82 -21.79
C THR A 302 10.90 -12.86 -22.58
N LEU A 303 11.50 -13.32 -23.67
CA LEU A 303 12.38 -12.48 -24.47
C LEU A 303 11.63 -11.53 -25.39
N LYS A 304 10.31 -11.65 -25.49
CA LYS A 304 9.50 -10.78 -26.35
C LYS A 304 9.98 -10.81 -27.79
N SER A 305 10.32 -12.01 -28.28
CA SER A 305 10.80 -12.16 -29.65
C SER A 305 10.41 -13.53 -30.17
N PHE A 306 10.37 -13.65 -31.50
CA PHE A 306 10.03 -14.90 -32.14
C PHE A 306 11.24 -15.76 -32.45
N THR A 307 12.45 -15.27 -32.20
CA THR A 307 13.68 -16.01 -32.41
C THR A 307 14.54 -15.93 -31.17
N VAL A 308 15.23 -17.03 -30.86
CA VAL A 308 16.07 -17.12 -29.67
C VAL A 308 17.45 -17.60 -30.09
N GLU A 309 18.48 -16.89 -29.62
CA GLU A 309 19.86 -17.28 -29.88
C GLU A 309 20.36 -18.21 -28.77
N LYS A 310 21.51 -18.84 -29.05
CA LYS A 310 22.05 -19.82 -28.12
C LYS A 310 22.39 -19.18 -26.78
N GLY A 311 22.01 -19.84 -25.71
CA GLY A 311 22.29 -19.34 -24.38
C GLY A 311 21.42 -20.04 -23.35
N ILE A 312 21.48 -19.52 -22.13
CA ILE A 312 20.68 -20.00 -21.01
C ILE A 312 19.89 -18.82 -20.45
N TYR A 313 18.58 -19.01 -20.28
CA TYR A 313 17.70 -17.93 -19.86
C TYR A 313 16.85 -18.38 -18.69
N GLN A 314 16.56 -17.45 -17.79
CA GLN A 314 15.66 -17.71 -16.67
C GLN A 314 14.24 -17.30 -17.07
N THR A 315 13.34 -18.27 -17.11
CA THR A 315 11.98 -18.01 -17.55
C THR A 315 11.03 -17.68 -16.40
N SER A 316 11.00 -18.53 -15.38
CA SER A 316 10.07 -18.35 -14.27
C SER A 316 10.60 -19.09 -13.05
N ASN A 317 9.80 -19.13 -12.00
CA ASN A 317 10.10 -19.86 -10.78
C ASN A 317 9.02 -20.91 -10.56
N PHE A 318 9.30 -21.85 -9.66
CA PHE A 318 8.31 -22.86 -9.30
C PHE A 318 8.31 -23.03 -7.79
N ARG A 319 7.17 -23.48 -7.27
CA ARG A 319 7.01 -23.62 -5.83
C ARG A 319 6.07 -24.79 -5.56
N VAL A 320 6.39 -25.58 -4.53
CA VAL A 320 5.54 -26.69 -4.13
C VAL A 320 4.35 -26.15 -3.37
N GLN A 321 3.14 -26.54 -3.79
CA GLN A 321 1.94 -26.01 -3.16
C GLN A 321 1.58 -26.84 -1.92
N PRO A 322 0.91 -26.21 -0.95
CA PRO A 322 0.50 -26.97 0.24
C PRO A 322 -0.56 -28.00 -0.10
N THR A 323 -0.58 -29.07 0.70
CA THR A 323 -1.50 -30.18 0.50
C THR A 323 -2.77 -30.03 1.34
N GLU A 324 -2.64 -29.91 2.66
CA GLU A 324 -3.79 -29.65 3.52
C GLU A 324 -3.53 -28.47 4.44
N SER A 325 -4.44 -28.24 5.38
CA SER A 325 -4.31 -27.19 6.38
C SER A 325 -4.41 -27.81 7.77
N ILE A 326 -3.54 -27.36 8.67
CA ILE A 326 -3.44 -27.91 10.03
C ILE A 326 -3.76 -26.79 11.01
N VAL A 327 -4.68 -27.07 11.93
CA VAL A 327 -5.07 -26.13 12.98
C VAL A 327 -4.85 -26.80 14.33
N ARG A 328 -4.08 -26.15 15.19
CA ARG A 328 -3.72 -26.71 16.49
C ARG A 328 -3.98 -25.68 17.56
N PHE A 329 -4.64 -26.10 18.64
CA PHE A 329 -5.03 -25.21 19.72
C PHE A 329 -4.90 -25.95 21.04
N PRO A 330 -4.80 -25.22 22.16
CA PRO A 330 -4.59 -25.88 23.45
C PRO A 330 -5.80 -26.70 23.88
N ASN A 331 -5.59 -27.44 24.95
CA ASN A 331 -6.50 -28.50 25.35
C ASN A 331 -7.74 -27.88 26.00
N ILE A 332 -8.92 -28.25 25.53
CA ILE A 332 -10.15 -27.63 26.03
C ILE A 332 -10.50 -28.22 27.40
N THR A 333 -10.42 -27.40 28.44
CA THR A 333 -10.60 -27.87 29.81
C THR A 333 -11.75 -27.19 30.54
N ASN A 334 -11.78 -25.87 30.58
CA ASN A 334 -12.61 -25.13 31.53
C ASN A 334 -13.91 -24.66 30.88
N LEU A 335 -14.84 -25.60 30.72
CA LEU A 335 -16.16 -25.25 30.20
C LEU A 335 -16.96 -24.49 31.23
N CYS A 336 -17.81 -23.57 30.74
CA CYS A 336 -18.66 -22.80 31.63
C CYS A 336 -19.73 -23.69 32.25
N PRO A 337 -20.16 -23.38 33.48
CA PRO A 337 -21.18 -24.19 34.17
C PRO A 337 -22.60 -23.79 33.78
N PHE A 338 -22.95 -24.02 32.52
CA PHE A 338 -24.30 -23.71 32.05
C PHE A 338 -25.33 -24.65 32.66
N GLY A 339 -24.94 -25.88 32.99
CA GLY A 339 -25.87 -26.85 33.53
C GLY A 339 -26.48 -26.41 34.85
N GLU A 340 -25.70 -25.73 35.70
CA GLU A 340 -26.24 -25.27 36.98
C GLU A 340 -27.38 -24.29 36.76
N VAL A 341 -27.25 -23.38 35.80
CA VAL A 341 -28.31 -22.42 35.53
C VAL A 341 -29.49 -23.12 34.86
N PHE A 342 -29.22 -23.95 33.85
CA PHE A 342 -30.29 -24.54 33.07
C PHE A 342 -30.89 -25.75 33.77
N ASN A 343 -30.06 -26.75 34.07
CA ASN A 343 -30.53 -27.97 34.72
C ASN A 343 -30.64 -27.76 36.23
N ALA A 344 -31.56 -26.86 36.60
CA ALA A 344 -31.76 -26.48 37.99
C ALA A 344 -33.13 -26.95 38.48
N THR A 345 -33.19 -27.27 39.78
CA THR A 345 -34.44 -27.78 40.35
C THR A 345 -35.46 -26.66 40.52
N ARG A 346 -35.02 -25.49 40.99
CA ARG A 346 -35.92 -24.40 41.32
C ARG A 346 -35.48 -23.15 40.58
N PHE A 347 -36.45 -22.30 40.25
CA PHE A 347 -36.22 -21.02 39.61
C PHE A 347 -36.76 -19.90 40.49
N ALA A 348 -36.20 -18.71 40.31
CA ALA A 348 -36.53 -17.57 41.13
C ALA A 348 -37.93 -17.03 40.79
N SER A 349 -38.43 -16.18 41.67
CA SER A 349 -39.74 -15.58 41.47
C SER A 349 -39.71 -14.56 40.34
N VAL A 350 -40.90 -14.15 39.90
CA VAL A 350 -41.00 -13.20 38.79
C VAL A 350 -40.43 -11.84 39.20
N TYR A 351 -40.81 -11.35 40.38
CA TYR A 351 -40.35 -10.04 40.83
C TYR A 351 -38.87 -10.06 41.20
N ALA A 352 -38.42 -11.13 41.85
CA ALA A 352 -37.03 -11.27 42.30
C ALA A 352 -36.35 -12.28 41.40
N TRP A 353 -35.58 -11.79 40.43
CA TRP A 353 -34.90 -12.64 39.46
C TRP A 353 -33.44 -12.82 39.88
N ASN A 354 -33.03 -14.08 40.04
CA ASN A 354 -31.63 -14.35 40.37
C ASN A 354 -30.73 -14.05 39.17
N ARG A 355 -29.60 -13.41 39.45
CA ARG A 355 -28.62 -13.07 38.42
C ARG A 355 -27.30 -13.73 38.74
N LYS A 356 -26.72 -14.41 37.76
CA LYS A 356 -25.45 -15.11 37.91
C LYS A 356 -24.49 -14.61 36.84
N ARG A 357 -23.24 -14.36 37.23
CA ARG A 357 -22.22 -13.86 36.31
C ARG A 357 -21.31 -15.02 35.87
N ILE A 358 -21.03 -15.07 34.58
CA ILE A 358 -20.18 -16.10 34.00
C ILE A 358 -18.94 -15.43 33.42
N SER A 359 -17.76 -15.94 33.77
CA SER A 359 -16.51 -15.35 33.30
C SER A 359 -15.42 -16.40 33.31
N ASN A 360 -14.34 -16.10 32.59
CA ASN A 360 -13.07 -16.84 32.61
C ASN A 360 -13.22 -18.31 32.21
N CYS A 361 -14.28 -18.65 31.48
CA CYS A 361 -14.48 -20.02 31.03
C CYS A 361 -14.86 -20.01 29.55
N VAL A 362 -14.62 -21.13 28.89
CA VAL A 362 -15.03 -21.31 27.51
C VAL A 362 -16.49 -21.77 27.48
N ALA A 363 -17.30 -21.11 26.65
CA ALA A 363 -18.73 -21.37 26.60
C ALA A 363 -19.04 -22.14 25.32
N ASP A 364 -19.62 -23.33 25.48
CA ASP A 364 -20.02 -24.17 24.36
C ASP A 364 -21.49 -23.90 24.07
N TYR A 365 -21.76 -22.90 23.24
CA TYR A 365 -23.13 -22.57 22.88
C TYR A 365 -23.78 -23.63 21.99
N SER A 366 -22.97 -24.50 21.38
CA SER A 366 -23.51 -25.47 20.43
C SER A 366 -24.56 -26.38 21.07
N VAL A 367 -24.41 -26.68 22.36
CA VAL A 367 -25.41 -27.49 23.04
C VAL A 367 -26.74 -26.78 23.15
N LEU A 368 -26.75 -25.45 23.08
CA LEU A 368 -27.97 -24.70 23.33
C LEU A 368 -28.88 -24.67 22.09
N TYR A 369 -28.41 -24.08 20.99
CA TYR A 369 -29.28 -23.91 19.84
C TYR A 369 -29.44 -25.18 19.02
N ASN A 370 -28.64 -26.21 19.28
CA ASN A 370 -28.83 -27.50 18.63
C ASN A 370 -29.75 -28.42 19.43
N SER A 371 -30.25 -27.97 20.58
CA SER A 371 -31.18 -28.75 21.38
C SER A 371 -32.61 -28.37 21.02
N ALA A 372 -33.45 -29.37 20.77
CA ALA A 372 -34.85 -29.14 20.43
C ALA A 372 -35.76 -29.11 21.64
N SER A 373 -35.23 -29.38 22.84
CA SER A 373 -36.07 -29.38 24.03
C SER A 373 -36.59 -27.98 24.34
N PHE A 374 -35.77 -26.96 24.12
CA PHE A 374 -36.18 -25.59 24.39
C PHE A 374 -37.28 -25.16 23.43
N SER A 375 -38.26 -24.43 23.95
CA SER A 375 -39.40 -23.99 23.15
C SER A 375 -39.22 -22.61 22.55
N THR A 376 -38.33 -21.79 23.11
CA THR A 376 -38.12 -20.44 22.62
C THR A 376 -36.62 -20.14 22.65
N PHE A 377 -36.06 -19.78 21.49
CA PHE A 377 -34.64 -19.44 21.37
C PHE A 377 -34.54 -18.25 20.43
N LYS A 378 -34.55 -17.04 21.01
CA LYS A 378 -34.47 -15.80 20.25
C LYS A 378 -33.20 -15.06 20.66
N CYS A 379 -32.37 -14.72 19.69
CA CYS A 379 -31.12 -14.00 19.92
C CYS A 379 -31.21 -12.61 19.30
N TYR A 380 -30.90 -11.60 20.10
CA TYR A 380 -30.95 -10.21 19.65
C TYR A 380 -29.54 -9.67 19.47
N GLY A 381 -29.27 -9.13 18.29
CA GLY A 381 -27.98 -8.54 17.99
C GLY A 381 -26.96 -9.50 17.42
N VAL A 382 -27.17 -10.80 17.55
CA VAL A 382 -26.25 -11.82 17.06
C VAL A 382 -27.06 -12.98 16.50
N SER A 383 -26.35 -13.93 15.89
CA SER A 383 -26.90 -15.14 15.33
C SER A 383 -26.56 -16.34 16.21
N PRO A 384 -27.49 -17.30 16.35
CA PRO A 384 -27.18 -18.52 17.11
C PRO A 384 -25.98 -19.26 16.56
N THR A 385 -25.83 -19.31 15.25
CA THR A 385 -24.61 -19.82 14.65
C THR A 385 -23.53 -18.75 14.70
N LYS A 386 -22.26 -19.19 14.70
CA LYS A 386 -21.08 -18.36 14.77
C LYS A 386 -20.95 -17.65 16.12
N LEU A 387 -21.95 -17.79 17.01
CA LEU A 387 -21.90 -17.11 18.29
C LEU A 387 -20.73 -17.59 19.14
N ASN A 388 -20.25 -18.81 18.91
CA ASN A 388 -19.09 -19.34 19.63
C ASN A 388 -17.77 -18.90 19.00
N ASP A 389 -17.78 -17.83 18.21
CA ASP A 389 -16.55 -17.29 17.63
C ASP A 389 -16.25 -15.88 18.10
N LEU A 390 -17.08 -15.29 18.96
CA LEU A 390 -16.89 -13.94 19.44
C LEU A 390 -16.70 -13.98 20.95
N CYS A 391 -15.80 -13.14 21.45
CA CYS A 391 -15.40 -13.14 22.85
C CYS A 391 -15.99 -11.94 23.58
N PHE A 392 -16.48 -12.17 24.80
CA PHE A 392 -16.98 -11.14 25.67
C PHE A 392 -16.18 -11.15 26.98
N THR A 393 -16.49 -10.19 27.85
CA THR A 393 -15.82 -10.10 29.15
C THR A 393 -16.66 -10.61 30.30
N ASN A 394 -17.99 -10.53 30.21
CA ASN A 394 -18.87 -11.02 31.26
C ASN A 394 -20.19 -11.43 30.65
N VAL A 395 -20.83 -12.43 31.27
CA VAL A 395 -22.13 -12.93 30.86
C VAL A 395 -23.03 -13.01 32.08
N TYR A 396 -24.24 -12.49 31.96
CA TYR A 396 -25.22 -12.49 33.05
C TYR A 396 -26.42 -13.35 32.67
N ALA A 397 -26.87 -14.16 33.62
CA ALA A 397 -28.00 -15.06 33.41
C ALA A 397 -29.07 -14.76 34.44
N ASP A 398 -30.28 -14.44 33.97
CA ASP A 398 -31.42 -14.17 34.81
C ASP A 398 -32.46 -15.26 34.60
N SER A 399 -33.00 -15.80 35.69
CA SER A 399 -33.93 -16.92 35.63
C SER A 399 -35.21 -16.60 36.38
N PHE A 400 -36.33 -16.99 35.80
CA PHE A 400 -37.65 -16.84 36.42
C PHE A 400 -38.63 -17.71 35.67
N VAL A 401 -39.85 -17.81 36.20
CA VAL A 401 -40.92 -18.60 35.61
C VAL A 401 -42.13 -17.70 35.39
N ILE A 402 -42.57 -17.60 34.14
CA ILE A 402 -43.69 -16.75 33.76
C ILE A 402 -44.72 -17.60 33.03
N ARG A 403 -45.79 -16.95 32.58
CA ARG A 403 -46.87 -17.60 31.86
C ARG A 403 -46.46 -17.88 30.41
N GLY A 404 -47.27 -18.70 29.74
CA GLY A 404 -47.03 -18.98 28.34
C GLY A 404 -47.24 -17.77 27.45
N ASP A 405 -48.23 -16.94 27.79
CA ASP A 405 -48.49 -15.74 27.02
C ASP A 405 -47.55 -14.58 27.37
N GLU A 406 -46.78 -14.71 28.45
CA GLU A 406 -45.84 -13.67 28.86
C GLU A 406 -44.45 -13.86 28.29
N VAL A 407 -44.21 -14.95 27.55
CA VAL A 407 -42.91 -15.14 26.93
C VAL A 407 -42.69 -14.10 25.83
N ARG A 408 -43.73 -13.81 25.04
CA ARG A 408 -43.63 -12.76 24.04
C ARG A 408 -43.54 -11.38 24.68
N GLN A 409 -43.90 -11.25 25.96
CA GLN A 409 -43.84 -9.96 26.64
C GLN A 409 -42.43 -9.59 27.07
N ILE A 410 -41.52 -10.56 27.13
CA ILE A 410 -40.13 -10.28 27.51
C ILE A 410 -39.36 -10.14 26.20
N ALA A 411 -39.12 -8.89 25.82
CA ALA A 411 -38.39 -8.54 24.61
C ALA A 411 -38.16 -7.03 24.63
N PRO A 412 -37.13 -6.55 23.92
CA PRO A 412 -36.88 -5.11 23.87
C PRO A 412 -38.02 -4.38 23.16
N GLY A 413 -38.68 -3.48 23.89
CA GLY A 413 -39.74 -2.66 23.35
C GLY A 413 -41.14 -3.12 23.71
N GLN A 414 -41.31 -4.36 24.16
CA GLN A 414 -42.63 -4.85 24.54
C GLN A 414 -43.10 -4.20 25.83
N THR A 415 -44.43 -4.07 25.95
CA THR A 415 -45.05 -3.45 27.10
C THR A 415 -46.10 -4.39 27.69
N GLY A 416 -46.37 -4.21 28.97
CA GLY A 416 -47.33 -5.06 29.66
C GLY A 416 -47.29 -4.82 31.15
N LYS A 417 -47.72 -5.84 31.89
CA LYS A 417 -47.70 -5.76 33.34
C LYS A 417 -46.42 -6.35 33.91
N ILE A 418 -46.14 -7.62 33.60
CA ILE A 418 -44.94 -8.28 34.10
C ILE A 418 -43.69 -7.59 33.58
N ALA A 419 -43.66 -7.29 32.27
CA ALA A 419 -42.49 -6.68 31.68
C ALA A 419 -42.21 -5.30 32.29
N ASP A 420 -43.25 -4.50 32.49
CA ASP A 420 -43.04 -3.15 32.99
C ASP A 420 -42.73 -3.12 34.48
N TYR A 421 -43.34 -4.00 35.27
CA TYR A 421 -43.29 -3.86 36.72
C TYR A 421 -42.44 -4.90 37.44
N ASN A 422 -41.96 -5.93 36.75
CA ASN A 422 -41.14 -6.95 37.40
C ASN A 422 -39.75 -7.07 36.79
N TYR A 423 -39.66 -7.16 35.46
CA TYR A 423 -38.36 -7.22 34.78
C TYR A 423 -38.50 -6.57 33.42
N LYS A 424 -37.81 -5.45 33.23
CA LYS A 424 -37.89 -4.67 32.01
C LYS A 424 -36.56 -4.74 31.27
N LEU A 425 -36.63 -4.93 29.95
CA LEU A 425 -35.43 -5.01 29.14
C LEU A 425 -35.18 -3.71 28.40
N PRO A 426 -33.92 -3.31 28.28
CA PRO A 426 -33.61 -2.10 27.51
C PRO A 426 -33.89 -2.29 26.04
N ASP A 427 -34.03 -1.16 25.33
CA ASP A 427 -34.29 -1.21 23.90
C ASP A 427 -33.16 -1.89 23.16
N ASP A 428 -31.92 -1.60 23.53
CA ASP A 428 -30.76 -2.29 22.98
C ASP A 428 -30.51 -3.56 23.79
N PHE A 429 -30.14 -4.63 23.08
CA PHE A 429 -29.88 -5.91 23.72
C PHE A 429 -28.80 -6.65 22.96
N THR A 430 -27.82 -7.17 23.70
CA THR A 430 -26.76 -8.02 23.15
C THR A 430 -26.81 -9.35 23.90
N GLY A 431 -27.64 -10.26 23.40
CA GLY A 431 -27.79 -11.55 24.05
C GLY A 431 -28.90 -12.35 23.41
N CYS A 432 -29.33 -13.39 24.12
CA CYS A 432 -30.37 -14.28 23.65
C CYS A 432 -31.40 -14.49 24.76
N VAL A 433 -32.63 -14.78 24.36
CA VAL A 433 -33.72 -15.07 25.28
C VAL A 433 -34.15 -16.51 25.05
N ILE A 434 -34.13 -17.31 26.11
CA ILE A 434 -34.41 -18.74 26.04
C ILE A 434 -35.52 -19.07 27.00
N ALA A 435 -36.51 -19.83 26.53
CA ALA A 435 -37.62 -20.26 27.36
C ALA A 435 -38.12 -21.62 26.89
N TRP A 436 -38.66 -22.40 27.82
CA TRP A 436 -39.19 -23.72 27.50
C TRP A 436 -40.30 -24.05 28.48
N ASN A 437 -41.16 -24.98 28.07
CA ASN A 437 -42.27 -25.40 28.92
C ASN A 437 -41.76 -26.14 30.15
N SER A 438 -42.42 -25.90 31.28
CA SER A 438 -42.07 -26.53 32.55
C SER A 438 -43.31 -27.04 33.26
N ASN A 439 -44.22 -27.66 32.50
CA ASN A 439 -45.44 -28.19 33.10
C ASN A 439 -45.16 -29.37 34.02
N ASN A 440 -44.19 -30.21 33.65
CA ASN A 440 -43.90 -31.42 34.42
C ASN A 440 -43.30 -31.11 35.79
N LEU A 441 -42.65 -29.96 35.95
CA LEU A 441 -41.95 -29.62 37.18
C LEU A 441 -42.65 -28.58 38.03
N ASP A 442 -43.11 -27.49 37.42
CA ASP A 442 -43.63 -26.36 38.17
C ASP A 442 -45.14 -26.40 38.37
N SER A 443 -45.81 -27.48 37.95
CA SER A 443 -47.25 -27.62 38.11
C SER A 443 -47.54 -28.70 39.15
N LYS A 444 -48.39 -28.38 40.12
CA LYS A 444 -48.74 -29.29 41.19
C LYS A 444 -50.26 -29.33 41.36
N VAL A 445 -50.77 -30.51 41.71
CA VAL A 445 -52.21 -30.69 41.87
C VAL A 445 -52.70 -29.84 43.02
N GLY A 446 -53.78 -29.09 42.79
CA GLY A 446 -54.34 -28.20 43.78
C GLY A 446 -53.83 -26.77 43.71
N GLY A 447 -52.82 -26.52 42.90
CA GLY A 447 -52.25 -25.19 42.75
C GLY A 447 -50.87 -25.12 43.37
N ASN A 448 -49.93 -24.55 42.61
CA ASN A 448 -48.55 -24.37 43.06
C ASN A 448 -48.37 -22.87 43.33
N TYR A 449 -48.67 -22.47 44.56
CA TYR A 449 -48.72 -21.06 44.94
C TYR A 449 -47.40 -20.57 45.54
N ASN A 450 -46.28 -21.15 45.13
CA ASN A 450 -44.97 -20.76 45.63
C ASN A 450 -44.37 -19.59 44.88
N TYR A 451 -45.00 -19.12 43.81
CA TYR A 451 -44.47 -18.05 42.97
C TYR A 451 -45.33 -16.80 43.11
N LEU A 452 -44.69 -15.68 43.42
CA LEU A 452 -45.35 -14.39 43.56
C LEU A 452 -44.89 -13.45 42.46
N TYR A 453 -45.67 -12.38 42.25
CA TYR A 453 -45.33 -11.41 41.21
C TYR A 453 -46.02 -10.09 41.53
N ARG A 454 -45.42 -9.01 41.02
CA ARG A 454 -45.94 -7.66 41.19
C ARG A 454 -46.74 -7.28 39.95
N LEU A 455 -47.97 -6.81 40.17
CA LEU A 455 -48.87 -6.49 39.06
C LEU A 455 -49.05 -4.99 38.83
N PHE A 456 -48.99 -4.17 39.87
CA PHE A 456 -49.21 -2.74 39.74
C PHE A 456 -48.10 -2.01 40.47
N ARG A 457 -47.54 -0.98 39.83
CA ARG A 457 -46.45 -0.20 40.39
C ARG A 457 -46.61 1.25 39.96
N LYS A 458 -45.93 2.14 40.68
CA LYS A 458 -46.02 3.58 40.37
C LYS A 458 -45.55 3.87 38.95
N SER A 459 -44.44 3.26 38.55
CA SER A 459 -43.87 3.48 37.22
C SER A 459 -43.24 2.18 36.73
N ASN A 460 -43.00 2.12 35.43
CA ASN A 460 -42.34 0.97 34.86
C ASN A 460 -40.91 0.84 35.38
N LEU A 461 -40.46 -0.38 35.56
CA LEU A 461 -39.13 -0.62 36.11
C LEU A 461 -38.07 -0.23 35.10
N LYS A 462 -36.96 0.30 35.62
CA LYS A 462 -35.83 0.64 34.78
C LYS A 462 -35.14 -0.65 34.31
N PRO A 463 -34.44 -0.59 33.18
CA PRO A 463 -33.81 -1.81 32.64
C PRO A 463 -32.85 -2.44 33.64
N PHE A 464 -32.88 -3.78 33.69
CA PHE A 464 -31.97 -4.57 34.51
C PHE A 464 -32.05 -4.19 35.99
N GLU A 465 -33.26 -3.90 36.45
CA GLU A 465 -33.50 -3.55 37.85
C GLU A 465 -34.37 -4.61 38.50
N ARG A 466 -34.02 -4.98 39.73
CA ARG A 466 -34.78 -5.96 40.51
C ARG A 466 -35.58 -5.23 41.57
N ASP A 467 -36.87 -5.56 41.66
CA ASP A 467 -37.77 -4.96 42.65
C ASP A 467 -38.20 -6.04 43.63
N ILE A 468 -37.83 -5.87 44.90
CA ILE A 468 -38.20 -6.78 45.97
C ILE A 468 -38.96 -6.08 47.08
N SER A 469 -39.44 -4.86 46.84
CA SER A 469 -40.15 -4.11 47.85
C SER A 469 -41.52 -4.74 48.12
N THR A 470 -41.85 -4.93 49.40
CA THR A 470 -43.14 -5.44 49.82
C THR A 470 -43.82 -4.36 50.65
N GLU A 471 -44.54 -3.47 49.98
CA GLU A 471 -45.16 -2.32 50.61
C GLU A 471 -46.62 -2.23 50.20
N ILE A 472 -47.44 -1.71 51.12
CA ILE A 472 -48.86 -1.52 50.83
C ILE A 472 -48.99 -0.41 49.79
N TYR A 473 -49.45 -0.79 48.59
CA TYR A 473 -49.66 0.20 47.54
C TYR A 473 -50.85 1.08 47.87
N GLN A 474 -50.85 2.30 47.32
CA GLN A 474 -51.95 3.23 47.54
C GLN A 474 -52.19 3.99 46.24
N ALA A 475 -53.41 3.88 45.71
CA ALA A 475 -53.80 4.61 44.51
C ALA A 475 -54.74 5.77 44.81
N GLY A 476 -55.04 6.02 46.09
CA GLY A 476 -55.93 7.11 46.45
C GLY A 476 -55.22 8.28 47.08
N SER A 477 -55.83 9.46 47.01
CA SER A 477 -55.22 10.65 47.61
C SER A 477 -55.13 10.53 49.12
N THR A 478 -56.15 9.99 49.76
CA THR A 478 -56.17 9.87 51.21
C THR A 478 -55.24 8.74 51.65
N PRO A 479 -54.25 9.01 52.51
CA PRO A 479 -53.37 7.94 52.97
C PRO A 479 -54.08 7.01 53.95
N CYS A 480 -53.79 5.72 53.83
CA CYS A 480 -54.35 4.72 54.73
C CYS A 480 -53.48 4.47 55.96
N ASN A 481 -52.29 5.08 56.02
CA ASN A 481 -51.42 5.04 57.19
C ASN A 481 -50.99 3.61 57.54
N GLY A 482 -50.44 2.93 56.54
CA GLY A 482 -49.77 1.66 56.76
C GLY A 482 -50.67 0.45 56.93
N VAL A 483 -51.97 0.60 56.83
CA VAL A 483 -52.91 -0.51 56.92
C VAL A 483 -53.76 -0.54 55.66
N GLU A 484 -54.03 -1.75 55.16
CA GLU A 484 -54.82 -1.89 53.95
C GLU A 484 -56.24 -1.42 54.19
N GLY A 485 -56.71 -0.50 53.34
CA GLY A 485 -58.04 0.04 53.47
C GLY A 485 -58.68 0.36 52.13
N PHE A 486 -59.25 1.55 52.01
CA PHE A 486 -59.90 1.99 50.78
C PHE A 486 -58.86 2.65 49.87
N ASN A 487 -58.78 2.16 48.63
CA ASN A 487 -57.79 2.56 47.62
C ASN A 487 -56.38 2.12 47.98
N CYS A 488 -56.22 1.22 48.95
CA CYS A 488 -54.92 0.70 49.35
C CYS A 488 -54.94 -0.82 49.19
N TYR A 489 -54.23 -1.31 48.18
CA TYR A 489 -54.24 -2.72 47.83
C TYR A 489 -52.81 -3.26 47.80
N PHE A 490 -52.68 -4.54 48.13
CA PHE A 490 -51.36 -5.18 48.09
C PHE A 490 -51.02 -5.57 46.66
N PRO A 491 -49.82 -5.23 46.17
CA PRO A 491 -49.50 -5.47 44.76
C PRO A 491 -48.97 -6.85 44.42
N LEU A 492 -48.62 -7.67 45.41
CA LEU A 492 -48.03 -8.99 45.17
C LEU A 492 -49.09 -10.06 45.42
N GLN A 493 -49.34 -10.90 44.41
CA GLN A 493 -50.21 -12.06 44.56
C GLN A 493 -49.52 -13.28 43.98
N SER A 494 -50.05 -14.44 44.33
CA SER A 494 -49.41 -15.70 43.97
C SER A 494 -49.87 -16.21 42.61
N TYR A 495 -49.14 -17.18 42.09
CA TYR A 495 -49.47 -17.89 40.87
C TYR A 495 -50.07 -19.25 41.20
N GLY A 496 -51.05 -19.67 40.41
CA GLY A 496 -51.62 -20.99 40.59
C GLY A 496 -51.30 -21.93 39.45
N PHE A 497 -50.43 -22.91 39.68
CA PHE A 497 -50.06 -23.90 38.69
C PHE A 497 -50.69 -25.23 39.02
N GLN A 498 -51.43 -25.78 38.07
CA GLN A 498 -52.11 -27.06 38.17
C GLN A 498 -51.85 -27.87 36.92
N PRO A 499 -51.85 -29.21 37.01
CA PRO A 499 -51.53 -30.03 35.84
C PRO A 499 -52.55 -29.93 34.72
N THR A 500 -53.75 -29.42 34.98
CA THR A 500 -54.83 -29.44 34.00
C THR A 500 -54.94 -28.15 33.19
N ASN A 501 -54.10 -27.15 33.46
CA ASN A 501 -54.23 -25.89 32.74
C ASN A 501 -53.76 -26.02 31.30
N GLY A 502 -54.17 -25.05 30.49
CA GLY A 502 -53.75 -25.04 29.10
C GLY A 502 -52.33 -24.56 28.93
N VAL A 503 -51.80 -24.78 27.72
CA VAL A 503 -50.41 -24.43 27.43
C VAL A 503 -50.20 -22.92 27.51
N GLY A 504 -51.24 -22.13 27.21
CA GLY A 504 -51.13 -20.68 27.34
C GLY A 504 -50.94 -20.22 28.76
N TYR A 505 -51.38 -20.99 29.74
CA TYR A 505 -51.22 -20.65 31.15
C TYR A 505 -50.21 -21.54 31.86
N GLN A 506 -49.66 -22.55 31.19
CA GLN A 506 -48.74 -23.46 31.82
C GLN A 506 -47.42 -22.76 32.15
N PRO A 507 -46.74 -23.19 33.23
CA PRO A 507 -45.50 -22.53 33.61
C PRO A 507 -44.41 -22.71 32.57
N TYR A 508 -43.61 -21.66 32.39
CA TYR A 508 -42.48 -21.67 31.47
C TYR A 508 -41.28 -21.08 32.17
N ARG A 509 -40.14 -21.76 32.08
CA ARG A 509 -38.90 -21.28 32.66
C ARG A 509 -38.12 -20.48 31.62
N VAL A 510 -37.73 -19.27 31.99
CA VAL A 510 -37.07 -18.34 31.08
C VAL A 510 -35.70 -18.00 31.63
N VAL A 511 -34.68 -18.14 30.79
CA VAL A 511 -33.30 -17.74 31.12
C VAL A 511 -32.87 -16.71 30.10
N VAL A 512 -32.40 -15.56 30.58
CA VAL A 512 -31.97 -14.45 29.74
C VAL A 512 -30.47 -14.31 29.88
N LEU A 513 -29.74 -14.59 28.80
CA LEU A 513 -28.30 -14.47 28.77
C LEU A 513 -27.93 -13.14 28.11
N SER A 514 -27.20 -12.30 28.85
CA SER A 514 -26.73 -11.02 28.34
C SER A 514 -25.21 -11.04 28.23
N PHE A 515 -24.70 -10.78 27.05
CA PHE A 515 -23.26 -10.71 26.81
C PHE A 515 -22.86 -9.24 26.81
N GLU A 516 -22.13 -8.83 27.84
CA GLU A 516 -21.66 -7.46 27.98
C GLU A 516 -20.18 -7.37 27.63
N LEU A 517 -19.80 -6.25 27.05
CA LEU A 517 -18.41 -6.01 26.65
C LEU A 517 -17.98 -4.66 27.20
N LEU A 518 -16.84 -4.64 27.88
CA LEU A 518 -16.29 -3.44 28.50
C LEU A 518 -14.87 -3.22 28.01
N HIS A 519 -14.19 -2.25 28.61
CA HIS A 519 -12.79 -1.96 28.30
C HIS A 519 -11.87 -2.81 29.19
N ALA A 520 -12.07 -4.12 29.10
CA ALA A 520 -11.31 -5.09 29.85
C ALA A 520 -11.01 -6.28 28.95
N PRO A 521 -9.95 -7.03 29.24
CA PRO A 521 -9.66 -8.23 28.44
C PRO A 521 -10.82 -9.21 28.48
N ALA A 522 -11.11 -9.81 27.33
CA ALA A 522 -12.21 -10.76 27.22
C ALA A 522 -11.88 -12.03 28.00
N THR A 523 -12.89 -12.58 28.68
CA THR A 523 -12.70 -13.76 29.50
C THR A 523 -13.50 -14.97 29.03
N VAL A 524 -14.60 -14.78 28.33
CA VAL A 524 -15.43 -15.88 27.82
C VAL A 524 -15.29 -15.93 26.31
N CYS A 525 -15.05 -17.14 25.79
CA CYS A 525 -14.92 -17.36 24.36
C CYS A 525 -15.49 -18.73 24.02
N GLY A 526 -15.62 -18.99 22.73
CA GLY A 526 -16.10 -20.27 22.25
C GLY A 526 -14.97 -21.28 22.14
N PRO A 527 -15.32 -22.55 22.02
CA PRO A 527 -14.28 -23.59 21.91
C PRO A 527 -13.47 -23.44 20.62
N LYS A 528 -12.18 -23.75 20.72
CA LYS A 528 -11.27 -23.69 19.59
C LYS A 528 -11.14 -25.08 18.99
N LYS A 529 -11.72 -25.28 17.80
CA LYS A 529 -11.63 -26.57 17.14
C LYS A 529 -10.21 -26.82 16.66
N SER A 530 -9.74 -28.05 16.84
CA SER A 530 -8.37 -28.43 16.49
C SER A 530 -8.39 -29.70 15.66
N THR A 531 -7.63 -29.71 14.57
CA THR A 531 -7.52 -30.86 13.69
C THR A 531 -6.28 -31.67 14.02
N ASN A 532 -6.21 -32.86 13.45
CA ASN A 532 -5.04 -33.72 13.64
C ASN A 532 -3.87 -33.18 12.83
N LEU A 533 -2.66 -33.31 13.40
CA LEU A 533 -1.46 -32.79 12.77
C LEU A 533 -0.82 -33.83 11.86
N VAL A 534 -0.09 -33.33 10.86
CA VAL A 534 0.64 -34.18 9.91
C VAL A 534 2.06 -33.67 9.81
N LYS A 535 2.96 -34.55 9.38
CA LYS A 535 4.39 -34.25 9.33
C LYS A 535 4.97 -34.66 7.99
N ASN A 536 6.14 -34.08 7.69
CA ASN A 536 6.88 -34.36 6.46
C ASN A 536 6.05 -34.08 5.21
N LYS A 537 5.23 -33.03 5.27
CA LYS A 537 4.43 -32.62 4.14
C LYS A 537 4.25 -31.11 4.19
N CYS A 538 4.42 -30.46 3.05
CA CYS A 538 4.27 -29.01 2.97
C CYS A 538 2.80 -28.67 3.14
N VAL A 539 2.45 -28.12 4.31
CA VAL A 539 1.07 -27.84 4.67
C VAL A 539 1.00 -26.45 5.28
N ASN A 540 -0.22 -25.95 5.43
CA ASN A 540 -0.49 -24.69 6.13
C ASN A 540 -0.83 -24.99 7.58
N PHE A 541 -0.06 -24.43 8.50
CA PHE A 541 -0.23 -24.68 9.92
C PHE A 541 -0.65 -23.40 10.63
N ASN A 542 -1.50 -23.56 11.64
CA ASN A 542 -1.94 -22.46 12.51
C ASN A 542 -1.74 -22.93 13.93
N PHE A 543 -0.54 -22.71 14.46
CA PHE A 543 -0.16 -23.18 15.80
C PHE A 543 -0.48 -22.09 16.81
N ASN A 544 -1.67 -22.19 17.42
CA ASN A 544 -2.11 -21.27 18.46
C ASN A 544 -2.04 -19.81 17.99
N GLY A 545 -2.45 -19.57 16.75
CA GLY A 545 -2.41 -18.26 16.16
C GLY A 545 -1.16 -17.95 15.36
N LEU A 546 -0.15 -18.83 15.40
CA LEU A 546 1.08 -18.64 14.64
C LEU A 546 0.91 -19.34 13.30
N THR A 547 0.39 -18.60 12.31
CA THR A 547 0.17 -19.16 10.99
C THR A 547 1.48 -19.22 10.21
N GLY A 548 1.48 -20.05 9.16
CA GLY A 548 2.65 -20.18 8.33
C GLY A 548 2.47 -21.31 7.33
N THR A 549 3.57 -21.62 6.64
CA THR A 549 3.58 -22.68 5.64
C THR A 549 4.97 -23.30 5.64
N GLY A 550 5.03 -24.63 5.62
CA GLY A 550 6.32 -25.31 5.59
C GLY A 550 6.15 -26.79 5.87
N VAL A 551 7.26 -27.42 6.25
CA VAL A 551 7.32 -28.84 6.52
C VAL A 551 7.69 -29.04 7.98
N LEU A 552 6.88 -29.84 8.69
CA LEU A 552 7.09 -30.11 10.11
C LEU A 552 7.72 -31.48 10.28
N THR A 553 8.84 -31.53 11.00
CA THR A 553 9.55 -32.76 11.29
C THR A 553 9.86 -32.81 12.78
N GLU A 554 10.49 -33.89 13.22
CA GLU A 554 10.90 -34.01 14.61
C GLU A 554 12.07 -33.07 14.90
N SER A 555 12.23 -32.74 16.18
CA SER A 555 13.20 -31.74 16.60
C SER A 555 14.13 -32.31 17.66
N ASN A 556 15.34 -31.79 17.69
CA ASN A 556 16.32 -32.11 18.71
C ASN A 556 16.52 -30.97 19.70
N LYS A 557 15.85 -29.85 19.52
CA LYS A 557 16.01 -28.71 20.41
C LYS A 557 15.35 -29.00 21.77
N LYS A 558 15.83 -28.30 22.80
CA LYS A 558 15.36 -28.45 24.17
C LYS A 558 14.78 -27.11 24.61
N PHE A 559 13.49 -26.93 24.36
CA PHE A 559 12.80 -25.72 24.78
C PHE A 559 12.70 -25.66 26.31
N LEU A 560 12.75 -24.44 26.83
CA LEU A 560 12.47 -24.26 28.24
C LEU A 560 10.98 -24.50 28.49
N PRO A 561 10.61 -24.90 29.72
CA PRO A 561 9.22 -25.34 29.95
C PRO A 561 8.17 -24.31 29.61
N PHE A 562 8.49 -23.01 29.71
CA PHE A 562 7.50 -21.99 29.42
C PHE A 562 7.56 -21.49 27.98
N GLN A 563 8.68 -21.68 27.28
CA GLN A 563 8.80 -21.17 25.92
C GLN A 563 7.88 -21.93 24.97
N GLN A 564 7.48 -21.24 23.90
CA GLN A 564 6.51 -21.78 22.95
C GLN A 564 7.10 -22.05 21.58
N PHE A 565 7.72 -21.05 20.95
CA PHE A 565 8.27 -21.21 19.62
C PHE A 565 9.67 -20.59 19.57
N GLY A 566 10.50 -21.13 18.69
CA GLY A 566 11.87 -20.68 18.53
C GLY A 566 12.03 -19.65 17.42
N ARG A 567 13.22 -19.06 17.38
CA ARG A 567 13.56 -18.07 16.38
C ARG A 567 15.05 -18.17 16.07
N ASP A 568 15.41 -17.84 14.84
CA ASP A 568 16.81 -17.88 14.43
C ASP A 568 17.42 -16.48 14.55
N ILE A 569 18.64 -16.32 14.05
CA ILE A 569 19.28 -15.01 14.04
C ILE A 569 18.52 -14.07 13.12
N ALA A 570 17.96 -14.59 12.03
CA ALA A 570 17.23 -13.79 11.06
C ALA A 570 15.83 -13.41 11.53
N ASP A 571 15.49 -13.68 12.79
CA ASP A 571 14.18 -13.35 13.35
C ASP A 571 13.05 -14.01 12.55
N THR A 572 13.26 -15.26 12.16
CA THR A 572 12.26 -16.05 11.48
C THR A 572 11.92 -17.27 12.32
N THR A 573 10.65 -17.61 12.39
CA THR A 573 10.20 -18.75 13.17
C THR A 573 10.71 -20.04 12.53
N ASP A 574 11.59 -20.75 13.22
CA ASP A 574 12.16 -21.99 12.72
C ASP A 574 11.81 -23.20 13.56
N ALA A 575 11.09 -23.03 14.66
CA ALA A 575 10.67 -24.13 15.49
C ALA A 575 9.41 -23.73 16.24
N VAL A 576 8.70 -24.74 16.75
CA VAL A 576 7.43 -24.53 17.45
C VAL A 576 7.15 -25.75 18.29
N ARG A 577 6.29 -25.58 19.30
CA ARG A 577 5.86 -26.67 20.16
C ARG A 577 4.35 -26.81 20.03
N ASP A 578 3.89 -28.05 19.89
CA ASP A 578 2.47 -28.30 19.69
C ASP A 578 1.70 -28.03 20.97
N PRO A 579 0.58 -27.31 20.91
CA PRO A 579 -0.19 -27.06 22.14
C PRO A 579 -0.72 -28.32 22.81
N GLN A 580 -1.06 -29.36 22.03
CA GLN A 580 -1.61 -30.57 22.60
C GLN A 580 -0.52 -31.47 23.15
N THR A 581 0.39 -31.92 22.27
CA THR A 581 1.55 -32.70 22.69
C THR A 581 2.73 -31.77 22.88
N LEU A 582 3.41 -31.88 24.01
CA LEU A 582 4.48 -30.95 24.36
C LEU A 582 5.81 -31.46 23.82
N GLU A 583 5.92 -31.49 22.50
CA GLU A 583 7.17 -31.83 21.83
C GLU A 583 7.46 -30.78 20.77
N ILE A 584 8.73 -30.66 20.41
CA ILE A 584 9.21 -29.60 19.54
C ILE A 584 9.21 -30.09 18.10
N LEU A 585 8.88 -29.20 17.18
CA LEU A 585 8.82 -29.51 15.76
C LEU A 585 9.61 -28.48 14.96
N ASP A 586 10.48 -28.95 14.08
CA ASP A 586 11.18 -28.05 13.18
C ASP A 586 10.24 -27.54 12.08
N ILE A 587 10.57 -26.38 11.53
CA ILE A 587 9.84 -25.78 10.42
C ILE A 587 10.82 -25.61 9.27
N THR A 588 10.49 -26.17 8.12
CA THR A 588 11.34 -26.15 6.94
C THR A 588 10.52 -25.67 5.76
N PRO A 589 10.96 -24.65 5.03
CA PRO A 589 10.16 -24.12 3.92
C PRO A 589 9.95 -25.16 2.84
N CYS A 590 8.80 -25.06 2.17
CA CYS A 590 8.54 -25.91 1.02
C CYS A 590 9.53 -25.58 -0.09
N SER A 591 9.87 -26.60 -0.88
CA SER A 591 10.92 -26.45 -1.88
C SER A 591 10.52 -25.45 -2.95
N PHE A 592 11.49 -24.66 -3.39
CA PHE A 592 11.28 -23.68 -4.45
C PHE A 592 12.61 -23.40 -5.12
N GLY A 593 12.55 -22.66 -6.21
CA GLY A 593 13.76 -22.30 -6.94
C GLY A 593 13.40 -21.77 -8.31
N GLY A 594 14.44 -21.28 -8.99
CA GLY A 594 14.27 -20.76 -10.33
C GLY A 594 14.28 -21.86 -11.37
N VAL A 595 13.82 -21.51 -12.57
CA VAL A 595 13.77 -22.43 -13.70
C VAL A 595 14.48 -21.76 -14.87
N SER A 596 15.47 -22.43 -15.42
CA SER A 596 16.25 -21.92 -16.53
C SER A 596 16.18 -22.88 -17.71
N VAL A 597 16.08 -22.34 -18.91
CA VAL A 597 15.93 -23.11 -20.13
C VAL A 597 17.23 -23.01 -20.92
N ILE A 598 17.85 -24.16 -21.19
CA ILE A 598 19.08 -24.24 -21.96
C ILE A 598 18.71 -24.58 -23.40
N THR A 599 19.05 -23.69 -24.33
CA THR A 599 18.72 -23.89 -25.72
C THR A 599 19.86 -23.42 -26.61
N PRO A 600 20.08 -24.07 -27.73
CA PRO A 600 20.89 -23.48 -28.81
C PRO A 600 20.04 -22.46 -29.55
N GLY A 601 20.63 -21.85 -30.57
CA GLY A 601 19.89 -20.90 -31.38
C GLY A 601 18.73 -21.54 -32.08
N THR A 602 17.63 -20.79 -32.20
CA THR A 602 16.47 -21.28 -32.94
C THR A 602 16.80 -21.54 -34.40
N ASN A 603 17.82 -20.87 -34.94
CA ASN A 603 18.29 -21.13 -36.29
C ASN A 603 18.94 -22.51 -36.43
N THR A 604 19.23 -23.18 -35.33
CA THR A 604 19.90 -24.48 -35.36
C THR A 604 18.92 -25.63 -35.12
N SER A 605 18.19 -25.60 -34.01
CA SER A 605 17.23 -26.65 -33.69
C SER A 605 16.18 -26.07 -32.76
N ASN A 606 15.29 -26.94 -32.27
CA ASN A 606 14.22 -26.54 -31.36
C ASN A 606 14.22 -27.31 -30.06
N GLN A 607 15.09 -28.29 -29.89
CA GLN A 607 15.16 -29.02 -28.63
C GLN A 607 15.74 -28.12 -27.54
N VAL A 608 15.23 -28.31 -26.31
CA VAL A 608 15.65 -27.51 -25.17
C VAL A 608 15.87 -28.41 -23.98
N ALA A 609 16.58 -27.86 -22.98
CA ALA A 609 16.79 -28.53 -21.71
C ALA A 609 16.45 -27.56 -20.59
N VAL A 610 15.96 -28.10 -19.48
CA VAL A 610 15.48 -27.30 -18.35
C VAL A 610 16.31 -27.64 -17.12
N LEU A 611 16.68 -26.61 -16.37
CA LEU A 611 17.44 -26.76 -15.13
C LEU A 611 16.63 -26.20 -13.97
N TYR A 612 16.44 -27.02 -12.93
CA TYR A 612 15.76 -26.60 -11.72
C TYR A 612 16.80 -26.32 -10.65
N GLN A 613 16.95 -25.05 -10.29
CA GLN A 613 18.05 -24.63 -9.43
C GLN A 613 17.79 -25.01 -7.98
N ASP A 614 18.77 -25.67 -7.36
CA ASP A 614 18.70 -26.07 -5.95
C ASP A 614 17.47 -26.92 -5.66
N VAL A 615 17.17 -27.84 -6.57
CA VAL A 615 16.02 -28.73 -6.45
C VAL A 615 16.53 -30.16 -6.48
N ASN A 616 16.23 -30.91 -5.43
CA ASN A 616 16.63 -32.30 -5.37
C ASN A 616 15.87 -33.08 -6.44
N CYS A 617 16.59 -33.89 -7.22
CA CYS A 617 15.97 -34.55 -8.37
C CYS A 617 14.87 -35.51 -7.97
N THR A 618 14.86 -35.99 -6.72
CA THR A 618 13.79 -36.89 -6.28
C THR A 618 12.45 -36.18 -6.26
N GLU A 619 12.42 -34.93 -5.77
CA GLU A 619 11.19 -34.18 -5.61
C GLU A 619 10.89 -33.27 -6.79
N VAL A 620 11.36 -33.62 -7.99
CA VAL A 620 11.01 -32.81 -9.16
C VAL A 620 9.51 -32.86 -9.38
N PRO A 621 8.85 -31.75 -9.73
CA PRO A 621 7.40 -31.80 -9.98
C PRO A 621 7.06 -32.86 -11.02
N VAL A 622 6.08 -33.70 -10.68
CA VAL A 622 5.65 -34.77 -11.56
C VAL A 622 4.85 -34.17 -12.71
N ALA A 623 3.72 -33.52 -12.37
CA ALA A 623 2.91 -32.76 -13.32
C ALA A 623 2.53 -33.59 -14.55
N ILE A 624 1.80 -34.68 -14.29
CA ILE A 624 1.21 -35.43 -15.39
C ILE A 624 0.19 -34.57 -16.14
N HIS A 625 -0.66 -33.86 -15.39
CA HIS A 625 -1.62 -32.92 -15.95
C HIS A 625 -1.54 -31.60 -15.22
N ALA A 626 -0.31 -31.16 -14.94
CA ALA A 626 -0.04 -29.89 -14.25
C ALA A 626 -0.71 -29.84 -12.88
N ASP A 627 -0.40 -30.85 -12.06
CA ASP A 627 -0.88 -30.84 -10.68
C ASP A 627 -0.03 -29.95 -9.79
N GLN A 628 1.19 -29.63 -10.21
CA GLN A 628 2.05 -28.66 -9.54
C GLN A 628 2.00 -27.35 -10.31
N LEU A 629 2.86 -26.39 -9.91
CA LEU A 629 2.96 -25.13 -10.63
C LEU A 629 3.46 -25.34 -12.05
N THR A 630 4.17 -26.43 -12.31
CA THR A 630 4.69 -26.70 -13.64
C THR A 630 3.54 -26.87 -14.63
N PRO A 631 3.63 -26.26 -15.82
CA PRO A 631 2.51 -26.35 -16.78
C PRO A 631 2.38 -27.73 -17.41
N THR A 632 1.47 -27.84 -18.38
CA THR A 632 1.07 -29.14 -18.91
C THR A 632 2.19 -29.88 -19.62
N TRP A 633 3.29 -29.21 -19.99
CA TRP A 633 4.37 -29.90 -20.68
C TRP A 633 5.06 -30.87 -19.71
N ARG A 634 5.04 -32.15 -20.06
CA ARG A 634 5.46 -33.24 -19.18
C ARG A 634 6.87 -33.66 -19.58
N VAL A 635 7.87 -33.10 -18.90
CA VAL A 635 9.27 -33.33 -19.24
C VAL A 635 10.03 -34.10 -18.18
N TYR A 636 9.45 -34.34 -17.00
CA TYR A 636 10.18 -35.02 -15.95
C TYR A 636 10.30 -36.51 -16.25
N SER A 637 11.44 -37.09 -15.87
CA SER A 637 11.66 -38.54 -15.93
C SER A 637 11.28 -39.14 -17.28
N THR A 638 11.73 -38.49 -18.34
CA THR A 638 11.49 -38.96 -19.69
C THR A 638 12.67 -39.79 -20.19
N GLY A 639 12.68 -40.08 -21.49
CA GLY A 639 13.79 -40.84 -22.06
C GLY A 639 15.13 -40.17 -21.83
N SER A 640 15.17 -38.84 -21.93
CA SER A 640 16.36 -38.09 -21.55
C SER A 640 16.54 -38.19 -20.04
N ASN A 641 17.56 -38.94 -19.60
CA ASN A 641 17.74 -39.19 -18.18
C ASN A 641 17.97 -37.88 -17.43
N VAL A 642 17.37 -37.79 -16.25
CA VAL A 642 17.57 -36.64 -15.38
C VAL A 642 18.95 -36.75 -14.74
N PHE A 643 19.67 -35.63 -14.69
CA PHE A 643 21.03 -35.60 -14.17
C PHE A 643 21.08 -34.68 -12.97
N GLN A 644 21.63 -35.18 -11.86
CA GLN A 644 21.74 -34.40 -10.64
C GLN A 644 23.06 -33.63 -10.63
N THR A 645 22.96 -32.32 -10.38
CA THR A 645 24.12 -31.45 -10.43
C THR A 645 24.11 -30.55 -9.19
N ARG A 646 25.29 -30.05 -8.84
CA ARG A 646 25.39 -29.09 -7.74
C ARG A 646 24.55 -27.85 -8.02
N ALA A 647 24.42 -27.46 -9.30
CA ALA A 647 23.56 -26.34 -9.64
C ALA A 647 22.09 -26.69 -9.44
N GLY A 648 21.72 -27.94 -9.72
CA GLY A 648 20.35 -28.37 -9.55
C GLY A 648 20.07 -29.62 -10.37
N CYS A 649 18.79 -29.82 -10.65
CA CYS A 649 18.35 -30.96 -11.45
C CYS A 649 18.29 -30.55 -12.92
N LEU A 650 19.01 -31.27 -13.76
CA LEU A 650 19.05 -31.00 -15.20
C LEU A 650 18.25 -32.07 -15.93
N ILE A 651 17.28 -31.65 -16.73
CA ILE A 651 16.39 -32.54 -17.45
C ILE A 651 16.41 -32.17 -18.93
N GLY A 652 16.53 -33.17 -19.79
CA GLY A 652 16.56 -32.96 -21.22
C GLY A 652 17.94 -33.00 -21.85
N ALA A 653 18.98 -33.30 -21.07
CA ALA A 653 20.34 -33.38 -21.57
C ALA A 653 20.94 -34.72 -21.18
N GLU A 654 21.94 -35.14 -21.97
CA GLU A 654 22.58 -36.45 -21.80
C GLU A 654 23.96 -36.26 -21.21
N HIS A 655 24.25 -36.99 -20.13
CA HIS A 655 25.57 -36.98 -19.53
C HIS A 655 26.55 -37.78 -20.36
N VAL A 656 27.75 -37.23 -20.56
CA VAL A 656 28.81 -37.90 -21.31
C VAL A 656 30.08 -37.87 -20.48
N ASN A 657 30.98 -38.79 -20.79
CA ASN A 657 32.24 -38.93 -20.07
C ASN A 657 33.38 -38.15 -20.72
N ASN A 658 33.15 -37.50 -21.85
CA ASN A 658 34.18 -36.75 -22.54
C ASN A 658 34.38 -35.40 -21.85
N SER A 659 35.19 -34.54 -22.46
CA SER A 659 35.43 -33.21 -21.93
C SER A 659 35.76 -32.27 -23.09
N TYR A 660 35.07 -31.13 -23.14
CA TYR A 660 35.28 -30.14 -24.18
C TYR A 660 35.33 -28.76 -23.54
N GLU A 661 35.60 -27.75 -24.36
CA GLU A 661 35.54 -26.38 -23.89
C GLU A 661 34.10 -25.99 -23.59
N CYS A 662 33.93 -25.08 -22.63
CA CYS A 662 32.60 -24.67 -22.23
C CYS A 662 31.89 -23.95 -23.37
N ASP A 663 30.62 -24.31 -23.58
CA ASP A 663 29.78 -23.65 -24.57
C ASP A 663 28.65 -22.87 -23.90
N ILE A 664 27.85 -23.53 -23.08
CA ILE A 664 26.83 -22.86 -22.29
C ILE A 664 27.09 -23.19 -20.82
N PRO A 665 27.55 -22.24 -20.02
CA PRO A 665 27.86 -22.54 -18.61
C PRO A 665 26.61 -22.92 -17.83
N ILE A 666 26.77 -23.86 -16.92
CA ILE A 666 25.71 -24.30 -16.02
C ILE A 666 26.07 -24.02 -14.57
N GLY A 667 27.29 -24.34 -14.17
CA GLY A 667 27.75 -24.13 -12.81
C GLY A 667 28.49 -25.33 -12.26
N ALA A 668 29.39 -25.08 -11.33
CA ALA A 668 30.19 -26.13 -10.69
C ALA A 668 30.97 -26.95 -11.72
N GLY A 669 31.49 -26.27 -12.74
CA GLY A 669 32.29 -26.95 -13.75
C GLY A 669 31.52 -27.80 -14.72
N ILE A 670 30.23 -27.52 -14.93
CA ILE A 670 29.39 -28.26 -15.86
C ILE A 670 28.94 -27.33 -16.96
N CYS A 671 29.04 -27.78 -18.21
CA CYS A 671 28.64 -27.01 -19.37
C CYS A 671 27.76 -27.87 -20.27
N ALA A 672 27.01 -27.22 -21.14
CA ALA A 672 26.10 -27.89 -22.06
C ALA A 672 26.36 -27.41 -23.48
N SER A 673 26.18 -28.31 -24.43
CA SER A 673 26.39 -28.00 -25.84
C SER A 673 25.55 -28.91 -26.70
N TYR A 674 25.26 -28.45 -27.92
CA TYR A 674 24.45 -29.17 -28.89
C TYR A 674 25.36 -29.67 -30.00
N GLN A 675 25.68 -30.96 -29.97
CA GLN A 675 26.52 -31.55 -31.00
C GLN A 675 26.39 -33.06 -30.94
N THR A 676 26.65 -33.70 -32.08
CA THR A 676 26.65 -35.16 -32.18
C THR A 676 27.36 -35.60 -33.45
N GLN A 690 22.85 -33.45 -32.81
CA GLN A 690 21.51 -34.01 -32.85
C GLN A 690 20.84 -33.95 -31.48
N SER A 691 21.65 -33.87 -30.43
CA SER A 691 21.16 -33.87 -29.07
C SER A 691 21.96 -32.89 -28.22
N ILE A 692 21.39 -32.52 -27.08
CA ILE A 692 22.04 -31.64 -26.12
C ILE A 692 22.68 -32.50 -25.04
N ILE A 693 23.97 -32.26 -24.81
CA ILE A 693 24.74 -33.07 -23.87
C ILE A 693 25.29 -32.18 -22.77
N ALA A 694 25.58 -32.79 -21.63
CA ALA A 694 26.17 -32.11 -20.49
C ALA A 694 27.45 -32.84 -20.09
N TYR A 695 28.50 -32.08 -19.84
CA TYR A 695 29.82 -32.64 -19.58
C TYR A 695 30.54 -31.78 -18.56
N THR A 696 31.79 -32.14 -18.27
CA THR A 696 32.67 -31.37 -17.41
C THR A 696 33.68 -30.63 -18.27
N MET A 697 33.76 -29.32 -18.09
CA MET A 697 34.62 -28.50 -18.93
C MET A 697 36.08 -28.89 -18.74
N SER A 698 36.85 -28.79 -19.82
CA SER A 698 38.27 -29.09 -19.81
C SER A 698 39.07 -27.80 -19.77
N LEU A 699 40.12 -27.78 -18.95
CA LEU A 699 40.94 -26.59 -18.77
C LEU A 699 41.96 -26.40 -19.88
N GLY A 700 42.14 -27.39 -20.75
CA GLY A 700 43.10 -27.28 -21.83
C GLY A 700 43.90 -28.56 -22.04
N ALA A 701 44.69 -28.59 -23.11
CA ALA A 701 45.48 -29.78 -23.40
C ALA A 701 46.62 -29.93 -22.41
N GLU A 702 46.92 -31.17 -22.05
CA GLU A 702 48.05 -31.44 -21.16
C GLU A 702 49.37 -31.26 -21.90
N ASN A 703 50.39 -30.88 -21.15
CA ASN A 703 51.72 -30.66 -21.72
C ASN A 703 52.76 -30.84 -20.63
N SER A 704 53.86 -31.49 -20.99
CA SER A 704 54.98 -31.69 -20.08
C SER A 704 56.25 -31.17 -20.75
N VAL A 705 57.00 -30.37 -20.02
CA VAL A 705 58.24 -29.77 -20.52
C VAL A 705 59.41 -30.63 -20.07
N ALA A 706 60.29 -30.98 -21.01
CA ALA A 706 61.43 -31.84 -20.73
C ALA A 706 62.49 -31.02 -20.00
N TYR A 707 62.30 -30.88 -18.69
CA TYR A 707 63.25 -30.13 -17.87
C TYR A 707 64.40 -31.01 -17.45
N SER A 708 65.59 -30.43 -17.47
CA SER A 708 66.80 -31.06 -16.98
C SER A 708 67.88 -30.00 -16.91
N ASN A 709 68.85 -30.19 -16.00
CA ASN A 709 70.00 -29.30 -16.03
C ASN A 709 70.75 -29.54 -17.34
N ASN A 710 71.37 -28.48 -17.84
CA ASN A 710 72.27 -28.43 -19.01
C ASN A 710 71.51 -28.60 -20.32
N SER A 711 70.18 -28.56 -20.32
CA SER A 711 69.38 -28.69 -21.52
C SER A 711 68.63 -27.40 -21.76
N ILE A 712 68.72 -26.88 -22.99
CA ILE A 712 68.05 -25.64 -23.37
C ILE A 712 67.41 -25.82 -24.74
N ALA A 713 66.40 -24.99 -25.01
CA ALA A 713 65.71 -24.98 -26.29
C ALA A 713 65.77 -23.57 -26.88
N ILE A 714 66.09 -23.48 -28.17
CA ILE A 714 66.26 -22.19 -28.83
C ILE A 714 65.49 -22.18 -30.14
N PRO A 715 64.65 -21.18 -30.40
CA PRO A 715 63.91 -21.15 -31.67
C PRO A 715 64.83 -20.88 -32.85
N THR A 716 64.45 -21.45 -34.00
CA THR A 716 65.19 -21.28 -35.25
C THR A 716 64.33 -20.66 -36.34
N ASN A 717 63.28 -19.94 -35.97
CA ASN A 717 62.27 -19.46 -36.89
C ASN A 717 61.47 -18.39 -36.15
N PHE A 718 60.55 -17.75 -36.85
CA PHE A 718 59.67 -16.79 -36.20
C PHE A 718 58.41 -16.60 -37.05
N THR A 719 57.39 -16.03 -36.43
CA THR A 719 56.14 -15.71 -37.09
C THR A 719 55.72 -14.30 -36.71
N ILE A 720 55.17 -13.57 -37.68
CA ILE A 720 54.61 -12.25 -37.45
C ILE A 720 53.10 -12.41 -37.35
N SER A 721 52.53 -12.02 -36.22
CA SER A 721 51.11 -12.21 -35.95
C SER A 721 50.45 -10.86 -35.67
N VAL A 722 49.21 -10.70 -36.14
CA VAL A 722 48.43 -9.51 -35.92
C VAL A 722 47.13 -9.91 -35.25
N THR A 723 46.80 -9.25 -34.14
CA THR A 723 45.59 -9.53 -33.38
C THR A 723 44.83 -8.23 -33.16
N THR A 724 43.54 -8.38 -32.87
CA THR A 724 42.64 -7.23 -32.71
C THR A 724 42.20 -7.12 -31.25
N GLU A 725 42.00 -5.87 -30.82
CA GLU A 725 41.47 -5.57 -29.50
C GLU A 725 40.44 -4.46 -29.64
N ILE A 726 39.28 -4.65 -29.00
CA ILE A 726 38.15 -3.74 -29.13
C ILE A 726 37.81 -3.18 -27.77
N LEU A 727 37.67 -1.85 -27.68
CA LEU A 727 37.38 -1.18 -26.43
C LEU A 727 36.32 -0.10 -26.65
N PRO A 728 35.25 -0.11 -25.87
CA PRO A 728 34.28 1.00 -25.93
C PRO A 728 34.90 2.28 -25.37
N VAL A 729 34.44 3.41 -25.91
CA VAL A 729 34.97 4.73 -25.56
C VAL A 729 33.89 5.64 -24.99
N SER A 730 32.73 5.69 -25.65
CA SER A 730 31.66 6.58 -25.23
C SER A 730 30.32 5.89 -25.49
N MET A 731 29.26 6.47 -24.92
CA MET A 731 27.90 5.99 -25.14
C MET A 731 27.03 7.17 -25.56
N THR A 732 25.77 6.87 -25.83
CA THR A 732 24.85 7.89 -26.30
C THR A 732 24.54 8.90 -25.21
N LYS A 733 24.48 10.18 -25.59
CA LYS A 733 24.12 11.24 -24.66
C LYS A 733 22.62 11.49 -24.77
N THR A 734 21.91 11.38 -23.65
CA THR A 734 20.47 11.53 -23.62
C THR A 734 20.08 12.67 -22.68
N SER A 735 19.02 13.38 -23.05
CA SER A 735 18.47 14.45 -22.24
C SER A 735 16.99 14.16 -22.01
N VAL A 736 16.53 14.40 -20.78
CA VAL A 736 15.16 14.07 -20.38
C VAL A 736 14.49 15.34 -19.88
N ASP A 737 13.31 15.63 -20.43
CA ASP A 737 12.50 16.74 -19.93
C ASP A 737 11.70 16.24 -18.73
N CYS A 738 12.12 16.65 -17.54
CA CYS A 738 11.52 16.14 -16.30
C CYS A 738 10.03 16.45 -16.23
N THR A 739 9.67 17.72 -16.43
CA THR A 739 8.28 18.12 -16.32
C THR A 739 7.41 17.45 -17.38
N MET A 740 7.89 17.41 -18.63
CA MET A 740 7.10 16.78 -19.69
C MET A 740 6.92 15.30 -19.44
N TYR A 741 7.96 14.62 -18.98
CA TYR A 741 7.84 13.19 -18.71
C TYR A 741 6.86 12.92 -17.58
N ILE A 742 6.95 13.70 -16.50
CA ILE A 742 6.08 13.47 -15.36
C ILE A 742 4.66 13.95 -15.64
N CYS A 743 4.53 15.22 -16.01
CA CYS A 743 3.22 15.85 -16.19
C CYS A 743 2.81 15.95 -17.65
N GLY A 744 3.61 16.65 -18.45
CA GLY A 744 3.22 16.88 -19.84
C GLY A 744 2.67 18.27 -20.05
N ASP A 745 1.38 18.36 -20.40
CA ASP A 745 0.73 19.62 -20.68
C ASP A 745 -0.19 20.09 -19.56
N SER A 746 -0.27 19.34 -18.46
CA SER A 746 -1.19 19.66 -17.37
C SER A 746 -0.54 20.66 -16.42
N THR A 747 -1.18 21.81 -16.23
CA THR A 747 -0.65 22.82 -15.32
C THR A 747 -0.86 22.42 -13.86
N GLU A 748 -1.94 21.69 -13.56
CA GLU A 748 -2.18 21.26 -12.19
C GLU A 748 -1.10 20.29 -11.73
N CYS A 749 -0.71 19.35 -12.59
CA CYS A 749 0.36 18.44 -12.24
C CYS A 749 1.66 19.19 -12.00
N SER A 750 1.94 20.20 -12.82
CA SER A 750 3.13 21.01 -12.60
C SER A 750 3.07 21.74 -11.27
N ASN A 751 1.90 22.27 -10.92
CA ASN A 751 1.75 22.97 -9.66
C ASN A 751 1.99 22.04 -8.47
N LEU A 752 1.49 20.81 -8.54
CA LEU A 752 1.75 19.86 -7.47
C LEU A 752 3.22 19.42 -7.45
N LEU A 753 3.83 19.27 -8.63
CA LEU A 753 5.24 18.93 -8.69
C LEU A 753 6.11 20.04 -8.11
N LEU A 754 5.61 21.28 -8.13
CA LEU A 754 6.41 22.41 -7.64
C LEU A 754 6.76 22.23 -6.17
N GLN A 755 5.82 21.75 -5.36
CA GLN A 755 6.05 21.60 -3.92
C GLN A 755 6.87 20.36 -3.58
N TYR A 756 7.45 19.69 -4.56
CA TYR A 756 8.19 18.45 -4.34
C TYR A 756 9.70 18.67 -4.31
N GLY A 757 10.14 19.91 -4.20
CA GLY A 757 11.56 20.20 -4.16
C GLY A 757 12.18 20.33 -5.53
N SER A 758 13.50 20.52 -5.53
CA SER A 758 14.27 20.68 -6.76
C SER A 758 14.87 19.35 -7.19
N PHE A 759 14.00 18.36 -7.42
CA PHE A 759 14.46 17.06 -7.91
C PHE A 759 14.79 17.12 -9.39
N CYS A 760 13.97 17.83 -10.16
CA CYS A 760 14.14 17.87 -11.60
C CYS A 760 15.47 18.54 -11.97
N THR A 761 15.83 19.59 -11.24
CA THR A 761 17.12 20.25 -11.48
C THR A 761 18.27 19.30 -11.21
N GLN A 762 18.18 18.51 -10.14
CA GLN A 762 19.22 17.53 -9.84
C GLN A 762 19.35 16.52 -10.96
N LEU A 763 18.22 16.02 -11.46
CA LEU A 763 18.25 15.04 -12.55
C LEU A 763 18.89 15.63 -13.79
N ASN A 764 18.50 16.85 -14.14
CA ASN A 764 19.07 17.50 -15.32
C ASN A 764 20.56 17.72 -15.16
N ARG A 765 20.99 18.13 -13.97
CA ARG A 765 22.42 18.36 -13.74
C ARG A 765 23.23 17.07 -13.89
N ALA A 766 22.72 15.96 -13.33
CA ALA A 766 23.42 14.69 -13.47
C ALA A 766 23.51 14.27 -14.93
N LEU A 767 22.41 14.39 -15.67
CA LEU A 767 22.42 13.99 -17.07
C LEU A 767 23.37 14.85 -17.89
N THR A 768 23.41 16.15 -17.62
CA THR A 768 24.32 17.04 -18.31
C THR A 768 25.77 16.69 -18.01
N GLY A 769 26.06 16.35 -16.75
CA GLY A 769 27.41 15.92 -16.41
C GLY A 769 27.83 14.68 -17.19
N ILE A 770 26.94 13.70 -17.30
CA ILE A 770 27.25 12.50 -18.08
C ILE A 770 27.51 12.88 -19.54
N ALA A 771 26.66 13.73 -20.11
CA ALA A 771 26.80 14.11 -21.50
C ALA A 771 28.14 14.79 -21.76
N VAL A 772 28.56 15.68 -20.85
CA VAL A 772 29.85 16.34 -21.01
C VAL A 772 30.99 15.33 -20.88
N GLU A 773 30.88 14.41 -19.94
CA GLU A 773 31.93 13.41 -19.74
C GLU A 773 32.13 12.55 -20.98
N GLN A 774 31.06 12.31 -21.75
CA GLN A 774 31.21 11.52 -22.98
C GLN A 774 32.19 12.19 -23.95
N ASP A 775 31.98 13.47 -24.23
CA ASP A 775 32.87 14.19 -25.13
C ASP A 775 34.27 14.30 -24.54
N LYS A 776 34.38 14.45 -23.22
CA LYS A 776 35.70 14.45 -22.60
C LYS A 776 36.44 13.15 -22.87
N ASN A 777 35.73 12.02 -22.73
CA ASN A 777 36.34 10.72 -22.99
C ASN A 777 36.83 10.62 -24.43
N THR A 778 35.98 11.01 -25.38
CA THR A 778 36.36 10.90 -26.79
C THR A 778 37.58 11.76 -27.09
N GLN A 779 37.58 13.01 -26.59
CA GLN A 779 38.70 13.90 -26.84
C GLN A 779 39.98 13.37 -26.22
N GLU A 780 39.91 12.82 -25.02
CA GLU A 780 41.11 12.28 -24.39
C GLU A 780 41.65 11.08 -25.17
N VAL A 781 40.77 10.23 -25.69
CA VAL A 781 41.24 9.05 -26.40
C VAL A 781 41.88 9.43 -27.73
N PHE A 782 41.23 10.29 -28.51
CA PHE A 782 41.67 10.48 -29.89
C PHE A 782 42.53 11.71 -30.13
N ALA A 783 42.36 12.80 -29.37
CA ALA A 783 43.14 14.00 -29.63
C ALA A 783 44.52 13.92 -29.00
N GLN A 784 45.27 12.86 -29.29
CA GLN A 784 46.60 12.69 -28.73
C GLN A 784 47.66 13.53 -29.45
N VAL A 785 47.39 13.95 -30.68
CA VAL A 785 48.38 14.67 -31.49
C VAL A 785 47.77 16.00 -31.93
N LYS A 786 48.64 17.00 -32.08
CA LYS A 786 48.24 18.35 -32.43
C LYS A 786 48.47 18.68 -33.90
N GLN A 787 49.09 17.79 -34.66
CA GLN A 787 49.38 18.02 -36.06
C GLN A 787 48.72 16.95 -36.91
N ILE A 788 48.47 17.30 -38.18
CA ILE A 788 47.84 16.36 -39.10
C ILE A 788 48.87 15.95 -40.16
N TYR A 789 49.57 14.85 -39.89
CA TYR A 789 50.55 14.34 -40.83
C TYR A 789 49.86 13.64 -42.00
N LYS A 790 50.57 13.58 -43.12
CA LYS A 790 50.06 12.98 -44.34
C LYS A 790 51.07 12.00 -44.91
N THR A 791 50.55 10.98 -45.58
CA THR A 791 51.31 9.91 -46.23
C THR A 791 51.79 10.37 -47.60
N PRO A 792 53.05 10.10 -47.95
CA PRO A 792 53.53 10.48 -49.27
C PRO A 792 52.77 9.75 -50.35
N PRO A 793 52.61 10.37 -51.52
CA PRO A 793 51.85 9.71 -52.61
C PRO A 793 52.45 8.39 -53.05
N ILE A 794 53.78 8.27 -53.04
CA ILE A 794 54.43 7.05 -53.49
C ILE A 794 54.47 6.08 -52.32
N LYS A 795 53.69 5.00 -52.42
CA LYS A 795 53.58 4.00 -51.36
C LYS A 795 54.62 2.90 -51.57
N ASP A 796 55.88 3.25 -51.29
CA ASP A 796 57.00 2.32 -51.36
C ASP A 796 57.65 2.25 -49.99
N PHE A 797 57.41 1.15 -49.27
CA PHE A 797 57.91 0.97 -47.91
C PHE A 797 58.69 -0.33 -47.79
N GLY A 798 59.44 -0.67 -48.84
CA GLY A 798 60.25 -1.86 -48.81
C GLY A 798 59.48 -3.16 -48.71
N GLY A 799 58.30 -3.23 -49.34
CA GLY A 799 57.51 -4.45 -49.36
C GLY A 799 56.33 -4.46 -48.41
N PHE A 800 56.28 -3.56 -47.45
CA PHE A 800 55.14 -3.49 -46.54
C PHE A 800 54.00 -2.73 -47.21
N ASN A 801 52.78 -3.26 -47.08
CA ASN A 801 51.70 -2.94 -48.00
C ASN A 801 50.86 -1.77 -47.49
N PHE A 802 50.26 -1.91 -46.30
CA PHE A 802 49.48 -0.89 -45.62
C PHE A 802 48.26 -0.42 -46.39
N SER A 803 47.86 -1.12 -47.45
CA SER A 803 46.71 -0.67 -48.22
C SER A 803 45.41 -0.79 -47.44
N GLN A 804 45.31 -1.80 -46.58
CA GLN A 804 44.04 -2.12 -45.93
C GLN A 804 43.71 -1.17 -44.79
N ILE A 805 44.69 -0.47 -44.22
CA ILE A 805 44.45 0.41 -43.09
C ILE A 805 44.57 1.89 -43.44
N LEU A 806 45.08 2.23 -44.62
CA LEU A 806 45.17 3.62 -45.04
C LEU A 806 43.84 4.09 -45.58
N PRO A 807 43.57 5.40 -45.52
CA PRO A 807 42.28 5.91 -46.01
C PRO A 807 42.09 5.64 -47.50
N ASP A 808 40.83 5.44 -47.89
CA ASP A 808 40.48 5.16 -49.26
C ASP A 808 39.94 6.42 -49.91
N PRO A 809 40.67 7.06 -50.83
CA PRO A 809 40.19 8.31 -51.43
C PRO A 809 38.89 8.16 -52.22
N SER A 810 38.66 6.98 -52.82
CA SER A 810 37.50 6.81 -53.67
C SER A 810 36.20 6.98 -52.90
N LYS A 811 36.11 6.37 -51.72
CA LYS A 811 34.89 6.46 -50.93
C LYS A 811 34.69 7.88 -50.41
N PRO A 812 33.46 8.40 -50.43
CA PRO A 812 33.23 9.76 -49.91
C PRO A 812 33.56 9.89 -48.43
N SER A 813 33.36 8.83 -47.64
CA SER A 813 33.65 8.89 -46.21
C SER A 813 35.15 8.92 -45.93
N LYS A 814 35.98 8.54 -46.91
CA LYS A 814 37.43 8.52 -46.76
C LYS A 814 37.86 7.66 -45.58
N ARG A 815 37.37 6.42 -45.56
CA ARG A 815 37.68 5.46 -44.52
C ARG A 815 38.42 4.28 -45.12
N SER A 816 39.29 3.67 -44.31
CA SER A 816 39.98 2.47 -44.73
C SER A 816 39.00 1.32 -44.89
N PRO A 817 39.33 0.33 -45.70
CA PRO A 817 38.41 -0.82 -45.87
C PRO A 817 38.03 -1.49 -44.56
N ILE A 818 39.00 -1.63 -43.64
CA ILE A 818 38.69 -2.21 -42.34
C ILE A 818 37.74 -1.30 -41.58
N GLU A 819 37.89 0.02 -41.73
CA GLU A 819 37.08 0.96 -40.96
C GLU A 819 35.62 0.88 -41.36
N ASP A 820 35.32 0.92 -42.66
CA ASP A 820 33.93 0.84 -43.06
C ASP A 820 33.39 -0.59 -42.93
N LEU A 821 34.25 -1.59 -43.04
CA LEU A 821 33.82 -2.95 -42.73
C LEU A 821 33.35 -3.05 -41.29
N LEU A 822 34.05 -2.38 -40.36
CA LEU A 822 33.60 -2.33 -38.98
C LEU A 822 32.34 -1.49 -38.84
N PHE A 823 32.25 -0.39 -39.58
CA PHE A 823 31.10 0.49 -39.46
C PHE A 823 29.81 -0.17 -39.96
N ASN A 824 29.92 -1.15 -40.85
CA ASN A 824 28.73 -1.88 -41.28
C ASN A 824 28.30 -2.98 -40.32
N LYS A 825 29.23 -3.53 -39.52
CA LYS A 825 28.86 -4.59 -38.59
C LYS A 825 27.91 -4.09 -37.51
N VAL A 826 28.17 -2.91 -36.96
CA VAL A 826 27.40 -2.40 -35.84
C VAL A 826 26.15 -1.69 -36.36
N THR A 827 24.99 -2.13 -35.89
CA THR A 827 23.72 -1.55 -36.33
C THR A 827 23.29 -0.42 -35.41
N ASP A 848 10.44 4.53 -35.79
CA ASP A 848 9.22 5.00 -35.17
C ASP A 848 9.36 5.07 -33.65
N LEU A 849 10.19 4.18 -33.10
CA LEU A 849 10.45 4.19 -31.67
C LEU A 849 11.13 5.49 -31.25
N ILE A 850 12.06 5.98 -32.06
CA ILE A 850 12.73 7.25 -31.77
C ILE A 850 11.70 8.38 -31.72
N CYS A 851 10.73 8.35 -32.63
CA CYS A 851 9.69 9.38 -32.64
C CYS A 851 8.87 9.36 -31.36
N ALA A 852 8.49 8.17 -30.90
CA ALA A 852 7.73 8.07 -29.66
C ALA A 852 8.55 8.56 -28.47
N GLN A 853 9.83 8.17 -28.42
CA GLN A 853 10.69 8.64 -27.33
C GLN A 853 10.81 10.16 -27.35
N LYS A 854 10.94 10.74 -28.54
CA LYS A 854 10.96 12.19 -28.65
C LYS A 854 9.66 12.81 -28.16
N PHE A 855 8.53 12.21 -28.54
CA PHE A 855 7.23 12.74 -28.14
C PHE A 855 6.96 12.60 -26.65
N ASN A 856 7.67 11.70 -25.97
CA ASN A 856 7.51 11.56 -24.53
C ASN A 856 8.47 12.42 -23.73
N GLY A 857 9.26 13.26 -24.41
CA GLY A 857 10.18 14.15 -23.72
C GLY A 857 11.61 13.67 -23.63
N LEU A 858 11.98 12.60 -24.34
CA LEU A 858 13.32 12.04 -24.30
C LEU A 858 14.02 12.34 -25.63
N THR A 859 15.19 12.94 -25.54
CA THR A 859 15.94 13.33 -26.73
C THR A 859 17.38 12.84 -26.64
N VAL A 860 18.05 12.82 -27.79
CA VAL A 860 19.43 12.37 -27.89
C VAL A 860 20.25 13.51 -28.51
N LEU A 861 21.35 13.87 -27.84
CA LEU A 861 22.20 14.95 -28.31
C LEU A 861 23.30 14.41 -29.23
N PRO A 862 23.69 15.18 -30.23
CA PRO A 862 24.72 14.71 -31.16
C PRO A 862 26.10 14.84 -30.56
N PRO A 863 27.02 13.96 -30.93
CA PRO A 863 28.40 14.08 -30.43
C PRO A 863 29.09 15.31 -30.98
N LEU A 864 30.04 15.82 -30.20
CA LEU A 864 30.76 17.02 -30.61
C LEU A 864 31.67 16.75 -31.80
N LEU A 865 32.33 15.60 -31.81
CA LEU A 865 33.22 15.21 -32.90
C LEU A 865 32.48 14.28 -33.85
N THR A 866 32.39 14.67 -35.12
CA THR A 866 31.77 13.82 -36.11
C THR A 866 32.69 12.64 -36.45
N ASP A 867 32.12 11.65 -37.15
CA ASP A 867 32.89 10.47 -37.50
C ASP A 867 34.04 10.79 -38.46
N GLU A 868 33.83 11.76 -39.36
CA GLU A 868 34.88 12.15 -40.29
C GLU A 868 36.08 12.72 -39.54
N MET A 869 35.83 13.50 -38.50
CA MET A 869 36.91 14.07 -37.71
C MET A 869 37.72 12.98 -37.03
N ILE A 870 37.05 11.97 -36.49
CA ILE A 870 37.74 10.86 -35.83
C ILE A 870 38.56 10.07 -36.85
N ALA A 871 38.00 9.83 -38.03
CA ALA A 871 38.75 9.15 -39.07
C ALA A 871 39.97 9.95 -39.48
N GLN A 872 39.84 11.27 -39.55
CA GLN A 872 40.99 12.13 -39.84
C GLN A 872 42.06 12.01 -38.77
N TYR A 873 41.65 11.97 -37.50
CA TYR A 873 42.61 11.81 -36.41
C TYR A 873 43.36 10.49 -36.53
N THR A 874 42.63 9.40 -36.81
CA THR A 874 43.28 8.10 -36.96
C THR A 874 44.23 8.08 -38.14
N SER A 875 43.84 8.73 -39.25
CA SER A 875 44.73 8.80 -40.41
C SER A 875 46.00 9.56 -40.07
N ALA A 876 45.88 10.65 -39.31
CA ALA A 876 47.06 11.40 -38.90
C ALA A 876 47.98 10.54 -38.03
N LEU A 877 47.40 9.78 -37.10
CA LEU A 877 48.22 8.89 -36.28
C LEU A 877 48.92 7.83 -37.12
N LEU A 878 48.21 7.26 -38.11
CA LEU A 878 48.82 6.27 -38.99
C LEU A 878 49.98 6.86 -39.76
N ALA A 879 49.79 8.04 -40.35
CA ALA A 879 50.86 8.67 -41.11
C ALA A 879 52.06 8.97 -40.23
N GLY A 880 51.81 9.48 -39.03
CA GLY A 880 52.90 9.78 -38.12
C GLY A 880 53.68 8.54 -37.72
N THR A 881 52.98 7.46 -37.38
CA THR A 881 53.67 6.24 -36.95
C THR A 881 54.32 5.50 -38.10
N ILE A 882 53.91 5.76 -39.34
CA ILE A 882 54.54 5.10 -40.48
C ILE A 882 55.77 5.86 -40.96
N THR A 883 55.68 7.19 -41.09
CA THR A 883 56.76 7.96 -41.67
C THR A 883 57.82 8.39 -40.67
N SER A 884 57.57 8.29 -39.37
CA SER A 884 58.53 8.81 -38.40
C SER A 884 58.73 7.91 -37.18
N GLY A 885 58.11 6.75 -37.12
CA GLY A 885 58.29 5.89 -35.96
C GLY A 885 57.66 6.47 -34.72
N TRP A 886 58.39 6.40 -33.61
CA TRP A 886 57.91 6.90 -32.33
C TRP A 886 58.41 8.31 -32.02
N THR A 887 59.15 8.94 -32.94
CA THR A 887 59.72 10.25 -32.65
C THR A 887 58.65 11.32 -32.58
N PHE A 888 57.61 11.21 -33.41
CA PHE A 888 56.58 12.25 -33.47
C PHE A 888 55.77 12.32 -32.19
N GLY A 889 55.81 11.30 -31.35
CA GLY A 889 55.10 11.31 -30.09
C GLY A 889 55.86 11.94 -28.93
N ALA A 890 57.07 12.42 -29.16
CA ALA A 890 57.87 13.01 -28.10
C ALA A 890 58.58 14.29 -28.54
N GLY A 891 58.09 14.94 -29.59
CA GLY A 891 58.73 16.13 -30.10
C GLY A 891 58.55 16.24 -31.61
N PRO A 892 59.51 16.87 -32.28
CA PRO A 892 59.42 16.97 -33.74
C PRO A 892 59.48 15.61 -34.41
N ALA A 893 58.76 15.48 -35.51
CA ALA A 893 58.72 14.24 -36.26
C ALA A 893 59.94 14.14 -37.17
N LEU A 894 60.74 13.10 -36.98
CA LEU A 894 61.95 12.87 -37.77
C LEU A 894 61.73 11.65 -38.66
N GLN A 895 61.93 11.84 -39.96
CA GLN A 895 61.69 10.76 -40.91
C GLN A 895 62.78 9.69 -40.79
N ILE A 896 62.41 8.47 -41.19
CA ILE A 896 63.32 7.33 -41.17
C ILE A 896 62.73 6.26 -42.08
N PRO A 897 63.54 5.59 -42.91
CA PRO A 897 62.99 4.52 -43.74
C PRO A 897 62.37 3.42 -42.89
N PHE A 898 61.27 2.87 -43.39
CA PHE A 898 60.52 1.89 -42.60
C PHE A 898 61.32 0.64 -42.24
N PRO A 899 62.08 0.02 -43.15
CA PRO A 899 62.90 -1.13 -42.71
C PRO A 899 63.87 -0.80 -41.59
N MET A 900 64.44 0.41 -41.58
CA MET A 900 65.32 0.78 -40.48
C MET A 900 64.55 0.89 -39.17
N GLN A 901 63.32 1.41 -39.22
CA GLN A 901 62.48 1.45 -38.03
C GLN A 901 62.15 0.05 -37.54
N MET A 902 61.90 -0.88 -38.47
CA MET A 902 61.65 -2.26 -38.09
C MET A 902 62.88 -2.89 -37.45
N ALA A 903 64.06 -2.56 -37.96
CA ALA A 903 65.29 -3.02 -37.33
C ALA A 903 65.43 -2.47 -35.93
N TYR A 904 65.07 -1.20 -35.73
CA TYR A 904 65.09 -0.60 -34.40
C TYR A 904 64.18 -1.37 -33.46
N ARG A 905 62.95 -1.67 -33.92
CA ARG A 905 62.00 -2.38 -33.07
C ARG A 905 62.43 -3.82 -32.83
N PHE A 906 63.15 -4.43 -33.78
CA PHE A 906 63.71 -5.75 -33.54
C PHE A 906 64.79 -5.70 -32.47
N ASN A 907 65.62 -4.65 -32.50
CA ASN A 907 66.56 -4.44 -31.41
C ASN A 907 65.84 -4.23 -30.08
N GLY A 908 64.63 -3.67 -30.14
CA GLY A 908 63.88 -3.43 -28.91
C GLY A 908 63.55 -4.69 -28.15
N ILE A 909 63.36 -5.82 -28.86
CA ILE A 909 62.96 -7.07 -28.21
C ILE A 909 64.11 -8.05 -28.05
N GLY A 910 65.33 -7.66 -28.41
CA GLY A 910 66.49 -8.51 -28.21
C GLY A 910 66.98 -9.29 -29.40
N VAL A 911 66.60 -8.90 -30.62
CA VAL A 911 67.07 -9.56 -31.84
C VAL A 911 67.86 -8.55 -32.65
N THR A 912 68.98 -8.99 -33.22
CA THR A 912 69.87 -8.09 -33.92
C THR A 912 69.29 -7.67 -35.28
N GLN A 913 69.87 -6.61 -35.83
CA GLN A 913 69.35 -6.01 -37.06
C GLN A 913 69.52 -6.93 -38.26
N ASN A 914 70.64 -7.67 -38.30
CA ASN A 914 70.93 -8.49 -39.48
C ASN A 914 69.85 -9.51 -39.73
N VAL A 915 69.15 -9.96 -38.70
CA VAL A 915 68.05 -10.89 -38.90
C VAL A 915 66.97 -10.28 -39.80
N LEU A 916 66.56 -9.06 -39.47
CA LEU A 916 65.56 -8.38 -40.30
C LEU A 916 66.12 -8.08 -41.68
N TYR A 917 67.36 -7.58 -41.76
CA TYR A 917 67.89 -7.22 -43.07
C TYR A 917 68.08 -8.43 -43.97
N GLU A 918 68.22 -9.63 -43.39
CA GLU A 918 68.36 -10.84 -44.18
C GLU A 918 67.05 -11.58 -44.41
N ASN A 919 65.99 -11.26 -43.65
CA ASN A 919 64.69 -11.89 -43.88
C ASN A 919 63.61 -10.86 -44.17
N GLN A 920 63.99 -9.72 -44.73
CA GLN A 920 63.04 -8.65 -45.03
C GLN A 920 61.87 -9.12 -45.88
N LYS A 921 62.15 -9.87 -46.95
CA LYS A 921 61.08 -10.28 -47.86
C LYS A 921 60.09 -11.20 -47.16
N LEU A 922 60.60 -12.18 -46.42
CA LEU A 922 59.73 -13.09 -45.69
C LEU A 922 58.91 -12.35 -44.63
N ILE A 923 59.53 -11.41 -43.93
CA ILE A 923 58.82 -10.66 -42.90
C ILE A 923 57.71 -9.82 -43.51
N ALA A 924 58.00 -9.16 -44.63
CA ALA A 924 56.98 -8.36 -45.31
C ALA A 924 55.83 -9.23 -45.79
N ASN A 925 56.14 -10.40 -46.35
CA ASN A 925 55.08 -11.29 -46.81
C ASN A 925 54.21 -11.76 -45.65
N GLN A 926 54.83 -12.12 -44.52
CA GLN A 926 54.07 -12.56 -43.36
C GLN A 926 53.17 -11.43 -42.84
N PHE A 927 53.70 -10.21 -42.77
CA PHE A 927 52.91 -9.08 -42.31
C PHE A 927 51.71 -8.85 -43.24
N ASN A 928 51.95 -8.89 -44.55
CA ASN A 928 50.86 -8.67 -45.50
C ASN A 928 49.80 -9.74 -45.37
N SER A 929 50.22 -11.01 -45.23
CA SER A 929 49.26 -12.09 -45.10
C SER A 929 48.43 -11.95 -43.83
N ALA A 930 49.07 -11.60 -42.71
CA ALA A 930 48.32 -11.43 -41.47
C ALA A 930 47.31 -10.29 -41.57
N ILE A 931 47.72 -9.16 -42.16
CA ILE A 931 46.80 -8.05 -42.33
C ILE A 931 45.63 -8.46 -43.22
N GLY A 932 45.91 -9.22 -44.27
CA GLY A 932 44.82 -9.70 -45.12
C GLY A 932 43.87 -10.60 -44.38
N LYS A 933 44.39 -11.51 -43.56
CA LYS A 933 43.52 -12.44 -42.83
C LYS A 933 42.69 -11.75 -41.77
N ILE A 934 43.16 -10.59 -41.26
CA ILE A 934 42.38 -9.86 -40.28
C ILE A 934 41.01 -9.47 -40.85
N GLN A 935 41.01 -8.98 -42.09
CA GLN A 935 39.75 -8.56 -42.71
C GLN A 935 38.79 -9.73 -42.86
N ASP A 936 39.29 -10.89 -43.31
CA ASP A 936 38.43 -12.05 -43.45
C ASP A 936 37.90 -12.53 -42.11
N SER A 937 38.75 -12.49 -41.08
CA SER A 937 38.29 -12.88 -39.75
C SER A 937 37.18 -11.98 -39.25
N LEU A 938 37.30 -10.67 -39.48
CA LEU A 938 36.22 -9.76 -39.11
C LEU A 938 34.96 -10.02 -39.92
N SER A 939 35.10 -10.20 -41.24
CA SER A 939 33.93 -10.31 -42.09
C SER A 939 33.16 -11.60 -41.84
N SER A 940 33.86 -12.71 -41.64
CA SER A 940 33.19 -14.00 -41.52
C SER A 940 32.38 -14.09 -40.22
N THR A 941 32.95 -13.63 -39.11
CA THR A 941 32.31 -13.75 -37.81
C THR A 941 31.55 -12.47 -37.50
N PRO A 942 30.22 -12.50 -37.38
CA PRO A 942 29.46 -11.29 -37.05
C PRO A 942 29.42 -10.97 -35.56
N SER A 943 29.99 -11.82 -34.70
CA SER A 943 29.96 -11.61 -33.27
C SER A 943 31.21 -10.91 -32.75
N ALA A 944 32.02 -10.34 -33.64
CA ALA A 944 33.28 -9.73 -33.22
C ALA A 944 33.04 -8.52 -32.32
N LEU A 945 32.10 -7.65 -32.69
CA LEU A 945 31.89 -6.40 -31.97
C LEU A 945 30.84 -6.55 -30.88
N GLY A 946 30.98 -7.59 -30.06
CA GLY A 946 30.03 -7.81 -28.99
C GLY A 946 30.12 -6.76 -27.90
N LYS A 947 31.34 -6.34 -27.57
CA LYS A 947 31.51 -5.32 -26.53
C LYS A 947 30.88 -4.01 -26.95
N LEU A 948 30.99 -3.65 -28.23
CA LEU A 948 30.37 -2.42 -28.72
C LEU A 948 28.86 -2.58 -28.83
N GLN A 949 28.37 -3.77 -29.17
CA GLN A 949 26.93 -3.97 -29.30
C GLN A 949 26.23 -3.95 -27.95
N ASP A 950 26.89 -4.46 -26.90
CA ASP A 950 26.25 -4.58 -25.59
C ASP A 950 25.87 -3.21 -25.03
N VAL A 951 26.74 -2.21 -25.20
CA VAL A 951 26.46 -0.89 -24.66
C VAL A 951 25.20 -0.30 -25.31
N VAL A 952 25.12 -0.40 -26.64
CA VAL A 952 23.95 0.09 -27.35
C VAL A 952 22.70 -0.64 -26.90
N ASN A 953 22.79 -1.96 -26.77
CA ASN A 953 21.63 -2.74 -26.35
C ASN A 953 21.16 -2.31 -24.97
N GLN A 954 22.10 -2.14 -24.04
CA GLN A 954 21.73 -1.77 -22.67
C GLN A 954 21.07 -0.39 -22.63
N ASN A 955 21.64 0.58 -23.34
CA ASN A 955 21.07 1.92 -23.33
C ASN A 955 19.68 1.94 -23.95
N ALA A 956 19.52 1.27 -25.11
CA ALA A 956 18.22 1.24 -25.76
C ALA A 956 17.18 0.55 -24.88
N GLN A 957 17.56 -0.54 -24.23
CA GLN A 957 16.62 -1.28 -23.40
C GLN A 957 16.22 -0.48 -22.16
N ALA A 958 17.17 0.24 -21.56
CA ALA A 958 16.82 1.11 -20.44
C ALA A 958 15.86 2.21 -20.85
N LEU A 959 16.11 2.84 -22.01
CA LEU A 959 15.19 3.86 -22.49
C LEU A 959 13.82 3.28 -22.78
N ASN A 960 13.76 2.08 -23.34
CA ASN A 960 12.49 1.44 -23.62
C ASN A 960 11.72 1.15 -22.33
N THR A 961 12.44 0.70 -21.29
CA THR A 961 11.78 0.48 -20.00
C THR A 961 11.23 1.77 -19.43
N LEU A 962 12.01 2.86 -19.53
CA LEU A 962 11.52 4.16 -19.07
C LEU A 962 10.25 4.56 -19.81
N VAL A 963 10.21 4.36 -21.13
CA VAL A 963 9.01 4.68 -21.88
C VAL A 963 7.84 3.80 -21.44
N LYS A 964 8.09 2.51 -21.23
CA LYS A 964 7.03 1.59 -20.86
C LYS A 964 6.43 1.91 -19.51
N GLN A 965 7.23 2.47 -18.60
CA GLN A 965 6.71 2.78 -17.26
C GLN A 965 5.62 3.82 -17.25
N LEU A 966 5.39 4.54 -18.36
CA LEU A 966 4.39 5.60 -18.39
C LEU A 966 2.96 5.06 -18.37
N SER A 967 2.76 3.76 -18.49
CA SER A 967 1.42 3.18 -18.58
C SER A 967 1.09 2.34 -17.35
N SER A 968 1.46 2.82 -16.17
CA SER A 968 1.17 2.14 -14.91
C SER A 968 0.31 3.03 -14.03
N ASN A 969 -0.71 2.42 -13.41
CA ASN A 969 -1.62 3.19 -12.58
C ASN A 969 -0.98 3.63 -11.28
N PHE A 970 -0.09 2.80 -10.72
CA PHE A 970 0.52 3.04 -9.42
C PHE A 970 -0.53 3.21 -8.33
N GLY A 971 -1.68 2.55 -8.49
CA GLY A 971 -2.77 2.66 -7.55
C GLY A 971 -3.84 3.67 -7.93
N ALA A 972 -3.62 4.46 -8.97
CA ALA A 972 -4.61 5.44 -9.40
C ALA A 972 -5.71 4.76 -10.21
N ILE A 973 -6.79 5.50 -10.44
CA ILE A 973 -7.91 4.96 -11.21
C ILE A 973 -7.51 4.76 -12.66
N SER A 974 -6.65 5.63 -13.20
CA SER A 974 -6.22 5.52 -14.59
C SER A 974 -4.79 6.00 -14.69
N SER A 975 -4.12 5.59 -15.77
CA SER A 975 -2.75 6.00 -16.04
C SER A 975 -2.68 7.12 -17.07
N VAL A 976 -3.81 7.71 -17.44
CA VAL A 976 -3.86 8.82 -18.38
C VAL A 976 -4.23 10.08 -17.61
N LEU A 977 -3.41 11.13 -17.78
CA LEU A 977 -3.62 12.35 -17.01
C LEU A 977 -4.92 13.05 -17.39
N ASN A 978 -5.20 13.13 -18.70
CA ASN A 978 -6.39 13.83 -19.17
C ASN A 978 -7.66 13.14 -18.71
N ASP A 979 -7.67 11.82 -18.69
CA ASP A 979 -8.85 11.09 -18.21
C ASP A 979 -9.13 11.42 -16.75
N ILE A 980 -8.09 11.51 -15.92
CA ILE A 980 -8.27 11.89 -14.54
C ILE A 980 -8.81 13.32 -14.45
N LEU A 981 -8.21 14.24 -15.22
CA LEU A 981 -8.62 15.63 -15.14
C LEU A 981 -10.02 15.84 -15.69
N SER A 982 -10.38 15.13 -16.76
CA SER A 982 -11.67 15.30 -17.42
C SER A 982 -12.77 14.49 -16.78
N ARG A 983 -12.55 13.92 -15.59
CA ARG A 983 -13.56 13.10 -14.94
C ARG A 983 -13.75 13.40 -13.46
N LEU A 984 -12.82 14.09 -12.80
CA LEU A 984 -12.93 14.36 -11.38
C LEU A 984 -12.74 15.86 -11.13
N ASP A 985 -13.39 16.35 -10.09
CA ASP A 985 -13.14 17.71 -9.61
C ASP A 985 -11.82 17.76 -8.84
N PRO A 986 -11.22 18.94 -8.70
CA PRO A 986 -9.83 19.04 -8.21
C PRO A 986 -9.58 18.34 -6.88
N PRO A 987 -10.35 18.64 -5.82
CA PRO A 987 -9.95 18.14 -4.50
C PRO A 987 -9.90 16.62 -4.38
N GLU A 988 -10.59 15.88 -5.26
CA GLU A 988 -10.40 14.43 -5.30
C GLU A 988 -9.45 13.99 -6.40
N ALA A 989 -9.21 14.84 -7.41
CA ALA A 989 -8.21 14.50 -8.43
C ALA A 989 -6.79 14.60 -7.87
N GLU A 990 -6.59 15.41 -6.84
CA GLU A 990 -5.26 15.61 -6.29
C GLU A 990 -4.67 14.31 -5.75
N VAL A 991 -5.47 13.51 -5.04
CA VAL A 991 -4.94 12.31 -4.42
C VAL A 991 -4.56 11.26 -5.46
N GLN A 992 -5.06 11.38 -6.69
CA GLN A 992 -4.68 10.49 -7.77
C GLN A 992 -3.44 11.01 -8.48
N ILE A 993 -3.41 12.32 -8.73
CA ILE A 993 -2.26 12.94 -9.37
C ILE A 993 -1.01 12.72 -8.54
N ASP A 994 -1.16 12.78 -7.21
CA ASP A 994 0.00 12.64 -6.33
C ASP A 994 0.66 11.27 -6.46
N ARG A 995 -0.14 10.20 -6.49
CA ARG A 995 0.45 8.88 -6.59
C ARG A 995 1.03 8.62 -7.96
N LEU A 996 0.39 9.14 -9.01
CA LEU A 996 1.00 9.08 -10.33
C LEU A 996 2.37 9.76 -10.33
N ILE A 997 2.44 10.94 -9.71
CA ILE A 997 3.69 11.70 -9.65
C ILE A 997 4.75 10.92 -8.90
N THR A 998 4.39 10.32 -7.78
CA THR A 998 5.37 9.57 -6.99
C THR A 998 5.94 8.40 -7.80
N GLY A 999 5.07 7.65 -8.47
CA GLY A 999 5.56 6.54 -9.28
C GLY A 999 6.50 6.99 -10.38
N ARG A 1000 6.13 8.05 -11.10
CA ARG A 1000 6.96 8.50 -12.20
C ARG A 1000 8.30 9.05 -11.70
N LEU A 1001 8.29 9.74 -10.55
CA LEU A 1001 9.53 10.23 -9.96
C LEU A 1001 10.44 9.08 -9.58
N GLN A 1002 9.87 8.01 -9.01
CA GLN A 1002 10.69 6.85 -8.66
C GLN A 1002 11.33 6.24 -9.90
N SER A 1003 10.56 6.12 -10.99
CA SER A 1003 11.11 5.57 -12.22
C SER A 1003 12.27 6.42 -12.74
N LEU A 1004 12.10 7.74 -12.76
CA LEU A 1004 13.16 8.62 -13.23
C LEU A 1004 14.41 8.50 -12.37
N GLN A 1005 14.24 8.46 -11.04
CA GLN A 1005 15.39 8.35 -10.16
C GLN A 1005 16.16 7.07 -10.40
N THR A 1006 15.45 5.94 -10.55
CA THR A 1006 16.13 4.68 -10.81
C THR A 1006 16.91 4.74 -12.11
N TYR A 1007 16.30 5.28 -13.17
CA TYR A 1007 16.98 5.38 -14.45
C TYR A 1007 18.25 6.20 -14.33
N VAL A 1008 18.18 7.34 -13.62
CA VAL A 1008 19.34 8.21 -13.51
C VAL A 1008 20.47 7.52 -12.75
N THR A 1009 20.13 6.80 -11.67
CA THR A 1009 21.18 6.10 -10.92
C THR A 1009 21.88 5.06 -11.78
N GLN A 1010 21.11 4.27 -12.53
CA GLN A 1010 21.73 3.27 -13.39
C GLN A 1010 22.62 3.92 -14.44
N GLN A 1011 22.16 5.05 -15.01
CA GLN A 1011 22.97 5.75 -15.99
C GLN A 1011 24.29 6.24 -15.39
N LEU A 1012 24.25 6.73 -14.15
CA LEU A 1012 25.48 7.19 -13.50
C LEU A 1012 26.48 6.06 -13.36
N ILE A 1013 26.01 4.90 -12.89
CA ILE A 1013 26.92 3.76 -12.72
C ILE A 1013 27.52 3.33 -14.05
N ARG A 1014 26.66 3.26 -15.08
CA ARG A 1014 27.13 2.85 -16.40
C ARG A 1014 28.16 3.84 -16.95
N ALA A 1015 27.93 5.13 -16.73
CA ALA A 1015 28.87 6.14 -17.17
C ALA A 1015 30.21 5.99 -16.49
N ALA A 1016 30.20 5.66 -15.19
CA ALA A 1016 31.47 5.43 -14.49
C ALA A 1016 32.24 4.28 -15.13
N GLU A 1017 31.56 3.17 -15.42
CA GLU A 1017 32.24 2.04 -16.05
C GLU A 1017 32.79 2.41 -17.42
N ILE A 1018 32.01 3.15 -18.22
CA ILE A 1018 32.46 3.55 -19.55
C ILE A 1018 33.68 4.46 -19.44
N ARG A 1019 33.69 5.35 -18.44
CA ARG A 1019 34.85 6.22 -18.25
C ARG A 1019 36.09 5.43 -17.93
N ALA A 1020 35.97 4.40 -17.09
CA ALA A 1020 37.12 3.55 -16.81
C ALA A 1020 37.64 2.89 -18.08
N SER A 1021 36.72 2.38 -18.91
CA SER A 1021 37.14 1.76 -20.16
C SER A 1021 37.83 2.76 -21.09
N ALA A 1022 37.31 3.99 -21.15
CA ALA A 1022 37.93 5.01 -22.00
C ALA A 1022 39.32 5.39 -21.52
N ASN A 1023 39.51 5.45 -20.20
CA ASN A 1023 40.84 5.71 -19.66
C ASN A 1023 41.81 4.61 -20.06
N LEU A 1024 41.37 3.35 -19.97
CA LEU A 1024 42.22 2.24 -20.41
C LEU A 1024 42.57 2.38 -21.89
N ALA A 1025 41.59 2.75 -22.71
CA ALA A 1025 41.83 2.89 -24.15
C ALA A 1025 42.85 4.00 -24.42
N ALA A 1026 42.74 5.12 -23.72
CA ALA A 1026 43.69 6.21 -23.92
C ALA A 1026 45.10 5.78 -23.53
N THR A 1027 45.23 5.07 -22.40
CA THR A 1027 46.54 4.58 -21.99
C THR A 1027 47.12 3.62 -23.03
N LYS A 1028 46.28 2.71 -23.55
CA LYS A 1028 46.74 1.78 -24.57
C LYS A 1028 47.20 2.51 -25.83
N MET A 1029 46.44 3.52 -26.25
CA MET A 1029 46.88 4.31 -27.41
C MET A 1029 48.25 4.91 -27.15
N SER A 1030 48.41 5.59 -26.02
CA SER A 1030 49.66 6.29 -25.74
C SER A 1030 50.84 5.34 -25.67
N GLU A 1031 50.66 4.16 -25.07
CA GLU A 1031 51.81 3.29 -24.82
C GLU A 1031 52.05 2.25 -25.91
N CYS A 1032 51.06 1.90 -26.72
CA CYS A 1032 51.26 0.90 -27.76
C CYS A 1032 51.37 1.52 -29.15
N VAL A 1033 50.74 2.66 -29.41
CA VAL A 1033 50.75 3.26 -30.73
C VAL A 1033 51.87 4.29 -30.86
N LEU A 1034 52.08 5.10 -29.82
CA LEU A 1034 53.10 6.13 -29.84
C LEU A 1034 54.47 5.62 -29.40
N GLY A 1035 54.58 4.34 -29.05
CA GLY A 1035 55.86 3.79 -28.65
C GLY A 1035 55.81 2.27 -28.67
N GLN A 1036 56.88 1.67 -28.16
CA GLN A 1036 56.99 0.22 -28.04
C GLN A 1036 56.95 -0.16 -26.57
N SER A 1037 56.08 -1.09 -26.22
CA SER A 1037 55.81 -1.42 -24.83
C SER A 1037 56.53 -2.70 -24.44
N LYS A 1038 57.08 -2.71 -23.24
CA LYS A 1038 57.70 -3.91 -22.67
C LYS A 1038 56.82 -4.61 -21.64
N ARG A 1039 55.68 -4.03 -21.30
CA ARG A 1039 54.75 -4.69 -20.40
C ARG A 1039 54.16 -5.93 -21.06
N VAL A 1040 54.13 -7.04 -20.33
CA VAL A 1040 53.73 -8.31 -20.91
C VAL A 1040 52.22 -8.32 -21.12
N ASP A 1041 51.79 -8.69 -22.32
CA ASP A 1041 50.40 -8.86 -22.71
C ASP A 1041 49.61 -7.56 -22.66
N PHE A 1042 50.27 -6.41 -22.56
CA PHE A 1042 49.53 -5.15 -22.56
C PHE A 1042 49.06 -4.80 -23.97
N CYS A 1043 49.92 -5.00 -24.97
CA CYS A 1043 49.57 -4.78 -26.38
C CYS A 1043 49.72 -6.11 -27.09
N GLY A 1044 48.67 -6.92 -27.08
CA GLY A 1044 48.69 -8.20 -27.75
C GLY A 1044 49.47 -9.25 -26.99
N LYS A 1045 49.49 -10.45 -27.55
CA LYS A 1045 50.20 -11.58 -26.96
C LYS A 1045 51.42 -11.90 -27.80
N GLY A 1046 52.59 -11.87 -27.17
CA GLY A 1046 53.86 -12.06 -27.83
C GLY A 1046 54.80 -10.93 -27.47
N TYR A 1047 55.77 -10.68 -28.34
CA TYR A 1047 56.71 -9.57 -28.17
C TYR A 1047 56.23 -8.41 -29.03
N HIS A 1048 55.88 -7.30 -28.37
CA HIS A 1048 55.27 -6.17 -29.05
C HIS A 1048 56.24 -5.55 -30.05
N LEU A 1049 55.73 -5.24 -31.24
CA LEU A 1049 56.49 -4.52 -32.26
C LEU A 1049 55.86 -3.16 -32.55
N MET A 1050 54.58 -3.12 -32.92
CA MET A 1050 53.89 -1.88 -33.21
C MET A 1050 52.40 -2.13 -33.16
N SER A 1051 51.62 -1.05 -33.20
CA SER A 1051 50.17 -1.13 -33.18
C SER A 1051 49.59 -0.06 -34.09
N PHE A 1052 48.39 -0.34 -34.62
CA PHE A 1052 47.69 0.59 -35.50
C PHE A 1052 46.26 0.75 -35.00
N PRO A 1053 45.80 1.97 -34.77
CA PRO A 1053 44.42 2.18 -34.33
C PRO A 1053 43.45 2.34 -35.50
N GLN A 1054 42.23 1.87 -35.27
CA GLN A 1054 41.14 2.02 -36.22
C GLN A 1054 39.90 2.47 -35.47
N SER A 1055 39.17 3.41 -36.06
CA SER A 1055 37.97 3.96 -35.44
C SER A 1055 36.79 3.03 -35.62
N ALA A 1056 35.97 2.91 -34.60
CA ALA A 1056 34.77 2.11 -34.58
C ALA A 1056 33.64 2.93 -33.98
N PRO A 1057 32.39 2.58 -34.28
CA PRO A 1057 31.26 3.33 -33.69
C PRO A 1057 31.28 3.24 -32.17
N HIS A 1058 31.44 4.41 -31.53
CA HIS A 1058 31.50 4.53 -30.08
C HIS A 1058 32.64 3.72 -29.47
N GLY A 1059 33.73 3.56 -30.22
CA GLY A 1059 34.83 2.78 -29.71
C GLY A 1059 36.07 2.93 -30.57
N VAL A 1060 37.03 2.04 -30.33
CA VAL A 1060 38.30 2.03 -31.05
C VAL A 1060 38.78 0.59 -31.14
N VAL A 1061 39.49 0.28 -32.22
CA VAL A 1061 40.02 -1.05 -32.48
C VAL A 1061 41.51 -0.94 -32.70
N PHE A 1062 42.28 -1.78 -32.00
CA PHE A 1062 43.73 -1.80 -32.10
C PHE A 1062 44.17 -3.06 -32.84
N LEU A 1063 45.14 -2.90 -33.74
CA LEU A 1063 45.78 -4.03 -34.42
C LEU A 1063 47.20 -4.14 -33.90
N HIS A 1064 47.46 -5.18 -33.11
CA HIS A 1064 48.74 -5.38 -32.46
C HIS A 1064 49.60 -6.30 -33.31
N VAL A 1065 50.79 -5.83 -33.68
CA VAL A 1065 51.77 -6.62 -34.41
C VAL A 1065 52.80 -7.14 -33.42
N THR A 1066 52.96 -8.45 -33.35
CA THR A 1066 53.82 -9.08 -32.37
C THR A 1066 54.76 -10.08 -33.03
N TYR A 1067 55.85 -10.37 -32.32
CA TYR A 1067 56.86 -11.31 -32.77
C TYR A 1067 56.72 -12.61 -31.97
N VAL A 1068 56.59 -13.73 -32.67
CA VAL A 1068 56.35 -15.02 -32.05
C VAL A 1068 57.41 -16.01 -32.51
N PRO A 1069 58.18 -16.63 -31.60
CA PRO A 1069 59.16 -17.63 -32.02
C PRO A 1069 58.50 -18.91 -32.51
N ALA A 1070 59.25 -19.68 -33.28
CA ALA A 1070 58.74 -20.91 -33.85
C ALA A 1070 59.89 -21.85 -34.17
N GLN A 1071 59.57 -23.12 -34.33
CA GLN A 1071 60.51 -24.16 -34.75
C GLN A 1071 61.72 -24.22 -33.82
N GLU A 1072 61.45 -24.54 -32.55
CA GLU A 1072 62.51 -24.64 -31.56
C GLU A 1072 63.31 -25.92 -31.73
N LYS A 1073 64.51 -25.92 -31.18
CA LYS A 1073 65.38 -27.10 -31.20
C LYS A 1073 66.20 -27.11 -29.91
N ASN A 1074 66.38 -28.30 -29.35
CA ASN A 1074 67.02 -28.43 -28.05
C ASN A 1074 68.51 -28.70 -28.20
N PHE A 1075 69.28 -28.16 -27.26
CA PHE A 1075 70.73 -28.25 -27.26
C PHE A 1075 71.22 -28.54 -25.85
N THR A 1076 72.54 -28.71 -25.73
CA THR A 1076 73.21 -28.83 -24.45
C THR A 1076 73.89 -27.52 -24.11
N THR A 1077 73.73 -27.07 -22.87
CA THR A 1077 74.23 -25.77 -22.45
C THR A 1077 75.06 -25.91 -21.19
N ALA A 1078 75.96 -24.94 -20.99
CA ALA A 1078 76.82 -24.85 -19.83
C ALA A 1078 76.83 -23.41 -19.34
N PRO A 1079 77.03 -23.19 -18.03
CA PRO A 1079 77.01 -21.81 -17.51
C PRO A 1079 78.30 -21.06 -17.79
N ALA A 1080 79.42 -21.76 -17.89
CA ALA A 1080 80.70 -21.11 -18.11
C ALA A 1080 81.66 -22.05 -18.82
N ILE A 1081 82.72 -21.49 -19.37
CA ILE A 1081 83.73 -22.23 -20.11
C ILE A 1081 85.07 -22.04 -19.43
N CYS A 1082 85.77 -23.14 -19.16
CA CYS A 1082 87.06 -23.11 -18.50
C CYS A 1082 88.18 -23.16 -19.52
N HIS A 1083 89.07 -22.17 -19.47
CA HIS A 1083 90.21 -22.09 -20.38
C HIS A 1083 91.35 -21.40 -19.67
N ASP A 1084 92.52 -22.04 -19.67
CA ASP A 1084 93.71 -21.54 -19.00
C ASP A 1084 93.46 -21.31 -17.51
N GLY A 1085 92.66 -22.17 -16.89
CA GLY A 1085 92.33 -22.01 -15.48
C GLY A 1085 91.50 -20.79 -15.17
N LYS A 1086 90.76 -20.27 -16.14
CA LYS A 1086 89.95 -19.08 -15.96
C LYS A 1086 88.53 -19.35 -16.43
N ALA A 1087 87.57 -18.73 -15.76
CA ALA A 1087 86.16 -18.89 -16.11
C ALA A 1087 85.74 -17.80 -17.08
N HIS A 1088 85.02 -18.21 -18.12
CA HIS A 1088 84.53 -17.30 -19.15
C HIS A 1088 83.01 -17.33 -19.18
N PHE A 1089 82.41 -16.15 -19.27
CA PHE A 1089 80.97 -16.02 -19.36
C PHE A 1089 80.60 -15.28 -20.64
N PRO A 1090 79.45 -15.59 -21.24
CA PRO A 1090 79.06 -14.92 -22.49
C PRO A 1090 78.75 -13.45 -22.24
N ARG A 1091 79.30 -12.59 -23.10
CA ARG A 1091 79.04 -11.16 -22.98
C ARG A 1091 77.55 -10.87 -23.17
N GLU A 1092 76.94 -11.47 -24.20
CA GLU A 1092 75.50 -11.38 -24.39
C GLU A 1092 75.10 -12.60 -25.22
N GLY A 1093 74.56 -13.61 -24.56
CA GLY A 1093 74.17 -14.81 -25.25
C GLY A 1093 74.18 -15.99 -24.29
N VAL A 1094 74.37 -17.18 -24.86
CA VAL A 1094 74.36 -18.41 -24.10
C VAL A 1094 75.18 -19.45 -24.85
N PHE A 1095 75.85 -20.33 -24.10
CA PHE A 1095 76.69 -21.37 -24.71
C PHE A 1095 75.84 -22.57 -25.07
N VAL A 1096 76.04 -23.09 -26.29
CA VAL A 1096 75.33 -24.27 -26.77
C VAL A 1096 76.30 -25.15 -27.53
N SER A 1097 75.85 -26.37 -27.83
CA SER A 1097 76.62 -27.33 -28.61
C SER A 1097 75.66 -28.34 -29.22
N ASN A 1098 76.00 -28.88 -30.40
CA ASN A 1098 75.17 -29.99 -30.84
C ASN A 1098 75.50 -31.27 -30.10
N GLY A 1099 76.65 -31.32 -29.43
CA GLY A 1099 77.14 -32.54 -28.84
C GLY A 1099 78.63 -32.72 -29.08
N THR A 1100 79.17 -32.01 -30.07
CA THR A 1100 80.57 -32.12 -30.41
C THR A 1100 81.33 -30.81 -30.24
N HIS A 1101 80.84 -29.70 -30.79
CA HIS A 1101 81.51 -28.42 -30.74
C HIS A 1101 80.64 -27.38 -30.05
N TRP A 1102 81.28 -26.44 -29.37
CA TRP A 1102 80.60 -25.46 -28.54
C TRP A 1102 80.57 -24.10 -29.25
N PHE A 1103 79.43 -23.41 -29.13
CA PHE A 1103 79.25 -22.10 -29.74
C PHE A 1103 78.55 -21.18 -28.75
N VAL A 1104 78.44 -19.91 -29.14
CA VAL A 1104 77.71 -18.89 -28.38
C VAL A 1104 76.70 -18.25 -29.32
N THR A 1105 75.45 -18.16 -28.86
CA THR A 1105 74.37 -17.63 -29.68
C THR A 1105 73.48 -16.73 -28.84
N GLN A 1106 72.71 -15.90 -29.54
CA GLN A 1106 71.72 -15.07 -28.85
C GLN A 1106 70.54 -15.91 -28.40
N ARG A 1107 69.80 -15.38 -27.43
CA ARG A 1107 68.81 -16.18 -26.71
C ARG A 1107 67.50 -16.34 -27.46
N ASN A 1108 67.23 -15.52 -28.47
CA ASN A 1108 65.93 -15.52 -29.13
C ASN A 1108 65.97 -15.98 -30.58
N PHE A 1109 67.14 -16.34 -31.09
CA PHE A 1109 67.27 -16.78 -32.48
C PHE A 1109 68.55 -17.57 -32.61
N TYR A 1110 68.47 -18.77 -33.16
CA TYR A 1110 69.64 -19.63 -33.26
C TYR A 1110 70.61 -19.07 -34.28
N GLU A 1111 71.83 -18.79 -33.84
CA GLU A 1111 72.87 -18.24 -34.70
C GLU A 1111 74.23 -18.55 -34.07
N PRO A 1112 74.74 -19.76 -34.23
CA PRO A 1112 75.99 -20.14 -33.55
C PRO A 1112 77.17 -19.34 -34.06
N GLN A 1113 78.12 -19.10 -33.15
CA GLN A 1113 79.33 -18.36 -33.46
C GLN A 1113 80.50 -18.96 -32.69
N ILE A 1114 81.70 -18.74 -33.21
CA ILE A 1114 82.91 -19.24 -32.56
C ILE A 1114 83.16 -18.46 -31.28
N ILE A 1115 83.47 -19.17 -30.20
CA ILE A 1115 83.71 -18.55 -28.90
C ILE A 1115 85.10 -17.92 -28.92
N THR A 1116 85.16 -16.60 -28.88
CA THR A 1116 86.40 -15.85 -28.84
C THR A 1116 86.43 -14.99 -27.59
N THR A 1117 87.53 -14.24 -27.43
CA THR A 1117 87.63 -13.30 -26.33
C THR A 1117 86.81 -12.04 -26.54
N ASP A 1118 86.28 -11.84 -27.76
CA ASP A 1118 85.51 -10.64 -28.04
C ASP A 1118 84.10 -10.73 -27.47
N ASN A 1119 83.48 -11.90 -27.54
CA ASN A 1119 82.09 -12.07 -27.10
C ASN A 1119 81.98 -12.71 -25.73
N THR A 1120 83.07 -12.79 -24.97
CA THR A 1120 83.06 -13.32 -23.61
C THR A 1120 83.87 -12.39 -22.71
N PHE A 1121 83.75 -12.62 -21.40
CA PHE A 1121 84.57 -11.93 -20.43
C PHE A 1121 84.98 -12.91 -19.33
N VAL A 1122 86.07 -12.60 -18.65
CA VAL A 1122 86.70 -13.49 -17.69
C VAL A 1122 86.44 -12.98 -16.29
N SER A 1123 86.12 -13.89 -15.38
CA SER A 1123 85.90 -13.53 -13.97
C SER A 1123 86.15 -14.76 -13.10
N GLY A 1124 87.32 -14.81 -12.47
CA GLY A 1124 87.59 -15.84 -11.49
C GLY A 1124 88.27 -17.07 -12.05
N ASN A 1125 88.28 -18.12 -11.22
CA ASN A 1125 88.90 -19.38 -11.54
C ASN A 1125 87.84 -20.40 -11.95
N CYS A 1126 88.25 -21.66 -12.10
CA CYS A 1126 87.36 -22.74 -12.51
C CYS A 1126 86.96 -23.64 -11.34
N ASP A 1127 86.77 -23.07 -10.15
CA ASP A 1127 86.45 -23.85 -8.97
C ASP A 1127 85.14 -23.47 -8.31
N VAL A 1128 84.71 -22.22 -8.40
CA VAL A 1128 83.52 -21.76 -7.67
C VAL A 1128 82.23 -21.94 -8.45
N VAL A 1129 82.31 -22.30 -9.73
CA VAL A 1129 81.13 -22.41 -10.59
C VAL A 1129 80.79 -23.88 -10.76
N ILE A 1130 79.52 -24.22 -10.55
CA ILE A 1130 79.04 -25.59 -10.68
C ILE A 1130 78.54 -25.78 -12.10
N GLY A 1131 79.13 -26.72 -12.82
CA GLY A 1131 78.78 -26.99 -14.19
C GLY A 1131 79.72 -26.44 -15.24
N ILE A 1132 80.87 -25.88 -14.83
CA ILE A 1132 81.83 -25.35 -15.79
C ILE A 1132 82.40 -26.51 -16.61
N VAL A 1133 82.71 -26.22 -17.87
CA VAL A 1133 83.23 -27.21 -18.80
C VAL A 1133 84.50 -26.68 -19.46
N ASN A 1134 85.31 -27.59 -19.97
CA ASN A 1134 86.50 -27.23 -20.72
C ASN A 1134 86.21 -27.02 -22.19
N ASN A 1135 86.84 -26.01 -22.77
CA ASN A 1135 86.80 -25.73 -24.20
C ASN A 1135 87.90 -24.74 -24.51
N THR A 1136 87.97 -24.30 -25.76
CA THR A 1136 89.00 -23.38 -26.22
C THR A 1136 88.37 -22.04 -26.55
N VAL A 1137 88.99 -20.96 -26.09
CA VAL A 1137 88.56 -19.61 -26.39
C VAL A 1137 89.55 -19.04 -27.40
N TYR A 1138 89.09 -18.82 -28.62
CA TYR A 1138 89.96 -18.40 -29.71
C TYR A 1138 90.40 -16.94 -29.52
N ASP A 1139 91.65 -16.66 -29.86
CA ASP A 1139 92.19 -15.32 -29.74
C ASP A 1139 92.40 -14.72 -31.13
N PRO A 1140 91.66 -13.67 -31.51
CA PRO A 1140 91.85 -13.11 -32.86
C PRO A 1140 93.23 -12.54 -33.11
N LEU A 1141 93.90 -12.05 -32.08
CA LEU A 1141 95.20 -11.41 -32.25
C LEU A 1141 96.33 -12.41 -32.51
N GLN A 1142 96.17 -13.66 -32.06
CA GLN A 1142 97.24 -14.63 -32.21
C GLN A 1142 97.65 -14.89 -33.66
N PRO A 1143 96.73 -15.09 -34.61
CA PRO A 1143 97.18 -15.23 -36.01
C PRO A 1143 97.92 -14.02 -36.54
N GLU A 1144 97.54 -12.81 -36.12
CA GLU A 1144 98.26 -11.61 -36.51
C GLU A 1144 99.59 -11.44 -35.78
N LEU A 1145 99.80 -12.18 -34.68
CA LEU A 1145 101.07 -12.11 -33.98
C LEU A 1145 102.22 -12.61 -34.86
N ASP A 1146 101.93 -13.47 -35.83
CA ASP A 1146 102.99 -14.01 -36.68
C ASP A 1146 103.68 -12.90 -37.48
N SER A 1147 102.90 -11.98 -38.01
CA SER A 1147 103.46 -10.87 -38.79
C SER A 1147 103.68 -9.65 -37.91
N GLN B 14 -11.66 -8.40 62.70
CA GLN B 14 -11.08 -7.35 63.52
C GLN B 14 -9.57 -7.27 63.28
N CYS B 15 -8.95 -6.23 63.84
CA CYS B 15 -7.51 -6.07 63.71
C CYS B 15 -6.97 -5.32 64.92
N VAL B 16 -5.83 -5.77 65.43
CA VAL B 16 -5.24 -5.19 66.63
C VAL B 16 -4.34 -4.02 66.24
N ASN B 17 -4.54 -2.89 66.89
CA ASN B 17 -3.72 -1.71 66.66
C ASN B 17 -2.43 -1.86 67.45
N LEU B 18 -1.32 -2.11 66.74
CA LEU B 18 -0.03 -2.36 67.37
C LEU B 18 0.88 -1.16 67.19
N THR B 19 1.51 -0.73 68.29
CA THR B 19 2.43 0.40 68.26
C THR B 19 3.69 0.16 69.08
N THR B 20 4.06 -1.10 69.32
CA THR B 20 5.21 -1.41 70.16
C THR B 20 6.54 -1.26 69.43
N ARG B 21 6.53 -1.00 68.13
CA ARG B 21 7.78 -0.90 67.38
C ARG B 21 8.53 0.38 67.75
N THR B 22 9.82 0.39 67.44
CA THR B 22 10.67 1.55 67.65
C THR B 22 10.95 2.21 66.31
N GLN B 23 10.80 3.54 66.26
CA GLN B 23 10.96 4.27 65.02
C GLN B 23 12.44 4.38 64.66
N LEU B 24 12.81 3.79 63.52
CA LEU B 24 14.19 3.76 63.05
C LEU B 24 14.24 4.20 61.60
N PRO B 25 15.35 4.78 61.17
CA PRO B 25 15.49 5.21 59.77
C PRO B 25 16.02 4.10 58.87
N PRO B 26 15.17 3.54 58.01
CA PRO B 26 15.57 2.39 57.21
C PRO B 26 16.75 2.69 56.30
N ALA B 27 17.62 1.69 56.14
CA ALA B 27 18.84 1.82 55.36
C ALA B 27 18.54 1.67 53.87
N TYR B 28 19.58 1.82 53.06
CA TYR B 28 19.50 1.67 51.62
C TYR B 28 20.57 0.68 51.16
N THR B 29 20.39 0.17 49.94
CA THR B 29 21.29 -0.84 49.40
C THR B 29 21.46 -0.59 47.91
N ASN B 30 22.49 -1.19 47.34
CA ASN B 30 22.75 -1.13 45.90
C ASN B 30 22.30 -2.44 45.26
N SER B 31 21.36 -2.35 44.32
CA SER B 31 20.92 -3.50 43.53
C SER B 31 21.90 -3.65 42.37
N PHE B 32 22.92 -4.48 42.58
CA PHE B 32 24.06 -4.55 41.68
C PHE B 32 23.68 -5.00 40.28
N THR B 33 23.17 -6.22 40.15
CA THR B 33 22.88 -6.80 38.84
C THR B 33 21.51 -7.45 38.74
N ARG B 34 20.94 -7.93 39.84
CA ARG B 34 19.68 -8.66 39.81
C ARG B 34 18.55 -7.80 39.24
N GLY B 35 17.55 -8.48 38.69
CA GLY B 35 16.38 -7.80 38.15
C GLY B 35 16.15 -8.03 36.68
N VAL B 36 16.56 -9.18 36.17
CA VAL B 36 16.43 -9.53 34.76
C VAL B 36 15.40 -10.64 34.62
N TYR B 37 14.48 -10.48 33.69
CA TYR B 37 13.45 -11.48 33.41
C TYR B 37 13.35 -11.70 31.91
N TYR B 38 12.77 -12.83 31.54
CA TYR B 38 12.60 -13.16 30.13
C TYR B 38 11.53 -12.26 29.53
N PRO B 39 11.85 -11.47 28.50
CA PRO B 39 10.85 -10.51 28.00
C PRO B 39 9.71 -11.16 27.23
N ASP B 40 10.01 -12.16 26.40
CA ASP B 40 9.00 -12.78 25.54
C ASP B 40 9.08 -14.29 25.67
N LYS B 41 8.11 -14.97 25.08
CA LYS B 41 7.99 -16.42 25.13
C LYS B 41 8.68 -17.07 23.93
N VAL B 42 9.94 -16.73 23.70
CA VAL B 42 10.66 -17.17 22.51
C VAL B 42 11.95 -17.85 22.93
N PHE B 43 12.29 -18.95 22.24
CA PHE B 43 13.51 -19.70 22.51
C PHE B 43 14.61 -19.24 21.55
N ARG B 44 15.77 -18.91 22.11
CA ARG B 44 16.93 -18.51 21.33
C ARG B 44 18.16 -19.24 21.86
N SER B 45 19.08 -19.56 20.95
CA SER B 45 20.28 -20.30 21.30
C SER B 45 21.50 -19.60 20.71
N SER B 46 22.49 -19.36 21.56
CA SER B 46 23.79 -18.79 21.14
C SER B 46 23.61 -17.50 20.36
N VAL B 47 22.74 -16.63 20.86
CA VAL B 47 22.39 -15.39 20.18
C VAL B 47 22.40 -14.25 21.19
N LEU B 48 23.00 -13.13 20.80
CA LEU B 48 22.92 -11.89 21.57
C LEU B 48 21.74 -11.08 21.05
N HIS B 49 20.80 -10.76 21.93
CA HIS B 49 19.58 -10.08 21.55
C HIS B 49 19.43 -8.78 22.32
N SER B 50 18.99 -7.73 21.63
CA SER B 50 18.78 -6.42 22.23
C SER B 50 17.29 -6.09 22.21
N THR B 51 16.78 -5.62 23.33
CA THR B 51 15.37 -5.32 23.47
C THR B 51 15.18 -4.08 24.34
N GLN B 52 14.04 -3.41 24.13
CA GLN B 52 13.65 -2.25 24.92
C GLN B 52 12.40 -2.59 25.69
N ASP B 53 12.47 -2.47 27.02
CA ASP B 53 11.38 -2.85 27.90
C ASP B 53 11.69 -2.29 29.28
N LEU B 54 10.68 -2.30 30.15
CA LEU B 54 10.83 -1.78 31.51
C LEU B 54 11.69 -2.75 32.32
N PHE B 55 12.90 -2.31 32.69
CA PHE B 55 13.82 -3.09 33.49
C PHE B 55 14.26 -2.29 34.69
N LEU B 56 15.01 -2.95 35.58
CA LEU B 56 15.61 -2.29 36.72
C LEU B 56 17.05 -1.95 36.38
N PRO B 57 17.43 -0.67 36.36
CA PRO B 57 18.79 -0.30 35.96
C PRO B 57 19.83 -0.92 36.88
N PHE B 58 20.98 -1.28 36.29
CA PHE B 58 22.06 -1.87 37.05
C PHE B 58 22.60 -0.88 38.07
N PHE B 59 23.01 -1.40 39.23
CA PHE B 59 23.56 -0.60 40.31
C PHE B 59 22.60 0.54 40.68
N SER B 60 21.44 0.15 41.20
CA SER B 60 20.33 1.06 41.39
C SER B 60 20.05 1.28 42.87
N ASN B 61 19.53 2.46 43.17
CA ASN B 61 19.25 2.86 44.54
C ASN B 61 18.00 2.10 45.01
N VAL B 62 18.12 1.27 46.05
CA VAL B 62 16.98 0.53 46.54
C VAL B 62 16.87 0.68 48.05
N THR B 63 15.64 0.57 48.55
CA THR B 63 15.37 0.69 49.97
C THR B 63 15.68 -0.61 50.70
N TRP B 64 15.54 -0.58 52.02
CA TRP B 64 15.77 -1.73 52.87
C TRP B 64 14.74 -1.72 53.99
N PHE B 65 14.16 -2.88 54.28
CA PHE B 65 13.19 -3.01 55.37
C PHE B 65 13.54 -4.23 56.20
N HIS B 66 13.28 -4.13 57.51
CA HIS B 66 13.66 -5.16 58.46
C HIS B 66 12.44 -5.61 59.26
N ALA B 67 12.44 -6.89 59.62
CA ALA B 67 11.44 -7.48 60.49
C ALA B 67 12.14 -8.31 61.54
N ILE B 68 11.67 -8.24 62.78
CA ILE B 68 12.26 -8.96 63.90
C ILE B 68 13.71 -8.56 64.10
N LYS B 77 10.21 -6.09 69.34
CA LYS B 77 11.25 -5.79 68.36
C LYS B 77 10.81 -4.65 67.44
N ARG B 78 11.37 -4.62 66.23
CA ARG B 78 11.08 -3.58 65.25
C ARG B 78 10.56 -4.21 63.97
N PHE B 79 9.44 -3.68 63.48
CA PHE B 79 8.86 -4.13 62.21
C PHE B 79 8.06 -2.97 61.62
N ASP B 80 7.81 -3.06 60.31
CA ASP B 80 7.15 -1.97 59.60
C ASP B 80 6.50 -2.49 58.32
N ASN B 81 5.34 -1.92 57.99
CA ASN B 81 4.58 -2.27 56.78
C ASN B 81 4.15 -1.01 56.06
N PRO B 82 5.08 -0.27 55.45
CA PRO B 82 4.70 0.96 54.74
C PRO B 82 3.86 0.66 53.52
N VAL B 83 3.05 1.65 53.15
CA VAL B 83 2.22 1.57 51.93
C VAL B 83 3.05 2.20 50.82
N LEU B 84 3.90 1.39 50.21
CA LEU B 84 4.79 1.86 49.15
C LEU B 84 4.01 2.06 47.85
N PRO B 85 4.44 3.02 47.03
CA PRO B 85 3.75 3.25 45.75
C PRO B 85 4.12 2.20 44.70
N PHE B 86 3.21 2.07 43.73
CA PHE B 86 3.38 1.18 42.57
C PHE B 86 3.18 2.04 41.34
N ASN B 87 4.26 2.66 40.86
CA ASN B 87 4.14 3.64 39.79
C ASN B 87 4.15 2.99 38.42
N ASP B 88 5.20 2.21 38.11
CA ASP B 88 5.32 1.62 36.80
C ASP B 88 5.82 0.18 36.84
N GLY B 89 5.96 -0.41 38.02
CA GLY B 89 6.49 -1.75 38.16
C GLY B 89 7.37 -1.78 39.40
N VAL B 90 7.48 -2.96 40.01
CA VAL B 90 8.19 -3.12 41.26
C VAL B 90 9.03 -4.39 41.21
N TYR B 91 10.29 -4.28 41.61
CA TYR B 91 11.15 -5.44 41.81
C TYR B 91 11.16 -5.77 43.31
N PHE B 92 10.69 -6.96 43.65
CA PHE B 92 10.59 -7.39 45.04
C PHE B 92 11.53 -8.57 45.27
N ALA B 93 12.34 -8.47 46.32
CA ALA B 93 13.27 -9.53 46.68
C ALA B 93 13.22 -9.74 48.18
N SER B 94 13.57 -10.95 48.61
CA SER B 94 13.57 -11.29 50.03
C SER B 94 14.54 -12.44 50.25
N THR B 95 15.55 -12.22 51.08
CA THR B 95 16.51 -13.25 51.46
C THR B 95 16.19 -13.84 52.83
N GLU B 96 14.96 -13.64 53.30
CA GLU B 96 14.55 -14.01 54.64
C GLU B 96 14.39 -15.53 54.78
N LYS B 97 14.05 -15.96 55.99
CA LYS B 97 13.96 -17.37 56.33
C LYS B 97 12.69 -17.61 57.14
N SER B 98 12.28 -18.89 57.20
CA SER B 98 11.13 -19.34 57.97
C SER B 98 9.82 -18.76 57.43
N ASN B 99 9.79 -18.45 56.14
CA ASN B 99 8.61 -17.99 55.40
C ASN B 99 7.77 -17.01 56.21
N ILE B 100 8.42 -15.96 56.70
CA ILE B 100 7.69 -14.88 57.37
C ILE B 100 6.87 -14.09 56.36
N ILE B 101 7.43 -13.86 55.17
CA ILE B 101 6.70 -13.16 54.12
C ILE B 101 5.45 -13.94 53.75
N ARG B 102 4.33 -13.24 53.62
CA ARG B 102 3.05 -13.87 53.33
C ARG B 102 2.51 -13.53 51.95
N GLY B 103 2.34 -12.24 51.66
CA GLY B 103 1.74 -11.86 50.40
C GLY B 103 1.71 -10.36 50.23
N TRP B 104 0.89 -9.91 49.28
CA TRP B 104 0.83 -8.50 48.92
C TRP B 104 -0.61 -8.09 48.70
N ILE B 105 -0.84 -6.78 48.76
CA ILE B 105 -2.13 -6.17 48.45
C ILE B 105 -1.89 -5.06 47.43
N PHE B 106 -2.67 -5.06 46.35
CA PHE B 106 -2.57 -4.04 45.32
C PHE B 106 -3.92 -3.37 45.13
N GLY B 107 -3.87 -2.10 44.73
CA GLY B 107 -5.08 -1.35 44.49
C GLY B 107 -4.79 0.13 44.44
N THR B 108 -5.86 0.91 44.35
CA THR B 108 -5.79 2.36 44.30
C THR B 108 -6.04 3.01 45.66
N THR B 109 -7.13 2.64 46.33
CA THR B 109 -7.46 3.21 47.63
C THR B 109 -7.41 2.19 48.77
N LEU B 110 -7.38 0.89 48.47
CA LEU B 110 -7.26 -0.16 49.48
C LEU B 110 -8.40 -0.09 50.50
N ASP B 111 -9.62 0.14 50.03
CA ASP B 111 -10.78 0.17 50.89
C ASP B 111 -11.98 -0.36 50.10
N SER B 112 -13.18 -0.15 50.64
CA SER B 112 -14.38 -0.79 50.11
C SER B 112 -14.98 -0.09 48.91
N LYS B 113 -14.56 1.13 48.58
CA LYS B 113 -15.16 1.83 47.45
C LYS B 113 -14.52 1.48 46.12
N THR B 114 -13.35 0.84 46.12
CA THR B 114 -12.65 0.48 44.90
C THR B 114 -12.15 -0.96 44.98
N GLN B 115 -12.02 -1.59 43.82
CA GLN B 115 -11.51 -2.95 43.75
C GLN B 115 -10.03 -2.99 44.14
N SER B 116 -9.64 -4.09 44.78
CA SER B 116 -8.27 -4.29 45.20
C SER B 116 -7.84 -5.71 44.92
N LEU B 117 -6.56 -5.88 44.60
CA LEU B 117 -5.98 -7.18 44.34
C LEU B 117 -5.39 -7.75 45.62
N LEU B 118 -5.66 -9.02 45.88
CA LEU B 118 -5.24 -9.69 47.10
C LEU B 118 -4.48 -10.96 46.74
N ILE B 119 -3.30 -11.14 47.34
CA ILE B 119 -2.51 -12.36 47.20
C ILE B 119 -1.91 -12.69 48.56
N VAL B 120 -2.28 -13.86 49.10
CA VAL B 120 -1.71 -14.35 50.35
C VAL B 120 -1.29 -15.80 50.15
N ASN B 121 -0.39 -16.26 51.02
CA ASN B 121 0.05 -17.65 51.04
C ASN B 121 -0.16 -18.13 52.48
N ASN B 122 -1.36 -18.58 52.77
CA ASN B 122 -1.70 -19.09 54.10
C ASN B 122 -1.19 -20.53 54.24
N ALA B 123 -1.50 -21.17 55.37
CA ALA B 123 -0.85 -22.41 55.72
C ALA B 123 -1.11 -23.52 54.71
N THR B 124 -2.26 -23.49 54.02
CA THR B 124 -2.64 -24.59 53.14
C THR B 124 -2.59 -24.25 51.67
N ASN B 125 -2.96 -23.04 51.27
CA ASN B 125 -3.08 -22.70 49.86
C ASN B 125 -2.84 -21.21 49.68
N VAL B 126 -2.82 -20.78 48.42
CA VAL B 126 -2.68 -19.38 48.07
C VAL B 126 -4.02 -18.89 47.53
N VAL B 127 -4.39 -17.68 47.92
CA VAL B 127 -5.67 -17.08 47.56
C VAL B 127 -5.40 -15.84 46.73
N ILE B 128 -6.01 -15.77 45.55
CA ILE B 128 -5.95 -14.60 44.69
C ILE B 128 -7.38 -14.15 44.44
N LYS B 129 -7.68 -12.90 44.81
CA LYS B 129 -9.03 -12.38 44.71
C LYS B 129 -8.99 -10.93 44.25
N VAL B 130 -10.10 -10.48 43.66
CA VAL B 130 -10.28 -9.09 43.26
C VAL B 130 -11.56 -8.62 43.94
N CYS B 131 -11.42 -8.06 45.15
CA CYS B 131 -12.57 -7.64 45.94
C CYS B 131 -12.27 -6.28 46.55
N GLU B 132 -13.33 -5.55 46.87
CA GLU B 132 -13.20 -4.27 47.58
C GLU B 132 -13.16 -4.53 49.08
N PHE B 133 -12.03 -5.06 49.52
CA PHE B 133 -11.84 -5.40 50.91
C PHE B 133 -11.87 -4.15 51.79
N GLN B 134 -12.36 -4.32 53.02
CA GLN B 134 -12.25 -3.28 54.04
C GLN B 134 -10.93 -3.52 54.78
N PHE B 135 -9.84 -3.11 54.14
CA PHE B 135 -8.52 -3.33 54.70
C PHE B 135 -8.32 -2.53 55.98
N CYS B 136 -7.72 -3.18 56.98
CA CYS B 136 -7.31 -2.47 58.17
C CYS B 136 -6.01 -1.70 57.90
N ASN B 137 -5.73 -0.73 58.77
CA ASN B 137 -4.55 0.10 58.58
C ASN B 137 -3.27 -0.71 58.72
N ASP B 138 -3.28 -1.79 59.51
CA ASP B 138 -2.12 -2.65 59.72
C ASP B 138 -2.51 -4.10 59.46
N PRO B 139 -2.53 -4.52 58.19
CA PRO B 139 -2.77 -5.94 57.89
C PRO B 139 -1.70 -6.81 58.53
N PHE B 140 -2.11 -7.97 59.01
CA PHE B 140 -1.24 -8.79 59.85
C PHE B 140 -1.82 -10.18 59.95
N LEU B 141 -0.95 -11.20 59.88
CA LEU B 141 -1.34 -12.59 60.01
C LEU B 141 -0.78 -13.17 61.30
N GLY B 142 -1.65 -13.71 62.13
CA GLY B 142 -1.24 -14.30 63.39
C GLY B 142 -0.39 -15.55 63.23
N MET B 153 2.48 -24.02 64.67
CA MET B 153 1.70 -23.11 65.49
C MET B 153 0.33 -22.83 64.86
N GLU B 154 -0.10 -21.58 64.93
CA GLU B 154 -1.41 -21.18 64.45
C GLU B 154 -1.30 -19.84 63.75
N SER B 155 -2.25 -19.57 62.86
CA SER B 155 -2.30 -18.32 62.11
C SER B 155 -3.66 -17.68 62.27
N GLU B 156 -3.70 -16.34 62.19
CA GLU B 156 -4.92 -15.57 62.34
C GLU B 156 -5.02 -14.57 61.20
N PHE B 157 -6.05 -14.71 60.37
CA PHE B 157 -6.26 -13.82 59.24
C PHE B 157 -6.88 -12.52 59.75
N ARG B 158 -6.11 -11.42 59.70
CA ARG B 158 -6.53 -10.16 60.30
C ARG B 158 -6.18 -8.99 59.39
N VAL B 159 -6.45 -9.13 58.10
CA VAL B 159 -6.07 -8.12 57.13
C VAL B 159 -7.28 -7.36 56.55
N TYR B 160 -8.45 -7.98 56.50
CA TYR B 160 -9.62 -7.33 55.92
C TYR B 160 -10.84 -7.65 56.77
N SER B 161 -11.91 -6.90 56.54
CA SER B 161 -13.15 -7.06 57.29
C SER B 161 -14.33 -7.49 56.43
N SER B 162 -14.50 -6.90 55.25
CA SER B 162 -15.65 -7.18 54.40
C SER B 162 -15.19 -7.38 52.96
N ALA B 163 -16.10 -7.93 52.16
CA ALA B 163 -15.85 -8.14 50.74
C ALA B 163 -17.20 -8.16 50.03
N ASN B 164 -17.46 -7.16 49.19
CA ASN B 164 -18.79 -7.03 48.58
C ASN B 164 -19.02 -8.14 47.57
N ASN B 165 -18.24 -8.16 46.49
CA ASN B 165 -18.32 -9.23 45.50
C ASN B 165 -17.01 -9.34 44.74
N CYS B 166 -16.49 -10.54 44.65
CA CYS B 166 -15.20 -10.81 44.02
C CYS B 166 -15.43 -11.34 42.61
N THR B 167 -14.76 -10.72 41.64
CA THR B 167 -14.89 -11.09 40.24
C THR B 167 -13.83 -12.09 39.79
N PHE B 168 -12.99 -12.58 40.70
CA PHE B 168 -11.91 -13.48 40.29
C PHE B 168 -11.47 -14.31 41.48
N GLU B 169 -11.05 -15.55 41.21
CA GLU B 169 -10.45 -16.41 42.21
C GLU B 169 -9.46 -17.33 41.51
N TYR B 170 -8.49 -17.83 42.28
CA TYR B 170 -7.43 -18.65 41.70
C TYR B 170 -6.65 -19.29 42.84
N VAL B 171 -6.38 -20.58 42.73
CA VAL B 171 -5.59 -21.33 43.70
C VAL B 171 -4.59 -22.20 42.96
N SER B 172 -3.35 -22.22 43.44
CA SER B 172 -2.29 -23.01 42.79
C SER B 172 -1.19 -23.31 43.81
N GLN B 173 -0.05 -23.75 43.30
CA GLN B 173 1.09 -24.09 44.15
C GLN B 173 1.63 -22.84 44.83
N PRO B 174 2.01 -22.91 46.11
CA PRO B 174 2.59 -21.75 46.78
C PRO B 174 3.89 -21.29 46.14
N PHE B 175 4.12 -19.98 46.16
CA PHE B 175 5.32 -19.40 45.59
C PHE B 175 6.55 -19.61 46.46
N LEU B 176 6.37 -19.98 47.73
CA LEU B 176 7.49 -20.17 48.64
C LEU B 176 7.55 -21.61 49.13
N PHE B 186 22.32 -20.51 53.70
CA PHE B 186 21.29 -21.34 54.28
C PHE B 186 19.91 -20.73 54.08
N LYS B 187 19.87 -19.39 54.00
CA LYS B 187 18.62 -18.70 53.77
C LYS B 187 18.15 -18.91 52.33
N ASN B 188 16.89 -18.55 52.08
CA ASN B 188 16.30 -18.65 50.75
C ASN B 188 16.00 -17.26 50.22
N LEU B 189 16.33 -17.04 48.95
CA LEU B 189 16.09 -15.77 48.29
C LEU B 189 14.95 -15.94 47.28
N ARG B 190 13.91 -15.12 47.44
CA ARG B 190 12.79 -15.10 46.51
C ARG B 190 12.72 -13.72 45.86
N GLU B 191 12.80 -13.68 44.54
CA GLU B 191 12.77 -12.45 43.78
C GLU B 191 11.50 -12.40 42.94
N PHE B 192 10.91 -11.22 42.84
CA PHE B 192 9.66 -11.07 42.13
C PHE B 192 9.68 -9.78 41.32
N VAL B 193 8.94 -9.78 40.21
CA VAL B 193 8.74 -8.60 39.39
C VAL B 193 7.25 -8.51 39.09
N PHE B 194 6.63 -7.39 39.45
CA PHE B 194 5.19 -7.20 39.31
C PHE B 194 4.96 -6.12 38.26
N LYS B 195 4.36 -6.52 37.14
CA LYS B 195 4.08 -5.62 36.03
C LYS B 195 2.59 -5.69 35.71
N ASN B 196 2.00 -4.52 35.45
CA ASN B 196 0.56 -4.41 35.19
C ASN B 196 0.36 -3.51 33.99
N ILE B 197 0.17 -4.11 32.81
CA ILE B 197 -0.02 -3.37 31.57
C ILE B 197 -1.21 -3.94 30.79
N ASP B 198 -1.83 -3.05 30.00
CA ASP B 198 -2.99 -3.36 29.16
C ASP B 198 -3.96 -4.33 29.85
N GLY B 199 -4.27 -4.04 31.11
CA GLY B 199 -5.22 -4.85 31.83
C GLY B 199 -4.74 -6.22 32.21
N TYR B 200 -3.44 -6.50 32.11
CA TYR B 200 -2.89 -7.81 32.43
C TYR B 200 -1.88 -7.66 33.56
N PHE B 201 -1.98 -8.53 34.56
CA PHE B 201 -1.04 -8.56 35.68
C PHE B 201 -0.09 -9.72 35.45
N LYS B 202 1.21 -9.41 35.40
CA LYS B 202 2.23 -10.40 35.10
C LYS B 202 3.17 -10.57 36.29
N ILE B 203 3.58 -11.80 36.55
CA ILE B 203 4.40 -12.13 37.71
C ILE B 203 5.55 -13.02 37.27
N TYR B 204 6.77 -12.66 37.68
CA TYR B 204 7.96 -13.46 37.46
C TYR B 204 8.62 -13.76 38.80
N SER B 205 9.33 -14.87 38.87
CA SER B 205 9.92 -15.29 40.14
C SER B 205 11.13 -16.18 39.88
N LYS B 206 11.95 -16.32 40.93
CA LYS B 206 13.12 -17.18 40.89
C LYS B 206 13.59 -17.40 42.32
N HIS B 207 13.93 -18.65 42.65
CA HIS B 207 14.35 -19.03 43.99
C HIS B 207 15.79 -19.51 43.94
N THR B 208 16.57 -19.15 44.97
CA THR B 208 17.97 -19.55 45.04
C THR B 208 18.44 -19.56 46.47
N PRO B 209 19.28 -20.50 46.87
CA PRO B 209 19.78 -20.54 48.25
C PRO B 209 20.83 -19.45 48.50
N ILE B 210 20.73 -18.84 49.68
CA ILE B 210 21.63 -17.75 50.08
C ILE B 210 22.11 -18.01 51.50
N ASN B 211 23.31 -17.51 51.80
CA ASN B 211 23.88 -17.60 53.13
C ASN B 211 24.31 -16.21 53.59
N LEU B 212 24.34 -16.03 54.91
CA LEU B 212 24.89 -14.85 55.58
C LEU B 212 23.87 -13.72 55.55
N VAL B 213 24.02 -12.74 56.44
CA VAL B 213 23.05 -11.66 56.58
C VAL B 213 23.32 -10.56 55.57
N ARG B 214 24.16 -10.85 54.57
CA ARG B 214 24.46 -9.88 53.53
C ARG B 214 23.19 -9.54 52.74
N ASP B 215 23.19 -8.35 52.14
CA ASP B 215 22.04 -7.82 51.43
C ASP B 215 22.30 -7.86 49.93
N LEU B 216 21.48 -8.59 49.19
CA LEU B 216 21.50 -8.63 47.73
C LEU B 216 22.87 -9.06 47.22
N PRO B 217 23.26 -10.32 47.43
CA PRO B 217 24.59 -10.75 47.01
C PRO B 217 24.78 -10.71 45.51
N GLN B 218 26.04 -10.53 45.10
CA GLN B 218 26.36 -10.41 43.69
C GLN B 218 26.06 -11.71 42.95
N GLY B 219 25.63 -11.57 41.71
CA GLY B 219 25.34 -12.73 40.87
C GLY B 219 24.33 -12.36 39.81
N PHE B 220 24.03 -13.34 38.97
CA PHE B 220 23.07 -13.20 37.88
C PHE B 220 22.05 -14.32 37.94
N SER B 221 20.77 -13.97 37.77
CA SER B 221 19.71 -14.96 37.78
C SER B 221 18.50 -14.37 37.07
N ALA B 222 18.10 -14.96 35.95
CA ALA B 222 16.94 -14.49 35.21
C ALA B 222 15.66 -14.96 35.88
N LEU B 223 14.60 -14.17 35.72
CA LEU B 223 13.32 -14.43 36.36
C LEU B 223 12.35 -14.96 35.31
N GLU B 224 11.96 -16.23 35.46
CA GLU B 224 11.05 -16.86 34.51
C GLU B 224 9.61 -16.45 34.80
N PRO B 225 8.77 -16.37 33.78
CA PRO B 225 7.36 -16.02 34.01
C PRO B 225 6.66 -17.10 34.84
N LEU B 226 5.75 -16.64 35.68
CA LEU B 226 5.02 -17.53 36.59
C LEU B 226 3.52 -17.52 36.35
N VAL B 227 2.90 -16.33 36.29
CA VAL B 227 1.45 -16.22 36.34
C VAL B 227 1.04 -14.96 35.58
N ASP B 228 -0.04 -15.07 34.81
CA ASP B 228 -0.63 -13.94 34.11
C ASP B 228 -2.14 -13.96 34.32
N LEU B 229 -2.68 -12.81 34.74
CA LEU B 229 -4.11 -12.68 35.01
C LEU B 229 -4.66 -11.46 34.29
N PRO B 230 -5.76 -11.60 33.54
CA PRO B 230 -6.37 -10.47 32.83
C PRO B 230 -7.42 -9.74 33.66
N ILE B 231 -6.99 -9.19 34.80
CA ILE B 231 -7.95 -8.55 35.71
C ILE B 231 -8.43 -7.22 35.14
N GLY B 232 -7.49 -6.32 34.82
CA GLY B 232 -7.85 -4.99 34.38
C GLY B 232 -8.22 -4.07 35.53
N ILE B 233 -7.26 -3.83 36.42
CA ILE B 233 -7.47 -3.00 37.60
C ILE B 233 -6.33 -2.02 37.74
N ASN B 234 -6.63 -0.79 38.12
CA ASN B 234 -5.61 0.22 38.36
C ASN B 234 -4.92 -0.04 39.69
N ILE B 235 -3.59 0.04 39.67
CA ILE B 235 -2.77 -0.18 40.86
C ILE B 235 -1.82 0.99 41.03
N THR B 236 -1.80 1.58 42.23
CA THR B 236 -0.92 2.71 42.50
C THR B 236 -0.06 2.46 43.74
N ARG B 237 -0.56 1.68 44.70
CA ARG B 237 0.17 1.41 45.92
C ARG B 237 0.05 -0.05 46.28
N PHE B 238 0.99 -0.53 47.10
CA PHE B 238 1.03 -1.92 47.49
C PHE B 238 1.67 -2.06 48.86
N GLN B 239 1.39 -3.18 49.53
CA GLN B 239 1.86 -3.42 50.88
C GLN B 239 2.08 -4.91 51.09
N THR B 240 3.08 -5.24 51.90
CA THR B 240 3.45 -6.62 52.18
C THR B 240 2.85 -7.09 53.51
N LEU B 241 2.89 -8.41 53.72
CA LEU B 241 2.30 -9.04 54.89
C LEU B 241 3.30 -9.98 55.56
N LEU B 242 3.36 -9.93 56.89
CA LEU B 242 4.22 -10.77 57.69
C LEU B 242 3.41 -11.39 58.81
N ALA B 243 4.10 -12.13 59.69
CA ALA B 243 3.48 -12.80 60.82
C ALA B 243 4.28 -12.53 62.09
N LEU B 244 3.58 -12.19 63.18
CA LEU B 244 4.24 -11.96 64.45
C LEU B 244 4.72 -13.27 65.06
N HIS B 245 5.77 -13.17 65.89
CA HIS B 245 6.40 -14.37 66.43
C HIS B 245 5.47 -15.13 67.36
N ARG B 246 4.79 -14.44 68.28
CA ARG B 246 4.03 -15.10 69.33
C ARG B 246 2.53 -14.85 69.26
N SER B 247 2.10 -13.59 69.17
CA SER B 247 0.68 -13.29 69.19
C SER B 247 0.27 -12.44 67.99
N GLY B 261 14.88 -16.07 63.34
CA GLY B 261 13.88 -15.71 62.35
C GLY B 261 13.90 -14.23 61.98
N ALA B 262 14.89 -13.84 61.19
CA ALA B 262 15.04 -12.45 60.76
C ALA B 262 14.56 -12.32 59.31
N ALA B 263 13.74 -11.31 59.06
CA ALA B 263 13.16 -11.08 57.74
C ALA B 263 13.58 -9.73 57.20
N ALA B 264 13.98 -9.72 55.93
CA ALA B 264 14.36 -8.50 55.24
C ALA B 264 13.88 -8.57 53.81
N TYR B 265 13.43 -7.44 53.27
CA TYR B 265 13.01 -7.37 51.89
C TYR B 265 13.34 -6.00 51.32
N TYR B 266 13.43 -5.94 49.99
CA TYR B 266 13.86 -4.75 49.29
C TYR B 266 12.88 -4.43 48.17
N VAL B 267 12.78 -3.15 47.81
CA VAL B 267 11.84 -2.69 46.80
C VAL B 267 12.59 -1.85 45.79
N GLY B 268 12.58 -2.28 44.53
CA GLY B 268 13.11 -1.50 43.43
C GLY B 268 12.01 -0.89 42.59
N TYR B 269 12.40 -0.37 41.42
CA TYR B 269 11.45 0.24 40.51
C TYR B 269 11.93 0.03 39.08
N LEU B 270 10.98 -0.20 38.18
CA LEU B 270 11.28 -0.48 36.78
C LEU B 270 11.17 0.78 35.95
N GLN B 271 12.11 0.97 35.02
CA GLN B 271 12.14 2.11 34.13
C GLN B 271 12.36 1.65 32.70
N PRO B 272 11.87 2.42 31.72
CA PRO B 272 12.08 2.04 30.31
C PRO B 272 13.56 2.13 29.96
N ARG B 273 14.15 0.99 29.62
CA ARG B 273 15.57 0.90 29.34
C ARG B 273 15.80 -0.07 28.18
N THR B 274 17.00 -0.03 27.64
CA THR B 274 17.43 -0.95 26.59
C THR B 274 18.52 -1.86 27.13
N PHE B 275 18.33 -3.17 26.95
CA PHE B 275 19.27 -4.17 27.47
C PHE B 275 19.74 -5.05 26.33
N LEU B 276 20.90 -5.67 26.53
CA LEU B 276 21.45 -6.65 25.60
C LEU B 276 21.60 -7.97 26.35
N LEU B 277 20.76 -8.94 26.02
CA LEU B 277 20.74 -10.21 26.71
C LEU B 277 21.51 -11.26 25.92
N LYS B 278 22.26 -12.09 26.63
CA LYS B 278 23.06 -13.15 26.04
C LYS B 278 22.37 -14.48 26.29
N TYR B 279 22.16 -15.24 25.22
CA TYR B 279 21.52 -16.55 25.28
C TYR B 279 22.57 -17.62 25.05
N ASN B 280 22.56 -18.65 25.88
CA ASN B 280 23.42 -19.80 25.67
C ASN B 280 22.78 -20.75 24.67
N GLU B 281 23.49 -21.82 24.32
CA GLU B 281 22.96 -22.78 23.37
C GLU B 281 21.76 -23.52 23.94
N ASN B 282 21.74 -23.73 25.26
CA ASN B 282 20.63 -24.45 25.87
C ASN B 282 19.36 -23.62 25.85
N GLY B 283 19.50 -22.29 25.94
CA GLY B 283 18.37 -21.41 25.85
C GLY B 283 18.17 -20.54 27.08
N THR B 284 19.17 -20.49 27.95
CA THR B 284 19.10 -19.75 29.19
C THR B 284 19.84 -18.43 29.07
N ILE B 285 19.28 -17.38 29.69
CA ILE B 285 19.92 -16.07 29.73
C ILE B 285 21.01 -16.13 30.80
N THR B 286 22.26 -16.01 30.38
CA THR B 286 23.39 -16.10 31.30
C THR B 286 23.99 -14.74 31.66
N ASP B 287 23.84 -13.73 30.81
CA ASP B 287 24.43 -12.43 31.08
C ASP B 287 23.63 -11.36 30.34
N ALA B 288 23.75 -10.12 30.83
CA ALA B 288 23.05 -9.00 30.23
C ALA B 288 23.90 -7.75 30.38
N VAL B 289 23.60 -6.76 29.54
CA VAL B 289 24.32 -5.49 29.52
C VAL B 289 23.31 -4.35 29.50
N ASP B 290 23.48 -3.38 30.40
CA ASP B 290 22.66 -2.19 30.41
C ASP B 290 23.25 -1.18 29.44
N CYS B 291 22.45 -0.71 28.48
CA CYS B 291 22.96 0.08 27.37
C CYS B 291 23.10 1.57 27.69
N ALA B 292 22.76 2.00 28.91
CA ALA B 292 22.84 3.41 29.26
C ALA B 292 23.50 3.60 30.63
N LEU B 293 24.42 2.72 31.00
CA LEU B 293 25.07 2.80 32.29
C LEU B 293 26.38 3.59 32.20
N ASP B 294 27.28 3.18 31.32
CA ASP B 294 28.57 3.82 31.16
C ASP B 294 28.96 3.74 29.70
N PRO B 295 29.93 4.56 29.26
CA PRO B 295 30.29 4.55 27.83
C PRO B 295 30.67 3.19 27.28
N LEU B 296 31.35 2.36 28.06
CA LEU B 296 31.78 1.05 27.57
C LEU B 296 30.59 0.17 27.24
N SER B 297 29.56 0.17 28.10
CA SER B 297 28.38 -0.63 27.85
C SER B 297 27.64 -0.16 26.61
N GLU B 298 27.54 1.16 26.43
CA GLU B 298 26.90 1.68 25.23
C GLU B 298 27.68 1.32 23.98
N THR B 299 29.01 1.32 24.07
CA THR B 299 29.83 0.86 22.95
C THR B 299 29.55 -0.61 22.65
N LYS B 300 29.45 -1.44 23.68
CA LYS B 300 29.14 -2.85 23.47
C LYS B 300 27.78 -3.02 22.80
N CYS B 301 26.79 -2.25 23.23
CA CYS B 301 25.46 -2.32 22.62
C CYS B 301 25.52 -1.89 21.16
N THR B 302 26.28 -0.83 20.86
CA THR B 302 26.42 -0.38 19.49
C THR B 302 27.06 -1.45 18.62
N LEU B 303 28.12 -2.09 19.12
CA LEU B 303 28.78 -3.15 18.37
C LEU B 303 28.02 -4.48 18.42
N LYS B 304 27.01 -4.58 19.29
CA LYS B 304 26.22 -5.81 19.44
C LYS B 304 27.11 -7.01 19.77
N SER B 305 28.03 -6.80 20.71
CA SER B 305 28.94 -7.85 21.14
C SER B 305 29.38 -7.58 22.57
N PHE B 306 29.85 -8.64 23.23
CA PHE B 306 30.36 -8.53 24.59
C PHE B 306 31.85 -8.25 24.65
N THR B 307 32.55 -8.27 23.51
CA THR B 307 33.96 -7.94 23.43
C THR B 307 34.16 -6.81 22.44
N VAL B 308 35.07 -5.91 22.77
CA VAL B 308 35.34 -4.72 21.97
C VAL B 308 36.81 -4.71 21.59
N GLU B 309 37.10 -4.59 20.31
CA GLU B 309 38.46 -4.49 19.83
C GLU B 309 38.99 -3.07 20.03
N LYS B 310 40.32 -2.96 20.05
CA LYS B 310 40.95 -1.66 20.21
C LYS B 310 40.61 -0.75 19.04
N GLY B 311 40.22 0.49 19.35
CA GLY B 311 39.86 1.43 18.32
C GLY B 311 38.99 2.53 18.89
N ILE B 312 38.44 3.34 17.99
CA ILE B 312 37.55 4.45 18.34
C ILE B 312 36.22 4.22 17.64
N TYR B 313 35.13 4.30 18.39
CA TYR B 313 33.80 4.03 17.88
C TYR B 313 32.89 5.20 18.19
N GLN B 314 31.92 5.43 17.31
CA GLN B 314 30.92 6.47 17.48
C GLN B 314 29.65 5.85 18.04
N THR B 315 29.23 6.31 19.22
CA THR B 315 28.10 5.71 19.92
C THR B 315 26.81 6.49 19.72
N SER B 316 26.79 7.76 20.07
CA SER B 316 25.56 8.55 20.01
C SER B 316 25.93 10.02 19.93
N ASN B 317 24.92 10.88 20.13
CA ASN B 317 25.09 12.32 20.13
C ASN B 317 24.60 12.89 21.46
N PHE B 318 25.13 14.07 21.81
CA PHE B 318 24.76 14.74 23.04
C PHE B 318 24.14 16.09 22.72
N ARG B 319 23.21 16.53 23.56
CA ARG B 319 22.52 17.79 23.36
C ARG B 319 22.39 18.50 24.71
N VAL B 320 22.53 19.81 24.69
CA VAL B 320 22.33 20.62 25.90
C VAL B 320 20.85 20.76 26.14
N GLN B 321 20.38 20.30 27.29
CA GLN B 321 18.96 20.30 27.58
C GLN B 321 18.45 21.71 27.85
N PRO B 322 17.19 21.99 27.54
CA PRO B 322 16.64 23.32 27.84
C PRO B 322 16.59 23.58 29.34
N THR B 323 16.76 24.84 29.70
CA THR B 323 16.74 25.22 31.12
C THR B 323 15.31 25.47 31.61
N GLU B 324 14.57 26.31 30.91
CA GLU B 324 13.22 26.68 31.34
C GLU B 324 12.43 27.12 30.10
N SER B 325 11.25 27.68 30.33
CA SER B 325 10.35 28.08 29.25
C SER B 325 10.07 29.57 29.32
N ILE B 326 9.95 30.18 28.14
CA ILE B 326 9.68 31.61 28.00
C ILE B 326 8.49 31.76 27.06
N VAL B 327 7.47 32.50 27.50
CA VAL B 327 6.23 32.64 26.76
C VAL B 327 5.91 34.13 26.65
N ARG B 328 6.26 34.73 25.50
CA ARG B 328 6.11 36.17 25.30
C ARG B 328 5.05 36.45 24.24
N PHE B 329 4.05 37.24 24.58
CA PHE B 329 3.04 37.72 23.66
C PHE B 329 2.66 39.13 24.08
N PRO B 330 2.01 39.90 23.20
CA PRO B 330 1.49 41.20 23.64
C PRO B 330 0.52 41.04 24.80
N ASN B 331 0.62 41.94 25.77
CA ASN B 331 -0.06 41.78 27.04
C ASN B 331 -1.35 42.59 27.16
N ILE B 332 -1.80 43.24 26.09
CA ILE B 332 -3.10 43.90 26.05
C ILE B 332 -4.15 42.92 26.58
N THR B 333 -5.05 43.41 27.44
CA THR B 333 -5.96 42.56 28.19
C THR B 333 -7.37 43.14 28.18
N ASN B 334 -7.89 43.41 26.99
CA ASN B 334 -9.28 43.83 26.82
C ASN B 334 -10.09 42.63 26.30
N LEU B 335 -11.12 42.25 27.05
CA LEU B 335 -11.91 41.09 26.67
C LEU B 335 -12.64 41.36 25.35
N CYS B 336 -12.78 40.29 24.56
CA CYS B 336 -13.31 40.42 23.22
C CYS B 336 -14.79 40.09 23.23
N PRO B 337 -15.68 41.05 22.93
CA PRO B 337 -17.12 40.77 22.89
C PRO B 337 -17.56 40.05 21.63
N PHE B 338 -16.75 39.07 21.20
CA PHE B 338 -17.11 38.27 20.04
C PHE B 338 -18.20 37.26 20.38
N GLY B 339 -18.36 36.91 21.65
CA GLY B 339 -19.43 36.02 22.05
C GLY B 339 -20.82 36.58 21.82
N GLU B 340 -20.92 37.90 21.70
CA GLU B 340 -22.21 38.54 21.44
C GLU B 340 -22.80 38.08 20.12
N VAL B 341 -21.95 37.78 19.13
CA VAL B 341 -22.44 37.44 17.80
C VAL B 341 -23.27 36.17 17.82
N PHE B 342 -22.85 35.18 18.61
CA PHE B 342 -23.55 33.89 18.60
C PHE B 342 -24.94 34.00 19.21
N ASN B 343 -25.14 34.86 20.21
CA ASN B 343 -26.40 34.95 20.93
C ASN B 343 -27.10 36.27 20.65
N ALA B 344 -26.94 36.80 19.45
CA ALA B 344 -27.56 38.07 19.09
C ALA B 344 -29.07 37.91 18.94
N THR B 345 -29.77 39.04 19.04
CA THR B 345 -31.22 39.04 18.93
C THR B 345 -31.68 38.62 17.53
N ARG B 346 -31.01 39.13 16.50
CA ARG B 346 -31.43 38.92 15.12
C ARG B 346 -30.23 38.48 14.29
N PHE B 347 -30.45 37.46 13.46
CA PHE B 347 -29.45 36.98 12.52
C PHE B 347 -29.84 37.35 11.11
N ALA B 348 -28.83 37.65 10.29
CA ALA B 348 -29.07 38.02 8.91
C ALA B 348 -29.44 36.78 8.09
N SER B 349 -29.90 37.01 6.87
CA SER B 349 -30.28 35.94 5.98
C SER B 349 -29.06 35.39 5.25
N VAL B 350 -29.26 34.30 4.52
CA VAL B 350 -28.21 33.74 3.70
C VAL B 350 -27.84 34.69 2.56
N TYR B 351 -28.63 35.73 2.34
CA TYR B 351 -28.37 36.65 1.24
C TYR B 351 -27.14 37.52 1.52
N ALA B 352 -26.99 37.98 2.76
CA ALA B 352 -25.92 38.91 3.13
C ALA B 352 -25.17 38.36 4.33
N TRP B 353 -23.84 38.45 4.30
CA TRP B 353 -23.03 38.05 5.43
C TRP B 353 -22.99 39.14 6.49
N ASN B 354 -22.91 38.73 7.75
CA ASN B 354 -22.66 39.65 8.85
C ASN B 354 -21.18 39.57 9.21
N ARG B 355 -20.35 40.19 8.37
CA ARG B 355 -18.89 40.14 8.52
C ARG B 355 -18.48 41.04 9.69
N LYS B 356 -18.51 40.47 10.89
CA LYS B 356 -18.18 41.21 12.09
C LYS B 356 -16.67 41.30 12.27
N ARG B 357 -16.21 42.48 12.70
CA ARG B 357 -14.79 42.70 12.94
C ARG B 357 -14.41 42.17 14.32
N ILE B 358 -13.42 41.29 14.36
CA ILE B 358 -12.91 40.72 15.60
C ILE B 358 -11.41 40.97 15.61
N SER B 359 -10.98 42.06 16.25
CA SER B 359 -9.57 42.41 16.27
C SER B 359 -9.28 43.23 17.52
N ASN B 360 -8.00 43.19 17.92
CA ASN B 360 -7.50 43.87 19.12
C ASN B 360 -8.36 43.47 20.31
N CYS B 361 -8.16 42.23 20.75
CA CYS B 361 -8.88 41.63 21.87
C CYS B 361 -8.31 40.25 22.10
N VAL B 362 -8.56 39.72 23.30
CA VAL B 362 -8.18 38.35 23.64
C VAL B 362 -9.43 37.50 23.65
N ALA B 363 -9.29 36.26 23.18
CA ALA B 363 -10.42 35.35 23.02
C ALA B 363 -10.21 34.10 23.85
N ASP B 364 -11.29 33.59 24.41
CA ASP B 364 -11.29 32.36 25.20
C ASP B 364 -12.30 31.40 24.57
N TYR B 365 -11.80 30.42 23.83
CA TYR B 365 -12.66 29.43 23.18
C TYR B 365 -13.02 28.28 24.10
N SER B 366 -12.47 28.24 25.33
CA SER B 366 -12.89 27.26 26.30
C SER B 366 -14.33 27.47 26.75
N VAL B 367 -14.88 28.65 26.51
CA VAL B 367 -16.26 28.94 26.87
C VAL B 367 -17.22 28.14 26.00
N LEU B 368 -16.92 28.05 24.70
CA LEU B 368 -17.90 27.60 23.72
C LEU B 368 -18.09 26.09 23.68
N TYR B 369 -17.17 25.30 24.26
CA TYR B 369 -17.46 23.87 24.40
C TYR B 369 -18.15 23.59 25.73
N ASN B 370 -17.86 24.39 26.75
CA ASN B 370 -18.53 24.23 28.04
C ASN B 370 -19.91 24.85 28.05
N SER B 371 -20.24 25.67 27.06
CA SER B 371 -21.55 26.31 26.96
C SER B 371 -22.57 25.27 26.50
N ALA B 372 -23.74 25.75 26.05
CA ALA B 372 -24.78 24.85 25.57
C ALA B 372 -24.26 24.05 24.37
N SER B 373 -24.68 22.79 24.30
CA SER B 373 -24.15 21.89 23.29
C SER B 373 -24.52 22.36 21.89
N PHE B 374 -23.51 22.59 21.06
CA PHE B 374 -23.72 23.00 19.68
C PHE B 374 -24.02 21.77 18.83
N SER B 375 -24.89 21.97 17.83
CA SER B 375 -25.18 20.88 16.91
C SER B 375 -23.97 20.52 16.08
N THR B 376 -23.19 21.52 15.67
CA THR B 376 -21.99 21.29 14.87
C THR B 376 -20.81 22.01 15.50
N PHE B 377 -19.71 21.27 15.72
CA PHE B 377 -18.47 21.84 16.25
C PHE B 377 -17.27 21.24 15.55
N LYS B 378 -17.45 20.78 14.31
CA LYS B 378 -16.41 20.08 13.57
C LYS B 378 -15.63 21.10 12.74
N CYS B 379 -14.30 21.07 12.85
CA CYS B 379 -13.46 21.88 12.00
C CYS B 379 -12.08 21.25 11.91
N TYR B 380 -11.25 21.81 11.03
CA TYR B 380 -9.93 21.29 10.75
C TYR B 380 -8.97 22.47 10.65
N GLY B 381 -7.74 22.21 10.18
CA GLY B 381 -6.71 23.21 10.17
C GLY B 381 -6.14 23.42 11.56
N VAL B 382 -7.00 23.81 12.48
CA VAL B 382 -6.68 23.85 13.90
C VAL B 382 -7.59 22.85 14.61
N SER B 383 -7.06 22.23 15.66
CA SER B 383 -7.85 21.28 16.43
C SER B 383 -9.02 22.00 17.08
N PRO B 384 -10.21 21.38 17.13
CA PRO B 384 -11.30 21.94 17.87
C PRO B 384 -10.96 22.36 19.29
N THR B 385 -9.87 21.87 19.86
CA THR B 385 -9.37 22.28 21.16
C THR B 385 -8.00 22.93 20.99
N LYS B 386 -7.43 23.35 22.12
CA LYS B 386 -6.06 23.87 22.21
C LYS B 386 -5.85 25.13 21.35
N LEU B 387 -6.93 25.81 20.96
CA LEU B 387 -6.78 27.11 20.32
C LEU B 387 -6.38 28.19 21.32
N ASN B 388 -6.43 27.91 22.61
CA ASN B 388 -6.19 28.91 23.64
C ASN B 388 -4.75 29.40 23.69
N ASP B 389 -3.82 28.73 23.00
CA ASP B 389 -2.44 29.20 22.98
C ASP B 389 -1.98 29.45 21.55
N LEU B 390 -2.81 30.12 20.77
CA LEU B 390 -2.49 30.46 19.39
C LEU B 390 -2.81 31.93 19.15
N CYS B 391 -2.04 32.56 18.28
CA CYS B 391 -2.21 33.96 17.92
C CYS B 391 -2.54 34.07 16.45
N PHE B 392 -3.44 34.99 16.10
CA PHE B 392 -3.94 35.12 14.75
C PHE B 392 -3.89 36.57 14.31
N THR B 393 -3.72 36.77 12.99
CA THR B 393 -3.71 38.12 12.43
C THR B 393 -5.08 38.77 12.55
N ASN B 394 -6.13 38.07 12.12
CA ASN B 394 -7.48 38.61 12.18
C ASN B 394 -8.46 37.46 12.16
N VAL B 395 -9.69 37.74 12.59
CA VAL B 395 -10.77 36.76 12.64
C VAL B 395 -11.98 37.34 11.94
N TYR B 396 -12.59 36.56 11.05
CA TYR B 396 -13.81 36.94 10.36
C TYR B 396 -14.95 36.04 10.80
N ALA B 397 -16.07 36.63 11.20
CA ALA B 397 -17.25 35.89 11.60
C ALA B 397 -18.37 36.17 10.62
N ASP B 398 -19.04 35.11 10.17
CA ASP B 398 -20.17 35.23 9.25
C ASP B 398 -21.36 34.51 9.85
N SER B 399 -22.51 35.19 9.87
CA SER B 399 -23.71 34.65 10.49
C SER B 399 -24.89 34.69 9.53
N PHE B 400 -25.59 33.56 9.43
CA PHE B 400 -26.83 33.48 8.68
C PHE B 400 -27.55 32.20 9.09
N VAL B 401 -28.84 32.13 8.76
CA VAL B 401 -29.70 31.04 9.21
C VAL B 401 -29.78 30.00 8.10
N ILE B 402 -29.56 28.74 8.46
CA ILE B 402 -29.58 27.63 7.52
C ILE B 402 -30.30 26.46 8.19
N ARG B 403 -31.26 25.87 7.48
CA ARG B 403 -32.02 24.78 8.06
C ARG B 403 -31.17 23.53 8.20
N GLY B 404 -31.60 22.64 9.11
CA GLY B 404 -30.86 21.42 9.37
C GLY B 404 -30.78 20.47 8.19
N ASP B 405 -31.75 20.55 7.28
CA ASP B 405 -31.66 19.79 6.04
C ASP B 405 -30.52 20.28 5.17
N GLU B 406 -30.07 21.51 5.37
CA GLU B 406 -29.04 22.14 4.57
C GLU B 406 -27.66 22.05 5.22
N VAL B 407 -27.55 21.33 6.34
CA VAL B 407 -26.29 21.28 7.08
C VAL B 407 -25.20 20.60 6.26
N ARG B 408 -25.55 19.51 5.57
CA ARG B 408 -24.53 18.71 4.89
C ARG B 408 -23.88 19.50 3.75
N GLN B 409 -24.66 20.33 3.06
CA GLN B 409 -24.10 21.05 1.91
C GLN B 409 -23.16 22.17 2.35
N ILE B 410 -23.38 22.74 3.54
CA ILE B 410 -22.49 23.80 4.01
C ILE B 410 -21.32 23.17 4.76
N ALA B 411 -20.30 22.78 4.02
CA ALA B 411 -19.10 22.15 4.54
C ALA B 411 -17.90 22.68 3.75
N PRO B 412 -16.71 22.67 4.37
CA PRO B 412 -15.52 23.13 3.64
C PRO B 412 -15.14 22.20 2.49
N GLY B 413 -15.26 22.69 1.26
CA GLY B 413 -14.93 21.92 0.09
C GLY B 413 -16.03 21.03 -0.43
N GLN B 414 -17.13 20.84 0.31
CA GLN B 414 -18.27 20.07 -0.15
C GLN B 414 -19.27 21.03 -0.77
N THR B 415 -19.26 21.12 -2.09
CA THR B 415 -20.06 22.11 -2.80
C THR B 415 -21.47 21.58 -3.07
N GLY B 416 -22.43 22.51 -3.09
CA GLY B 416 -23.79 22.18 -3.44
C GLY B 416 -24.42 23.32 -4.23
N LYS B 417 -25.40 22.95 -5.05
CA LYS B 417 -26.00 23.90 -5.99
C LYS B 417 -26.53 25.14 -5.25
N ILE B 418 -27.35 24.91 -4.22
CA ILE B 418 -27.89 26.03 -3.44
C ILE B 418 -26.76 26.74 -2.71
N ALA B 419 -25.74 26.00 -2.27
CA ALA B 419 -24.55 26.63 -1.68
C ALA B 419 -23.72 27.34 -2.75
N ASP B 420 -23.56 26.71 -3.92
CA ASP B 420 -22.74 27.30 -4.97
C ASP B 420 -23.32 28.60 -5.50
N TYR B 421 -24.62 28.81 -5.39
CA TYR B 421 -25.19 30.10 -5.77
C TYR B 421 -25.43 31.04 -4.60
N ASN B 422 -25.18 30.59 -3.36
CA ASN B 422 -25.28 31.48 -2.22
C ASN B 422 -23.97 31.63 -1.45
N TYR B 423 -23.39 30.53 -0.98
CA TYR B 423 -22.21 30.59 -0.10
C TYR B 423 -21.26 29.48 -0.46
N LYS B 424 -20.08 29.84 -0.96
CA LYS B 424 -19.05 28.89 -1.35
C LYS B 424 -17.84 29.03 -0.43
N LEU B 425 -17.32 27.89 0.02
CA LEU B 425 -16.14 27.87 0.88
C LEU B 425 -14.91 27.48 0.09
N PRO B 426 -13.77 28.13 0.33
CA PRO B 426 -12.55 27.77 -0.39
C PRO B 426 -12.06 26.39 0.02
N ASP B 427 -11.31 25.76 -0.89
CA ASP B 427 -10.80 24.42 -0.64
C ASP B 427 -9.82 24.42 0.53
N ASP B 428 -8.96 25.44 0.61
CA ASP B 428 -7.95 25.54 1.65
C ASP B 428 -8.42 26.39 2.83
N PHE B 429 -9.72 26.38 3.11
CA PHE B 429 -10.26 27.19 4.20
C PHE B 429 -9.70 26.74 5.54
N THR B 430 -9.29 27.71 6.36
CA THR B 430 -8.86 27.46 7.72
C THR B 430 -9.78 28.19 8.68
N GLY B 431 -10.23 27.50 9.71
CA GLY B 431 -11.15 28.05 10.68
C GLY B 431 -12.12 26.99 11.14
N CYS B 432 -13.22 27.44 11.76
CA CYS B 432 -14.24 26.52 12.25
C CYS B 432 -15.62 26.96 11.82
N VAL B 433 -16.49 25.98 11.62
CA VAL B 433 -17.89 26.18 11.27
C VAL B 433 -18.73 25.58 12.38
N ILE B 434 -19.59 26.40 12.98
CA ILE B 434 -20.41 25.98 14.11
C ILE B 434 -21.87 26.28 13.78
N ALA B 435 -22.75 25.34 14.12
CA ALA B 435 -24.18 25.52 14.00
C ALA B 435 -24.79 25.53 15.40
N TRP B 436 -25.57 26.57 15.69
CA TRP B 436 -26.12 26.80 17.02
C TRP B 436 -27.61 26.45 16.98
N ASN B 437 -28.07 25.81 18.05
CA ASN B 437 -29.42 25.26 18.09
C ASN B 437 -30.45 26.38 18.15
N SER B 438 -31.27 26.49 17.10
CA SER B 438 -32.35 27.46 17.04
C SER B 438 -33.59 26.84 16.41
N ASN B 439 -33.87 25.59 16.75
CA ASN B 439 -35.04 24.91 16.17
C ASN B 439 -36.35 25.53 16.64
N ASN B 440 -36.34 26.20 17.79
CA ASN B 440 -37.55 26.81 18.34
C ASN B 440 -37.35 28.31 18.54
N LEU B 441 -36.10 28.73 18.76
CA LEU B 441 -35.82 30.14 18.93
C LEU B 441 -36.16 30.91 17.66
N ASP B 442 -35.83 30.34 16.49
CA ASP B 442 -36.14 30.95 15.20
C ASP B 442 -37.39 30.36 14.57
N SER B 443 -38.38 29.98 15.38
CA SER B 443 -39.63 29.43 14.88
C SER B 443 -40.79 30.08 15.63
N LYS B 444 -41.80 30.54 14.90
CA LYS B 444 -43.04 31.01 15.48
C LYS B 444 -44.21 30.42 14.70
N VAL B 445 -45.35 30.32 15.37
CA VAL B 445 -46.54 29.74 14.74
C VAL B 445 -46.93 30.54 13.50
N GLY B 446 -46.80 31.86 13.57
CA GLY B 446 -47.04 32.68 12.39
C GLY B 446 -46.08 32.37 11.26
N GLY B 447 -44.84 32.03 11.59
CA GLY B 447 -43.86 31.64 10.60
C GLY B 447 -42.90 32.78 10.28
N ASN B 448 -41.70 32.39 9.85
CA ASN B 448 -40.65 33.34 9.48
C ASN B 448 -40.45 33.24 7.97
N TYR B 449 -41.05 34.18 7.23
CA TYR B 449 -40.93 34.25 5.79
C TYR B 449 -39.93 35.30 5.33
N ASN B 450 -39.29 36.01 6.27
CA ASN B 450 -38.32 37.02 5.90
C ASN B 450 -37.06 36.42 5.28
N TYR B 451 -36.71 35.20 5.68
CA TYR B 451 -35.49 34.56 5.22
C TYR B 451 -35.59 34.25 3.73
N LEU B 452 -34.60 34.67 2.95
CA LEU B 452 -34.64 34.54 1.50
C LEU B 452 -33.36 33.90 0.98
N TYR B 453 -33.49 33.21 -0.15
CA TYR B 453 -32.37 32.55 -0.82
C TYR B 453 -32.56 32.67 -2.33
N ARG B 454 -31.46 32.53 -3.06
CA ARG B 454 -31.52 32.49 -4.52
C ARG B 454 -31.54 31.03 -4.98
N LEU B 455 -32.61 30.64 -5.67
CA LEU B 455 -32.71 29.27 -6.15
C LEU B 455 -31.61 28.96 -7.16
N PHE B 456 -31.38 29.87 -8.10
CA PHE B 456 -30.37 29.68 -9.14
C PHE B 456 -29.85 31.04 -9.57
N ARG B 457 -28.68 31.02 -10.21
CA ARG B 457 -28.05 32.23 -10.70
C ARG B 457 -27.48 31.98 -12.10
N LYS B 458 -27.05 33.06 -12.74
CA LYS B 458 -26.47 32.96 -14.08
C LYS B 458 -25.16 32.17 -14.05
N SER B 459 -24.34 32.38 -13.03
CA SER B 459 -23.05 31.72 -12.93
C SER B 459 -22.78 31.38 -11.47
N ASN B 460 -21.90 30.40 -11.27
CA ASN B 460 -21.56 29.95 -9.93
C ASN B 460 -20.80 31.02 -9.17
N LEU B 461 -21.14 31.19 -7.89
CA LEU B 461 -20.50 32.20 -7.07
C LEU B 461 -19.10 31.77 -6.65
N LYS B 462 -18.17 32.72 -6.65
CA LYS B 462 -16.83 32.51 -6.14
C LYS B 462 -16.85 32.50 -4.62
N PRO B 463 -15.87 31.84 -3.98
CA PRO B 463 -15.84 31.81 -2.52
C PRO B 463 -15.71 33.20 -1.92
N PHE B 464 -16.41 33.40 -0.80
CA PHE B 464 -16.37 34.66 -0.06
C PHE B 464 -16.73 35.86 -0.94
N GLU B 465 -17.71 35.66 -1.81
CA GLU B 465 -18.23 36.73 -2.66
C GLU B 465 -19.70 36.96 -2.32
N ARG B 466 -20.06 38.23 -2.11
CA ARG B 466 -21.40 38.62 -1.73
C ARG B 466 -22.08 39.31 -2.91
N ASP B 467 -23.30 38.88 -3.22
CA ASP B 467 -24.08 39.45 -4.31
C ASP B 467 -25.29 40.17 -3.73
N ILE B 468 -25.35 41.48 -3.93
CA ILE B 468 -26.45 42.29 -3.39
C ILE B 468 -27.50 42.64 -4.44
N SER B 469 -27.23 42.38 -5.71
CA SER B 469 -28.19 42.74 -6.76
C SER B 469 -29.37 41.78 -6.75
N THR B 470 -30.54 42.33 -7.08
CA THR B 470 -31.78 41.57 -7.21
C THR B 470 -32.20 41.47 -8.68
N GLU B 471 -31.22 41.33 -9.57
CA GLU B 471 -31.49 41.29 -11.00
C GLU B 471 -32.33 40.06 -11.34
N ILE B 472 -33.15 40.19 -12.38
CA ILE B 472 -34.01 39.12 -12.86
C ILE B 472 -33.36 38.53 -14.10
N TYR B 473 -33.21 37.20 -14.12
CA TYR B 473 -32.40 36.55 -15.12
C TYR B 473 -33.06 36.62 -16.49
N GLN B 474 -32.31 37.07 -17.48
CA GLN B 474 -32.80 37.17 -18.86
C GLN B 474 -32.60 35.81 -19.53
N ALA B 475 -33.48 34.86 -19.18
CA ALA B 475 -33.39 33.53 -19.78
C ALA B 475 -33.65 33.58 -21.27
N GLY B 476 -34.64 34.35 -21.69
CA GLY B 476 -34.94 34.52 -23.10
C GLY B 476 -34.47 35.87 -23.63
N SER B 477 -34.48 35.96 -24.96
CA SER B 477 -34.04 37.21 -25.60
C SER B 477 -34.97 38.37 -25.28
N THR B 478 -36.27 38.10 -25.12
CA THR B 478 -37.21 39.16 -24.83
C THR B 478 -36.95 39.75 -23.45
N PRO B 479 -37.18 41.06 -23.28
CA PRO B 479 -37.01 41.66 -21.96
C PRO B 479 -37.97 41.07 -20.94
N CYS B 480 -37.49 40.93 -19.70
CA CYS B 480 -38.32 40.43 -18.62
C CYS B 480 -39.26 41.51 -18.07
N ASN B 481 -38.69 42.61 -17.60
CA ASN B 481 -39.44 43.71 -16.97
C ASN B 481 -40.18 43.27 -15.72
N GLY B 482 -39.77 42.16 -15.12
CA GLY B 482 -40.43 41.65 -13.92
C GLY B 482 -41.85 41.18 -14.15
N VAL B 483 -42.11 40.55 -15.30
CA VAL B 483 -43.41 39.97 -15.59
C VAL B 483 -43.22 38.48 -15.87
N GLU B 484 -44.32 37.74 -15.77
CA GLU B 484 -44.31 36.31 -16.08
C GLU B 484 -44.45 36.10 -17.60
N GLY B 485 -43.41 36.51 -18.31
CA GLY B 485 -43.42 36.46 -19.76
C GLY B 485 -42.70 35.24 -20.31
N PHE B 486 -41.54 35.47 -20.92
CA PHE B 486 -40.78 34.40 -21.58
C PHE B 486 -39.65 33.97 -20.64
N ASN B 487 -39.95 32.98 -19.81
CA ASN B 487 -38.98 32.35 -18.91
C ASN B 487 -38.41 33.37 -17.91
N CYS B 488 -39.29 33.86 -17.05
CA CYS B 488 -38.91 34.73 -15.94
C CYS B 488 -39.32 34.09 -14.62
N TYR B 489 -38.36 33.99 -13.70
CA TYR B 489 -38.61 33.47 -12.36
C TYR B 489 -37.93 34.38 -11.35
N PHE B 490 -38.55 34.50 -10.19
CA PHE B 490 -37.98 35.34 -9.13
C PHE B 490 -36.87 34.59 -8.40
N PRO B 491 -35.69 35.18 -8.26
CA PRO B 491 -34.62 34.46 -7.53
C PRO B 491 -34.90 34.29 -6.06
N LEU B 492 -35.51 35.29 -5.42
CA LEU B 492 -35.70 35.27 -3.98
C LEU B 492 -36.93 34.43 -3.63
N GLN B 493 -36.71 33.32 -2.93
CA GLN B 493 -37.79 32.45 -2.47
C GLN B 493 -37.63 32.21 -0.98
N SER B 494 -38.71 32.38 -0.23
CA SER B 494 -38.65 32.27 1.22
C SER B 494 -38.67 30.81 1.66
N TYR B 495 -38.07 30.56 2.83
CA TYR B 495 -38.06 29.21 3.39
C TYR B 495 -39.43 28.82 3.93
N GLY B 496 -40.07 29.73 4.68
CA GLY B 496 -41.32 29.43 5.32
C GLY B 496 -41.17 28.49 6.51
N PHE B 497 -40.40 28.91 7.50
CA PHE B 497 -40.15 28.08 8.68
C PHE B 497 -41.30 28.18 9.66
N GLN B 498 -41.67 27.03 10.24
CA GLN B 498 -42.71 26.94 11.27
C GLN B 498 -42.33 25.83 12.24
N PRO B 499 -42.64 25.99 13.53
CA PRO B 499 -42.32 24.92 14.50
C PRO B 499 -43.02 23.61 14.19
N THR B 500 -44.21 23.65 13.59
CA THR B 500 -44.93 22.43 13.26
C THR B 500 -44.28 21.64 12.12
N ASN B 501 -43.29 22.22 11.45
CA ASN B 501 -42.64 21.57 10.32
C ASN B 501 -41.73 20.44 10.80
N GLY B 502 -41.01 19.83 9.86
CA GLY B 502 -40.13 18.74 10.20
C GLY B 502 -38.94 19.20 11.03
N VAL B 503 -38.41 18.25 11.82
CA VAL B 503 -37.29 18.58 12.70
C VAL B 503 -36.07 18.98 11.88
N GLY B 504 -35.75 18.20 10.84
CA GLY B 504 -34.63 18.54 9.99
C GLY B 504 -34.85 19.84 9.23
N TYR B 505 -36.09 20.09 8.79
CA TYR B 505 -36.38 21.30 8.02
C TYR B 505 -36.35 22.53 8.92
N GLN B 506 -36.50 22.35 10.24
CA GLN B 506 -36.51 23.49 11.15
C GLN B 506 -35.23 24.29 11.02
N PRO B 507 -35.31 25.62 11.12
CA PRO B 507 -34.12 26.45 10.89
C PRO B 507 -33.06 26.25 11.96
N TYR B 508 -31.81 26.48 11.58
CA TYR B 508 -30.67 26.37 12.48
C TYR B 508 -29.77 27.57 12.28
N ARG B 509 -29.14 28.01 13.37
CA ARG B 509 -28.23 29.14 13.32
C ARG B 509 -26.80 28.63 13.14
N VAL B 510 -26.19 28.96 12.00
CA VAL B 510 -24.85 28.52 11.67
C VAL B 510 -23.93 29.74 11.60
N VAL B 511 -22.74 29.62 12.19
CA VAL B 511 -21.75 30.69 12.22
C VAL B 511 -20.44 30.14 11.68
N VAL B 512 -19.82 30.87 10.76
CA VAL B 512 -18.56 30.48 10.14
C VAL B 512 -17.47 31.44 10.60
N LEU B 513 -16.39 30.90 11.14
CA LEU B 513 -15.25 31.69 11.58
C LEU B 513 -14.10 31.50 10.60
N SER B 514 -13.77 32.55 9.87
CA SER B 514 -12.61 32.53 8.99
C SER B 514 -11.35 32.84 9.79
N PHE B 515 -10.26 32.19 9.42
CA PHE B 515 -9.03 32.24 10.20
C PHE B 515 -7.85 32.53 9.28
N GLU B 516 -6.89 33.30 9.78
CA GLU B 516 -5.65 33.59 9.06
C GLU B 516 -4.49 33.18 9.96
N LEU B 517 -3.92 32.01 9.69
CA LEU B 517 -2.87 31.44 10.53
C LEU B 517 -1.48 31.73 9.98
N LEU B 518 -1.38 32.57 8.95
CA LEU B 518 -0.07 32.95 8.45
C LEU B 518 0.67 33.76 9.49
N HIS B 519 1.96 33.53 9.61
CA HIS B 519 2.78 34.15 10.66
C HIS B 519 3.02 35.61 10.29
N ALA B 520 2.09 36.46 10.69
CA ALA B 520 2.13 37.89 10.51
C ALA B 520 1.96 38.57 11.85
N PRO B 521 2.32 39.86 11.97
CA PRO B 521 2.07 40.57 13.24
C PRO B 521 0.63 40.41 13.70
N ALA B 522 0.46 39.71 14.82
CA ALA B 522 -0.86 39.30 15.28
C ALA B 522 -1.39 40.28 16.33
N THR B 523 -2.72 40.30 16.46
CA THR B 523 -3.37 41.15 17.45
C THR B 523 -4.42 40.45 18.28
N VAL B 524 -4.81 39.22 17.94
CA VAL B 524 -5.75 38.42 18.73
C VAL B 524 -5.01 37.19 19.21
N CYS B 525 -5.00 36.99 20.53
CA CYS B 525 -4.24 35.91 21.15
C CYS B 525 -5.06 35.28 22.26
N GLY B 526 -4.48 34.26 22.90
CA GLY B 526 -5.17 33.50 23.90
C GLY B 526 -5.05 34.07 25.30
N PRO B 527 -5.65 33.38 26.28
CA PRO B 527 -5.65 33.87 27.66
C PRO B 527 -4.39 33.54 28.44
N LYS B 528 -3.32 33.16 27.74
CA LYS B 528 -2.10 32.72 28.42
C LYS B 528 -1.52 33.84 29.27
N LYS B 529 -0.86 33.46 30.36
CA LYS B 529 -0.06 34.40 31.13
C LYS B 529 1.35 34.49 30.54
N SER B 530 1.92 35.68 30.59
CA SER B 530 3.23 35.95 30.01
C SER B 530 4.29 35.96 31.09
N THR B 531 5.47 35.42 30.76
CA THR B 531 6.58 35.34 31.69
C THR B 531 7.64 36.39 31.36
N ASN B 532 8.74 36.36 32.10
CA ASN B 532 9.84 37.29 31.90
C ASN B 532 10.69 36.86 30.71
N LEU B 533 11.78 37.59 30.47
CA LEU B 533 12.69 37.32 29.37
C LEU B 533 14.06 36.92 29.91
N VAL B 534 14.61 35.83 29.39
CA VAL B 534 15.94 35.37 29.75
C VAL B 534 16.81 35.37 28.50
N LYS B 535 18.12 35.36 28.71
CA LYS B 535 19.06 35.45 27.62
C LYS B 535 20.30 34.61 27.91
N ASN B 536 21.00 34.23 26.85
CA ASN B 536 22.29 33.53 26.94
C ASN B 536 22.16 32.20 27.68
N LYS B 537 21.06 31.49 27.43
CA LYS B 537 20.88 30.16 27.99
C LYS B 537 19.92 29.38 27.10
N CYS B 538 20.24 28.10 26.88
CA CYS B 538 19.39 27.24 26.06
C CYS B 538 18.09 26.99 26.80
N VAL B 539 17.03 27.67 26.36
CA VAL B 539 15.72 27.58 26.99
C VAL B 539 14.66 27.43 25.91
N ASN B 540 13.51 26.90 26.31
CA ASN B 540 12.35 26.88 25.42
C ASN B 540 11.72 28.27 25.35
N PHE B 541 11.22 28.62 24.18
CA PHE B 541 10.63 29.93 23.96
C PHE B 541 9.33 29.79 23.20
N ASN B 542 8.47 30.79 23.38
CA ASN B 542 7.18 30.85 22.70
C ASN B 542 6.87 32.31 22.40
N PHE B 543 6.74 32.64 21.12
CA PHE B 543 6.45 34.00 20.68
C PHE B 543 5.23 33.94 19.77
N ASN B 544 4.05 34.19 20.34
CA ASN B 544 2.79 34.12 19.60
C ASN B 544 2.60 32.75 18.95
N GLY B 545 2.96 31.70 19.68
CA GLY B 545 2.88 30.34 19.18
C GLY B 545 4.09 29.87 18.40
N LEU B 546 5.09 30.71 18.20
CA LEU B 546 6.32 30.30 17.52
C LEU B 546 7.20 29.51 18.48
N THR B 547 6.81 28.27 18.78
CA THR B 547 7.54 27.46 19.73
C THR B 547 8.90 27.05 19.17
N GLY B 548 9.84 26.80 20.07
CA GLY B 548 11.16 26.37 19.67
C GLY B 548 12.08 26.30 20.87
N THR B 549 13.34 25.95 20.58
CA THR B 549 14.39 25.89 21.58
C THR B 549 15.65 26.51 21.02
N GLY B 550 16.37 27.25 21.86
CA GLY B 550 17.60 27.89 21.43
C GLY B 550 18.08 28.89 22.45
N VAL B 551 19.15 29.58 22.07
CA VAL B 551 19.77 30.60 22.90
C VAL B 551 19.41 31.96 22.33
N LEU B 552 18.79 32.81 23.14
CA LEU B 552 18.35 34.13 22.72
C LEU B 552 19.40 35.17 23.12
N THR B 553 19.79 36.01 22.16
CA THR B 553 20.74 37.07 22.40
C THR B 553 20.30 38.31 21.63
N GLU B 554 20.87 39.46 22.02
CA GLU B 554 20.53 40.70 21.34
C GLU B 554 20.95 40.66 19.88
N SER B 555 20.13 41.27 19.03
CA SER B 555 20.37 41.27 17.59
C SER B 555 20.30 42.68 17.05
N ASN B 556 21.15 42.98 16.08
CA ASN B 556 21.22 44.29 15.47
C ASN B 556 20.54 44.35 14.11
N LYS B 557 19.69 43.37 13.79
CA LYS B 557 18.98 43.38 12.52
C LYS B 557 18.07 44.59 12.42
N LYS B 558 18.11 45.25 11.26
CA LYS B 558 17.29 46.45 11.02
C LYS B 558 15.94 46.01 10.48
N PHE B 559 15.09 45.51 11.37
CA PHE B 559 13.77 45.04 10.96
C PHE B 559 12.90 46.20 10.53
N LEU B 560 12.21 46.03 9.40
CA LEU B 560 11.23 47.01 8.97
C LEU B 560 9.96 46.89 9.83
N PRO B 561 9.19 47.97 9.94
CA PRO B 561 8.04 47.94 10.87
C PRO B 561 7.05 46.83 10.61
N PHE B 562 6.81 46.45 9.36
CA PHE B 562 5.89 45.35 9.09
C PHE B 562 6.56 43.99 9.17
N GLN B 563 7.90 43.95 9.28
CA GLN B 563 8.63 42.69 9.36
C GLN B 563 8.67 42.24 10.82
N GLN B 564 8.02 41.12 11.11
CA GLN B 564 7.96 40.61 12.47
C GLN B 564 9.15 39.71 12.80
N PHE B 565 9.41 38.69 11.98
CA PHE B 565 10.47 37.73 12.25
C PHE B 565 11.22 37.42 10.97
N GLY B 566 12.50 37.05 11.13
CA GLY B 566 13.33 36.69 10.00
C GLY B 566 13.32 35.20 9.71
N ARG B 567 14.11 34.81 8.70
CA ARG B 567 14.21 33.42 8.31
C ARG B 567 15.54 33.19 7.62
N ASP B 568 15.90 31.91 7.48
CA ASP B 568 17.14 31.49 6.84
C ASP B 568 16.80 30.65 5.60
N ILE B 569 17.85 30.02 5.04
CA ILE B 569 17.68 29.21 3.84
C ILE B 569 16.72 28.06 4.09
N ALA B 570 16.84 27.40 5.25
CA ALA B 570 15.98 26.29 5.61
C ALA B 570 14.69 26.74 6.29
N ASP B 571 14.28 28.00 6.07
CA ASP B 571 13.04 28.61 6.55
C ASP B 571 12.88 28.55 8.07
N THR B 572 13.93 28.21 8.81
CA THR B 572 13.86 28.23 10.26
C THR B 572 13.99 29.66 10.76
N THR B 573 13.13 30.03 11.71
CA THR B 573 13.11 31.39 12.24
C THR B 573 14.38 31.63 13.05
N ASP B 574 15.28 32.44 12.51
CA ASP B 574 16.55 32.75 13.15
C ASP B 574 16.58 34.14 13.78
N ALA B 575 15.44 34.83 13.81
CA ALA B 575 15.35 36.15 14.43
C ALA B 575 13.90 36.45 14.70
N VAL B 576 13.62 37.00 15.89
CA VAL B 576 12.26 37.33 16.29
C VAL B 576 12.27 38.72 16.93
N ARG B 577 11.11 39.35 16.94
CA ARG B 577 10.92 40.66 17.55
C ARG B 577 10.05 40.48 18.80
N ASP B 578 10.56 40.92 19.93
CA ASP B 578 9.82 40.78 21.18
C ASP B 578 8.55 41.62 21.14
N PRO B 579 7.38 41.03 21.35
CA PRO B 579 6.13 41.80 21.18
C PRO B 579 5.94 42.89 22.22
N GLN B 580 6.15 42.57 23.50
CA GLN B 580 5.87 43.54 24.55
C GLN B 580 6.79 44.75 24.46
N THR B 581 8.09 44.52 24.32
CA THR B 581 9.07 45.57 24.10
C THR B 581 9.75 45.29 22.77
N LEU B 582 9.54 46.18 21.80
CA LEU B 582 10.08 45.96 20.47
C LEU B 582 11.60 45.86 20.52
N GLU B 583 12.12 44.72 20.08
CA GLU B 583 13.54 44.43 20.16
C GLU B 583 13.87 43.20 19.33
N ILE B 584 14.96 43.25 18.57
CA ILE B 584 15.33 42.14 17.71
C ILE B 584 16.26 41.21 18.48
N LEU B 585 15.91 39.93 18.50
CA LEU B 585 16.65 38.92 19.24
C LEU B 585 17.14 37.84 18.30
N ASP B 586 18.43 37.54 18.36
CA ASP B 586 18.99 36.45 17.59
C ASP B 586 18.60 35.11 18.21
N ILE B 587 18.61 34.07 17.39
CA ILE B 587 18.27 32.72 17.81
C ILE B 587 19.39 31.79 17.38
N THR B 588 19.97 31.07 18.34
CA THR B 588 21.04 30.12 18.06
C THR B 588 20.71 28.79 18.74
N PRO B 589 20.75 27.68 18.03
CA PRO B 589 20.44 26.39 18.65
C PRO B 589 21.45 26.01 19.72
N CYS B 590 20.99 25.22 20.68
CA CYS B 590 21.86 24.79 21.77
C CYS B 590 22.97 23.89 21.23
N SER B 591 24.10 23.91 21.92
CA SER B 591 25.29 23.18 21.47
C SER B 591 25.00 21.68 21.43
N PHE B 592 25.55 21.01 20.41
CA PHE B 592 25.39 19.58 20.26
C PHE B 592 26.54 19.06 19.41
N GLY B 593 26.59 17.75 19.26
CA GLY B 593 27.63 17.12 18.46
C GLY B 593 27.69 15.63 18.74
N GLY B 594 28.54 14.96 17.97
CA GLY B 594 28.71 13.54 18.14
C GLY B 594 29.57 13.19 19.33
N VAL B 595 29.49 11.93 19.74
CA VAL B 595 30.26 11.41 20.86
C VAL B 595 30.95 10.13 20.43
N SER B 596 32.26 10.05 20.68
CA SER B 596 33.05 8.89 20.32
C SER B 596 33.78 8.37 21.56
N VAL B 597 33.96 7.05 21.61
CA VAL B 597 34.61 6.39 22.74
C VAL B 597 35.91 5.77 22.26
N ILE B 598 37.01 6.14 22.92
CA ILE B 598 38.32 5.60 22.62
C ILE B 598 38.65 4.56 23.67
N THR B 599 38.89 3.33 23.23
CA THR B 599 39.20 2.24 24.15
C THR B 599 40.21 1.30 23.52
N PRO B 600 41.08 0.71 24.32
CA PRO B 600 41.85 -0.45 23.86
C PRO B 600 40.95 -1.68 23.87
N GLY B 601 41.53 -2.83 23.53
CA GLY B 601 40.78 -4.06 23.59
C GLY B 601 40.31 -4.37 25.00
N THR B 602 39.16 -5.04 25.10
CA THR B 602 38.64 -5.43 26.40
C THR B 602 39.57 -6.40 27.12
N ASN B 603 40.40 -7.13 26.36
CA ASN B 603 41.40 -7.98 27.00
C ASN B 603 42.41 -7.16 27.78
N THR B 604 42.85 -6.03 27.21
CA THR B 604 43.90 -5.24 27.85
C THR B 604 43.40 -4.59 29.13
N SER B 605 42.26 -3.91 29.08
CA SER B 605 41.75 -3.17 30.22
C SER B 605 40.31 -2.78 29.94
N ASN B 606 39.72 -2.05 30.88
CA ASN B 606 38.36 -1.55 30.76
C ASN B 606 38.26 -0.03 30.82
N GLN B 607 39.39 0.68 30.93
CA GLN B 607 39.36 2.12 30.91
C GLN B 607 38.99 2.63 29.52
N VAL B 608 38.25 3.74 29.48
CA VAL B 608 37.81 4.34 28.23
C VAL B 608 38.04 5.84 28.29
N ALA B 609 38.09 6.44 27.10
CA ALA B 609 38.17 7.89 26.96
C ALA B 609 37.08 8.33 25.99
N VAL B 610 36.50 9.50 26.26
CA VAL B 610 35.36 10.00 25.50
C VAL B 610 35.75 11.30 24.82
N LEU B 611 35.46 11.39 23.52
CA LEU B 611 35.74 12.58 22.73
C LEU B 611 34.42 13.22 22.33
N TYR B 612 34.23 14.48 22.72
CA TYR B 612 33.06 15.26 22.32
C TYR B 612 33.44 16.06 21.09
N GLN B 613 32.95 15.63 19.92
CA GLN B 613 33.41 16.21 18.67
C GLN B 613 32.91 17.64 18.52
N ASP B 614 33.84 18.54 18.15
CA ASP B 614 33.58 19.96 17.86
C ASP B 614 32.78 20.65 18.97
N VAL B 615 33.11 20.32 20.22
CA VAL B 615 32.48 20.93 21.38
C VAL B 615 33.54 21.74 22.12
N ASN B 616 33.16 22.94 22.54
CA ASN B 616 34.07 23.86 23.21
C ASN B 616 34.20 23.39 24.65
N CYS B 617 35.43 23.25 25.15
CA CYS B 617 35.63 22.53 26.40
C CYS B 617 34.96 23.22 27.58
N THR B 618 34.90 24.55 27.58
CA THR B 618 34.15 25.24 28.63
C THR B 618 32.65 25.11 28.45
N GLU B 619 32.18 24.86 27.23
CA GLU B 619 30.77 24.71 26.93
C GLU B 619 30.29 23.27 27.09
N VAL B 620 31.16 22.37 27.56
CA VAL B 620 30.73 21.01 27.87
C VAL B 620 29.61 21.07 28.89
N PRO B 621 28.57 20.24 28.80
CA PRO B 621 27.46 20.35 29.75
C PRO B 621 27.93 20.14 31.17
N VAL B 622 27.39 20.96 32.08
CA VAL B 622 27.80 20.95 33.48
C VAL B 622 27.01 19.84 34.15
N ALA B 623 27.54 18.63 34.08
CA ALA B 623 26.94 17.44 34.68
C ALA B 623 27.81 16.99 35.83
N ILE B 624 27.36 17.23 37.06
CA ILE B 624 28.08 16.77 38.23
C ILE B 624 27.88 15.27 38.42
N HIS B 625 26.62 14.86 38.61
CA HIS B 625 26.27 13.45 38.60
C HIS B 625 25.34 13.10 37.45
N ALA B 626 24.16 13.74 37.36
CA ALA B 626 23.26 13.53 36.24
C ALA B 626 22.29 14.70 36.17
N ASP B 627 22.42 15.55 35.15
CA ASP B 627 21.43 16.58 34.87
C ASP B 627 21.04 16.71 33.40
N GLN B 628 21.86 16.24 32.46
CA GLN B 628 21.50 16.19 31.06
C GLN B 628 20.91 14.82 30.74
N LEU B 629 20.80 14.50 29.45
CA LEU B 629 20.35 13.17 29.04
C LEU B 629 21.38 12.09 29.32
N THR B 630 22.60 12.47 29.73
CA THR B 630 23.64 11.54 30.12
C THR B 630 23.95 10.47 29.06
N PRO B 631 24.38 10.89 27.86
CA PRO B 631 24.87 9.89 26.89
C PRO B 631 26.36 9.63 27.08
N THR B 632 26.73 8.38 27.41
CA THR B 632 28.10 8.03 27.73
C THR B 632 28.63 8.94 28.84
N TRP B 633 28.01 8.79 30.01
CA TRP B 633 28.18 9.74 31.10
C TRP B 633 29.65 10.02 31.39
N ARG B 634 30.44 8.96 31.57
CA ARG B 634 31.87 9.08 31.91
C ARG B 634 31.96 9.90 33.20
N VAL B 635 32.81 10.92 33.27
CA VAL B 635 32.96 11.72 34.48
C VAL B 635 33.32 13.15 34.06
N TYR B 636 33.10 14.09 34.98
CA TYR B 636 33.46 15.48 34.74
C TYR B 636 34.95 15.67 35.01
N SER B 637 35.38 16.93 35.13
CA SER B 637 36.78 17.23 35.38
C SER B 637 37.28 16.52 36.63
N THR B 638 38.34 15.75 36.46
CA THR B 638 38.88 14.89 37.52
C THR B 638 40.39 14.79 37.32
N GLY B 639 40.99 13.74 37.87
CA GLY B 639 42.40 13.49 37.61
C GLY B 639 42.68 13.30 36.14
N SER B 640 41.75 12.68 35.42
CA SER B 640 41.82 12.59 33.97
C SER B 640 41.54 13.96 33.39
N ASN B 641 42.61 14.71 33.09
CA ASN B 641 42.47 16.11 32.73
C ASN B 641 41.70 16.28 31.43
N VAL B 642 40.99 17.39 31.34
CA VAL B 642 40.25 17.74 30.13
C VAL B 642 41.21 18.38 29.13
N PHE B 643 41.25 17.84 27.92
CA PHE B 643 42.16 18.30 26.89
C PHE B 643 41.36 18.80 25.70
N GLN B 644 41.79 19.93 25.14
CA GLN B 644 41.12 20.56 24.01
C GLN B 644 41.95 20.36 22.75
N THR B 645 41.32 19.80 21.72
CA THR B 645 41.94 19.57 20.43
C THR B 645 41.12 20.25 19.35
N ARG B 646 41.62 20.20 18.11
CA ARG B 646 40.87 20.73 16.98
C ARG B 646 39.70 19.84 16.60
N ALA B 647 39.72 18.57 16.99
CA ALA B 647 38.64 17.64 16.70
C ALA B 647 37.54 17.68 17.73
N GLY B 648 37.73 18.36 18.85
CA GLY B 648 36.74 18.46 19.89
C GLY B 648 37.40 18.46 21.25
N CYS B 649 36.60 18.17 22.27
CA CYS B 649 37.07 18.15 23.65
C CYS B 649 37.25 16.71 24.10
N LEU B 650 38.43 16.39 24.58
CA LEU B 650 38.80 15.01 24.94
C LEU B 650 38.87 14.89 26.45
N ILE B 651 38.12 13.94 27.00
CA ILE B 651 38.04 13.72 28.44
C ILE B 651 38.41 12.28 28.73
N GLY B 652 39.29 12.08 29.71
CA GLY B 652 39.72 10.75 30.11
C GLY B 652 41.08 10.34 29.63
N ALA B 653 41.83 11.23 28.98
CA ALA B 653 43.16 10.94 28.49
C ALA B 653 44.13 12.01 28.96
N GLU B 654 45.39 11.63 29.11
CA GLU B 654 46.43 12.53 29.59
C GLU B 654 47.34 12.94 28.45
N HIS B 655 47.51 14.25 28.28
CA HIS B 655 48.37 14.77 27.22
C HIS B 655 49.82 14.67 27.63
N VAL B 656 50.65 14.14 26.74
CA VAL B 656 52.08 14.01 26.99
C VAL B 656 52.84 14.91 26.02
N ASN B 657 54.17 14.98 26.18
CA ASN B 657 55.00 15.80 25.33
C ASN B 657 55.86 14.98 24.38
N ASN B 658 55.80 13.66 24.44
CA ASN B 658 56.59 12.81 23.56
C ASN B 658 55.89 12.69 22.21
N SER B 659 56.39 11.79 21.36
CA SER B 659 55.79 11.58 20.04
C SER B 659 56.14 10.17 19.58
N TYR B 660 55.12 9.35 19.35
CA TYR B 660 55.28 8.01 18.83
C TYR B 660 54.42 7.85 17.59
N GLU B 661 54.48 6.67 16.98
CA GLU B 661 53.67 6.39 15.81
C GLU B 661 52.20 6.26 16.22
N CYS B 662 51.32 6.51 15.25
CA CYS B 662 49.89 6.51 15.52
C CYS B 662 49.41 5.11 15.88
N ASP B 663 48.58 5.04 16.93
CA ASP B 663 47.93 3.80 17.33
C ASP B 663 46.42 3.86 17.13
N ILE B 664 45.77 4.87 17.71
CA ILE B 664 44.34 5.10 17.49
C ILE B 664 44.18 6.54 17.00
N PRO B 665 43.81 6.75 15.74
CA PRO B 665 43.72 8.12 15.22
C PRO B 665 42.56 8.88 15.83
N ILE B 666 42.83 10.09 16.29
CA ILE B 666 41.80 10.98 16.83
C ILE B 666 41.41 12.04 15.81
N GLY B 667 42.39 12.67 15.19
CA GLY B 667 42.14 13.69 14.18
C GLY B 667 43.10 14.86 14.37
N ALA B 668 43.32 15.58 13.27
CA ALA B 668 44.18 16.77 13.26
C ALA B 668 45.58 16.48 13.78
N GLY B 669 46.10 15.31 13.43
CA GLY B 669 47.45 14.95 13.83
C GLY B 669 47.59 14.46 15.24
N ILE B 670 46.50 14.07 15.90
CA ILE B 670 46.51 13.61 17.28
C ILE B 670 46.12 12.15 17.31
N CYS B 671 46.91 11.33 17.99
CA CYS B 671 46.62 9.92 18.19
C CYS B 671 46.59 9.61 19.68
N ALA B 672 46.08 8.43 20.01
CA ALA B 672 45.97 7.99 21.39
C ALA B 672 46.43 6.54 21.49
N SER B 673 46.92 6.17 22.67
CA SER B 673 47.42 4.82 22.89
C SER B 673 47.39 4.51 24.38
N TYR B 674 47.50 3.22 24.69
CA TYR B 674 47.55 2.72 26.06
C TYR B 674 48.98 2.32 26.38
N GLN B 675 49.65 3.13 27.19
CA GLN B 675 51.04 2.90 27.54
C GLN B 675 51.19 2.90 29.06
N THR B 676 51.88 1.90 29.57
CA THR B 676 52.11 1.77 31.01
C THR B 676 53.53 2.18 31.38
N GLN B 690 49.86 2.68 33.27
CA GLN B 690 48.51 2.11 33.29
C GLN B 690 47.47 3.19 33.01
N SER B 691 47.64 3.91 31.91
CA SER B 691 46.75 5.02 31.59
C SER B 691 46.70 5.21 30.08
N ILE B 692 45.65 5.90 29.64
CA ILE B 692 45.48 6.26 28.24
C ILE B 692 46.09 7.64 28.01
N ILE B 693 46.94 7.75 27.00
CA ILE B 693 47.66 8.99 26.73
C ILE B 693 47.28 9.49 25.34
N ALA B 694 47.40 10.80 25.16
CA ALA B 694 47.19 11.45 23.87
C ALA B 694 48.44 12.25 23.52
N TYR B 695 48.84 12.19 22.25
CA TYR B 695 50.08 12.79 21.82
C TYR B 695 49.95 13.23 20.36
N THR B 696 51.02 13.81 19.84
CA THR B 696 51.11 14.20 18.43
C THR B 696 51.95 13.15 17.70
N MET B 697 51.39 12.59 16.64
CA MET B 697 52.03 11.48 15.95
C MET B 697 53.33 11.94 15.29
N SER B 698 54.29 11.03 15.22
CA SER B 698 55.58 11.26 14.58
C SER B 698 55.59 10.55 13.23
N LEU B 699 56.07 11.25 12.20
CA LEU B 699 56.02 10.69 10.85
C LEU B 699 57.05 9.58 10.67
N GLY B 700 58.24 9.75 11.22
CA GLY B 700 59.26 8.72 11.08
C GLY B 700 60.58 9.17 11.68
N ALA B 701 61.55 8.27 11.61
CA ALA B 701 62.87 8.55 12.15
C ALA B 701 63.62 9.54 11.27
N GLU B 702 64.32 10.47 11.91
CA GLU B 702 65.11 11.46 11.18
C GLU B 702 66.34 10.80 10.55
N ASN B 703 66.63 11.18 9.32
CA ASN B 703 67.79 10.66 8.61
C ASN B 703 68.43 11.78 7.80
N SER B 704 69.73 11.65 7.55
CA SER B 704 70.47 12.64 6.80
C SER B 704 71.55 11.94 5.99
N VAL B 705 71.52 12.10 4.67
CA VAL B 705 72.47 11.46 3.78
C VAL B 705 73.70 12.35 3.65
N ALA B 706 74.88 11.75 3.76
CA ALA B 706 76.15 12.50 3.72
C ALA B 706 76.47 12.87 2.28
N TYR B 707 75.79 13.91 1.78
CA TYR B 707 76.03 14.38 0.42
C TYR B 707 77.36 15.11 0.33
N SER B 708 78.02 14.95 -0.81
CA SER B 708 79.31 15.59 -1.04
C SER B 708 79.52 15.73 -2.54
N ASN B 709 80.52 16.54 -2.92
CA ASN B 709 80.80 16.76 -4.33
C ASN B 709 81.31 15.50 -5.03
N ASN B 710 82.04 14.63 -4.33
CA ASN B 710 82.69 13.49 -4.95
C ASN B 710 82.61 12.27 -4.05
N SER B 711 81.45 12.01 -3.47
CA SER B 711 81.27 10.87 -2.60
C SER B 711 80.13 10.00 -3.11
N ILE B 712 80.36 8.69 -3.15
CA ILE B 712 79.37 7.73 -3.60
C ILE B 712 79.37 6.55 -2.65
N ALA B 713 78.24 5.86 -2.59
CA ALA B 713 78.06 4.68 -1.76
C ALA B 713 77.66 3.51 -2.64
N ILE B 714 78.34 2.38 -2.47
CA ILE B 714 78.12 1.21 -3.32
C ILE B 714 77.85 -0.01 -2.45
N PRO B 715 76.79 -0.77 -2.72
CA PRO B 715 76.53 -1.98 -1.93
C PRO B 715 77.61 -3.03 -2.17
N THR B 716 77.87 -3.81 -1.13
CA THR B 716 78.86 -4.87 -1.20
C THR B 716 78.27 -6.26 -1.01
N ASN B 717 77.00 -6.37 -0.65
CA ASN B 717 76.40 -7.66 -0.35
C ASN B 717 74.90 -7.44 -0.36
N PHE B 718 74.13 -8.52 -0.51
CA PHE B 718 72.71 -8.37 -0.83
C PHE B 718 71.87 -9.30 0.03
N THR B 719 70.56 -9.27 -0.23
CA THR B 719 69.60 -10.03 0.53
C THR B 719 68.39 -10.31 -0.34
N ILE B 720 67.95 -11.57 -0.37
CA ILE B 720 66.76 -11.97 -1.11
C ILE B 720 65.56 -11.86 -0.18
N SER B 721 64.53 -11.14 -0.63
CA SER B 721 63.35 -10.89 0.17
C SER B 721 62.11 -11.44 -0.53
N VAL B 722 61.18 -11.96 0.26
CA VAL B 722 59.90 -12.47 -0.25
C VAL B 722 58.78 -11.82 0.55
N THR B 723 57.84 -11.20 -0.16
CA THR B 723 56.70 -10.52 0.45
C THR B 723 55.42 -10.99 -0.21
N THR B 724 54.31 -10.78 0.49
CA THR B 724 53.00 -11.24 0.04
C THR B 724 52.11 -10.07 -0.33
N GLU B 725 51.05 -10.38 -1.09
CA GLU B 725 50.08 -9.40 -1.51
C GLU B 725 48.75 -10.11 -1.74
N ILE B 726 47.68 -9.58 -1.17
CA ILE B 726 46.37 -10.21 -1.19
C ILE B 726 45.40 -9.28 -1.92
N LEU B 727 44.66 -9.83 -2.88
CA LEU B 727 43.72 -9.06 -3.67
C LEU B 727 42.42 -9.85 -3.84
N PRO B 728 41.28 -9.29 -3.47
CA PRO B 728 40.00 -9.95 -3.76
C PRO B 728 39.73 -9.98 -5.26
N VAL B 729 39.09 -11.05 -5.72
CA VAL B 729 38.87 -11.24 -7.15
C VAL B 729 37.39 -11.35 -7.46
N SER B 730 36.61 -11.88 -6.52
CA SER B 730 35.19 -12.13 -6.78
C SER B 730 34.43 -12.15 -5.46
N MET B 731 33.11 -12.13 -5.58
CA MET B 731 32.22 -12.17 -4.43
C MET B 731 31.04 -13.09 -4.75
N THR B 732 30.32 -13.47 -3.71
CA THR B 732 29.26 -14.47 -3.86
C THR B 732 28.14 -13.96 -4.75
N LYS B 733 27.59 -14.86 -5.56
CA LYS B 733 26.50 -14.55 -6.48
C LYS B 733 25.17 -14.92 -5.82
N THR B 734 24.28 -13.94 -5.71
CA THR B 734 22.98 -14.16 -5.08
C THR B 734 21.87 -13.73 -6.02
N SER B 735 20.71 -14.36 -5.87
CA SER B 735 19.51 -14.00 -6.60
C SER B 735 18.36 -13.84 -5.63
N VAL B 736 17.44 -12.93 -5.96
CA VAL B 736 16.32 -12.60 -5.09
C VAL B 736 15.04 -12.68 -5.90
N ASP B 737 14.06 -13.42 -5.38
CA ASP B 737 12.72 -13.46 -5.98
C ASP B 737 11.92 -12.30 -5.42
N CYS B 738 11.64 -11.31 -6.27
CA CYS B 738 10.96 -10.10 -5.81
C CYS B 738 9.56 -10.42 -5.27
N THR B 739 8.80 -11.23 -6.00
CA THR B 739 7.43 -11.51 -5.61
C THR B 739 7.36 -12.25 -4.28
N MET B 740 8.19 -13.29 -4.12
CA MET B 740 8.17 -14.04 -2.87
C MET B 740 8.69 -13.21 -1.70
N TYR B 741 9.69 -12.37 -1.94
CA TYR B 741 10.20 -11.53 -0.86
C TYR B 741 9.18 -10.51 -0.41
N ILE B 742 8.48 -9.88 -1.36
CA ILE B 742 7.55 -8.80 -1.00
C ILE B 742 6.27 -9.37 -0.41
N CYS B 743 5.56 -10.19 -1.18
CA CYS B 743 4.28 -10.74 -0.75
C CYS B 743 4.41 -12.14 -0.15
N GLY B 744 4.91 -13.09 -0.92
CA GLY B 744 4.95 -14.47 -0.46
C GLY B 744 3.74 -15.25 -0.91
N ASP B 745 3.11 -15.96 0.03
CA ASP B 745 1.96 -16.77 -0.30
C ASP B 745 0.77 -15.94 -0.78
N SER B 746 0.55 -14.79 -0.13
CA SER B 746 -0.62 -13.94 -0.38
C SER B 746 -0.81 -13.64 -1.86
N THR B 747 -2.02 -13.91 -2.36
CA THR B 747 -2.33 -13.67 -3.76
C THR B 747 -2.77 -12.23 -4.01
N GLU B 748 -3.60 -11.68 -3.12
CA GLU B 748 -4.06 -10.31 -3.28
C GLU B 748 -2.91 -9.32 -3.23
N CYS B 749 -1.90 -9.60 -2.39
CA CYS B 749 -0.70 -8.77 -2.42
C CYS B 749 -0.04 -8.83 -3.78
N SER B 750 0.00 -10.00 -4.40
CA SER B 750 0.59 -10.12 -5.73
C SER B 750 -0.21 -9.32 -6.76
N ASN B 751 -1.54 -9.36 -6.67
CA ASN B 751 -2.36 -8.59 -7.60
C ASN B 751 -2.14 -7.09 -7.43
N LEU B 752 -2.03 -6.62 -6.19
CA LEU B 752 -1.65 -5.23 -5.98
C LEU B 752 -0.24 -4.96 -6.47
N LEU B 753 0.64 -5.96 -6.44
CA LEU B 753 2.03 -5.76 -6.81
C LEU B 753 2.19 -5.53 -8.30
N LEU B 754 1.57 -6.38 -9.13
CA LEU B 754 1.81 -6.20 -10.56
C LEU B 754 1.22 -4.91 -11.08
N GLN B 755 0.37 -4.25 -10.30
CA GLN B 755 -0.18 -2.96 -10.68
C GLN B 755 0.82 -1.83 -10.51
N TYR B 756 2.00 -2.11 -9.95
CA TYR B 756 3.06 -1.15 -9.79
C TYR B 756 3.98 -1.07 -11.00
N GLY B 757 3.77 -1.88 -12.02
CA GLY B 757 4.61 -1.89 -13.19
C GLY B 757 5.70 -2.94 -13.11
N SER B 758 6.66 -2.81 -14.02
CA SER B 758 7.78 -3.75 -14.13
C SER B 758 8.93 -3.23 -13.27
N PHE B 759 8.98 -3.67 -12.02
CA PHE B 759 10.06 -3.32 -11.10
C PHE B 759 10.93 -4.50 -10.72
N CYS B 760 10.35 -5.69 -10.54
CA CYS B 760 11.13 -6.86 -10.16
C CYS B 760 12.03 -7.32 -11.29
N THR B 761 11.61 -7.15 -12.54
CA THR B 761 12.43 -7.56 -13.66
C THR B 761 13.74 -6.77 -13.70
N GLN B 762 13.68 -5.47 -13.42
CA GLN B 762 14.90 -4.67 -13.37
C GLN B 762 15.87 -5.17 -12.32
N LEU B 763 15.35 -5.47 -11.13
CA LEU B 763 16.21 -5.94 -10.05
C LEU B 763 16.84 -7.27 -10.39
N ASN B 764 16.04 -8.20 -10.93
CA ASN B 764 16.57 -9.50 -11.32
C ASN B 764 17.63 -9.36 -12.40
N ARG B 765 17.40 -8.46 -13.35
CA ARG B 765 18.34 -8.24 -14.44
C ARG B 765 19.67 -7.71 -13.92
N ALA B 766 19.62 -6.73 -13.01
CA ALA B 766 20.86 -6.21 -12.44
C ALA B 766 21.60 -7.28 -11.66
N LEU B 767 20.88 -8.09 -10.88
CA LEU B 767 21.53 -9.14 -10.10
C LEU B 767 22.17 -10.17 -11.01
N THR B 768 21.51 -10.52 -12.11
CA THR B 768 22.09 -11.45 -13.07
C THR B 768 23.34 -10.88 -13.72
N GLY B 769 23.32 -9.58 -14.04
CA GLY B 769 24.52 -8.95 -14.56
C GLY B 769 25.69 -9.05 -13.60
N ILE B 770 25.44 -8.80 -12.31
CA ILE B 770 26.50 -8.94 -11.32
C ILE B 770 27.00 -10.38 -11.26
N ALA B 771 26.07 -11.34 -11.31
CA ALA B 771 26.45 -12.75 -11.22
C ALA B 771 27.35 -13.16 -12.38
N VAL B 772 27.03 -12.75 -13.60
CA VAL B 772 27.89 -13.12 -14.73
C VAL B 772 29.22 -12.35 -14.66
N GLU B 773 29.20 -11.12 -14.14
CA GLU B 773 30.44 -10.38 -14.01
C GLU B 773 31.42 -11.08 -13.08
N GLN B 774 30.92 -11.72 -12.02
CA GLN B 774 31.81 -12.44 -11.10
C GLN B 774 32.58 -13.54 -11.83
N ASP B 775 31.87 -14.35 -12.61
CA ASP B 775 32.53 -15.42 -13.35
C ASP B 775 33.50 -14.86 -14.38
N LYS B 776 33.13 -13.76 -15.04
CA LYS B 776 34.07 -13.14 -15.98
C LYS B 776 35.34 -12.70 -15.27
N ASN B 777 35.21 -12.13 -14.07
CA ASN B 777 36.37 -11.70 -13.31
C ASN B 777 37.29 -12.88 -13.01
N THR B 778 36.73 -13.97 -12.48
CA THR B 778 37.57 -15.11 -12.15
C THR B 778 38.23 -15.69 -13.40
N GLN B 779 37.48 -15.81 -14.49
CA GLN B 779 38.02 -16.36 -15.72
C GLN B 779 39.17 -15.52 -16.25
N GLU B 780 39.01 -14.19 -16.24
CA GLU B 780 40.05 -13.34 -16.77
C GLU B 780 41.24 -13.20 -15.83
N VAL B 781 41.08 -13.51 -14.55
CA VAL B 781 42.23 -13.46 -13.65
C VAL B 781 43.06 -14.74 -13.72
N PHE B 782 42.40 -15.90 -13.69
CA PHE B 782 43.16 -17.15 -13.56
C PHE B 782 43.45 -17.87 -14.87
N ALA B 783 42.55 -17.79 -15.86
CA ALA B 783 42.72 -18.57 -17.09
C ALA B 783 43.60 -17.84 -18.11
N GLN B 784 44.80 -17.44 -17.70
CA GLN B 784 45.70 -16.77 -18.62
C GLN B 784 46.39 -17.76 -19.56
N VAL B 785 46.77 -18.94 -19.05
CA VAL B 785 47.52 -19.91 -19.83
C VAL B 785 46.53 -20.81 -20.57
N LYS B 786 47.02 -21.43 -21.64
CA LYS B 786 46.19 -22.30 -22.48
C LYS B 786 46.55 -23.77 -22.36
N GLN B 787 47.76 -24.10 -21.91
CA GLN B 787 48.20 -25.48 -21.76
C GLN B 787 48.45 -25.77 -20.28
N ILE B 788 48.11 -26.98 -19.87
CA ILE B 788 48.29 -27.42 -18.48
C ILE B 788 49.68 -28.05 -18.39
N TYR B 789 50.64 -27.30 -17.85
CA TYR B 789 52.01 -27.77 -17.70
C TYR B 789 52.16 -28.58 -16.43
N LYS B 790 53.06 -29.56 -16.48
CA LYS B 790 53.31 -30.46 -15.37
C LYS B 790 54.77 -30.41 -14.99
N THR B 791 55.05 -30.39 -13.68
CA THR B 791 56.42 -30.38 -13.20
C THR B 791 57.04 -31.76 -13.36
N PRO B 792 58.37 -31.82 -13.51
CA PRO B 792 59.02 -33.12 -13.67
C PRO B 792 58.95 -33.90 -12.37
N PRO B 793 59.01 -35.24 -12.43
CA PRO B 793 58.96 -36.03 -11.19
C PRO B 793 60.16 -35.76 -10.28
N ILE B 794 61.37 -35.89 -10.80
CA ILE B 794 62.56 -35.56 -10.01
C ILE B 794 62.67 -34.04 -9.90
N LYS B 795 63.00 -33.57 -8.71
CA LYS B 795 63.00 -32.14 -8.41
C LYS B 795 64.38 -31.75 -7.90
N ASP B 796 65.28 -31.43 -8.83
CA ASP B 796 66.60 -30.90 -8.53
C ASP B 796 66.76 -29.60 -9.31
N PHE B 797 66.75 -28.47 -8.59
CA PHE B 797 66.80 -27.15 -9.21
C PHE B 797 68.01 -26.36 -8.74
N GLY B 798 69.10 -27.05 -8.40
CA GLY B 798 70.31 -26.37 -7.98
C GLY B 798 70.31 -25.86 -6.57
N GLY B 799 69.32 -26.23 -5.75
CA GLY B 799 69.28 -25.79 -4.37
C GLY B 799 67.96 -25.16 -3.98
N PHE B 800 67.27 -24.56 -4.95
CA PHE B 800 65.97 -23.98 -4.69
C PHE B 800 64.95 -25.09 -4.44
N ASN B 801 64.06 -24.86 -3.49
CA ASN B 801 63.34 -25.95 -2.83
C ASN B 801 61.91 -26.09 -3.36
N PHE B 802 61.14 -25.01 -3.33
CA PHE B 802 59.81 -24.93 -3.94
C PHE B 802 58.79 -25.90 -3.33
N SER B 803 59.16 -26.63 -2.28
CA SER B 803 58.24 -27.62 -1.73
C SER B 803 57.02 -26.96 -1.09
N GLN B 804 57.16 -25.73 -0.59
CA GLN B 804 56.07 -25.09 0.14
C GLN B 804 54.98 -24.56 -0.77
N ILE B 805 55.25 -24.37 -2.05
CA ILE B 805 54.26 -23.82 -2.98
C ILE B 805 53.82 -24.81 -4.05
N LEU B 806 54.49 -25.95 -4.17
CA LEU B 806 54.06 -26.93 -5.14
C LEU B 806 52.91 -27.78 -4.59
N PRO B 807 52.07 -28.33 -5.46
CA PRO B 807 50.95 -29.15 -4.99
C PRO B 807 51.43 -30.37 -4.21
N ASP B 808 50.67 -30.73 -3.17
CA ASP B 808 50.99 -31.88 -2.36
C ASP B 808 50.20 -33.08 -2.85
N PRO B 809 50.85 -34.13 -3.37
CA PRO B 809 50.07 -35.25 -3.92
C PRO B 809 49.41 -36.10 -2.84
N SER B 810 50.11 -36.36 -1.74
CA SER B 810 49.57 -37.25 -0.71
C SER B 810 48.31 -36.66 -0.08
N LYS B 811 48.39 -35.42 0.37
CA LYS B 811 47.24 -34.79 1.02
C LYS B 811 46.17 -34.50 -0.03
N PRO B 812 44.91 -34.83 0.22
CA PRO B 812 43.90 -34.76 -0.83
C PRO B 812 43.64 -33.34 -1.30
N SER B 813 42.90 -33.25 -2.41
CA SER B 813 42.54 -31.99 -3.08
C SER B 813 43.75 -31.34 -3.73
N LYS B 814 44.93 -31.92 -3.52
CA LYS B 814 46.17 -31.51 -4.19
C LYS B 814 46.40 -30.01 -4.09
N ARG B 815 46.49 -29.53 -2.86
CA ARG B 815 46.77 -28.13 -2.58
C ARG B 815 48.11 -27.99 -1.88
N SER B 816 48.83 -26.92 -2.18
CA SER B 816 50.09 -26.64 -1.52
C SER B 816 49.86 -26.32 -0.04
N PRO B 817 50.88 -26.51 0.80
CA PRO B 817 50.71 -26.19 2.23
C PRO B 817 50.27 -24.77 2.49
N ILE B 818 50.81 -23.80 1.73
CA ILE B 818 50.42 -22.41 1.91
C ILE B 818 48.96 -22.22 1.52
N GLU B 819 48.52 -22.85 0.43
CA GLU B 819 47.12 -22.78 0.04
C GLU B 819 46.24 -23.41 1.10
N ASP B 820 46.69 -24.52 1.71
CA ASP B 820 45.94 -25.15 2.77
C ASP B 820 45.77 -24.21 3.96
N LEU B 821 46.85 -23.54 4.36
CA LEU B 821 46.77 -22.59 5.46
C LEU B 821 45.82 -21.44 5.12
N LEU B 822 45.91 -20.92 3.89
CA LEU B 822 45.05 -19.82 3.48
C LEU B 822 43.58 -20.24 3.52
N PHE B 823 43.28 -21.45 3.07
CA PHE B 823 41.89 -21.91 3.07
C PHE B 823 41.38 -22.17 4.48
N ASN B 824 42.24 -22.66 5.38
CA ASN B 824 41.80 -22.88 6.76
C ASN B 824 41.57 -21.57 7.49
N LYS B 825 42.43 -20.56 7.27
CA LYS B 825 42.32 -19.32 8.01
C LYS B 825 41.03 -18.58 7.70
N VAL B 826 40.63 -18.52 6.44
CA VAL B 826 39.46 -17.75 6.04
C VAL B 826 38.21 -18.61 6.25
N THR B 827 37.26 -18.08 7.01
CA THR B 827 36.02 -18.80 7.30
C THR B 827 34.81 -18.05 6.75
N ASP B 848 21.69 -24.78 7.55
CA ASP B 848 22.07 -23.93 8.67
C ASP B 848 21.58 -22.50 8.46
N LEU B 849 22.49 -21.54 8.67
CA LEU B 849 22.13 -20.14 8.48
C LEU B 849 21.76 -19.84 7.04
N ILE B 850 22.52 -20.40 6.09
CA ILE B 850 22.27 -20.15 4.68
C ILE B 850 20.87 -20.62 4.29
N CYS B 851 20.50 -21.81 4.75
CA CYS B 851 19.14 -22.29 4.53
C CYS B 851 18.12 -21.43 5.27
N ALA B 852 18.51 -20.86 6.41
CA ALA B 852 17.60 -19.97 7.13
C ALA B 852 17.27 -18.73 6.29
N GLN B 853 18.27 -18.16 5.61
CA GLN B 853 17.98 -17.02 4.74
C GLN B 853 17.13 -17.43 3.55
N LYS B 854 17.17 -18.71 3.17
CA LYS B 854 16.39 -19.18 2.02
C LYS B 854 14.90 -19.06 2.24
N PHE B 855 14.46 -18.85 3.48
CA PHE B 855 13.04 -18.81 3.79
C PHE B 855 12.30 -17.76 2.99
N ASN B 856 12.92 -16.60 2.74
CA ASN B 856 12.24 -15.46 2.17
C ASN B 856 12.48 -15.28 0.67
N GLY B 857 13.03 -16.27 0.00
CA GLY B 857 13.26 -16.21 -1.42
C GLY B 857 14.67 -15.87 -1.86
N LEU B 858 15.66 -16.01 -0.99
CA LEU B 858 17.04 -15.65 -1.29
C LEU B 858 17.82 -16.92 -1.59
N THR B 859 18.45 -16.98 -2.76
CA THR B 859 19.23 -18.12 -3.18
C THR B 859 20.66 -17.69 -3.50
N VAL B 860 21.57 -18.66 -3.49
CA VAL B 860 22.98 -18.44 -3.79
C VAL B 860 23.37 -19.35 -4.94
N LEU B 861 23.95 -18.77 -5.98
CA LEU B 861 24.34 -19.59 -7.13
C LEU B 861 25.80 -19.98 -7.03
N PRO B 862 26.15 -21.20 -7.39
CA PRO B 862 27.54 -21.64 -7.29
C PRO B 862 28.39 -21.03 -8.38
N PRO B 863 29.67 -20.78 -8.12
CA PRO B 863 30.55 -20.25 -9.16
C PRO B 863 30.81 -21.29 -10.26
N LEU B 864 31.11 -20.79 -11.46
CA LEU B 864 31.33 -21.68 -12.59
C LEU B 864 32.59 -22.51 -12.41
N LEU B 865 33.67 -21.91 -11.91
CA LEU B 865 34.93 -22.60 -11.72
C LEU B 865 34.99 -23.14 -10.29
N THR B 866 35.14 -24.45 -10.16
CA THR B 866 35.31 -25.04 -8.84
C THR B 866 36.71 -24.76 -8.31
N ASP B 867 36.89 -25.01 -7.00
CA ASP B 867 38.17 -24.74 -6.37
C ASP B 867 39.28 -25.61 -6.93
N GLU B 868 38.97 -26.87 -7.28
CA GLU B 868 39.97 -27.77 -7.83
C GLU B 868 40.53 -27.25 -9.15
N MET B 869 39.65 -26.71 -9.99
CA MET B 869 40.10 -26.21 -11.29
C MET B 869 40.95 -24.95 -11.14
N ILE B 870 40.61 -24.09 -10.18
CA ILE B 870 41.44 -22.93 -9.90
C ILE B 870 42.82 -23.37 -9.42
N ALA B 871 42.85 -24.35 -8.51
CA ALA B 871 44.13 -24.87 -8.04
C ALA B 871 44.93 -25.46 -9.19
N GLN B 872 44.26 -26.13 -10.13
CA GLN B 872 44.94 -26.67 -11.30
C GLN B 872 45.54 -25.56 -12.15
N TYR B 873 44.81 -24.45 -12.31
CA TYR B 873 45.34 -23.32 -13.06
C TYR B 873 46.61 -22.77 -12.41
N THR B 874 46.56 -22.59 -11.08
CA THR B 874 47.74 -22.06 -10.39
C THR B 874 48.90 -23.04 -10.46
N SER B 875 48.63 -24.35 -10.38
CA SER B 875 49.69 -25.34 -10.50
C SER B 875 50.33 -25.29 -11.89
N ALA B 876 49.50 -25.13 -12.93
CA ALA B 876 50.03 -25.03 -14.28
C ALA B 876 50.90 -23.79 -14.42
N LEU B 877 50.47 -22.66 -13.86
CA LEU B 877 51.30 -21.45 -13.91
C LEU B 877 52.62 -21.65 -13.19
N LEU B 878 52.59 -22.30 -12.02
CA LEU B 878 53.82 -22.57 -11.28
C LEU B 878 54.78 -23.42 -12.10
N ALA B 879 54.27 -24.51 -12.67
CA ALA B 879 55.13 -25.40 -13.46
C ALA B 879 55.70 -24.68 -14.66
N GLY B 880 54.87 -23.88 -15.34
CA GLY B 880 55.37 -23.15 -16.50
C GLY B 880 56.46 -22.16 -16.14
N THR B 881 56.26 -21.40 -15.06
CA THR B 881 57.26 -20.40 -14.70
C THR B 881 58.49 -21.01 -14.08
N ILE B 882 58.42 -22.24 -13.59
CA ILE B 882 59.61 -22.89 -13.04
C ILE B 882 60.42 -23.59 -14.11
N THR B 883 59.77 -24.28 -15.05
CA THR B 883 60.50 -25.09 -16.01
C THR B 883 60.86 -24.34 -17.30
N SER B 884 60.33 -23.14 -17.52
CA SER B 884 60.57 -22.45 -18.78
C SER B 884 60.84 -20.96 -18.65
N GLY B 885 60.82 -20.39 -17.45
CA GLY B 885 61.03 -18.95 -17.33
C GLY B 885 59.83 -18.18 -17.85
N TRP B 886 60.11 -17.09 -18.56
CA TRP B 886 59.07 -16.23 -19.11
C TRP B 886 58.72 -16.56 -20.55
N THR B 887 59.32 -17.60 -21.13
CA THR B 887 59.09 -17.88 -22.55
C THR B 887 57.69 -18.40 -22.81
N PHE B 888 57.12 -19.17 -21.87
CA PHE B 888 55.83 -19.79 -22.11
C PHE B 888 54.70 -18.77 -22.19
N GLY B 889 54.91 -17.56 -21.69
CA GLY B 889 53.89 -16.53 -21.78
C GLY B 889 53.83 -15.77 -23.08
N ALA B 890 54.79 -16.00 -23.99
CA ALA B 890 54.85 -15.29 -25.25
C ALA B 890 54.93 -16.23 -26.45
N GLY B 891 54.66 -17.51 -26.26
CA GLY B 891 54.75 -18.47 -27.34
C GLY B 891 54.93 -19.89 -26.80
N PRO B 892 55.61 -20.73 -27.56
CA PRO B 892 55.91 -22.08 -27.07
C PRO B 892 56.85 -22.03 -25.88
N ALA B 893 56.68 -23.01 -24.99
CA ALA B 893 57.50 -23.09 -23.79
C ALA B 893 58.85 -23.72 -24.12
N LEU B 894 59.92 -23.06 -23.74
CA LEU B 894 61.29 -23.53 -23.97
C LEU B 894 61.94 -23.78 -22.62
N GLN B 895 62.45 -24.99 -22.43
CA GLN B 895 63.07 -25.34 -21.16
C GLN B 895 64.42 -24.66 -21.01
N ILE B 896 64.82 -24.47 -19.75
CA ILE B 896 66.07 -23.82 -19.39
C ILE B 896 66.38 -24.15 -17.94
N PRO B 897 67.63 -24.47 -17.60
CA PRO B 897 67.95 -24.76 -16.18
C PRO B 897 67.66 -23.55 -15.30
N PHE B 898 67.18 -23.82 -14.09
CA PHE B 898 66.74 -22.75 -13.22
C PHE B 898 67.84 -21.77 -12.85
N PRO B 899 69.05 -22.19 -12.47
CA PRO B 899 70.11 -21.19 -12.21
C PRO B 899 70.41 -20.30 -13.40
N MET B 900 70.29 -20.83 -14.63
CA MET B 900 70.47 -19.98 -15.80
C MET B 900 69.38 -18.92 -15.90
N GLN B 901 68.14 -19.30 -15.59
CA GLN B 901 67.05 -18.33 -15.57
C GLN B 901 67.27 -17.28 -14.49
N MET B 902 67.78 -17.70 -13.33
CA MET B 902 68.10 -16.74 -12.27
C MET B 902 69.20 -15.80 -12.72
N ALA B 903 70.20 -16.29 -13.46
CA ALA B 903 71.24 -15.42 -14.00
C ALA B 903 70.66 -14.41 -14.98
N TYR B 904 69.71 -14.85 -15.82
CA TYR B 904 69.04 -13.94 -16.73
C TYR B 904 68.31 -12.84 -15.96
N ARG B 905 67.60 -13.23 -14.91
CA ARG B 905 66.85 -12.24 -14.13
C ARG B 905 67.78 -11.32 -13.36
N PHE B 906 68.96 -11.80 -12.96
CA PHE B 906 69.97 -10.93 -12.36
C PHE B 906 70.47 -9.92 -13.37
N ASN B 907 70.71 -10.36 -14.61
CA ASN B 907 71.06 -9.42 -15.68
C ASN B 907 69.95 -8.42 -15.92
N GLY B 908 68.70 -8.82 -15.68
CA GLY B 908 67.58 -7.91 -15.89
C GLY B 908 67.63 -6.68 -15.01
N ILE B 909 68.18 -6.79 -13.81
CA ILE B 909 68.23 -5.66 -12.87
C ILE B 909 69.60 -4.98 -12.89
N GLY B 910 70.47 -5.32 -13.82
CA GLY B 910 71.75 -4.66 -13.93
C GLY B 910 72.87 -5.27 -13.12
N VAL B 911 72.82 -6.57 -12.85
CA VAL B 911 73.87 -7.27 -12.13
C VAL B 911 74.36 -8.41 -13.01
N THR B 912 75.68 -8.58 -13.07
CA THR B 912 76.27 -9.56 -13.98
C THR B 912 76.00 -10.99 -13.51
N GLN B 913 76.22 -11.93 -14.42
CA GLN B 913 75.87 -13.33 -14.17
C GLN B 913 76.81 -13.98 -13.16
N ASN B 914 78.09 -13.59 -13.20
CA ASN B 914 79.08 -14.25 -12.34
C ASN B 914 78.76 -14.06 -10.86
N VAL B 915 78.05 -12.99 -10.49
CA VAL B 915 77.65 -12.81 -9.11
C VAL B 915 76.77 -13.97 -8.65
N LEU B 916 75.75 -14.30 -9.45
CA LEU B 916 74.90 -15.43 -9.10
C LEU B 916 75.65 -16.74 -9.20
N TYR B 917 76.45 -16.94 -10.24
CA TYR B 917 77.15 -18.21 -10.36
C TYR B 917 78.18 -18.41 -9.26
N GLU B 918 78.63 -17.35 -8.60
CA GLU B 918 79.56 -17.48 -7.49
C GLU B 918 78.89 -17.44 -6.12
N ASN B 919 77.63 -17.02 -6.04
CA ASN B 919 76.92 -17.02 -4.77
C ASN B 919 75.64 -17.83 -4.84
N GLN B 920 75.62 -18.85 -5.71
CA GLN B 920 74.44 -19.69 -5.89
C GLN B 920 73.97 -20.30 -4.58
N LYS B 921 74.88 -20.89 -3.80
CA LYS B 921 74.46 -21.57 -2.58
C LYS B 921 73.87 -20.60 -1.57
N LEU B 922 74.51 -19.44 -1.40
CA LEU B 922 73.98 -18.43 -0.47
C LEU B 922 72.62 -17.93 -0.93
N ILE B 923 72.46 -17.71 -2.24
CA ILE B 923 71.18 -17.21 -2.75
C ILE B 923 70.09 -18.24 -2.53
N ALA B 924 70.38 -19.52 -2.79
CA ALA B 924 69.40 -20.57 -2.57
C ALA B 924 69.02 -20.67 -1.10
N ASN B 925 70.00 -20.56 -0.21
CA ASN B 925 69.71 -20.62 1.22
C ASN B 925 68.82 -19.46 1.65
N GLN B 926 69.11 -18.25 1.17
CA GLN B 926 68.29 -17.10 1.51
C GLN B 926 66.87 -17.26 0.99
N PHE B 927 66.71 -17.74 -0.25
CA PHE B 927 65.39 -17.96 -0.82
C PHE B 927 64.60 -18.97 0.01
N ASN B 928 65.25 -20.08 0.38
CA ASN B 928 64.58 -21.10 1.18
C ASN B 928 64.17 -20.54 2.53
N SER B 929 65.04 -19.76 3.18
CA SER B 929 64.69 -19.20 4.48
C SER B 929 63.51 -18.25 4.38
N ALA B 930 63.49 -17.39 3.35
CA ALA B 930 62.36 -16.47 3.18
C ALA B 930 61.06 -17.22 2.93
N ILE B 931 61.11 -18.24 2.08
CA ILE B 931 59.89 -19.02 1.81
C ILE B 931 59.42 -19.70 3.08
N GLY B 932 60.35 -20.20 3.89
CA GLY B 932 59.95 -20.82 5.15
C GLY B 932 59.33 -19.83 6.12
N LYS B 933 59.86 -18.61 6.16
CA LYS B 933 59.32 -17.61 7.09
C LYS B 933 57.97 -17.07 6.65
N ILE B 934 57.65 -17.17 5.36
CA ILE B 934 56.33 -16.71 4.90
C ILE B 934 55.21 -17.47 5.61
N GLN B 935 55.37 -18.79 5.74
CA GLN B 935 54.35 -19.60 6.40
C GLN B 935 54.10 -19.13 7.82
N ASP B 936 55.18 -18.92 8.59
CA ASP B 936 55.04 -18.48 9.97
C ASP B 936 54.42 -17.08 10.03
N SER B 937 54.81 -16.20 9.11
CA SER B 937 54.24 -14.86 9.10
C SER B 937 52.73 -14.90 8.87
N LEU B 938 52.27 -15.73 7.95
CA LEU B 938 50.83 -15.85 7.74
C LEU B 938 50.14 -16.51 8.93
N SER B 939 50.74 -17.57 9.48
CA SER B 939 50.08 -18.32 10.54
C SER B 939 49.96 -17.51 11.82
N SER B 940 50.97 -16.69 12.13
CA SER B 940 50.96 -15.95 13.39
C SER B 940 49.95 -14.80 13.35
N THR B 941 50.12 -13.88 12.42
CA THR B 941 49.24 -12.72 12.34
C THR B 941 47.87 -13.14 11.84
N PRO B 942 46.79 -12.84 12.58
CA PRO B 942 45.44 -13.20 12.12
C PRO B 942 44.78 -12.14 11.25
N SER B 943 45.32 -10.93 11.17
CA SER B 943 44.75 -9.84 10.41
C SER B 943 45.29 -9.77 8.98
N ALA B 944 46.10 -10.75 8.57
CA ALA B 944 46.68 -10.71 7.23
C ALA B 944 45.61 -10.79 6.15
N LEU B 945 44.59 -11.64 6.36
CA LEU B 945 43.54 -11.87 5.38
C LEU B 945 42.30 -11.02 5.64
N GLY B 946 42.48 -9.86 6.30
CA GLY B 946 41.35 -8.98 6.52
C GLY B 946 40.75 -8.46 5.23
N LYS B 947 41.57 -8.25 4.20
CA LYS B 947 41.07 -7.78 2.93
C LYS B 947 40.04 -8.76 2.36
N LEU B 948 40.30 -10.06 2.47
CA LEU B 948 39.34 -11.04 2.01
C LEU B 948 38.18 -11.23 2.98
N GLN B 949 38.43 -11.05 4.28
CA GLN B 949 37.37 -11.24 5.26
C GLN B 949 36.30 -10.15 5.18
N ASP B 950 36.70 -8.92 4.86
CA ASP B 950 35.74 -7.82 4.82
C ASP B 950 34.67 -8.03 3.76
N VAL B 951 35.01 -8.63 2.63
CA VAL B 951 34.02 -8.87 1.59
C VAL B 951 32.91 -9.79 2.11
N VAL B 952 33.31 -10.88 2.74
CA VAL B 952 32.34 -11.82 3.30
C VAL B 952 31.51 -11.16 4.37
N ASN B 953 32.16 -10.40 5.25
CA ASN B 953 31.42 -9.74 6.33
C ASN B 953 30.40 -8.75 5.78
N GLN B 954 30.78 -7.97 4.77
CA GLN B 954 29.86 -6.99 4.20
C GLN B 954 28.68 -7.65 3.51
N ASN B 955 28.94 -8.73 2.74
CA ASN B 955 27.84 -9.42 2.09
C ASN B 955 26.88 -10.03 3.11
N ALA B 956 27.42 -10.65 4.16
CA ALA B 956 26.57 -11.23 5.19
C ALA B 956 25.74 -10.16 5.89
N GLN B 957 26.36 -9.02 6.20
CA GLN B 957 25.62 -7.93 6.85
C GLN B 957 24.52 -7.41 5.96
N ALA B 958 24.78 -7.27 4.65
CA ALA B 958 23.76 -6.77 3.75
C ALA B 958 22.57 -7.72 3.68
N LEU B 959 22.84 -9.03 3.57
CA LEU B 959 21.75 -9.99 3.55
C LEU B 959 20.98 -9.99 4.85
N ASN B 960 21.68 -9.90 5.98
CA ASN B 960 21.02 -9.88 7.28
C ASN B 960 20.11 -8.67 7.43
N THR B 961 20.58 -7.50 6.97
CA THR B 961 19.75 -6.30 7.03
C THR B 961 18.53 -6.42 6.12
N LEU B 962 18.72 -6.99 4.92
CA LEU B 962 17.60 -7.21 4.02
C LEU B 962 16.54 -8.08 4.67
N VAL B 963 16.97 -9.13 5.38
CA VAL B 963 16.00 -9.99 6.07
C VAL B 963 15.36 -9.25 7.24
N LYS B 964 16.15 -8.48 7.98
CA LYS B 964 15.62 -7.72 9.11
C LYS B 964 14.52 -6.77 8.69
N GLN B 965 14.61 -6.20 7.49
CA GLN B 965 13.61 -5.25 7.04
C GLN B 965 12.21 -5.85 6.91
N LEU B 966 12.08 -7.19 6.91
CA LEU B 966 10.78 -7.81 6.73
C LEU B 966 9.91 -7.74 7.98
N SER B 967 10.41 -7.25 9.10
CA SER B 967 9.68 -7.23 10.36
C SER B 967 9.47 -5.81 10.85
N SER B 968 9.11 -4.90 9.95
CA SER B 968 8.85 -3.52 10.30
C SER B 968 7.48 -3.11 9.77
N ASN B 969 6.74 -2.34 10.58
CA ASN B 969 5.37 -1.97 10.22
C ASN B 969 5.35 -1.03 9.01
N PHE B 970 6.32 -0.14 8.91
CA PHE B 970 6.33 0.91 7.88
C PHE B 970 5.10 1.81 7.99
N GLY B 971 4.56 1.95 9.19
CA GLY B 971 3.38 2.74 9.42
C GLY B 971 2.06 2.00 9.36
N ALA B 972 2.08 0.70 9.06
CA ALA B 972 0.86 -0.09 9.05
C ALA B 972 0.51 -0.56 10.46
N ILE B 973 -0.60 -1.29 10.58
CA ILE B 973 -0.99 -1.81 11.88
C ILE B 973 -0.05 -2.91 12.34
N SER B 974 0.29 -3.83 11.43
CA SER B 974 1.12 -4.98 11.81
C SER B 974 2.06 -5.32 10.68
N SER B 975 3.15 -6.00 11.02
CA SER B 975 4.11 -6.45 10.02
C SER B 975 3.61 -7.68 9.28
N VAL B 976 2.87 -8.55 9.95
CA VAL B 976 2.34 -9.76 9.33
C VAL B 976 1.13 -9.37 8.48
N LEU B 977 1.26 -9.53 7.16
CA LEU B 977 0.16 -9.17 6.27
C LEU B 977 -0.98 -10.17 6.33
N ASN B 978 -0.72 -11.41 6.72
CA ASN B 978 -1.80 -12.38 6.89
C ASN B 978 -2.74 -11.95 8.02
N ASP B 979 -2.18 -11.46 9.13
CA ASP B 979 -3.02 -10.95 10.21
C ASP B 979 -3.78 -9.71 9.77
N ILE B 980 -3.17 -8.86 8.94
CA ILE B 980 -3.88 -7.71 8.41
C ILE B 980 -5.07 -8.15 7.58
N LEU B 981 -4.88 -9.16 6.73
CA LEU B 981 -5.97 -9.66 5.90
C LEU B 981 -7.07 -10.29 6.74
N SER B 982 -6.71 -11.06 7.76
CA SER B 982 -7.71 -11.79 8.53
C SER B 982 -8.38 -10.90 9.57
N ARG B 983 -7.59 -10.19 10.36
CA ARG B 983 -8.10 -9.41 11.48
C ARG B 983 -8.73 -8.07 11.06
N LEU B 984 -8.86 -7.81 9.76
CA LEU B 984 -9.33 -6.50 9.33
C LEU B 984 -10.04 -6.66 7.99
N ASP B 985 -10.93 -5.72 7.70
CA ASP B 985 -11.86 -5.87 6.58
C ASP B 985 -11.12 -5.77 5.24
N PRO B 986 -11.65 -6.42 4.20
CA PRO B 986 -10.99 -6.40 2.88
C PRO B 986 -10.85 -4.99 2.32
N PRO B 987 -11.92 -4.20 2.21
CA PRO B 987 -11.82 -2.96 1.41
C PRO B 987 -10.80 -1.97 1.94
N GLU B 988 -10.51 -1.96 3.24
CA GLU B 988 -9.59 -0.98 3.79
C GLU B 988 -8.18 -1.54 3.95
N ALA B 989 -8.02 -2.86 3.97
CA ALA B 989 -6.70 -3.47 4.12
C ALA B 989 -5.78 -3.14 2.94
N GLU B 990 -6.35 -2.65 1.84
CA GLU B 990 -5.53 -2.27 0.69
C GLU B 990 -4.51 -1.21 1.06
N VAL B 991 -4.88 -0.27 1.93
CA VAL B 991 -3.97 0.80 2.32
C VAL B 991 -2.77 0.23 3.06
N GLN B 992 -3.02 -0.64 4.03
CA GLN B 992 -1.93 -1.24 4.79
C GLN B 992 -1.05 -2.10 3.91
N ILE B 993 -1.66 -2.88 3.02
CA ILE B 993 -0.89 -3.71 2.10
C ILE B 993 -0.02 -2.84 1.21
N ASP B 994 -0.56 -1.70 0.76
CA ASP B 994 0.20 -0.79 -0.08
C ASP B 994 1.39 -0.20 0.66
N ARG B 995 1.20 0.18 1.92
CA ARG B 995 2.32 0.71 2.70
C ARG B 995 3.41 -0.34 2.87
N LEU B 996 3.02 -1.57 3.20
CA LEU B 996 4.01 -2.65 3.31
C LEU B 996 4.75 -2.86 2.00
N ILE B 997 4.00 -2.85 0.89
CA ILE B 997 4.59 -3.06 -0.42
C ILE B 997 5.63 -1.97 -0.72
N THR B 998 5.26 -0.71 -0.47
CA THR B 998 6.17 0.38 -0.75
C THR B 998 7.45 0.25 0.08
N GLY B 999 7.30 -0.01 1.38
CA GLY B 999 8.48 -0.13 2.23
C GLY B 999 9.41 -1.24 1.79
N ARG B 1000 8.85 -2.43 1.55
CA ARG B 1000 9.67 -3.57 1.17
C ARG B 1000 10.34 -3.35 -0.19
N LEU B 1001 9.60 -2.80 -1.14
CA LEU B 1001 10.17 -2.56 -2.46
C LEU B 1001 11.31 -1.55 -2.39
N GLN B 1002 11.14 -0.49 -1.60
CA GLN B 1002 12.19 0.52 -1.51
C GLN B 1002 13.43 -0.07 -0.85
N SER B 1003 13.25 -0.91 0.18
CA SER B 1003 14.39 -1.56 0.81
C SER B 1003 15.13 -2.46 -0.17
N LEU B 1004 14.39 -3.22 -0.97
CA LEU B 1004 15.01 -4.06 -2.00
C LEU B 1004 15.82 -3.22 -2.97
N GLN B 1005 15.27 -2.09 -3.40
CA GLN B 1005 15.98 -1.21 -4.33
C GLN B 1005 17.29 -0.71 -3.72
N THR B 1006 17.23 -0.31 -2.45
CA THR B 1006 18.45 0.15 -1.77
C THR B 1006 19.51 -0.95 -1.74
N TYR B 1007 19.09 -2.17 -1.40
CA TYR B 1007 20.04 -3.28 -1.36
C TYR B 1007 20.68 -3.51 -2.73
N VAL B 1008 19.89 -3.46 -3.78
CA VAL B 1008 20.41 -3.70 -5.13
C VAL B 1008 21.41 -2.62 -5.52
N THR B 1009 21.13 -1.36 -5.17
CA THR B 1009 22.06 -0.29 -5.49
C THR B 1009 23.40 -0.48 -4.79
N GLN B 1010 23.36 -0.81 -3.50
CA GLN B 1010 24.61 -1.05 -2.78
C GLN B 1010 25.38 -2.22 -3.40
N GLN B 1011 24.67 -3.27 -3.80
CA GLN B 1011 25.35 -4.40 -4.45
C GLN B 1011 26.02 -3.98 -5.74
N LEU B 1012 25.36 -3.12 -6.52
CA LEU B 1012 25.97 -2.66 -7.77
C LEU B 1012 27.27 -1.91 -7.51
N ILE B 1013 27.26 -1.01 -6.51
CA ILE B 1013 28.48 -0.26 -6.22
C ILE B 1013 29.60 -1.19 -5.76
N ARG B 1014 29.27 -2.13 -4.87
CA ARG B 1014 30.28 -3.07 -4.38
C ARG B 1014 30.84 -3.92 -5.51
N ALA B 1015 29.98 -4.34 -6.45
CA ALA B 1015 30.44 -5.13 -7.58
C ALA B 1015 31.39 -4.33 -8.46
N ALA B 1016 31.11 -3.04 -8.64
CA ALA B 1016 32.04 -2.20 -9.41
C ALA B 1016 33.41 -2.15 -8.75
N GLU B 1017 33.43 -1.96 -7.43
CA GLU B 1017 34.72 -1.94 -6.73
C GLU B 1017 35.46 -3.27 -6.88
N ILE B 1018 34.72 -4.38 -6.75
CA ILE B 1018 35.34 -5.70 -6.87
C ILE B 1018 35.89 -5.91 -8.28
N ARG B 1019 35.18 -5.40 -9.30
CA ARG B 1019 35.67 -5.51 -10.66
C ARG B 1019 36.98 -4.75 -10.84
N ALA B 1020 37.08 -3.56 -10.24
CA ALA B 1020 38.34 -2.82 -10.31
C ALA B 1020 39.47 -3.62 -9.67
N SER B 1021 39.20 -4.22 -8.51
CA SER B 1021 40.23 -5.04 -7.86
C SER B 1021 40.64 -6.22 -8.72
N ALA B 1022 39.66 -6.87 -9.37
CA ALA B 1022 39.97 -8.02 -10.22
C ALA B 1022 40.81 -7.61 -11.43
N ASN B 1023 40.52 -6.46 -12.02
CA ASN B 1023 41.33 -5.97 -13.12
C ASN B 1023 42.77 -5.73 -12.68
N LEU B 1024 42.94 -5.13 -11.50
CA LEU B 1024 44.29 -4.94 -10.98
C LEU B 1024 45.00 -6.28 -10.78
N ALA B 1025 44.29 -7.27 -10.25
CA ALA B 1025 44.89 -8.57 -10.01
C ALA B 1025 45.31 -9.24 -11.31
N ALA B 1026 44.46 -9.14 -12.35
CA ALA B 1026 44.81 -9.72 -13.64
C ALA B 1026 46.05 -9.05 -14.23
N THR B 1027 46.12 -7.72 -14.14
CA THR B 1027 47.30 -7.02 -14.64
C THR B 1027 48.55 -7.45 -13.88
N LYS B 1028 48.45 -7.56 -12.54
CA LYS B 1028 49.60 -7.97 -11.76
C LYS B 1028 50.04 -9.38 -12.13
N MET B 1029 49.09 -10.30 -12.33
CA MET B 1029 49.47 -11.64 -12.74
C MET B 1029 50.21 -11.61 -14.07
N SER B 1030 49.65 -10.93 -15.06
CA SER B 1030 50.26 -10.91 -16.39
C SER B 1030 51.65 -10.30 -16.37
N GLU B 1031 51.87 -9.26 -15.57
CA GLU B 1031 53.15 -8.58 -15.64
C GLU B 1031 54.19 -9.14 -14.67
N CYS B 1032 53.82 -9.37 -13.40
CA CYS B 1032 54.79 -9.86 -12.43
C CYS B 1032 55.05 -11.36 -12.60
N VAL B 1033 54.03 -12.14 -12.94
CA VAL B 1033 54.20 -13.60 -12.94
C VAL B 1033 54.70 -14.10 -14.29
N LEU B 1034 54.16 -13.58 -15.39
CA LEU B 1034 54.54 -14.03 -16.72
C LEU B 1034 55.75 -13.30 -17.27
N GLY B 1035 56.33 -12.39 -16.50
CA GLY B 1035 57.50 -11.66 -16.96
C GLY B 1035 58.21 -11.00 -15.80
N GLN B 1036 59.16 -10.13 -16.13
CA GLN B 1036 59.89 -9.34 -15.16
C GLN B 1036 59.56 -7.87 -15.37
N SER B 1037 59.21 -7.18 -14.29
CA SER B 1037 58.70 -5.82 -14.37
C SER B 1037 59.76 -4.81 -13.94
N LYS B 1038 59.88 -3.74 -14.72
CA LYS B 1038 60.74 -2.62 -14.37
C LYS B 1038 60.00 -1.52 -13.60
N ARG B 1039 58.68 -1.63 -13.48
CA ARG B 1039 57.91 -0.62 -12.77
C ARG B 1039 58.23 -0.67 -11.29
N VAL B 1040 58.44 0.51 -10.70
CA VAL B 1040 58.86 0.59 -9.30
C VAL B 1040 57.68 0.29 -8.39
N ASP B 1041 57.89 -0.61 -7.43
CA ASP B 1041 56.93 -0.97 -6.39
C ASP B 1041 55.67 -1.62 -6.94
N PHE B 1042 55.67 -2.04 -8.21
CA PHE B 1042 54.51 -2.74 -8.75
C PHE B 1042 54.46 -4.18 -8.27
N CYS B 1043 55.61 -4.85 -8.19
CA CYS B 1043 55.66 -6.23 -7.78
C CYS B 1043 56.51 -6.40 -6.52
N GLY B 1044 56.29 -5.54 -5.54
CA GLY B 1044 56.97 -5.62 -4.25
C GLY B 1044 57.99 -4.52 -4.08
N LYS B 1045 58.67 -4.58 -2.93
CA LYS B 1045 59.69 -3.60 -2.56
C LYS B 1045 61.06 -4.13 -2.91
N GLY B 1046 61.82 -3.35 -3.67
CA GLY B 1046 63.12 -3.77 -4.15
C GLY B 1046 63.14 -3.92 -5.65
N TYR B 1047 64.11 -4.66 -6.18
CA TYR B 1047 64.19 -4.93 -7.60
C TYR B 1047 63.55 -6.28 -7.87
N HIS B 1048 62.50 -6.28 -8.71
CA HIS B 1048 61.71 -7.49 -8.92
C HIS B 1048 62.53 -8.56 -9.62
N LEU B 1049 62.38 -9.80 -9.15
CA LEU B 1049 63.00 -10.96 -9.76
C LEU B 1049 61.97 -11.91 -10.35
N MET B 1050 60.99 -12.35 -9.56
CA MET B 1050 59.94 -13.25 -10.03
C MET B 1050 58.78 -13.19 -9.05
N SER B 1051 57.71 -13.90 -9.37
CA SER B 1051 56.54 -13.94 -8.52
C SER B 1051 55.86 -15.30 -8.66
N PHE B 1052 55.12 -15.68 -7.62
CA PHE B 1052 54.39 -16.94 -7.61
C PHE B 1052 52.97 -16.68 -7.12
N PRO B 1053 51.96 -17.16 -7.84
CA PRO B 1053 50.58 -16.99 -7.37
C PRO B 1053 50.10 -18.17 -6.53
N GLN B 1054 49.18 -17.88 -5.63
CA GLN B 1054 48.53 -18.88 -4.80
C GLN B 1054 47.05 -18.57 -4.72
N SER B 1055 46.22 -19.62 -4.77
CA SER B 1055 44.78 -19.43 -4.76
C SER B 1055 44.27 -19.25 -3.32
N ALA B 1056 43.29 -18.38 -3.17
CA ALA B 1056 42.67 -18.09 -1.88
C ALA B 1056 41.16 -18.01 -2.08
N PRO B 1057 40.37 -18.17 -1.02
CA PRO B 1057 38.92 -18.04 -1.16
C PRO B 1057 38.53 -16.65 -1.63
N HIS B 1058 37.94 -16.60 -2.83
CA HIS B 1058 37.48 -15.36 -3.46
C HIS B 1058 38.63 -14.37 -3.66
N GLY B 1059 39.84 -14.87 -3.91
CA GLY B 1059 40.96 -13.97 -4.11
C GLY B 1059 42.19 -14.74 -4.53
N VAL B 1060 43.29 -14.00 -4.64
CA VAL B 1060 44.58 -14.55 -5.04
C VAL B 1060 45.66 -13.93 -4.17
N VAL B 1061 46.78 -14.64 -4.02
CA VAL B 1061 47.90 -14.20 -3.22
C VAL B 1061 49.16 -14.29 -4.06
N PHE B 1062 49.95 -13.21 -4.07
CA PHE B 1062 51.18 -13.13 -4.83
C PHE B 1062 52.37 -13.16 -3.88
N LEU B 1063 53.39 -13.94 -4.25
CA LEU B 1063 54.64 -14.02 -3.50
C LEU B 1063 55.73 -13.37 -4.35
N HIS B 1064 56.11 -12.14 -4.00
CA HIS B 1064 57.08 -11.39 -4.77
C HIS B 1064 58.48 -11.64 -4.24
N VAL B 1065 59.40 -11.98 -5.15
CA VAL B 1065 60.81 -12.18 -4.84
C VAL B 1065 61.59 -11.00 -5.38
N THR B 1066 62.30 -10.29 -4.51
CA THR B 1066 63.00 -9.07 -4.87
C THR B 1066 64.44 -9.13 -4.40
N TYR B 1067 65.23 -8.20 -4.93
CA TYR B 1067 66.66 -8.09 -4.62
C TYR B 1067 66.90 -6.80 -3.87
N VAL B 1068 67.53 -6.89 -2.70
CA VAL B 1068 67.73 -5.75 -1.81
C VAL B 1068 69.22 -5.62 -1.51
N PRO B 1069 69.83 -4.47 -1.77
CA PRO B 1069 71.25 -4.29 -1.43
C PRO B 1069 71.45 -4.13 0.07
N ALA B 1070 72.69 -4.36 0.50
CA ALA B 1070 73.02 -4.27 1.92
C ALA B 1070 74.52 -4.02 2.07
N GLN B 1071 74.90 -3.60 3.28
CA GLN B 1071 76.31 -3.45 3.67
C GLN B 1071 77.06 -2.53 2.70
N GLU B 1072 76.62 -1.28 2.67
CA GLU B 1072 77.21 -0.31 1.77
C GLU B 1072 78.49 0.27 2.35
N LYS B 1073 79.32 0.79 1.44
CA LYS B 1073 80.55 1.49 1.79
C LYS B 1073 80.64 2.73 0.91
N ASN B 1074 81.34 3.75 1.38
CA ASN B 1074 81.53 4.95 0.57
C ASN B 1074 82.93 4.99 -0.01
N PHE B 1075 83.04 5.52 -1.22
CA PHE B 1075 84.30 5.71 -1.91
C PHE B 1075 84.34 7.13 -2.46
N THR B 1076 85.48 7.49 -3.04
CA THR B 1076 85.63 8.75 -3.75
C THR B 1076 85.48 8.49 -5.24
N THR B 1077 84.73 9.35 -5.92
CA THR B 1077 84.39 9.15 -7.31
C THR B 1077 84.84 10.35 -8.14
N ALA B 1078 84.86 10.15 -9.46
CA ALA B 1078 85.26 11.18 -10.41
C ALA B 1078 84.49 10.97 -11.70
N PRO B 1079 84.03 12.05 -12.34
CA PRO B 1079 83.24 11.88 -13.58
C PRO B 1079 84.04 11.28 -14.73
N ALA B 1080 85.33 11.58 -14.84
CA ALA B 1080 86.13 11.11 -15.96
C ALA B 1080 87.59 11.04 -15.53
N ILE B 1081 88.38 10.35 -16.34
CA ILE B 1081 89.80 10.14 -16.07
C ILE B 1081 90.60 10.72 -17.24
N CYS B 1082 91.56 11.57 -16.93
CA CYS B 1082 92.39 12.22 -17.93
C CYS B 1082 93.69 11.46 -18.11
N HIS B 1083 94.01 11.10 -19.35
CA HIS B 1083 95.23 10.38 -19.67
C HIS B 1083 95.62 10.71 -21.10
N ASP B 1084 96.89 11.10 -21.29
CA ASP B 1084 97.40 11.50 -22.60
C ASP B 1084 96.62 12.69 -23.17
N GLY B 1085 96.14 13.57 -22.30
CA GLY B 1085 95.39 14.73 -22.76
C GLY B 1085 94.01 14.41 -23.29
N LYS B 1086 93.46 13.26 -22.95
CA LYS B 1086 92.14 12.85 -23.42
C LYS B 1086 91.28 12.42 -22.24
N ALA B 1087 89.97 12.60 -22.38
CA ALA B 1087 89.01 12.30 -21.32
C ALA B 1087 88.43 10.91 -21.56
N HIS B 1088 88.41 10.10 -20.50
CA HIS B 1088 87.92 8.73 -20.57
C HIS B 1088 86.69 8.59 -19.69
N PHE B 1089 85.66 7.93 -20.21
CA PHE B 1089 84.42 7.72 -19.50
C PHE B 1089 84.16 6.22 -19.33
N PRO B 1090 83.54 5.81 -18.23
CA PRO B 1090 83.26 4.38 -18.03
C PRO B 1090 82.28 3.88 -19.07
N ARG B 1091 82.48 2.63 -19.50
CA ARG B 1091 81.59 2.04 -20.49
C ARG B 1091 80.25 1.69 -19.88
N GLU B 1092 80.25 0.84 -18.84
CA GLU B 1092 79.02 0.46 -18.16
C GLU B 1092 79.28 0.42 -16.66
N GLY B 1093 80.03 1.38 -16.14
CA GLY B 1093 80.36 1.39 -14.72
C GLY B 1093 80.54 2.77 -14.13
N VAL B 1094 81.26 2.85 -13.02
CA VAL B 1094 81.53 4.12 -12.36
C VAL B 1094 82.93 4.03 -11.74
N PHE B 1095 83.67 5.13 -11.84
CA PHE B 1095 85.03 5.18 -11.29
C PHE B 1095 84.98 5.36 -9.78
N VAL B 1096 85.75 4.56 -9.06
CA VAL B 1096 85.85 4.63 -7.61
C VAL B 1096 87.31 4.55 -7.21
N SER B 1097 87.62 5.10 -6.04
CA SER B 1097 88.95 5.05 -5.47
C SER B 1097 88.84 4.73 -3.98
N ASN B 1098 89.68 3.83 -3.50
CA ASN B 1098 89.71 3.54 -2.07
C ASN B 1098 90.60 4.49 -1.29
N GLY B 1099 91.25 5.44 -1.97
CA GLY B 1099 92.11 6.40 -1.30
C GLY B 1099 93.43 6.58 -2.01
N THR B 1100 93.95 5.51 -2.60
CA THR B 1100 95.23 5.55 -3.29
C THR B 1100 95.10 5.19 -4.77
N HIS B 1101 94.36 4.13 -5.09
CA HIS B 1101 94.25 3.64 -6.46
C HIS B 1101 92.81 3.79 -6.95
N TRP B 1102 92.66 3.80 -8.27
CA TRP B 1102 91.38 4.01 -8.92
C TRP B 1102 90.94 2.73 -9.63
N PHE B 1103 89.65 2.44 -9.56
CA PHE B 1103 89.06 1.27 -10.20
C PHE B 1103 87.74 1.66 -10.85
N VAL B 1104 87.16 0.72 -11.58
CA VAL B 1104 85.84 0.87 -12.17
C VAL B 1104 85.02 -0.35 -11.80
N THR B 1105 83.79 -0.11 -11.33
CA THR B 1105 82.93 -1.19 -10.86
C THR B 1105 81.52 -0.98 -11.39
N GLN B 1106 80.73 -2.05 -11.37
CA GLN B 1106 79.32 -1.95 -11.69
C GLN B 1106 78.60 -1.17 -10.59
N ARG B 1107 77.49 -0.53 -10.97
CA ARG B 1107 76.84 0.44 -10.10
C ARG B 1107 76.06 -0.19 -8.96
N ASN B 1108 75.80 -1.49 -8.99
CA ASN B 1108 74.95 -2.12 -8.00
C ASN B 1108 75.64 -3.17 -7.15
N PHE B 1109 76.92 -3.44 -7.39
CA PHE B 1109 77.65 -4.45 -6.63
C PHE B 1109 79.12 -4.12 -6.69
N TYR B 1110 79.80 -4.14 -5.55
CA TYR B 1110 81.20 -3.74 -5.50
C TYR B 1110 82.06 -4.83 -6.12
N GLU B 1111 82.69 -4.51 -7.25
CA GLU B 1111 83.60 -5.43 -7.93
C GLU B 1111 84.66 -4.60 -8.65
N PRO B 1112 85.66 -4.12 -7.93
CA PRO B 1112 86.66 -3.24 -8.55
C PRO B 1112 87.49 -3.96 -9.59
N GLN B 1113 87.87 -3.22 -10.63
CA GLN B 1113 88.67 -3.74 -11.72
C GLN B 1113 89.66 -2.68 -12.18
N ILE B 1114 90.72 -3.15 -12.85
CA ILE B 1114 91.73 -2.24 -13.39
C ILE B 1114 91.13 -1.46 -14.55
N ILE B 1115 91.42 -0.15 -14.59
CA ILE B 1115 90.90 0.71 -15.64
C ILE B 1115 91.75 0.52 -16.89
N THR B 1116 91.16 -0.09 -17.91
CA THR B 1116 91.83 -0.31 -19.20
C THR B 1116 91.05 0.41 -20.30
N THR B 1117 91.47 0.18 -21.54
CA THR B 1117 90.78 0.72 -22.70
C THR B 1117 89.63 -0.15 -23.16
N ASP B 1118 89.45 -1.33 -22.56
CA ASP B 1118 88.35 -2.20 -22.94
C ASP B 1118 87.05 -1.83 -22.24
N ASN B 1119 87.13 -1.20 -21.06
CA ASN B 1119 85.96 -0.83 -20.28
C ASN B 1119 85.75 0.68 -20.22
N THR B 1120 86.43 1.43 -21.08
CA THR B 1120 86.28 2.88 -21.15
C THR B 1120 86.27 3.31 -22.61
N PHE B 1121 85.73 4.50 -22.86
CA PHE B 1121 85.76 5.12 -24.17
C PHE B 1121 86.19 6.57 -24.05
N VAL B 1122 86.78 7.08 -25.13
CA VAL B 1122 87.40 8.41 -25.15
C VAL B 1122 86.49 9.38 -25.88
N SER B 1123 86.42 10.62 -25.37
CA SER B 1123 85.64 11.66 -26.03
C SER B 1123 86.21 13.02 -25.61
N GLY B 1124 86.97 13.64 -26.50
CA GLY B 1124 87.46 14.98 -26.27
C GLY B 1124 88.68 15.02 -25.37
N ASN B 1125 89.05 16.25 -24.99
CA ASN B 1125 90.21 16.50 -24.16
C ASN B 1125 89.76 16.77 -22.72
N CYS B 1126 90.71 17.18 -21.87
CA CYS B 1126 90.49 17.34 -20.44
C CYS B 1126 90.24 18.80 -20.05
N ASP B 1127 89.55 19.57 -20.89
CA ASP B 1127 89.36 20.99 -20.63
C ASP B 1127 87.93 21.39 -20.31
N VAL B 1128 86.95 20.53 -20.58
CA VAL B 1128 85.54 20.89 -20.44
C VAL B 1128 84.90 20.23 -19.23
N VAL B 1129 85.28 18.98 -18.92
CA VAL B 1129 84.66 18.27 -17.82
C VAL B 1129 85.12 18.87 -16.49
N ILE B 1130 84.18 19.09 -15.59
CA ILE B 1130 84.46 19.63 -14.28
C ILE B 1130 84.63 18.48 -13.30
N GLY B 1131 85.80 18.37 -12.69
CA GLY B 1131 86.10 17.30 -11.77
C GLY B 1131 86.94 16.17 -12.33
N ILE B 1132 87.50 16.32 -13.53
CA ILE B 1132 88.34 15.28 -14.10
C ILE B 1132 89.64 15.17 -13.31
N VAL B 1133 90.21 13.97 -13.27
CA VAL B 1133 91.40 13.70 -12.48
C VAL B 1133 92.45 12.99 -13.33
N ASN B 1134 93.71 13.14 -12.93
CA ASN B 1134 94.80 12.37 -13.50
C ASN B 1134 94.72 10.90 -13.09
N ASN B 1135 95.07 10.02 -14.02
CA ASN B 1135 95.32 8.61 -13.73
C ASN B 1135 95.85 7.96 -15.00
N THR B 1136 96.23 6.69 -14.87
CA THR B 1136 96.78 5.91 -15.98
C THR B 1136 95.73 4.94 -16.47
N VAL B 1137 95.56 4.87 -17.79
CA VAL B 1137 94.66 3.92 -18.42
C VAL B 1137 95.49 2.82 -19.06
N TYR B 1138 95.35 1.60 -18.56
CA TYR B 1138 96.16 0.48 -19.03
C TYR B 1138 95.77 0.07 -20.44
N ASP B 1139 96.77 -0.31 -21.24
CA ASP B 1139 96.55 -0.79 -22.59
C ASP B 1139 96.93 -2.27 -22.66
N PRO B 1140 95.99 -3.17 -22.94
CA PRO B 1140 96.32 -4.60 -22.96
C PRO B 1140 97.16 -5.03 -24.15
N LEU B 1141 97.30 -4.20 -25.18
CA LEU B 1141 97.95 -4.62 -26.42
C LEU B 1141 99.45 -4.34 -26.41
N GLN B 1142 99.86 -3.17 -25.93
CA GLN B 1142 101.26 -2.77 -26.06
C GLN B 1142 102.21 -3.74 -25.35
N PRO B 1143 101.98 -4.13 -24.09
CA PRO B 1143 102.88 -5.13 -23.48
C PRO B 1143 102.90 -6.46 -24.24
N GLU B 1144 101.74 -6.90 -24.74
CA GLU B 1144 101.70 -8.13 -25.51
C GLU B 1144 102.43 -7.97 -26.84
N LEU B 1145 102.29 -6.80 -27.47
CA LEU B 1145 102.98 -6.56 -28.74
C LEU B 1145 104.49 -6.54 -28.54
N ASP B 1146 104.96 -5.96 -27.44
CA ASP B 1146 106.39 -5.97 -27.16
C ASP B 1146 106.91 -7.38 -26.97
N SER B 1147 106.15 -8.21 -26.25
CA SER B 1147 106.53 -9.60 -25.98
C SER B 1147 107.92 -9.71 -25.36
N GLN C 14 -27.20 66.49 -10.44
CA GLN C 14 -26.37 67.63 -10.06
C GLN C 14 -24.93 67.43 -10.55
N CYS C 15 -24.77 67.17 -11.84
CA CYS C 15 -23.45 66.95 -12.40
C CYS C 15 -22.92 68.24 -13.01
N VAL C 16 -21.67 68.57 -12.69
CA VAL C 16 -21.02 69.78 -13.17
C VAL C 16 -20.72 69.65 -14.66
N ASN C 17 -20.31 70.76 -15.28
CA ASN C 17 -20.04 70.81 -16.71
C ASN C 17 -19.17 69.64 -17.18
N LEU C 18 -19.35 69.27 -18.44
CA LEU C 18 -18.71 68.09 -19.01
C LEU C 18 -17.38 68.49 -19.66
N THR C 19 -16.81 67.58 -20.44
CA THR C 19 -15.50 67.76 -21.06
C THR C 19 -15.69 68.25 -22.49
N THR C 20 -15.16 69.44 -22.79
CA THR C 20 -15.24 70.01 -24.13
C THR C 20 -13.87 70.16 -24.77
N ARG C 21 -12.81 69.72 -24.10
CA ARG C 21 -11.47 69.87 -24.64
C ARG C 21 -11.12 68.71 -25.57
N THR C 22 -10.33 68.99 -26.59
CA THR C 22 -9.93 67.99 -27.58
C THR C 22 -8.72 67.24 -27.03
N GLN C 23 -8.94 66.00 -26.60
CA GLN C 23 -7.88 65.18 -26.04
C GLN C 23 -6.96 64.69 -27.15
N LEU C 24 -5.66 64.89 -26.98
CA LEU C 24 -4.68 64.33 -27.87
C LEU C 24 -4.61 62.82 -27.66
N PRO C 25 -4.14 62.06 -28.66
CA PRO C 25 -3.94 60.63 -28.47
C PRO C 25 -2.98 60.36 -27.33
N PRO C 26 -3.22 59.33 -26.53
CA PRO C 26 -2.42 59.13 -25.31
C PRO C 26 -0.96 58.90 -25.64
N ALA C 27 -0.09 59.47 -24.80
CA ALA C 27 1.34 59.31 -24.96
C ALA C 27 1.79 58.01 -24.31
N TYR C 28 3.08 57.73 -24.39
CA TYR C 28 3.64 56.53 -23.80
C TYR C 28 5.06 56.82 -23.33
N THR C 29 5.51 56.01 -22.37
CA THR C 29 6.88 56.06 -21.89
C THR C 29 7.25 54.69 -21.38
N ASN C 30 8.56 54.42 -21.35
CA ASN C 30 9.06 53.09 -21.02
C ASN C 30 9.24 52.96 -19.52
N SER C 31 8.57 51.97 -18.92
CA SER C 31 8.74 51.64 -17.51
C SER C 31 9.98 50.76 -17.40
N PHE C 32 11.14 51.40 -17.30
CA PHE C 32 12.40 50.68 -17.36
C PHE C 32 12.55 49.68 -16.22
N THR C 33 12.60 50.17 -14.98
CA THR C 33 12.76 49.30 -13.81
C THR C 33 11.85 49.86 -12.71
N ARG C 34 10.62 49.35 -12.66
CA ARG C 34 9.62 49.85 -11.73
C ARG C 34 8.70 48.70 -11.32
N GLY C 35 7.97 48.91 -10.23
CA GLY C 35 6.95 47.98 -9.81
C GLY C 35 7.41 46.87 -8.88
N VAL C 36 8.65 46.89 -8.43
CA VAL C 36 9.15 45.86 -7.53
C VAL C 36 8.73 46.20 -6.10
N TYR C 37 8.11 45.24 -5.42
CA TYR C 37 7.66 45.43 -4.05
C TYR C 37 7.98 44.18 -3.24
N TYR C 38 7.81 44.29 -1.92
CA TYR C 38 8.07 43.17 -1.03
C TYR C 38 6.91 42.19 -1.06
N PRO C 39 7.12 40.93 -1.45
CA PRO C 39 5.99 39.99 -1.55
C PRO C 39 5.56 39.39 -0.22
N ASP C 40 6.42 39.39 0.78
CA ASP C 40 6.12 38.73 2.05
C ASP C 40 6.62 39.59 3.20
N LYS C 41 6.07 39.31 4.39
CA LYS C 41 6.42 40.04 5.60
C LYS C 41 7.65 39.46 6.30
N VAL C 42 8.17 38.34 5.83
CA VAL C 42 9.30 37.69 6.48
C VAL C 42 10.59 38.43 6.15
N PHE C 43 11.40 38.68 7.16
CA PHE C 43 12.66 39.37 6.96
C PHE C 43 13.68 38.43 6.31
N ARG C 44 14.45 38.95 5.36
CA ARG C 44 15.54 38.23 4.73
C ARG C 44 16.70 39.18 4.50
N SER C 45 17.89 38.62 4.37
CA SER C 45 19.09 39.43 4.14
C SER C 45 20.17 38.58 3.50
N SER C 46 20.90 39.19 2.57
CA SER C 46 22.05 38.55 1.91
C SER C 46 21.67 37.25 1.22
N VAL C 47 20.45 37.21 0.68
CA VAL C 47 19.97 36.05 -0.07
C VAL C 47 19.50 36.50 -1.44
N LEU C 48 19.18 35.53 -2.28
CA LEU C 48 18.63 35.77 -3.63
C LEU C 48 17.35 34.95 -3.72
N HIS C 49 16.24 35.54 -3.28
CA HIS C 49 14.97 34.84 -3.24
C HIS C 49 14.23 35.00 -4.56
N SER C 50 13.39 34.00 -4.87
CA SER C 50 12.61 33.98 -6.10
C SER C 50 11.15 33.73 -5.76
N THR C 51 10.27 34.55 -6.32
CA THR C 51 8.85 34.47 -6.06
C THR C 51 8.07 34.46 -7.38
N GLN C 52 6.90 33.83 -7.35
CA GLN C 52 6.01 33.76 -8.51
C GLN C 52 4.71 34.43 -8.08
N ASP C 53 4.53 35.68 -8.52
CA ASP C 53 3.32 36.44 -8.26
C ASP C 53 3.24 37.60 -9.24
N LEU C 54 2.19 38.40 -9.10
CA LEU C 54 1.92 39.48 -10.05
C LEU C 54 3.00 40.56 -9.96
N PHE C 55 3.37 41.08 -11.13
CA PHE C 55 4.31 42.18 -11.23
C PHE C 55 4.05 42.97 -12.50
N LEU C 56 4.66 44.15 -12.58
CA LEU C 56 4.66 44.93 -13.81
C LEU C 56 5.88 44.51 -14.63
N PRO C 57 5.70 43.92 -15.80
CA PRO C 57 6.86 43.43 -16.57
C PRO C 57 7.81 44.54 -16.93
N PHE C 58 9.09 44.20 -16.98
CA PHE C 58 10.13 45.18 -17.27
C PHE C 58 9.99 45.72 -18.69
N PHE C 59 10.29 47.01 -18.86
CA PHE C 59 10.33 47.68 -20.16
C PHE C 59 9.00 47.61 -20.90
N SER C 60 7.90 47.42 -20.19
CA SER C 60 6.56 47.51 -20.77
C SER C 60 6.08 48.94 -20.63
N ASN C 61 5.73 49.57 -21.74
CA ASN C 61 5.40 50.99 -21.69
C ASN C 61 4.11 51.23 -20.91
N VAL C 62 4.00 52.42 -20.35
CA VAL C 62 2.84 52.82 -19.57
C VAL C 62 2.25 54.08 -20.19
N THR C 63 0.93 54.14 -20.26
CA THR C 63 0.27 55.30 -20.85
C THR C 63 0.57 56.55 -20.02
N TRP C 64 0.80 57.65 -20.71
CA TRP C 64 1.17 58.92 -20.08
C TRP C 64 -0.07 59.82 -20.06
N PHE C 65 -0.44 60.29 -18.88
CA PHE C 65 -1.53 61.22 -18.71
C PHE C 65 -0.98 62.55 -18.22
N HIS C 66 -1.42 63.63 -18.86
CA HIS C 66 -0.87 64.96 -18.61
C HIS C 66 -1.99 65.92 -18.21
N ALA C 67 -1.70 66.75 -17.21
CA ALA C 67 -2.59 67.82 -16.80
C ALA C 67 -1.79 69.12 -16.77
N ILE C 68 -2.28 70.13 -17.48
CA ILE C 68 -1.60 71.41 -17.56
C ILE C 68 -2.54 72.48 -18.11
N LYS C 77 -7.12 74.10 -20.85
CA LYS C 77 -5.81 73.60 -21.24
C LYS C 77 -5.84 72.08 -21.48
N ARG C 78 -5.18 71.33 -20.60
CA ARG C 78 -5.10 69.88 -20.73
C ARG C 78 -5.42 69.25 -19.39
N PHE C 79 -6.43 68.36 -19.38
CA PHE C 79 -6.76 67.58 -18.20
C PHE C 79 -7.12 66.17 -18.64
N ASP C 80 -6.70 65.17 -17.86
CA ASP C 80 -6.82 63.77 -18.24
C ASP C 80 -7.46 62.97 -17.09
N ASN C 81 -8.75 62.65 -17.22
CA ASN C 81 -9.39 61.62 -16.41
C ASN C 81 -10.21 60.68 -17.30
N PRO C 82 -9.55 59.84 -18.10
CA PRO C 82 -10.27 58.86 -18.91
C PRO C 82 -10.98 57.82 -18.04
N VAL C 83 -11.64 56.89 -18.73
CA VAL C 83 -12.23 55.70 -18.12
C VAL C 83 -11.28 54.54 -18.39
N LEU C 84 -10.80 53.90 -17.32
CA LEU C 84 -9.80 52.85 -17.44
C LEU C 84 -10.29 51.56 -16.82
N PRO C 85 -10.22 50.44 -17.53
CA PRO C 85 -10.64 49.17 -16.94
C PRO C 85 -9.66 48.71 -15.87
N PHE C 86 -10.18 47.93 -14.92
CA PHE C 86 -9.37 47.40 -13.82
C PHE C 86 -9.38 45.87 -13.93
N ASN C 87 -8.35 45.33 -14.56
CA ASN C 87 -8.13 43.88 -14.57
C ASN C 87 -7.32 43.50 -13.34
N ASP C 88 -6.79 42.27 -13.30
CA ASP C 88 -6.12 41.77 -12.12
C ASP C 88 -4.83 42.56 -11.85
N GLY C 89 -4.87 43.42 -10.83
CA GLY C 89 -3.71 44.21 -10.46
C GLY C 89 -3.52 45.41 -11.35
N VAL C 90 -3.16 46.55 -10.76
CA VAL C 90 -2.89 47.78 -11.50
C VAL C 90 -1.77 48.53 -10.81
N TYR C 91 -0.77 48.94 -11.59
CA TYR C 91 0.29 49.80 -11.10
C TYR C 91 -0.10 51.26 -11.30
N PHE C 92 0.32 52.12 -10.38
CA PHE C 92 0.01 53.53 -10.45
C PHE C 92 1.20 54.34 -9.97
N ALA C 93 1.46 55.45 -10.65
CA ALA C 93 2.52 56.37 -10.27
C ALA C 93 2.02 57.80 -10.46
N SER C 94 2.70 58.75 -9.81
CA SER C 94 2.28 60.14 -9.85
C SER C 94 3.45 61.02 -9.49
N THR C 95 3.84 61.91 -10.39
CA THR C 95 4.85 62.94 -10.12
C THR C 95 4.21 64.31 -10.23
N GLU C 96 4.47 65.16 -9.24
CA GLU C 96 3.87 66.49 -9.20
C GLU C 96 4.65 67.34 -8.20
N LYS C 97 4.20 68.58 -8.03
CA LYS C 97 4.80 69.51 -7.08
C LYS C 97 3.79 70.26 -6.22
N SER C 98 2.53 70.37 -6.65
CA SER C 98 1.54 71.17 -5.93
C SER C 98 0.38 70.32 -5.40
N ASN C 99 0.57 69.00 -5.28
CA ASN C 99 -0.40 68.12 -4.64
C ASN C 99 -1.76 68.19 -5.33
N ILE C 100 -1.78 67.73 -6.58
CA ILE C 100 -2.97 67.82 -7.41
C ILE C 100 -3.69 66.49 -7.54
N ILE C 101 -2.95 65.39 -7.67
CA ILE C 101 -3.55 64.08 -7.91
C ILE C 101 -3.88 63.44 -6.56
N ARG C 102 -5.17 63.33 -6.26
CA ARG C 102 -5.64 62.77 -4.99
C ARG C 102 -6.98 62.11 -5.21
N GLY C 103 -7.05 60.79 -5.02
CA GLY C 103 -8.32 60.09 -5.04
C GLY C 103 -8.41 58.97 -6.05
N TRP C 104 -9.19 57.95 -5.70
CA TRP C 104 -9.43 56.82 -6.58
C TRP C 104 -10.85 56.29 -6.33
N ILE C 105 -11.49 55.81 -7.40
CA ILE C 105 -12.81 55.23 -7.32
C ILE C 105 -12.79 53.88 -8.03
N PHE C 106 -13.69 52.98 -7.61
CA PHE C 106 -13.66 51.60 -8.08
C PHE C 106 -15.09 51.06 -8.15
N GLY C 107 -15.32 50.16 -9.09
CA GLY C 107 -16.60 49.48 -9.19
C GLY C 107 -16.90 49.12 -10.63
N THR C 108 -18.08 48.53 -10.82
CA THR C 108 -18.57 48.18 -12.14
C THR C 108 -19.41 49.29 -12.76
N THR C 109 -20.44 49.75 -12.03
CA THR C 109 -21.25 50.87 -12.46
C THR C 109 -20.87 52.18 -11.78
N LEU C 110 -20.26 52.11 -10.60
CA LEU C 110 -19.68 53.25 -9.90
C LEU C 110 -20.74 54.33 -9.64
N ASP C 111 -21.73 53.95 -8.84
CA ASP C 111 -22.82 54.84 -8.45
C ASP C 111 -23.28 54.43 -7.05
N SER C 112 -24.49 54.82 -6.69
CA SER C 112 -25.05 54.53 -5.38
C SER C 112 -25.47 53.08 -5.20
N LYS C 113 -25.18 52.20 -6.16
CA LYS C 113 -25.55 50.80 -6.04
C LYS C 113 -24.35 49.87 -5.82
N THR C 114 -23.13 50.33 -6.06
CA THR C 114 -21.95 49.50 -5.93
C THR C 114 -20.91 50.16 -5.04
N GLN C 115 -20.09 49.34 -4.41
CA GLN C 115 -19.11 49.81 -3.45
C GLN C 115 -17.97 50.55 -4.15
N SER C 116 -17.55 51.68 -3.57
CA SER C 116 -16.44 52.46 -4.07
C SER C 116 -15.76 53.14 -2.90
N LEU C 117 -14.51 53.54 -3.11
CA LEU C 117 -13.70 54.16 -2.07
C LEU C 117 -13.32 55.58 -2.50
N LEU C 118 -12.66 56.30 -1.59
CA LEU C 118 -12.33 57.70 -1.82
C LEU C 118 -11.13 58.06 -0.95
N ILE C 119 -10.24 58.89 -1.48
CA ILE C 119 -9.06 59.34 -0.77
C ILE C 119 -8.88 60.84 -1.00
N VAL C 120 -8.45 61.53 0.05
CA VAL C 120 -8.12 62.96 -0.01
C VAL C 120 -6.80 63.20 0.71
N ASN C 121 -6.40 64.46 0.83
CA ASN C 121 -5.13 64.84 1.45
C ASN C 121 -5.40 65.46 2.83
N ASN C 122 -4.31 65.73 3.55
CA ASN C 122 -4.41 66.27 4.91
C ASN C 122 -5.06 67.64 4.96
N ALA C 123 -5.15 68.35 3.82
CA ALA C 123 -5.90 69.60 3.80
C ALA C 123 -7.33 69.38 4.27
N THR C 124 -7.91 68.23 3.95
CA THR C 124 -9.22 67.83 4.43
C THR C 124 -9.14 66.68 5.44
N ASN C 125 -8.00 66.55 6.12
CA ASN C 125 -7.79 65.62 7.23
C ASN C 125 -7.72 64.17 6.76
N VAL C 126 -7.30 63.94 5.52
CA VAL C 126 -7.07 62.61 4.96
C VAL C 126 -8.31 61.74 5.13
N VAL C 127 -9.49 62.33 4.94
CA VAL C 127 -10.72 61.57 5.04
C VAL C 127 -10.73 60.48 3.98
N ILE C 128 -11.08 59.27 4.39
CA ILE C 128 -11.10 58.10 3.51
C ILE C 128 -12.46 57.44 3.65
N LYS C 129 -13.32 57.62 2.65
CA LYS C 129 -14.67 57.06 2.67
C LYS C 129 -14.74 55.87 1.72
N VAL C 130 -15.49 54.85 2.14
CA VAL C 130 -15.86 53.74 1.26
C VAL C 130 -17.37 53.54 1.41
N CYS C 131 -18.10 53.71 0.30
CA CYS C 131 -19.55 53.52 0.27
C CYS C 131 -20.05 53.69 -1.15
N GLU C 132 -21.37 53.50 -1.30
CA GLU C 132 -22.06 53.59 -2.57
C GLU C 132 -22.30 55.07 -2.89
N PHE C 133 -21.23 55.75 -3.29
CA PHE C 133 -21.27 57.16 -3.62
C PHE C 133 -21.37 57.32 -5.13
N GLN C 134 -22.29 58.17 -5.58
CA GLN C 134 -22.39 58.56 -6.98
C GLN C 134 -21.89 59.99 -7.11
N PHE C 135 -20.86 60.17 -7.94
CA PHE C 135 -20.26 61.48 -8.13
C PHE C 135 -19.72 61.56 -9.55
N CYS C 136 -19.62 62.79 -10.06
CA CYS C 136 -19.15 63.00 -11.41
C CYS C 136 -17.64 62.78 -11.50
N ASN C 137 -17.16 62.67 -12.73
CA ASN C 137 -15.74 62.40 -12.97
C ASN C 137 -14.84 63.54 -12.52
N ASP C 138 -15.38 64.73 -12.31
CA ASP C 138 -14.58 65.92 -12.03
C ASP C 138 -14.96 66.53 -10.68
N PRO C 139 -14.06 66.50 -9.70
CA PRO C 139 -14.33 67.17 -8.43
C PRO C 139 -13.84 68.61 -8.36
N PHE C 140 -14.62 69.49 -7.74
CA PHE C 140 -14.27 70.90 -7.62
C PHE C 140 -13.56 71.12 -6.28
N LEU C 141 -12.28 71.42 -6.34
CA LEU C 141 -11.48 71.71 -5.16
C LEU C 141 -10.76 73.04 -5.35
N GLY C 142 -10.87 73.92 -4.35
CA GLY C 142 -10.22 75.21 -4.40
C GLY C 142 -11.14 76.35 -4.80
N MET C 153 -3.90 80.29 -0.90
CA MET C 153 -4.94 79.85 0.03
C MET C 153 -6.11 79.22 -0.72
N GLU C 154 -6.66 78.16 -0.16
CA GLU C 154 -7.79 77.46 -0.78
C GLU C 154 -8.63 76.80 0.30
N SER C 155 -9.95 76.96 0.20
CA SER C 155 -10.86 76.37 1.17
C SER C 155 -12.11 75.76 0.55
N GLU C 156 -12.27 75.81 -0.78
CA GLU C 156 -13.50 75.37 -1.43
C GLU C 156 -13.31 73.94 -1.94
N PHE C 157 -13.79 72.97 -1.17
CA PHE C 157 -13.78 71.57 -1.56
C PHE C 157 -15.23 71.14 -1.78
N ARG C 158 -15.57 70.80 -3.02
CA ARG C 158 -16.94 70.41 -3.35
C ARG C 158 -16.96 68.97 -3.83
N VAL C 159 -16.22 68.09 -3.12
CA VAL C 159 -16.07 66.71 -3.54
C VAL C 159 -17.20 65.82 -3.03
N TYR C 160 -18.15 66.38 -2.27
CA TYR C 160 -19.31 65.63 -1.82
C TYR C 160 -20.53 66.08 -2.61
N SER C 161 -21.22 65.12 -3.22
CA SER C 161 -22.46 65.38 -3.94
C SER C 161 -23.65 64.63 -3.37
N SER C 162 -23.46 63.37 -2.96
CA SER C 162 -24.50 62.58 -2.31
C SER C 162 -23.80 61.76 -1.22
N ALA C 163 -23.71 62.32 -0.02
CA ALA C 163 -23.03 61.68 1.09
C ALA C 163 -24.00 60.74 1.79
N ASN C 164 -24.18 59.56 1.20
CA ASN C 164 -25.09 58.56 1.74
C ASN C 164 -24.41 57.83 2.89
N ASN C 165 -25.05 56.76 3.37
CA ASN C 165 -24.45 55.91 4.40
C ASN C 165 -23.16 55.28 3.87
N CYS C 166 -22.23 55.00 4.80
CA CYS C 166 -20.96 54.41 4.44
C CYS C 166 -20.51 53.41 5.51
N THR C 167 -19.52 52.61 5.15
CA THR C 167 -19.09 51.47 5.96
C THR C 167 -17.94 51.83 6.89
N PHE C 168 -16.82 52.28 6.34
CA PHE C 168 -15.59 52.40 7.11
C PHE C 168 -14.95 53.75 6.80
N GLU C 169 -14.63 54.51 7.84
CA GLU C 169 -13.93 55.78 7.74
C GLU C 169 -12.62 55.69 8.51
N TYR C 170 -11.59 56.37 8.01
CA TYR C 170 -10.28 56.31 8.63
C TYR C 170 -9.59 57.65 8.43
N VAL C 171 -9.06 58.21 9.51
CA VAL C 171 -8.30 59.45 9.48
C VAL C 171 -7.03 59.25 10.28
N SER C 172 -5.88 59.45 9.65
CA SER C 172 -4.60 59.24 10.30
C SER C 172 -3.52 59.96 9.49
N GLN C 173 -2.26 59.65 9.77
CA GLN C 173 -1.12 60.23 9.08
C GLN C 173 -1.27 59.98 7.58
N PRO C 174 -1.27 61.02 6.74
CA PRO C 174 -1.41 60.81 5.29
C PRO C 174 -0.23 60.10 4.66
N PHE C 175 -0.31 59.88 3.35
CA PHE C 175 0.71 59.12 2.62
C PHE C 175 2.05 59.83 2.55
N LEU C 176 2.11 61.12 2.88
CA LEU C 176 3.35 61.87 2.81
C LEU C 176 4.29 61.48 3.94
N PHE C 186 7.00 67.56 -10.11
CA PHE C 186 8.24 66.95 -10.58
C PHE C 186 9.23 66.72 -9.43
N LYS C 187 8.77 66.97 -8.20
CA LYS C 187 9.60 66.76 -7.02
C LYS C 187 8.89 65.89 -5.98
N ASN C 188 7.97 65.04 -6.44
CA ASN C 188 7.23 64.17 -5.52
C ASN C 188 6.78 62.94 -6.29
N LEU C 189 7.44 61.81 -6.06
CA LEU C 189 7.10 60.56 -6.72
C LEU C 189 6.32 59.67 -5.75
N ARG C 190 5.14 59.23 -6.18
CA ARG C 190 4.26 58.40 -5.36
C ARG C 190 3.85 57.18 -6.18
N GLU C 191 4.53 56.06 -5.97
CA GLU C 191 4.21 54.83 -6.68
C GLU C 191 3.27 53.97 -5.83
N PHE C 192 2.23 53.44 -6.48
CA PHE C 192 1.23 52.63 -5.81
C PHE C 192 0.97 51.36 -6.59
N VAL C 193 0.65 50.29 -5.87
CA VAL C 193 0.28 49.01 -6.45
C VAL C 193 -1.07 48.60 -5.88
N PHE C 194 -2.03 48.32 -6.75
CA PHE C 194 -3.39 48.00 -6.35
C PHE C 194 -3.68 46.55 -6.71
N LYS C 195 -4.25 45.81 -5.76
CA LYS C 195 -4.53 44.39 -5.98
C LYS C 195 -5.80 44.02 -5.24
N ASN C 196 -6.78 43.49 -5.97
CA ASN C 196 -8.04 43.03 -5.40
C ASN C 196 -8.02 41.51 -5.33
N ILE C 197 -7.54 40.98 -4.20
CA ILE C 197 -7.48 39.55 -3.97
C ILE C 197 -8.06 39.21 -2.60
N ASP C 198 -8.56 37.99 -2.48
CA ASP C 198 -9.18 37.43 -1.27
C ASP C 198 -9.98 38.48 -0.49
N GLY C 199 -10.78 39.24 -1.24
CA GLY C 199 -11.59 40.28 -0.63
C GLY C 199 -10.79 41.34 0.11
N TYR C 200 -9.67 41.77 -0.47
CA TYR C 200 -8.79 42.74 0.17
C TYR C 200 -8.34 43.78 -0.84
N PHE C 201 -7.51 44.71 -0.36
CA PHE C 201 -6.95 45.77 -1.20
C PHE C 201 -5.62 46.18 -0.57
N LYS C 202 -4.53 45.71 -1.13
CA LYS C 202 -3.20 45.97 -0.59
C LYS C 202 -2.59 47.18 -1.27
N ILE C 203 -2.08 48.10 -0.46
CA ILE C 203 -1.50 49.36 -0.93
C ILE C 203 -0.02 49.34 -0.60
N TYR C 204 0.81 49.60 -1.62
CA TYR C 204 2.25 49.73 -1.46
C TYR C 204 2.65 51.12 -1.93
N SER C 205 3.54 51.77 -1.18
CA SER C 205 3.87 53.15 -1.44
C SER C 205 5.37 53.38 -1.26
N LYS C 206 5.85 54.45 -1.89
CA LYS C 206 7.25 54.85 -1.77
C LYS C 206 7.42 56.29 -2.27
N HIS C 207 8.12 57.12 -1.51
CA HIS C 207 8.32 58.52 -1.85
C HIS C 207 9.81 58.74 -2.14
N THR C 208 10.10 59.47 -3.21
CA THR C 208 11.46 59.75 -3.61
C THR C 208 11.47 61.09 -4.35
N PRO C 209 12.37 62.01 -3.98
CA PRO C 209 12.44 63.29 -4.70
C PRO C 209 13.02 63.12 -6.08
N ILE C 210 12.66 64.05 -6.97
CA ILE C 210 13.11 64.03 -8.36
C ILE C 210 13.63 65.42 -8.71
N ASN C 211 14.52 65.47 -9.70
CA ASN C 211 15.14 66.72 -10.13
C ASN C 211 14.96 66.99 -11.62
N LEU C 212 14.11 66.23 -12.30
CA LEU C 212 13.83 66.46 -13.71
C LEU C 212 12.33 66.52 -13.95
N VAL C 213 11.96 67.06 -15.11
CA VAL C 213 10.57 67.34 -15.45
C VAL C 213 10.09 66.51 -16.62
N ARG C 214 10.84 65.50 -17.05
CA ARG C 214 10.52 64.78 -18.27
C ARG C 214 9.66 63.54 -18.03
N ASP C 215 10.19 62.57 -17.28
CA ASP C 215 9.52 61.28 -17.12
C ASP C 215 10.17 60.55 -15.95
N LEU C 216 9.82 59.28 -15.80
CA LEU C 216 10.32 58.51 -14.67
C LEU C 216 11.83 58.35 -14.77
N PRO C 217 12.56 58.44 -13.66
CA PRO C 217 14.02 58.37 -13.70
C PRO C 217 14.51 56.94 -13.91
N GLN C 218 15.80 56.83 -14.21
CA GLN C 218 16.48 55.55 -14.40
C GLN C 218 17.02 55.10 -13.04
N GLY C 219 16.11 54.56 -12.21
CA GLY C 219 16.47 54.18 -10.87
C GLY C 219 15.76 52.90 -10.43
N PHE C 220 16.14 52.44 -9.25
CA PHE C 220 15.56 51.26 -8.61
C PHE C 220 14.97 51.64 -7.26
N SER C 221 13.76 51.16 -6.99
CA SER C 221 13.09 51.48 -5.73
C SER C 221 12.04 50.43 -5.45
N ALA C 222 12.00 49.95 -4.22
CA ALA C 222 11.02 48.97 -3.78
C ALA C 222 9.81 49.67 -3.17
N LEU C 223 8.69 48.96 -3.13
CA LEU C 223 7.42 49.50 -2.65
C LEU C 223 6.99 48.73 -1.40
N GLU C 224 7.33 49.28 -0.23
CA GLU C 224 6.95 48.65 1.02
C GLU C 224 5.45 48.72 1.21
N PRO C 225 4.86 47.68 1.83
CA PRO C 225 3.43 47.74 2.14
C PRO C 225 3.13 48.87 3.12
N LEU C 226 1.97 49.49 2.95
CA LEU C 226 1.56 50.61 3.80
C LEU C 226 0.26 50.35 4.54
N VAL C 227 -0.72 49.72 3.89
CA VAL C 227 -2.03 49.48 4.51
C VAL C 227 -2.73 48.37 3.73
N ASP C 228 -3.70 47.73 4.37
CA ASP C 228 -4.50 46.70 3.72
C ASP C 228 -5.89 46.73 4.34
N LEU C 229 -6.90 46.91 3.50
CA LEU C 229 -8.28 47.04 3.95
C LEU C 229 -9.22 46.30 2.99
N PRO C 230 -10.29 45.70 3.50
CA PRO C 230 -11.07 44.76 2.70
C PRO C 230 -12.18 45.41 1.89
N ILE C 231 -12.31 44.95 0.64
CA ILE C 231 -13.47 45.18 -0.21
C ILE C 231 -14.07 43.83 -0.54
N GLY C 232 -15.40 43.70 -0.40
CA GLY C 232 -16.04 42.43 -0.63
C GLY C 232 -16.84 42.33 -1.91
N ILE C 233 -16.47 43.11 -2.92
CA ILE C 233 -17.16 43.09 -4.22
C ILE C 233 -16.10 43.15 -5.31
N ASN C 234 -16.32 42.37 -6.38
CA ASN C 234 -15.43 42.38 -7.52
C ASN C 234 -15.43 43.75 -8.20
N ILE C 235 -14.26 44.14 -8.71
CA ILE C 235 -14.08 45.42 -9.38
C ILE C 235 -13.59 45.17 -10.80
N THR C 236 -14.25 45.81 -11.76
CA THR C 236 -13.89 45.68 -13.17
C THR C 236 -13.37 46.98 -13.79
N ARG C 237 -13.65 48.12 -13.19
CA ARG C 237 -13.27 49.40 -13.78
C ARG C 237 -12.96 50.38 -12.66
N PHE C 238 -12.20 51.43 -13.01
CA PHE C 238 -11.80 52.44 -12.04
C PHE C 238 -11.48 53.74 -12.77
N GLN C 239 -11.40 54.82 -12.01
CA GLN C 239 -11.05 56.12 -12.56
C GLN C 239 -10.44 56.98 -11.45
N THR C 240 -9.43 57.75 -11.80
CA THR C 240 -8.73 58.61 -10.86
C THR C 240 -9.46 59.94 -10.69
N LEU C 241 -8.96 60.74 -9.75
CA LEU C 241 -9.53 62.04 -9.42
C LEU C 241 -8.43 63.10 -9.46
N LEU C 242 -8.77 64.27 -9.99
CA LEU C 242 -7.81 65.35 -10.18
C LEU C 242 -8.34 66.65 -9.62
N ALA C 243 -7.43 67.51 -9.17
CA ALA C 243 -7.78 68.79 -8.57
C ALA C 243 -7.72 69.89 -9.63
N LEU C 244 -8.89 70.38 -10.04
CA LEU C 244 -8.98 71.45 -11.03
C LEU C 244 -8.84 72.83 -10.39
N HIS C 245 -7.76 72.98 -9.62
CA HIS C 245 -7.50 74.21 -8.89
C HIS C 245 -7.26 75.39 -9.82
N ARG C 246 -7.53 76.59 -9.30
CA ARG C 246 -7.15 77.82 -9.99
C ARG C 246 -5.65 77.99 -9.87
N SER C 247 -4.94 77.81 -10.99
CA SER C 247 -3.48 77.90 -11.04
C SER C 247 -2.82 76.99 -10.00
N GLY C 257 -4.28 80.28 -16.72
CA GLY C 257 -5.54 79.63 -17.02
C GLY C 257 -6.22 79.06 -15.79
N TRP C 258 -7.56 79.12 -15.76
CA TRP C 258 -8.34 78.60 -14.64
C TRP C 258 -8.57 77.10 -14.73
N THR C 259 -7.49 76.33 -14.86
CA THR C 259 -7.57 74.88 -14.99
C THR C 259 -6.46 74.28 -14.12
N ALA C 260 -6.41 72.95 -14.07
CA ALA C 260 -5.49 72.26 -13.19
C ALA C 260 -4.04 72.60 -13.52
N GLY C 261 -3.16 72.37 -12.55
CA GLY C 261 -1.76 72.71 -12.69
C GLY C 261 -0.97 71.61 -13.37
N ALA C 262 0.35 71.76 -13.32
CA ALA C 262 1.27 70.82 -13.96
C ALA C 262 1.27 69.51 -13.16
N ALA C 263 0.55 68.52 -13.66
CA ALA C 263 0.49 67.21 -13.03
C ALA C 263 0.65 66.13 -14.09
N ALA C 264 1.40 65.08 -13.74
CA ALA C 264 1.61 63.95 -14.64
C ALA C 264 1.50 62.66 -13.84
N TYR C 265 0.70 61.72 -14.34
CA TYR C 265 0.59 60.41 -13.72
C TYR C 265 0.52 59.35 -14.80
N TYR C 266 0.95 58.14 -14.45
CA TYR C 266 1.02 57.02 -15.38
C TYR C 266 0.34 55.81 -14.78
N VAL C 267 -0.08 54.90 -15.66
CA VAL C 267 -0.83 53.71 -15.26
C VAL C 267 -0.15 52.49 -15.87
N GLY C 268 0.20 51.53 -15.02
CA GLY C 268 0.76 50.27 -15.48
C GLY C 268 -0.11 49.10 -15.04
N TYR C 269 -0.06 48.03 -15.81
CA TYR C 269 -0.85 46.83 -15.54
C TYR C 269 0.04 45.71 -15.06
N LEU C 270 -0.45 44.94 -14.08
CA LEU C 270 0.31 43.85 -13.51
C LEU C 270 -0.05 42.53 -14.18
N GLN C 271 0.95 41.66 -14.30
CA GLN C 271 0.80 40.35 -14.92
C GLN C 271 1.47 39.31 -14.05
N PRO C 272 1.00 38.06 -14.10
CA PRO C 272 1.68 36.98 -13.36
C PRO C 272 3.07 36.72 -13.94
N ARG C 273 4.09 36.86 -13.10
CA ARG C 273 5.47 36.76 -13.54
C ARG C 273 6.28 36.05 -12.47
N THR C 274 7.53 35.77 -12.79
CA THR C 274 8.49 35.20 -11.85
C THR C 274 9.71 36.12 -11.79
N PHE C 275 10.12 36.48 -10.59
CA PHE C 275 11.20 37.42 -10.39
C PHE C 275 12.26 36.80 -9.49
N LEU C 276 13.46 37.36 -9.56
CA LEU C 276 14.59 36.93 -8.72
C LEU C 276 15.04 38.14 -7.90
N LEU C 277 14.46 38.28 -6.71
CA LEU C 277 14.77 39.40 -5.84
C LEU C 277 16.11 39.18 -5.16
N LYS C 278 16.89 40.26 -5.04
CA LYS C 278 18.16 40.23 -4.33
C LYS C 278 18.07 41.13 -3.12
N TYR C 279 18.43 40.59 -1.95
CA TYR C 279 18.54 41.37 -0.73
C TYR C 279 20.01 41.59 -0.41
N ASN C 280 20.35 42.82 -0.02
CA ASN C 280 21.71 43.16 0.36
C ASN C 280 21.96 42.71 1.79
N GLU C 281 23.10 43.12 2.37
CA GLU C 281 23.36 42.81 3.77
C GLU C 281 22.44 43.59 4.69
N ASN C 282 21.70 44.56 4.18
CA ASN C 282 20.65 45.23 4.92
C ASN C 282 19.40 44.36 4.84
N GLY C 283 18.26 44.90 5.25
CA GLY C 283 17.01 44.19 5.05
C GLY C 283 16.26 44.54 3.79
N THR C 284 16.82 45.39 2.94
CA THR C 284 16.11 45.95 1.79
C THR C 284 16.48 45.21 0.51
N ILE C 285 15.71 45.49 -0.54
CA ILE C 285 15.92 44.94 -1.87
C ILE C 285 16.73 45.93 -2.68
N THR C 286 17.84 45.46 -3.28
CA THR C 286 18.71 46.33 -4.05
C THR C 286 18.67 46.08 -5.55
N ASP C 287 18.17 44.93 -5.99
CA ASP C 287 18.12 44.62 -7.42
C ASP C 287 17.12 43.49 -7.64
N ALA C 288 16.73 43.32 -8.90
CA ALA C 288 15.80 42.26 -9.28
C ALA C 288 16.05 41.90 -10.74
N VAL C 289 15.56 40.72 -11.12
CA VAL C 289 15.71 40.22 -12.48
C VAL C 289 14.38 39.62 -12.91
N ASP C 290 13.92 40.00 -14.10
CA ASP C 290 12.70 39.44 -14.68
C ASP C 290 13.09 38.20 -15.48
N CYS C 291 12.49 37.06 -15.14
CA CYS C 291 12.90 35.77 -15.66
C CYS C 291 12.18 35.41 -16.96
N ALA C 292 11.45 36.34 -17.57
CA ALA C 292 10.76 36.06 -18.82
C ALA C 292 10.87 37.24 -19.79
N LEU C 293 11.94 38.02 -19.68
CA LEU C 293 12.14 39.18 -20.55
C LEU C 293 12.94 38.83 -21.79
N ASP C 294 14.17 38.35 -21.61
CA ASP C 294 15.08 38.01 -22.68
C ASP C 294 15.83 36.75 -22.28
N PRO C 295 16.41 36.03 -23.25
CA PRO C 295 17.07 34.75 -22.91
C PRO C 295 18.17 34.87 -21.88
N LEU C 296 18.92 35.99 -21.88
CA LEU C 296 19.99 36.16 -20.89
C LEU C 296 19.42 36.19 -19.47
N SER C 297 18.30 36.87 -19.27
CA SER C 297 17.68 36.90 -17.96
C SER C 297 17.14 35.53 -17.57
N GLU C 298 16.64 34.77 -18.53
CA GLU C 298 16.23 33.40 -18.25
C GLU C 298 17.41 32.54 -17.82
N THR C 299 18.57 32.74 -18.45
CA THR C 299 19.79 32.04 -18.04
C THR C 299 20.16 32.42 -16.62
N LYS C 300 20.09 33.72 -16.29
CA LYS C 300 20.39 34.17 -14.94
C LYS C 300 19.44 33.54 -13.93
N CYS C 301 18.15 33.44 -14.28
CA CYS C 301 17.19 32.79 -13.41
C CYS C 301 17.53 31.33 -13.20
N THR C 302 17.93 30.63 -14.28
CA THR C 302 18.27 29.23 -14.15
C THR C 302 19.50 29.03 -13.26
N LEU C 303 20.52 29.86 -13.44
CA LEU C 303 21.73 29.75 -12.64
C LEU C 303 21.59 30.32 -11.23
N LYS C 304 20.49 31.01 -10.94
CA LYS C 304 20.27 31.65 -9.65
C LYS C 304 21.42 32.59 -9.29
N SER C 305 21.87 33.37 -10.27
CA SER C 305 22.96 34.32 -10.05
C SER C 305 22.78 35.50 -10.98
N PHE C 306 23.44 36.61 -10.64
CA PHE C 306 23.42 37.82 -11.45
C PHE C 306 24.61 37.92 -12.38
N THR C 307 25.51 36.93 -12.37
CA THR C 307 26.65 36.89 -13.27
C THR C 307 26.70 35.53 -13.94
N VAL C 308 27.00 35.52 -15.23
CA VAL C 308 27.03 34.29 -16.03
C VAL C 308 28.40 34.15 -16.66
N GLU C 309 29.01 32.99 -16.50
CA GLU C 309 30.30 32.71 -17.11
C GLU C 309 30.10 32.29 -18.57
N LYS C 310 31.19 32.40 -19.34
CA LYS C 310 31.13 32.03 -20.75
C LYS C 310 30.83 30.54 -20.90
N GLY C 311 29.88 30.23 -21.77
CA GLY C 311 29.49 28.86 -22.00
C GLY C 311 28.13 28.78 -22.67
N ILE C 312 27.62 27.56 -22.75
CA ILE C 312 26.30 27.29 -23.31
C ILE C 312 25.47 26.61 -22.23
N TYR C 313 24.26 27.14 -22.00
CA TYR C 313 23.40 26.69 -20.91
C TYR C 313 22.03 26.31 -21.46
N GLN C 314 21.46 25.26 -20.87
CA GLN C 314 20.10 24.83 -21.21
C GLN C 314 19.13 25.53 -20.28
N THR C 315 18.23 26.34 -20.86
CA THR C 315 17.35 27.20 -20.07
C THR C 315 15.96 26.59 -19.89
N SER C 316 15.27 26.30 -20.98
CA SER C 316 13.90 25.80 -20.91
C SER C 316 13.55 25.13 -22.23
N ASN C 317 12.27 24.82 -22.41
CA ASN C 317 11.77 24.20 -23.63
C ASN C 317 10.64 25.03 -24.21
N PHE C 318 10.49 24.96 -25.52
CA PHE C 318 9.43 25.68 -26.23
C PHE C 318 8.46 24.69 -26.84
N ARG C 319 7.23 25.17 -27.06
CA ARG C 319 6.24 24.40 -27.79
C ARG C 319 5.22 25.35 -28.37
N VAL C 320 4.55 24.91 -29.43
CA VAL C 320 3.54 25.72 -30.10
C VAL C 320 2.22 25.60 -29.32
N GLN C 321 1.69 26.73 -28.89
CA GLN C 321 0.43 26.73 -28.15
C GLN C 321 -0.74 26.51 -29.10
N PRO C 322 -1.80 25.87 -28.62
CA PRO C 322 -2.97 25.62 -29.47
C PRO C 322 -3.71 26.90 -29.80
N THR C 323 -4.39 26.88 -30.95
CA THR C 323 -5.13 28.04 -31.42
C THR C 323 -6.58 28.01 -30.95
N GLU C 324 -7.31 26.95 -31.29
CA GLU C 324 -8.71 26.81 -30.93
C GLU C 324 -8.96 25.39 -30.43
N SER C 325 -10.23 25.10 -30.12
CA SER C 325 -10.65 23.79 -29.66
C SER C 325 -11.84 23.33 -30.49
N ILE C 326 -11.90 22.02 -30.74
CA ILE C 326 -12.98 21.42 -31.52
C ILE C 326 -13.59 20.28 -30.73
N VAL C 327 -14.84 19.97 -31.06
CA VAL C 327 -15.58 18.89 -30.43
C VAL C 327 -16.25 18.06 -31.53
N ARG C 328 -16.04 16.75 -31.49
CA ARG C 328 -16.66 15.84 -32.45
C ARG C 328 -17.47 14.80 -31.68
N PHE C 329 -18.77 14.76 -31.93
CA PHE C 329 -19.71 13.92 -31.23
C PHE C 329 -20.60 13.21 -32.24
N PRO C 330 -21.24 12.11 -31.84
CA PRO C 330 -22.15 11.42 -32.77
C PRO C 330 -23.34 12.29 -33.14
N ASN C 331 -23.96 11.96 -34.27
CA ASN C 331 -25.02 12.76 -34.86
C ASN C 331 -26.41 12.39 -34.34
N ILE C 332 -26.52 11.45 -33.41
CA ILE C 332 -27.82 11.04 -32.89
C ILE C 332 -28.35 12.13 -31.97
N THR C 333 -29.69 12.21 -31.89
CA THR C 333 -30.36 13.27 -31.14
C THR C 333 -31.48 12.81 -30.24
N ASN C 334 -31.88 11.53 -30.29
CA ASN C 334 -32.95 11.05 -29.45
C ASN C 334 -32.57 11.16 -27.97
N LEU C 335 -33.54 11.56 -27.15
CA LEU C 335 -33.30 11.82 -25.74
C LEU C 335 -33.51 10.54 -24.94
N CYS C 336 -32.63 10.32 -23.95
CA CYS C 336 -32.68 9.10 -23.16
C CYS C 336 -33.93 9.07 -22.28
N PRO C 337 -34.53 7.90 -22.10
CA PRO C 337 -35.78 7.79 -21.33
C PRO C 337 -35.55 7.72 -19.82
N PHE C 338 -35.02 8.81 -19.26
CA PHE C 338 -34.87 8.88 -17.81
C PHE C 338 -36.18 9.17 -17.09
N GLY C 339 -37.15 9.77 -17.77
CA GLY C 339 -38.44 10.02 -17.15
C GLY C 339 -39.19 8.76 -16.79
N GLU C 340 -39.06 7.72 -17.62
CA GLU C 340 -39.70 6.45 -17.34
C GLU C 340 -39.11 5.83 -16.08
N VAL C 341 -37.79 5.71 -16.01
CA VAL C 341 -37.15 5.05 -14.88
C VAL C 341 -37.34 5.85 -13.61
N PHE C 342 -37.09 7.17 -13.67
CA PHE C 342 -37.17 7.98 -12.47
C PHE C 342 -38.61 8.16 -12.00
N ASN C 343 -39.51 8.48 -12.93
CA ASN C 343 -40.91 8.72 -12.62
C ASN C 343 -41.70 7.49 -13.08
N ALA C 344 -42.04 6.62 -12.13
CA ALA C 344 -42.77 5.40 -12.42
C ALA C 344 -43.82 5.19 -11.33
N THR C 345 -44.45 4.03 -11.34
CA THR C 345 -45.52 3.70 -10.41
C THR C 345 -45.07 2.74 -9.32
N ARG C 346 -44.55 1.58 -9.67
CA ARG C 346 -44.14 0.56 -8.72
C ARG C 346 -42.67 0.24 -8.89
N PHE C 347 -41.98 0.06 -7.77
CA PHE C 347 -40.58 -0.32 -7.75
C PHE C 347 -40.43 -1.72 -7.17
N ALA C 348 -39.53 -2.51 -7.76
CA ALA C 348 -39.37 -3.89 -7.37
C ALA C 348 -38.74 -3.97 -5.97
N SER C 349 -38.78 -5.18 -5.41
CA SER C 349 -38.25 -5.41 -4.07
C SER C 349 -36.73 -5.52 -4.10
N VAL C 350 -36.13 -5.56 -2.92
CA VAL C 350 -34.68 -5.60 -2.81
C VAL C 350 -34.13 -6.92 -3.34
N TYR C 351 -34.72 -8.03 -2.90
CA TYR C 351 -34.19 -9.34 -3.28
C TYR C 351 -34.35 -9.61 -4.77
N ALA C 352 -35.34 -8.99 -5.42
CA ALA C 352 -35.53 -9.08 -6.86
C ALA C 352 -35.57 -7.66 -7.41
N TRP C 353 -34.40 -7.13 -7.73
CA TRP C 353 -34.27 -5.75 -8.17
C TRP C 353 -34.33 -5.65 -9.68
N ASN C 354 -34.99 -4.61 -10.17
CA ASN C 354 -35.22 -4.43 -11.60
C ASN C 354 -34.04 -3.70 -12.22
N ARG C 355 -33.48 -4.27 -13.29
CA ARG C 355 -32.36 -3.69 -14.01
C ARG C 355 -32.85 -3.18 -15.36
N LYS C 356 -32.47 -1.95 -15.69
CA LYS C 356 -32.87 -1.31 -16.95
C LYS C 356 -31.64 -0.95 -17.75
N ARG C 357 -31.70 -1.18 -19.06
CA ARG C 357 -30.60 -0.88 -19.97
C ARG C 357 -30.94 0.37 -20.77
N ILE C 358 -30.01 1.33 -20.79
CA ILE C 358 -30.17 2.57 -21.54
C ILE C 358 -29.00 2.70 -22.49
N SER C 359 -29.30 2.92 -23.77
CA SER C 359 -28.26 3.06 -24.78
C SER C 359 -28.81 3.80 -25.98
N ASN C 360 -27.90 4.33 -26.79
CA ASN C 360 -28.20 4.97 -28.06
C ASN C 360 -29.21 6.11 -27.88
N CYS C 361 -28.81 7.10 -27.10
CA CYS C 361 -29.62 8.32 -26.91
C CYS C 361 -28.71 9.39 -26.32
N VAL C 362 -29.31 10.55 -26.05
CA VAL C 362 -28.62 11.68 -25.44
C VAL C 362 -29.11 11.80 -24.01
N ALA C 363 -28.17 11.75 -23.07
CA ALA C 363 -28.49 11.75 -21.64
C ALA C 363 -28.11 13.12 -21.06
N ASP C 364 -29.12 13.96 -20.84
CA ASP C 364 -28.91 15.23 -20.16
C ASP C 364 -29.00 15.02 -18.66
N TYR C 365 -27.88 15.21 -17.97
CA TYR C 365 -27.82 14.98 -16.53
C TYR C 365 -28.13 16.22 -15.71
N SER C 366 -28.49 17.32 -16.37
CA SER C 366 -28.82 18.54 -15.64
C SER C 366 -30.19 18.48 -15.00
N VAL C 367 -31.13 17.76 -15.61
CA VAL C 367 -32.48 17.70 -15.08
C VAL C 367 -32.52 16.90 -13.79
N LEU C 368 -31.79 15.78 -13.74
CA LEU C 368 -31.77 14.97 -12.52
C LEU C 368 -31.18 15.75 -11.35
N TYR C 369 -30.10 16.49 -11.59
CA TYR C 369 -29.48 17.24 -10.51
C TYR C 369 -30.38 18.37 -10.02
N ASN C 370 -31.08 19.04 -10.93
CA ASN C 370 -31.90 20.19 -10.54
C ASN C 370 -33.17 19.73 -9.83
N SER C 371 -33.99 18.94 -10.51
CA SER C 371 -35.26 18.51 -9.93
C SER C 371 -35.02 17.60 -8.73
N ALA C 372 -35.86 17.77 -7.71
CA ALA C 372 -35.75 16.99 -6.46
C ALA C 372 -34.33 17.02 -5.92
N SER C 373 -33.81 18.23 -5.72
CA SER C 373 -32.43 18.40 -5.28
C SER C 373 -32.17 17.74 -3.93
N PHE C 374 -33.21 17.59 -3.10
CA PHE C 374 -33.03 16.96 -1.79
C PHE C 374 -32.57 15.51 -1.93
N SER C 375 -33.05 14.81 -2.96
CA SER C 375 -32.57 13.47 -3.27
C SER C 375 -31.05 13.41 -3.25
N THR C 376 -30.51 12.43 -2.53
CA THR C 376 -29.06 12.25 -2.48
C THR C 376 -28.51 12.01 -3.88
N PHE C 377 -27.37 12.63 -4.18
CA PHE C 377 -26.79 12.56 -5.51
C PHE C 377 -25.28 12.39 -5.42
N LYS C 378 -24.81 11.72 -4.36
CA LYS C 378 -23.38 11.57 -4.15
C LYS C 378 -22.85 10.46 -5.04
N CYS C 379 -21.79 10.76 -5.79
CA CYS C 379 -21.32 9.92 -6.89
C CYS C 379 -19.94 9.35 -6.58
N TYR C 380 -19.67 8.16 -7.12
CA TYR C 380 -18.37 7.51 -6.99
C TYR C 380 -17.68 7.49 -8.35
N GLY C 381 -16.38 7.78 -8.35
CA GLY C 381 -15.57 7.64 -9.55
C GLY C 381 -15.68 8.80 -10.52
N VAL C 382 -16.83 9.46 -10.54
CA VAL C 382 -17.08 10.60 -11.42
C VAL C 382 -17.56 11.76 -10.56
N SER C 383 -17.52 12.95 -11.13
CA SER C 383 -18.00 14.14 -10.45
C SER C 383 -19.31 14.61 -11.06
N PRO C 384 -20.38 14.68 -10.27
CA PRO C 384 -21.67 15.14 -10.80
C PRO C 384 -21.72 16.64 -11.06
N THR C 385 -20.67 17.37 -10.73
CA THR C 385 -20.68 18.82 -10.82
C THR C 385 -20.50 19.28 -12.26
N LYS C 386 -21.42 18.86 -13.13
CA LYS C 386 -21.46 19.14 -14.56
C LYS C 386 -20.33 18.46 -15.31
N LEU C 387 -19.44 17.74 -14.63
CA LEU C 387 -18.43 16.92 -15.28
C LEU C 387 -18.99 15.61 -15.79
N ASN C 388 -20.31 15.45 -15.81
CA ASN C 388 -20.96 14.23 -16.27
C ASN C 388 -21.34 14.28 -17.74
N ASP C 389 -20.90 15.31 -18.46
CA ASP C 389 -21.22 15.46 -19.88
C ASP C 389 -20.08 14.90 -20.71
N LEU C 390 -20.04 13.57 -20.81
CA LEU C 390 -19.09 12.88 -21.65
C LEU C 390 -19.73 11.59 -22.14
N CYS C 391 -19.15 11.01 -23.19
CA CYS C 391 -19.75 9.85 -23.83
C CYS C 391 -19.43 8.57 -23.07
N PHE C 392 -20.45 7.74 -22.86
CA PHE C 392 -20.32 6.44 -22.24
C PHE C 392 -20.68 5.35 -23.24
N THR C 393 -20.44 4.11 -22.83
CA THR C 393 -20.75 2.95 -23.68
C THR C 393 -22.14 2.40 -23.39
N ASN C 394 -22.38 1.98 -22.16
CA ASN C 394 -23.68 1.49 -21.75
C ASN C 394 -23.99 2.01 -20.35
N VAL C 395 -25.28 2.12 -20.05
CA VAL C 395 -25.74 2.61 -18.76
C VAL C 395 -26.77 1.63 -18.21
N TYR C 396 -26.60 1.23 -16.95
CA TYR C 396 -27.51 0.32 -16.28
C TYR C 396 -28.18 1.05 -15.13
N ALA C 397 -29.50 0.89 -15.01
CA ALA C 397 -30.28 1.49 -13.94
C ALA C 397 -30.95 0.40 -13.12
N ASP C 398 -30.79 0.46 -11.80
CA ASP C 398 -31.41 -0.50 -10.89
C ASP C 398 -32.16 0.29 -9.83
N SER C 399 -33.42 -0.11 -9.58
CA SER C 399 -34.27 0.60 -8.65
C SER C 399 -34.97 -0.39 -7.72
N PHE C 400 -35.15 0.03 -6.47
CA PHE C 400 -35.84 -0.76 -5.46
C PHE C 400 -36.13 0.17 -4.28
N VAL C 401 -36.67 -0.41 -3.20
CA VAL C 401 -37.07 0.34 -2.01
C VAL C 401 -36.27 -0.17 -0.82
N ILE C 402 -35.57 0.74 -0.15
CA ILE C 402 -34.65 0.42 0.93
C ILE C 402 -35.14 1.08 2.22
N ARG C 403 -35.05 0.33 3.32
CA ARG C 403 -35.31 0.87 4.65
C ARG C 403 -34.31 1.99 4.97
N GLY C 404 -34.80 3.00 5.67
CA GLY C 404 -33.96 4.14 5.99
C GLY C 404 -32.81 3.82 6.93
N ASP C 405 -32.94 2.76 7.73
CA ASP C 405 -31.90 2.42 8.70
C ASP C 405 -30.62 1.94 8.03
N GLU C 406 -30.68 1.51 6.76
CA GLU C 406 -29.52 0.98 6.07
C GLU C 406 -29.37 1.60 4.68
N VAL C 407 -29.76 2.87 4.54
CA VAL C 407 -29.64 3.55 3.25
C VAL C 407 -28.17 3.69 2.85
N ARG C 408 -27.26 3.75 3.82
CA ARG C 408 -25.85 3.92 3.53
C ARG C 408 -25.13 2.60 3.29
N GLN C 409 -25.85 1.47 3.32
CA GLN C 409 -25.27 0.19 2.92
C GLN C 409 -24.96 0.14 1.43
N ILE C 410 -25.56 1.02 0.63
CA ILE C 410 -25.38 1.01 -0.81
C ILE C 410 -24.14 1.85 -1.08
N ALA C 411 -22.99 1.19 -1.15
CA ALA C 411 -21.71 1.84 -1.39
C ALA C 411 -20.65 0.80 -1.73
N PRO C 412 -19.67 1.12 -2.57
CA PRO C 412 -18.61 0.17 -2.85
C PRO C 412 -17.80 -0.14 -1.60
N GLY C 413 -17.38 -1.40 -1.48
CA GLY C 413 -16.60 -1.83 -0.32
C GLY C 413 -17.30 -1.61 1.00
N GLN C 414 -18.61 -1.86 1.05
CA GLN C 414 -19.40 -1.63 2.24
C GLN C 414 -20.04 -2.94 2.69
N THR C 415 -20.27 -3.05 4.00
CA THR C 415 -20.85 -4.25 4.59
C THR C 415 -22.07 -3.85 5.40
N GLY C 416 -22.95 -4.84 5.62
CA GLY C 416 -24.15 -4.60 6.38
C GLY C 416 -25.08 -5.79 6.29
N LYS C 417 -26.33 -5.57 6.70
CA LYS C 417 -27.29 -6.66 6.74
C LYS C 417 -27.70 -7.08 5.33
N ILE C 418 -28.01 -6.10 4.47
CA ILE C 418 -28.47 -6.39 3.11
C ILE C 418 -27.40 -6.16 2.06
N ALA C 419 -26.31 -5.48 2.40
CA ALA C 419 -25.24 -5.27 1.44
C ALA C 419 -24.61 -6.58 1.01
N ASP C 420 -24.45 -7.51 1.95
CA ASP C 420 -23.89 -8.82 1.67
C ASP C 420 -24.96 -9.86 1.33
N TYR C 421 -26.24 -9.50 1.37
CA TYR C 421 -27.32 -10.45 1.21
C TYR C 421 -28.32 -10.11 0.12
N ASN C 422 -28.45 -8.85 -0.28
CA ASN C 422 -29.48 -8.47 -1.23
C ASN C 422 -28.92 -7.73 -2.44
N TYR C 423 -27.89 -6.92 -2.22
CA TYR C 423 -27.31 -6.11 -3.29
C TYR C 423 -25.88 -5.80 -2.95
N LYS C 424 -24.94 -6.31 -3.74
CA LYS C 424 -23.52 -6.11 -3.52
C LYS C 424 -22.95 -5.25 -4.64
N LEU C 425 -22.17 -4.24 -4.27
CA LEU C 425 -21.51 -3.35 -5.22
C LEU C 425 -20.03 -3.68 -5.32
N PRO C 426 -19.46 -3.67 -6.52
CA PRO C 426 -18.03 -3.91 -6.66
C PRO C 426 -17.22 -2.80 -6.00
N ASP C 427 -16.01 -3.16 -5.56
CA ASP C 427 -15.15 -2.18 -4.90
C ASP C 427 -14.75 -1.06 -5.85
N ASP C 428 -14.48 -1.40 -7.11
CA ASP C 428 -14.13 -0.42 -8.13
C ASP C 428 -15.33 0.13 -8.87
N PHE C 429 -16.50 0.13 -8.24
CA PHE C 429 -17.72 0.59 -8.89
C PHE C 429 -17.61 2.06 -9.28
N THR C 430 -17.97 2.37 -10.51
CA THR C 430 -18.01 3.74 -11.01
C THR C 430 -19.43 4.06 -11.44
N GLY C 431 -20.01 5.09 -10.84
CA GLY C 431 -21.38 5.45 -11.12
C GLY C 431 -21.93 6.34 -10.04
N CYS C 432 -23.26 6.48 -10.05
CA CYS C 432 -23.96 7.36 -9.12
C CYS C 432 -25.15 6.63 -8.52
N VAL C 433 -25.46 6.97 -7.28
CA VAL C 433 -26.64 6.45 -6.59
C VAL C 433 -27.53 7.63 -6.20
N ILE C 434 -28.83 7.47 -6.41
CA ILE C 434 -29.81 8.51 -6.13
C ILE C 434 -30.92 7.92 -5.28
N ALA C 435 -31.26 8.61 -4.19
CA ALA C 435 -32.31 8.16 -3.28
C ALA C 435 -33.14 9.35 -2.84
N TRP C 436 -34.46 9.21 -2.93
CA TRP C 436 -35.38 10.24 -2.45
C TRP C 436 -36.54 9.58 -1.71
N ASN C 437 -37.12 10.34 -0.78
CA ASN C 437 -38.16 9.81 0.08
C ASN C 437 -39.44 9.53 -0.69
N SER C 438 -40.12 8.44 -0.35
CA SER C 438 -41.41 8.08 -0.92
C SER C 438 -42.36 7.61 0.17
N ASN C 439 -42.27 8.23 1.35
CA ASN C 439 -43.14 7.83 2.45
C ASN C 439 -44.60 8.10 2.12
N ASN C 440 -44.89 9.22 1.47
CA ASN C 440 -46.26 9.60 1.16
C ASN C 440 -46.86 8.84 -0.03
N LEU C 441 -46.07 7.99 -0.70
CA LEU C 441 -46.61 7.10 -1.74
C LEU C 441 -46.57 5.64 -1.31
N ASP C 442 -45.40 5.12 -0.96
CA ASP C 442 -45.30 3.70 -0.63
C ASP C 442 -45.97 3.39 0.69
N SER C 443 -45.67 4.16 1.73
CA SER C 443 -46.24 3.89 3.05
C SER C 443 -47.70 4.33 3.09
N LYS C 444 -48.54 3.48 3.65
CA LYS C 444 -49.98 3.73 3.75
C LYS C 444 -50.44 3.45 5.18
N VAL C 445 -51.50 4.15 5.58
CA VAL C 445 -52.02 4.00 6.94
C VAL C 445 -52.48 2.57 7.19
N GLY C 446 -53.13 1.97 6.20
CA GLY C 446 -53.55 0.58 6.34
C GLY C 446 -52.38 -0.37 6.51
N GLY C 447 -51.27 -0.09 5.82
CA GLY C 447 -50.08 -0.91 5.94
C GLY C 447 -49.55 -1.38 4.61
N ASN C 448 -48.29 -1.07 4.32
CA ASN C 448 -47.64 -1.48 3.08
C ASN C 448 -46.70 -2.63 3.39
N TYR C 449 -47.09 -3.84 3.01
CA TYR C 449 -46.34 -5.05 3.31
C TYR C 449 -45.92 -5.81 2.06
N ASN C 450 -45.88 -5.14 0.91
CA ASN C 450 -45.53 -5.78 -0.35
C ASN C 450 -44.03 -5.78 -0.62
N TYR C 451 -43.23 -5.20 0.26
CA TYR C 451 -41.78 -5.12 0.09
C TYR C 451 -41.10 -6.11 1.02
N LEU C 452 -40.23 -6.96 0.46
CA LEU C 452 -39.57 -8.00 1.21
C LEU C 452 -38.08 -8.00 0.90
N TYR C 453 -37.31 -8.62 1.79
CA TYR C 453 -35.87 -8.75 1.63
C TYR C 453 -35.42 -10.12 2.09
N ARG C 454 -34.48 -10.71 1.36
CA ARG C 454 -33.89 -11.98 1.75
C ARG C 454 -32.91 -11.77 2.90
N LEU C 455 -33.02 -12.60 3.93
CA LEU C 455 -32.15 -12.47 5.08
C LEU C 455 -31.34 -13.72 5.37
N PHE C 456 -31.91 -14.92 5.15
CA PHE C 456 -31.18 -16.17 5.34
C PHE C 456 -30.59 -16.65 4.02
N ARG C 457 -29.56 -15.94 3.55
CA ARG C 457 -28.91 -16.38 2.31
C ARG C 457 -28.03 -17.59 2.54
N LYS C 458 -27.31 -17.64 3.67
CA LYS C 458 -26.33 -18.64 4.09
C LYS C 458 -24.97 -18.42 3.39
N SER C 459 -24.85 -17.47 2.48
CA SER C 459 -23.60 -17.23 1.78
C SER C 459 -23.50 -15.74 1.46
N ASN C 460 -22.40 -15.36 0.81
CA ASN C 460 -22.18 -13.97 0.47
C ASN C 460 -22.72 -13.68 -0.93
N LEU C 461 -22.61 -12.42 -1.35
CA LEU C 461 -23.06 -11.99 -2.66
C LEU C 461 -21.89 -11.45 -3.46
N LYS C 462 -21.72 -11.94 -4.68
CA LYS C 462 -20.78 -11.33 -5.60
C LYS C 462 -21.38 -10.04 -6.16
N PRO C 463 -20.54 -9.11 -6.61
CA PRO C 463 -21.06 -7.86 -7.16
C PRO C 463 -22.04 -8.10 -8.30
N PHE C 464 -23.17 -7.40 -8.24
CA PHE C 464 -24.25 -7.54 -9.22
C PHE C 464 -24.71 -8.98 -9.34
N GLU C 465 -25.20 -9.51 -8.21
CA GLU C 465 -25.77 -10.85 -8.16
C GLU C 465 -27.26 -10.77 -7.92
N ARG C 466 -28.02 -11.61 -8.63
CA ARG C 466 -29.46 -11.66 -8.50
C ARG C 466 -29.85 -13.00 -7.89
N ASP C 467 -30.48 -12.96 -6.72
CA ASP C 467 -30.96 -14.15 -6.04
C ASP C 467 -32.48 -14.10 -5.99
N ILE C 468 -33.11 -15.09 -6.61
CA ILE C 468 -34.56 -15.14 -6.68
C ILE C 468 -35.15 -16.37 -5.99
N SER C 469 -34.36 -17.38 -5.67
CA SER C 469 -34.88 -18.59 -5.04
C SER C 469 -35.49 -18.28 -3.69
N THR C 470 -36.67 -18.84 -3.43
CA THR C 470 -37.37 -18.65 -2.17
C THR C 470 -37.53 -19.95 -1.40
N GLU C 471 -36.65 -20.92 -1.64
CA GLU C 471 -36.74 -22.21 -0.98
C GLU C 471 -36.47 -22.05 0.52
N ILE C 472 -37.04 -22.97 1.31
CA ILE C 472 -37.04 -22.83 2.76
C ILE C 472 -35.63 -23.03 3.29
N TYR C 473 -35.10 -22.03 3.98
CA TYR C 473 -33.74 -22.09 4.50
C TYR C 473 -33.65 -23.12 5.62
N GLN C 474 -32.50 -23.80 5.69
CA GLN C 474 -32.24 -24.80 6.72
C GLN C 474 -31.01 -24.37 7.50
N ALA C 475 -31.18 -24.18 8.80
CA ALA C 475 -30.10 -23.75 9.69
C ALA C 475 -29.57 -24.88 10.55
N GLY C 476 -29.99 -26.13 10.30
CA GLY C 476 -29.56 -27.26 11.09
C GLY C 476 -29.34 -28.49 10.24
N SER C 477 -28.98 -29.58 10.91
CA SER C 477 -28.76 -30.84 10.20
C SER C 477 -30.05 -31.45 9.67
N THR C 478 -31.15 -31.24 10.37
CA THR C 478 -32.42 -31.81 9.96
C THR C 478 -32.97 -31.06 8.75
N PRO C 479 -33.21 -31.74 7.62
CA PRO C 479 -33.77 -31.04 6.46
C PRO C 479 -35.17 -30.51 6.74
N CYS C 480 -35.47 -29.35 6.16
CA CYS C 480 -36.80 -28.76 6.31
C CYS C 480 -37.86 -29.62 5.65
N ASN C 481 -37.55 -30.19 4.48
CA ASN C 481 -38.51 -30.99 3.71
C ASN C 481 -39.76 -30.18 3.38
N GLY C 482 -39.57 -28.88 3.14
CA GLY C 482 -40.66 -28.01 2.75
C GLY C 482 -41.56 -27.54 3.87
N VAL C 483 -41.18 -27.78 5.13
CA VAL C 483 -42.00 -27.38 6.27
C VAL C 483 -41.13 -26.53 7.21
N GLU C 484 -41.75 -25.50 7.77
CA GLU C 484 -41.06 -24.66 8.75
C GLU C 484 -40.91 -25.41 10.07
N GLY C 485 -39.92 -25.00 10.85
CA GLY C 485 -39.69 -25.64 12.13
C GLY C 485 -38.33 -25.24 12.70
N PHE C 486 -37.82 -26.10 13.59
CA PHE C 486 -36.53 -25.86 14.22
C PHE C 486 -35.44 -25.74 13.15
N ASN C 487 -34.70 -24.63 13.20
CA ASN C 487 -33.64 -24.34 12.23
C ASN C 487 -34.16 -24.41 10.80
N CYS C 488 -35.37 -23.88 10.60
CA CYS C 488 -35.99 -23.85 9.26
C CYS C 488 -36.86 -22.60 9.20
N TYR C 489 -36.28 -21.53 8.65
CA TYR C 489 -36.92 -20.22 8.61
C TYR C 489 -37.05 -19.74 7.17
N PHE C 490 -38.12 -19.00 6.91
CA PHE C 490 -38.33 -18.43 5.58
C PHE C 490 -37.38 -17.26 5.36
N PRO C 491 -36.59 -17.27 4.28
CA PRO C 491 -35.65 -16.15 4.05
C PRO C 491 -36.33 -14.82 3.84
N LEU C 492 -37.53 -14.79 3.27
CA LEU C 492 -38.21 -13.55 2.93
C LEU C 492 -39.03 -13.05 4.11
N GLN C 493 -38.83 -11.78 4.47
CA GLN C 493 -39.60 -11.12 5.52
C GLN C 493 -40.19 -9.82 4.97
N SER C 494 -41.44 -9.55 5.32
CA SER C 494 -42.09 -8.33 4.89
C SER C 494 -41.49 -7.12 5.60
N TYR C 495 -41.89 -5.92 5.16
CA TYR C 495 -41.34 -4.69 5.68
C TYR C 495 -42.29 -3.97 6.63
N GLY C 496 -43.58 -3.94 6.33
CA GLY C 496 -44.55 -3.31 7.20
C GLY C 496 -44.39 -1.82 7.36
N PHE C 497 -44.21 -1.11 6.24
CA PHE C 497 -44.04 0.34 6.29
C PHE C 497 -45.37 1.04 6.55
N GLN C 498 -45.42 1.82 7.61
CA GLN C 498 -46.57 2.65 7.96
C GLN C 498 -46.08 4.07 8.21
N PRO C 499 -46.93 5.08 7.96
CA PRO C 499 -46.52 6.46 8.24
C PRO C 499 -46.23 6.71 9.70
N THR C 500 -46.78 5.90 10.61
CA THR C 500 -46.51 6.07 12.03
C THR C 500 -45.03 5.89 12.35
N ASN C 501 -44.32 5.11 11.54
CA ASN C 501 -42.90 4.87 11.78
C ASN C 501 -42.11 6.16 11.61
N GLY C 502 -41.00 6.26 12.32
CA GLY C 502 -40.17 7.44 12.27
C GLY C 502 -39.47 7.62 10.94
N VAL C 503 -38.86 8.80 10.78
CA VAL C 503 -38.15 9.12 9.54
C VAL C 503 -37.01 8.14 9.30
N GLY C 504 -36.34 7.69 10.36
CA GLY C 504 -35.33 6.67 10.21
C GLY C 504 -35.88 5.36 9.67
N TYR C 505 -37.15 5.07 9.96
CA TYR C 505 -37.81 3.88 9.47
C TYR C 505 -38.64 4.14 8.22
N GLN C 506 -38.69 5.37 7.73
CA GLN C 506 -39.47 5.67 6.55
C GLN C 506 -38.79 5.08 5.31
N PRO C 507 -39.56 4.59 4.34
CA PRO C 507 -38.96 4.03 3.13
C PRO C 507 -38.68 5.13 2.11
N TYR C 508 -37.48 5.08 1.52
CA TYR C 508 -37.12 5.94 0.40
C TYR C 508 -36.92 5.10 -0.85
N ARG C 509 -37.38 5.63 -1.97
CA ARG C 509 -37.11 5.01 -3.27
C ARG C 509 -35.70 5.36 -3.70
N VAL C 510 -34.94 4.35 -4.12
CA VAL C 510 -33.55 4.53 -4.48
C VAL C 510 -33.32 4.03 -5.91
N VAL C 511 -32.25 4.53 -6.52
CA VAL C 511 -31.84 4.11 -7.85
C VAL C 511 -30.34 4.30 -7.97
N VAL C 512 -29.69 3.39 -8.68
CA VAL C 512 -28.24 3.41 -8.86
C VAL C 512 -27.95 3.35 -10.35
N LEU C 513 -27.08 4.24 -10.83
CA LEU C 513 -26.70 4.31 -12.23
C LEU C 513 -25.28 3.79 -12.37
N SER C 514 -25.09 2.83 -13.28
CA SER C 514 -23.79 2.21 -13.51
C SER C 514 -23.44 2.31 -14.98
N PHE C 515 -22.22 2.74 -15.27
CA PHE C 515 -21.74 2.86 -16.64
C PHE C 515 -20.26 2.54 -16.69
N GLU C 516 -19.76 2.33 -17.90
CA GLU C 516 -18.37 1.91 -18.12
C GLU C 516 -17.80 2.65 -19.31
N LEU C 517 -16.51 3.00 -19.21
CA LEU C 517 -15.81 3.76 -20.23
C LEU C 517 -14.65 2.89 -20.72
N LEU C 518 -14.87 2.19 -21.83
CA LEU C 518 -13.87 1.26 -22.34
C LEU C 518 -13.67 1.38 -23.84
N HIS C 519 -12.98 0.42 -24.43
CA HIS C 519 -12.60 0.46 -25.84
C HIS C 519 -13.80 0.47 -26.78
N ALA C 520 -14.95 -0.04 -26.34
CA ALA C 520 -16.09 -0.15 -27.23
C ALA C 520 -16.60 1.22 -27.64
N PRO C 521 -17.16 1.35 -28.85
CA PRO C 521 -17.67 2.65 -29.29
C PRO C 521 -18.76 3.16 -28.36
N ALA C 522 -18.77 4.47 -28.16
CA ALA C 522 -19.74 5.09 -27.25
C ALA C 522 -21.12 5.11 -27.88
N THR C 523 -22.14 4.90 -27.04
CA THR C 523 -23.53 4.94 -27.46
C THR C 523 -24.34 6.02 -26.75
N VAL C 524 -24.00 6.35 -25.50
CA VAL C 524 -24.69 7.39 -24.74
C VAL C 524 -23.73 8.56 -24.59
N CYS C 525 -24.20 9.76 -24.93
CA CYS C 525 -23.37 10.96 -24.88
C CYS C 525 -24.16 12.07 -24.22
N GLY C 526 -23.42 13.03 -23.66
CA GLY C 526 -24.03 14.15 -22.99
C GLY C 526 -24.51 15.20 -23.97
N PRO C 527 -25.14 16.25 -23.42
CA PRO C 527 -25.66 17.34 -24.28
C PRO C 527 -24.56 18.30 -24.72
N LYS C 528 -23.80 17.87 -25.72
CA LYS C 528 -22.72 18.67 -26.28
C LYS C 528 -22.96 18.87 -27.77
N LYS C 529 -22.65 20.07 -28.24
CA LYS C 529 -22.82 20.43 -29.65
C LYS C 529 -21.48 20.29 -30.37
N SER C 530 -21.48 19.58 -31.48
CA SER C 530 -20.26 19.31 -32.22
C SER C 530 -19.74 20.59 -32.87
N THR C 531 -18.59 20.48 -33.52
CA THR C 531 -17.93 21.61 -34.16
C THR C 531 -17.26 21.10 -35.43
N ASN C 532 -17.01 22.03 -36.35
CA ASN C 532 -16.40 21.68 -37.62
C ASN C 532 -14.99 21.10 -37.42
N LEU C 533 -14.54 20.36 -38.41
CA LEU C 533 -13.24 19.69 -38.35
C LEU C 533 -12.14 20.61 -38.85
N VAL C 534 -11.05 20.67 -38.10
CA VAL C 534 -9.89 21.50 -38.44
C VAL C 534 -8.69 20.57 -38.61
N LYS C 535 -7.93 20.77 -39.68
CA LYS C 535 -6.79 19.93 -39.99
C LYS C 535 -5.55 20.78 -40.20
N ASN C 536 -4.39 20.17 -39.95
CA ASN C 536 -3.09 20.82 -40.12
C ASN C 536 -2.97 22.07 -39.25
N LYS C 537 -3.53 22.00 -38.05
CA LYS C 537 -3.46 23.12 -37.10
C LYS C 537 -3.36 22.56 -35.69
N CYS C 538 -2.49 23.19 -34.89
CA CYS C 538 -2.32 22.81 -33.50
C CYS C 538 -3.54 23.27 -32.71
N VAL C 539 -4.50 22.37 -32.53
CA VAL C 539 -5.75 22.67 -31.84
C VAL C 539 -6.07 21.55 -30.85
N ASN C 540 -6.91 21.87 -29.88
CA ASN C 540 -7.46 20.85 -29.01
C ASN C 540 -8.53 20.05 -29.76
N PHE C 541 -8.90 18.91 -29.17
CA PHE C 541 -9.93 18.08 -29.78
C PHE C 541 -10.64 17.29 -28.68
N ASN C 542 -11.83 16.80 -29.02
CA ASN C 542 -12.63 16.01 -28.09
C ASN C 542 -13.44 15.02 -28.93
N PHE C 543 -13.00 13.77 -28.95
CA PHE C 543 -13.65 12.71 -29.71
C PHE C 543 -14.32 11.78 -28.71
N ASN C 544 -15.59 12.05 -28.40
CA ASN C 544 -16.36 11.26 -27.45
C ASN C 544 -15.66 11.18 -26.09
N GLY C 545 -15.10 12.30 -25.65
CA GLY C 545 -14.39 12.35 -24.39
C GLY C 545 -12.89 12.14 -24.49
N LEU C 546 -12.37 11.83 -25.68
CA LEU C 546 -10.94 11.62 -25.87
C LEU C 546 -10.25 12.98 -26.03
N THR C 547 -10.13 13.69 -24.92
CA THR C 547 -9.52 15.00 -24.92
C THR C 547 -8.02 14.91 -25.21
N GLY C 548 -7.49 15.94 -25.83
CA GLY C 548 -6.07 15.97 -26.13
C GLY C 548 -5.69 17.22 -26.90
N THR C 549 -4.45 17.24 -27.36
CA THR C 549 -3.93 18.36 -28.12
C THR C 549 -2.98 17.83 -29.18
N GLY C 550 -3.02 18.42 -30.37
CA GLY C 550 -2.15 18.01 -31.44
C GLY C 550 -2.66 18.51 -32.78
N VAL C 551 -2.07 17.95 -33.83
CA VAL C 551 -2.39 18.31 -35.21
C VAL C 551 -3.00 17.10 -35.90
N LEU C 552 -4.16 17.29 -36.51
CA LEU C 552 -4.87 16.22 -37.19
C LEU C 552 -4.61 16.30 -38.69
N THR C 553 -4.23 15.17 -39.29
CA THR C 553 -3.93 15.10 -40.71
C THR C 553 -4.55 13.83 -41.27
N GLU C 554 -4.37 13.63 -42.58
CA GLU C 554 -4.84 12.42 -43.22
C GLU C 554 -3.96 11.24 -42.83
N SER C 555 -4.58 10.06 -42.75
CA SER C 555 -3.90 8.84 -42.33
C SER C 555 -4.03 7.78 -43.42
N ASN C 556 -2.94 7.05 -43.65
CA ASN C 556 -2.94 5.92 -44.57
C ASN C 556 -3.15 4.60 -43.87
N LYS C 557 -3.48 4.62 -42.58
CA LYS C 557 -3.68 3.38 -41.84
C LYS C 557 -4.85 2.59 -42.42
N LYS C 558 -4.63 1.29 -42.61
CA LYS C 558 -5.66 0.40 -43.15
C LYS C 558 -6.57 -0.05 -42.00
N PHE C 559 -7.32 0.90 -41.48
CA PHE C 559 -8.25 0.63 -40.38
C PHE C 559 -9.30 -0.38 -40.82
N LEU C 560 -9.53 -1.38 -39.99
CA LEU C 560 -10.60 -2.31 -40.28
C LEU C 560 -11.95 -1.66 -39.97
N PRO C 561 -13.03 -2.11 -40.63
CA PRO C 561 -14.31 -1.42 -40.46
C PRO C 561 -14.82 -1.35 -39.03
N PHE C 562 -14.48 -2.33 -38.20
CA PHE C 562 -14.97 -2.34 -36.82
C PHE C 562 -14.05 -1.61 -35.86
N GLN C 563 -12.91 -1.10 -36.32
CA GLN C 563 -11.91 -0.50 -35.43
C GLN C 563 -12.16 0.98 -35.25
N GLN C 564 -11.89 1.48 -34.04
CA GLN C 564 -12.14 2.87 -33.69
C GLN C 564 -10.88 3.73 -33.72
N PHE C 565 -9.88 3.39 -32.90
CA PHE C 565 -8.66 4.18 -32.84
C PHE C 565 -7.45 3.25 -32.72
N GLY C 566 -6.31 3.73 -33.22
CA GLY C 566 -5.08 2.98 -33.14
C GLY C 566 -4.21 3.43 -31.97
N ARG C 567 -3.05 2.79 -31.86
CA ARG C 567 -2.09 3.11 -30.81
C ARG C 567 -0.69 2.83 -31.31
N ASP C 568 0.29 3.40 -30.61
CA ASP C 568 1.69 3.28 -30.97
C ASP C 568 2.38 2.25 -30.07
N ILE C 569 3.70 2.13 -30.24
CA ILE C 569 4.47 1.22 -29.40
C ILE C 569 4.44 1.68 -27.95
N ALA C 570 4.43 2.99 -27.71
CA ALA C 570 4.35 3.52 -26.37
C ALA C 570 2.97 3.40 -25.75
N ASP C 571 2.01 2.81 -26.47
CA ASP C 571 0.64 2.61 -25.98
C ASP C 571 -0.04 3.94 -25.68
N THR C 572 -0.07 4.80 -26.71
CA THR C 572 -0.79 6.06 -26.66
C THR C 572 -1.58 6.24 -27.94
N THR C 573 -2.64 7.03 -27.86
CA THR C 573 -3.51 7.25 -29.01
C THR C 573 -2.74 7.92 -30.14
N ASP C 574 -2.64 7.23 -31.27
CA ASP C 574 -1.94 7.74 -32.44
C ASP C 574 -2.89 8.16 -33.56
N ALA C 575 -3.96 7.40 -33.79
CA ALA C 575 -4.94 7.73 -34.82
C ALA C 575 -6.34 7.58 -34.24
N VAL C 576 -7.29 8.29 -34.85
CA VAL C 576 -8.68 8.27 -34.40
C VAL C 576 -9.58 8.32 -35.62
N ARG C 577 -10.81 7.83 -35.42
CA ARG C 577 -11.83 7.82 -36.46
C ARG C 577 -12.93 8.81 -36.09
N ASP C 578 -13.27 9.69 -37.01
CA ASP C 578 -14.25 10.74 -36.73
C ASP C 578 -15.62 10.11 -36.50
N PRO C 579 -16.32 10.46 -35.42
CA PRO C 579 -17.63 9.85 -35.15
C PRO C 579 -18.69 10.18 -36.20
N GLN C 580 -18.55 11.29 -36.92
CA GLN C 580 -19.58 11.73 -37.86
C GLN C 580 -19.32 11.24 -39.28
N THR C 581 -18.16 11.57 -39.85
CA THR C 581 -17.85 11.19 -41.22
C THR C 581 -17.14 9.86 -41.34
N LEU C 582 -16.85 9.19 -40.22
CA LEU C 582 -16.15 7.90 -40.22
C LEU C 582 -14.83 7.98 -40.99
N GLU C 583 -14.06 9.03 -40.72
CA GLU C 583 -12.79 9.26 -41.36
C GLU C 583 -11.66 9.06 -40.35
N ILE C 584 -10.60 8.39 -40.80
CA ILE C 584 -9.43 8.13 -39.96
C ILE C 584 -8.49 9.32 -40.05
N LEU C 585 -8.12 9.87 -38.91
CA LEU C 585 -7.24 11.02 -38.83
C LEU C 585 -6.02 10.70 -37.98
N ASP C 586 -4.86 11.15 -38.42
CA ASP C 586 -3.63 10.98 -37.65
C ASP C 586 -3.55 12.05 -36.57
N ILE C 587 -2.87 11.71 -35.48
CA ILE C 587 -2.66 12.62 -34.36
C ILE C 587 -1.17 12.77 -34.14
N THR C 588 -0.69 14.02 -34.12
CA THR C 588 0.71 14.31 -33.91
C THR C 588 0.80 15.52 -32.98
N PRO C 589 1.59 15.44 -31.91
CA PRO C 589 1.71 16.58 -30.99
C PRO C 589 2.35 17.76 -31.69
N CYS C 590 1.98 18.96 -31.24
CA CYS C 590 2.52 20.18 -31.82
C CYS C 590 4.01 20.27 -31.58
N SER C 591 4.70 20.99 -32.47
CA SER C 591 6.16 21.01 -32.48
C SER C 591 6.70 21.58 -31.17
N PHE C 592 7.81 21.02 -30.73
CA PHE C 592 8.40 21.37 -29.45
C PHE C 592 9.87 21.00 -29.47
N GLY C 593 10.59 21.43 -28.43
CA GLY C 593 11.99 21.11 -28.31
C GLY C 593 12.62 21.92 -27.19
N GLY C 594 13.90 21.60 -26.94
CA GLY C 594 14.66 22.32 -25.95
C GLY C 594 15.31 23.57 -26.51
N VAL C 595 15.67 24.49 -25.61
CA VAL C 595 16.28 25.76 -25.96
C VAL C 595 17.56 25.93 -25.16
N SER C 596 18.66 26.21 -25.84
CA SER C 596 19.94 26.47 -25.20
C SER C 596 20.42 27.86 -25.59
N VAL C 597 21.08 28.53 -24.65
CA VAL C 597 21.54 29.89 -24.83
C VAL C 597 23.07 29.90 -24.83
N ILE C 598 23.64 30.51 -25.86
CA ILE C 598 25.09 30.64 -25.98
C ILE C 598 25.47 32.06 -25.63
N THR C 599 26.39 32.22 -24.69
CA THR C 599 26.79 33.54 -24.24
C THR C 599 28.23 33.53 -23.77
N PRO C 600 28.97 34.60 -24.00
CA PRO C 600 30.24 34.79 -23.32
C PRO C 600 29.98 35.25 -21.88
N GLY C 601 31.06 35.56 -21.17
CA GLY C 601 30.92 36.04 -19.82
C GLY C 601 30.19 37.37 -19.76
N THR C 602 29.38 37.54 -18.71
CA THR C 602 28.71 38.81 -18.51
C THR C 602 29.70 39.94 -18.27
N ASN C 603 30.88 39.60 -17.73
CA ASN C 603 31.93 40.60 -17.57
C ASN C 603 32.44 41.07 -18.93
N THR C 604 32.30 40.25 -19.97
CA THR C 604 32.83 40.59 -21.29
C THR C 604 31.82 41.41 -22.11
N SER C 605 30.64 40.85 -22.34
CA SER C 605 29.65 41.51 -23.18
C SER C 605 28.26 41.13 -22.68
N ASN C 606 27.24 41.47 -23.46
CA ASN C 606 25.85 41.19 -23.10
C ASN C 606 25.06 40.53 -24.22
N GLN C 607 25.63 40.35 -25.41
CA GLN C 607 24.94 39.68 -26.49
C GLN C 607 24.87 38.18 -26.23
N VAL C 608 23.81 37.55 -26.75
CA VAL C 608 23.60 36.12 -26.60
C VAL C 608 23.20 35.53 -27.95
N ALA C 609 23.32 34.21 -28.04
CA ALA C 609 22.84 33.46 -29.20
C ALA C 609 21.98 32.31 -28.70
N VAL C 610 20.92 32.02 -29.45
CA VAL C 610 19.93 31.03 -29.04
C VAL C 610 19.94 29.89 -30.04
N LEU C 611 19.99 28.66 -29.53
CA LEU C 611 19.98 27.45 -30.35
C LEU C 611 18.72 26.66 -30.05
N TYR C 612 17.92 26.40 -31.08
CA TYR C 612 16.74 25.57 -30.95
C TYR C 612 17.09 24.15 -31.36
N GLN C 613 17.02 23.23 -30.40
CA GLN C 613 17.57 21.89 -30.59
C GLN C 613 16.61 21.01 -31.37
N ASP C 614 17.14 20.37 -32.42
CA ASP C 614 16.38 19.42 -33.25
C ASP C 614 15.12 20.06 -33.83
N VAL C 615 15.25 21.30 -34.31
CA VAL C 615 14.15 22.03 -34.92
C VAL C 615 14.61 22.50 -36.29
N ASN C 616 13.78 22.26 -37.30
CA ASN C 616 14.13 22.67 -38.66
C ASN C 616 14.10 24.19 -38.76
N CYS C 617 14.94 24.72 -39.65
CA CYS C 617 15.09 26.17 -39.76
C CYS C 617 13.79 26.84 -40.16
N THR C 618 12.90 26.15 -40.88
CA THR C 618 11.66 26.76 -41.32
C THR C 618 10.66 26.89 -40.17
N GLU C 619 10.51 25.85 -39.36
CA GLU C 619 9.47 25.80 -38.35
C GLU C 619 9.83 26.54 -37.05
N VAL C 620 10.94 27.28 -37.03
CA VAL C 620 11.30 28.06 -35.86
C VAL C 620 10.19 29.09 -35.65
N PRO C 621 9.85 29.46 -34.41
CA PRO C 621 8.84 30.50 -34.21
C PRO C 621 9.26 31.81 -34.87
N VAL C 622 8.42 32.27 -35.80
CA VAL C 622 8.61 33.54 -36.46
C VAL C 622 7.69 34.61 -35.89
N ALA C 623 6.48 34.22 -35.49
CA ALA C 623 5.52 35.10 -34.85
C ALA C 623 5.34 34.69 -33.40
N ILE C 624 5.27 35.69 -32.51
CA ILE C 624 5.07 35.46 -31.09
C ILE C 624 3.62 35.69 -30.67
N HIS C 625 2.71 35.76 -31.64
CA HIS C 625 1.31 36.12 -31.37
C HIS C 625 0.61 34.96 -30.69
N ALA C 626 0.91 34.78 -29.41
CA ALA C 626 0.22 33.81 -28.55
C ALA C 626 0.27 32.40 -29.12
N ASP C 627 1.43 32.04 -29.67
CA ASP C 627 1.64 30.69 -30.21
C ASP C 627 2.86 30.01 -29.63
N GLN C 628 3.50 30.59 -28.63
CA GLN C 628 4.66 30.00 -27.97
C GLN C 628 4.65 30.38 -26.49
N LEU C 629 5.11 29.47 -25.64
CA LEU C 629 5.13 29.70 -24.21
C LEU C 629 6.43 30.33 -23.73
N THR C 630 7.36 30.64 -24.62
CA THR C 630 8.59 31.31 -24.25
C THR C 630 8.53 32.77 -24.68
N PRO C 631 8.30 33.71 -23.75
CA PRO C 631 8.22 35.13 -24.15
C PRO C 631 9.53 35.71 -24.65
N THR C 632 10.65 35.01 -24.47
CA THR C 632 11.96 35.49 -24.92
C THR C 632 12.10 35.33 -26.43
N TRP C 633 11.16 35.95 -27.14
CA TRP C 633 11.20 35.94 -28.60
C TRP C 633 12.35 36.80 -29.09
N ARG C 634 13.00 36.35 -30.17
CA ARG C 634 14.14 37.08 -30.70
C ARG C 634 13.70 38.43 -31.26
N VAL C 635 14.66 39.36 -31.34
CA VAL C 635 14.34 40.72 -31.75
C VAL C 635 13.79 40.74 -33.18
N TYR C 636 14.30 39.87 -34.05
CA TYR C 636 13.65 39.60 -35.33
C TYR C 636 13.25 38.15 -35.53
N SER C 637 14.07 37.20 -35.08
CA SER C 637 13.86 35.76 -35.22
C SER C 637 13.87 35.31 -36.68
N THR C 638 14.13 36.22 -37.61
CA THR C 638 14.22 35.91 -39.04
C THR C 638 14.83 37.11 -39.73
N GLY C 639 15.44 36.86 -40.89
CA GLY C 639 16.14 37.90 -41.60
C GLY C 639 17.51 38.17 -41.02
N SER C 640 17.65 37.97 -39.71
CA SER C 640 18.93 38.06 -39.04
C SER C 640 19.81 36.87 -39.42
N ASN C 641 21.02 36.86 -38.87
CA ASN C 641 21.91 35.73 -39.09
C ASN C 641 21.26 34.47 -38.53
N VAL C 642 20.92 33.54 -39.42
CA VAL C 642 20.25 32.30 -39.07
C VAL C 642 21.02 31.16 -39.71
N PHE C 643 21.58 30.27 -38.87
CA PHE C 643 22.33 29.12 -39.34
C PHE C 643 21.60 27.84 -38.96
N GLN C 644 21.58 26.87 -39.87
CA GLN C 644 20.96 25.58 -39.65
C GLN C 644 22.05 24.53 -39.54
N THR C 645 22.10 23.84 -38.41
CA THR C 645 23.11 22.82 -38.15
C THR C 645 22.43 21.49 -37.89
N ARG C 646 23.26 20.45 -37.77
CA ARG C 646 22.75 19.13 -37.42
C ARG C 646 22.27 19.05 -35.98
N ALA C 647 22.65 20.00 -35.14
CA ALA C 647 22.20 20.05 -33.75
C ALA C 647 20.95 20.89 -33.56
N GLY C 648 20.47 21.54 -34.62
CA GLY C 648 19.28 22.37 -34.54
C GLY C 648 19.48 23.65 -35.30
N CYS C 649 18.66 24.64 -34.99
CA CYS C 649 18.69 25.95 -35.64
C CYS C 649 19.34 26.96 -34.71
N LEU C 650 20.37 27.64 -35.21
CA LEU C 650 21.12 28.62 -34.43
C LEU C 650 20.78 30.02 -34.91
N ILE C 651 20.37 30.88 -33.98
CA ILE C 651 19.94 32.25 -34.28
C ILE C 651 20.77 33.21 -33.44
N GLY C 652 21.30 34.23 -34.08
CA GLY C 652 22.09 35.24 -33.40
C GLY C 652 23.59 35.15 -33.59
N ALA C 653 24.06 34.25 -34.45
CA ALA C 653 25.48 34.10 -34.71
C ALA C 653 25.72 34.10 -36.21
N GLU C 654 26.86 34.65 -36.61
CA GLU C 654 27.21 34.80 -38.02
C GLU C 654 28.17 33.69 -38.44
N HIS C 655 27.78 32.94 -39.48
CA HIS C 655 28.65 31.90 -40.00
C HIS C 655 29.85 32.49 -40.72
N VAL C 656 31.00 31.83 -40.59
CA VAL C 656 32.22 32.24 -41.26
C VAL C 656 32.84 31.01 -41.91
N ASN C 657 33.72 31.25 -42.88
CA ASN C 657 34.38 30.19 -43.62
C ASN C 657 35.75 29.83 -43.06
N ASN C 658 36.18 30.48 -41.99
CA ASN C 658 37.48 30.20 -41.39
C ASN C 658 37.36 28.99 -40.46
N SER C 659 38.42 28.71 -39.71
CA SER C 659 38.42 27.60 -38.77
C SER C 659 39.45 27.89 -37.69
N TYR C 660 39.02 27.85 -36.43
CA TYR C 660 39.89 28.09 -35.28
C TYR C 660 39.71 26.96 -34.27
N GLU C 661 40.40 27.10 -33.14
CA GLU C 661 40.21 26.17 -32.04
C GLU C 661 38.82 26.35 -31.44
N CYS C 662 38.26 25.25 -30.94
CA CYS C 662 36.94 25.30 -30.34
C CYS C 662 36.96 26.15 -29.07
N ASP C 663 35.96 27.02 -28.94
CA ASP C 663 35.80 27.87 -27.77
C ASP C 663 34.55 27.51 -26.99
N ILE C 664 33.39 27.49 -27.63
CA ILE C 664 32.14 27.05 -27.03
C ILE C 664 31.58 25.95 -27.92
N PRO C 665 31.49 24.70 -27.45
CA PRO C 665 31.02 23.62 -28.32
C PRO C 665 29.51 23.71 -28.54
N ILE C 666 29.11 23.60 -29.80
CA ILE C 666 27.70 23.58 -30.18
C ILE C 666 27.25 22.15 -30.46
N GLY C 667 28.03 21.40 -31.23
CA GLY C 667 27.69 20.05 -31.57
C GLY C 667 27.88 19.76 -33.05
N ALA C 668 28.13 18.49 -33.39
CA ALA C 668 28.34 18.06 -34.77
C ALA C 668 29.48 18.83 -35.42
N GLY C 669 30.55 19.08 -34.67
CA GLY C 669 31.72 19.72 -35.22
C GLY C 669 31.62 21.22 -35.40
N ILE C 670 30.67 21.87 -34.77
CA ILE C 670 30.47 23.30 -34.88
C ILE C 670 30.77 23.95 -33.54
N CYS C 671 31.58 24.99 -33.53
CA CYS C 671 31.92 25.72 -32.33
C CYS C 671 31.58 27.20 -32.52
N ALA C 672 31.50 27.92 -31.41
CA ALA C 672 31.17 29.34 -31.43
C ALA C 672 32.16 30.11 -30.57
N SER C 673 32.37 31.37 -30.92
CA SER C 673 33.29 32.22 -30.18
C SER C 673 32.88 33.68 -30.36
N TYR C 674 33.35 34.52 -29.45
CA TYR C 674 33.07 35.96 -29.47
C TYR C 674 34.31 36.66 -30.02
N GLN C 675 34.18 37.23 -31.21
CA GLN C 675 35.30 37.83 -31.92
C GLN C 675 35.04 39.32 -32.14
N THR C 676 35.97 39.97 -32.83
CA THR C 676 35.90 41.40 -33.08
C THR C 676 36.46 41.75 -34.45
N GLN C 690 33.42 41.89 -30.79
CA GLN C 690 32.24 42.75 -30.85
C GLN C 690 31.08 42.03 -31.51
N SER C 691 31.24 40.73 -31.75
CA SER C 691 30.20 39.94 -32.40
C SER C 691 30.40 38.47 -32.03
N ILE C 692 29.36 37.68 -32.29
CA ILE C 692 29.36 36.24 -32.04
C ILE C 692 29.34 35.53 -33.39
N ILE C 693 30.26 34.59 -33.57
CA ILE C 693 30.38 33.86 -34.83
C ILE C 693 30.33 32.37 -34.56
N ALA C 694 29.92 31.62 -35.59
CA ALA C 694 29.90 30.17 -35.55
C ALA C 694 30.73 29.64 -36.71
N TYR C 695 31.52 28.61 -36.44
CA TYR C 695 32.46 28.08 -37.42
C TYR C 695 32.59 26.59 -37.23
N THR C 696 33.48 25.98 -38.01
CA THR C 696 33.82 24.58 -37.89
C THR C 696 35.20 24.46 -37.25
N MET C 697 35.29 23.63 -36.21
CA MET C 697 36.54 23.51 -35.47
C MET C 697 37.62 22.90 -36.35
N SER C 698 38.86 23.31 -36.09
CA SER C 698 40.03 22.82 -36.81
C SER C 698 40.78 21.84 -35.93
N LEU C 699 41.07 20.65 -36.48
CA LEU C 699 41.74 19.61 -35.69
C LEU C 699 43.16 20.02 -35.35
N GLY C 700 43.87 20.63 -36.28
CA GLY C 700 45.23 21.05 -36.01
C GLY C 700 45.91 21.54 -37.27
N ALA C 701 47.16 21.96 -37.09
CA ALA C 701 47.94 22.47 -38.21
C ALA C 701 48.32 21.35 -39.17
N GLU C 702 48.33 21.66 -40.46
CA GLU C 702 48.72 20.69 -41.47
C GLU C 702 50.21 20.46 -41.45
N ASN C 703 50.62 19.22 -41.72
CA ASN C 703 52.03 18.87 -41.75
C ASN C 703 52.23 17.71 -42.71
N SER C 704 53.47 17.57 -43.19
CA SER C 704 53.81 16.52 -44.14
C SER C 704 55.29 16.22 -44.00
N VAL C 705 55.63 15.02 -43.51
CA VAL C 705 57.02 14.63 -43.37
C VAL C 705 57.59 14.25 -44.72
N ALA C 706 58.83 14.68 -44.98
CA ALA C 706 59.51 14.43 -46.25
C ALA C 706 60.09 13.02 -46.24
N TYR C 707 59.21 12.03 -46.35
CA TYR C 707 59.62 10.64 -46.34
C TYR C 707 60.37 10.27 -47.60
N SER C 708 61.46 9.52 -47.42
CA SER C 708 62.19 8.89 -48.52
C SER C 708 62.79 7.61 -47.98
N ASN C 709 63.15 6.70 -48.88
CA ASN C 709 63.67 5.41 -48.42
C ASN C 709 65.16 5.43 -48.17
N ASN C 710 65.84 6.57 -48.35
CA ASN C 710 67.26 6.66 -48.01
C ASN C 710 67.59 7.96 -47.31
N SER C 711 66.63 8.53 -46.57
CA SER C 711 66.82 9.81 -45.88
C SER C 711 66.44 9.65 -44.42
N ILE C 712 67.19 10.32 -43.54
CA ILE C 712 66.94 10.29 -42.11
C ILE C 712 67.16 11.68 -41.54
N ALA C 713 66.56 11.93 -40.37
CA ALA C 713 66.71 13.19 -39.67
C ALA C 713 67.20 12.91 -38.25
N ILE C 714 68.16 13.71 -37.81
CA ILE C 714 68.79 13.51 -36.51
C ILE C 714 68.87 14.83 -35.77
N PRO C 715 68.48 14.90 -34.50
CA PRO C 715 68.58 16.15 -33.75
C PRO C 715 70.03 16.51 -33.46
N THR C 716 70.26 17.81 -33.29
CA THR C 716 71.57 18.33 -32.93
C THR C 716 71.61 19.05 -31.60
N ASN C 717 70.53 19.72 -31.21
CA ASN C 717 70.39 20.34 -29.91
C ASN C 717 69.31 19.63 -29.11
N PHE C 718 69.01 20.15 -27.92
CA PHE C 718 67.96 19.60 -27.08
C PHE C 718 67.42 20.69 -26.18
N THR C 719 66.27 20.42 -25.57
CA THR C 719 65.64 21.34 -24.65
C THR C 719 65.19 20.58 -23.40
N ILE C 720 65.40 21.21 -22.23
CA ILE C 720 64.91 20.68 -20.97
C ILE C 720 63.57 21.35 -20.68
N SER C 721 62.53 20.55 -20.49
CA SER C 721 61.18 21.03 -20.34
C SER C 721 60.60 20.57 -19.01
N VAL C 722 59.81 21.44 -18.38
CA VAL C 722 59.14 21.15 -17.12
C VAL C 722 57.66 21.41 -17.28
N THR C 723 56.84 20.44 -16.92
CA THR C 723 55.39 20.55 -17.02
C THR C 723 54.76 20.10 -15.71
N THR C 724 53.51 20.51 -15.50
CA THR C 724 52.79 20.26 -14.26
C THR C 724 51.60 19.34 -14.50
N GLU C 725 51.27 18.56 -13.48
CA GLU C 725 50.10 17.71 -13.47
C GLU C 725 49.41 17.83 -12.12
N ILE C 726 48.09 17.93 -12.13
CA ILE C 726 47.29 18.11 -10.92
C ILE C 726 46.32 16.94 -10.81
N LEU C 727 46.27 16.32 -9.63
CA LEU C 727 45.39 15.19 -9.39
C LEU C 727 44.70 15.34 -8.04
N PRO C 728 43.37 15.24 -8.00
CA PRO C 728 42.68 15.21 -6.69
C PRO C 728 43.02 13.95 -5.93
N VAL C 729 43.14 14.08 -4.60
CA VAL C 729 43.55 12.97 -3.77
C VAL C 729 42.49 12.64 -2.73
N SER C 730 41.73 13.65 -2.30
CA SER C 730 40.77 13.46 -1.24
C SER C 730 39.71 14.55 -1.31
N MET C 731 38.63 14.35 -0.57
CA MET C 731 37.54 15.30 -0.50
C MET C 731 37.10 15.45 0.96
N THR C 732 36.25 16.44 1.21
CA THR C 732 35.83 16.75 2.57
C THR C 732 35.03 15.59 3.16
N LYS C 733 35.30 15.31 4.44
CA LYS C 733 34.59 14.26 5.16
C LYS C 733 33.44 14.89 5.93
N THR C 734 32.22 14.44 5.64
CA THR C 734 31.02 14.98 6.26
C THR C 734 30.27 13.88 7.00
N SER C 735 29.58 14.27 8.06
CA SER C 735 28.73 13.36 8.82
C SER C 735 27.36 14.00 8.98
N VAL C 736 26.32 13.18 8.91
CA VAL C 736 24.94 13.66 8.96
C VAL C 736 24.19 12.88 10.03
N ASP C 737 23.50 13.59 10.91
CA ASP C 737 22.64 12.97 11.91
C ASP C 737 21.25 12.80 11.32
N CYS C 738 20.79 11.55 11.23
CA CYS C 738 19.52 11.27 10.55
C CYS C 738 18.36 11.89 11.29
N THR C 739 18.31 11.68 12.61
CA THR C 739 17.16 12.13 13.40
C THR C 739 17.07 13.65 13.39
N MET C 740 18.20 14.34 13.57
CA MET C 740 18.18 15.80 13.57
C MET C 740 17.73 16.34 12.22
N TYR C 741 18.22 15.75 11.13
CA TYR C 741 17.83 16.24 9.81
C TYR C 741 16.35 15.98 9.54
N ILE C 742 15.87 14.79 9.86
CA ILE C 742 14.49 14.43 9.54
C ILE C 742 13.53 15.00 10.56
N CYS C 743 13.70 14.63 11.82
CA CYS C 743 12.77 15.03 12.87
C CYS C 743 13.26 16.25 13.63
N GLY C 744 14.50 16.23 14.10
CA GLY C 744 15.02 17.33 14.89
C GLY C 744 14.86 17.07 16.38
N ASP C 745 14.16 17.97 17.07
CA ASP C 745 13.95 17.85 18.50
C ASP C 745 12.59 17.27 18.88
N SER C 746 11.76 16.90 17.90
CA SER C 746 10.43 16.37 18.17
C SER C 746 10.52 14.88 18.47
N THR C 747 10.13 14.49 19.68
CA THR C 747 10.28 13.09 20.09
C THR C 747 9.26 12.20 19.40
N GLU C 748 8.03 12.67 19.22
CA GLU C 748 7.01 11.83 18.59
C GLU C 748 7.38 11.51 17.15
N CYS C 749 8.00 12.46 16.45
CA CYS C 749 8.48 12.20 15.10
C CYS C 749 9.45 11.04 15.10
N SER C 750 10.39 11.02 16.04
CA SER C 750 11.31 9.90 16.16
C SER C 750 10.56 8.61 16.49
N ASN C 751 9.55 8.70 17.35
CA ASN C 751 8.80 7.50 17.73
C ASN C 751 8.14 6.84 16.54
N LEU C 752 7.52 7.61 15.66
CA LEU C 752 6.96 6.97 14.48
C LEU C 752 7.98 6.82 13.35
N LEU C 753 9.19 7.37 13.52
CA LEU C 753 10.27 7.07 12.59
C LEU C 753 10.89 5.70 12.85
N LEU C 754 10.86 5.23 14.10
CA LEU C 754 11.42 3.91 14.39
C LEU C 754 10.76 2.80 13.58
N GLN C 755 9.52 2.99 13.13
CA GLN C 755 8.82 1.95 12.39
C GLN C 755 9.42 1.70 11.01
N TYR C 756 10.32 2.55 10.54
CA TYR C 756 10.90 2.40 9.21
C TYR C 756 12.13 1.50 9.20
N GLY C 757 12.58 1.03 10.34
CA GLY C 757 13.67 0.07 10.38
C GLY C 757 15.04 0.64 10.70
N SER C 758 16.07 0.07 10.10
CA SER C 758 17.46 0.41 10.37
C SER C 758 18.08 1.26 9.26
N PHE C 759 17.31 2.19 8.70
CA PHE C 759 17.78 2.95 7.54
C PHE C 759 18.95 3.86 7.92
N CYS C 760 18.82 4.55 9.05
CA CYS C 760 19.84 5.48 9.46
C CYS C 760 21.15 4.78 9.76
N THR C 761 21.09 3.57 10.30
CA THR C 761 22.31 2.82 10.56
C THR C 761 23.09 2.58 9.28
N GLN C 762 22.39 2.20 8.21
CA GLN C 762 23.06 2.02 6.92
C GLN C 762 23.63 3.34 6.39
N LEU C 763 22.87 4.42 6.52
CA LEU C 763 23.35 5.71 6.03
C LEU C 763 24.63 6.13 6.75
N ASN C 764 24.63 6.00 8.09
CA ASN C 764 25.80 6.37 8.87
C ASN C 764 26.98 5.46 8.56
N ARG C 765 26.72 4.16 8.36
CA ARG C 765 27.81 3.26 8.00
C ARG C 765 28.45 3.67 6.68
N ALA C 766 27.63 4.02 5.69
CA ALA C 766 28.17 4.45 4.39
C ALA C 766 29.00 5.72 4.55
N LEU C 767 28.49 6.69 5.30
CA LEU C 767 29.22 7.95 5.45
C LEU C 767 30.54 7.73 6.19
N THR C 768 30.53 6.89 7.23
CA THR C 768 31.76 6.59 7.96
C THR C 768 32.77 5.87 7.07
N GLY C 769 32.29 4.96 6.24
CA GLY C 769 33.20 4.30 5.30
C GLY C 769 33.87 5.29 4.37
N ILE C 770 33.09 6.24 3.84
CA ILE C 770 33.67 7.26 2.96
C ILE C 770 34.71 8.09 3.72
N ALA C 771 34.38 8.48 4.95
CA ALA C 771 35.29 9.31 5.73
C ALA C 771 36.61 8.59 6.00
N VAL C 772 36.55 7.30 6.32
CA VAL C 772 37.78 6.54 6.55
C VAL C 772 38.57 6.37 5.25
N GLU C 773 37.86 6.15 4.15
CA GLU C 773 38.52 5.97 2.87
C GLU C 773 39.30 7.22 2.46
N GLN C 774 38.83 8.40 2.86
CA GLN C 774 39.57 9.63 2.54
C GLN C 774 40.98 9.60 3.15
N ASP C 775 41.07 9.31 4.45
CA ASP C 775 42.37 9.25 5.09
C ASP C 775 43.20 8.10 4.54
N LYS C 776 42.56 6.98 4.18
CA LYS C 776 43.30 5.89 3.56
C LYS C 776 43.94 6.34 2.24
N ASN C 777 43.18 7.11 1.45
CA ASN C 777 43.72 7.64 0.19
C ASN C 777 44.93 8.52 0.45
N THR C 778 44.81 9.45 1.39
CA THR C 778 45.94 10.34 1.68
C THR C 778 47.16 9.55 2.15
N GLN C 779 46.95 8.57 3.02
CA GLN C 779 48.05 7.75 3.51
C GLN C 779 48.74 7.00 2.38
N GLU C 780 47.96 6.41 1.47
CA GLU C 780 48.59 5.68 0.37
C GLU C 780 49.35 6.61 -0.57
N VAL C 781 48.85 7.83 -0.78
CA VAL C 781 49.54 8.72 -1.72
C VAL C 781 50.84 9.24 -1.12
N PHE C 782 50.81 9.73 0.12
CA PHE C 782 51.97 10.45 0.63
C PHE C 782 52.90 9.62 1.51
N ALA C 783 52.38 8.71 2.34
CA ALA C 783 53.21 7.98 3.28
C ALA C 783 53.93 6.82 2.61
N GLN C 784 54.74 7.15 1.60
CA GLN C 784 55.51 6.16 0.85
C GLN C 784 56.93 6.00 1.35
N VAL C 785 57.38 6.80 2.31
CA VAL C 785 58.76 6.76 2.79
C VAL C 785 58.74 6.62 4.31
N LYS C 786 59.61 5.76 4.82
CA LYS C 786 59.65 5.45 6.24
C LYS C 786 60.59 6.35 7.03
N GLN C 787 61.41 7.17 6.36
CA GLN C 787 62.36 8.03 7.03
C GLN C 787 62.19 9.46 6.55
N ILE C 788 62.59 10.40 7.39
CA ILE C 788 62.51 11.83 7.07
C ILE C 788 63.93 12.26 6.68
N TYR C 789 64.22 12.23 5.39
CA TYR C 789 65.51 12.67 4.90
C TYR C 789 65.61 14.19 4.95
N LYS C 790 66.83 14.68 5.15
CA LYS C 790 67.09 16.10 5.27
C LYS C 790 68.17 16.51 4.27
N THR C 791 67.95 17.65 3.62
CA THR C 791 68.93 18.17 2.67
C THR C 791 70.12 18.76 3.43
N PRO C 792 71.32 18.70 2.83
CA PRO C 792 72.50 19.26 3.51
C PRO C 792 72.38 20.77 3.63
N PRO C 793 72.98 21.37 4.66
CA PRO C 793 72.93 22.83 4.80
C PRO C 793 73.55 23.57 3.64
N ILE C 794 74.61 23.03 3.04
CA ILE C 794 75.25 23.65 1.89
C ILE C 794 74.54 23.18 0.63
N LYS C 795 74.08 24.13 -0.18
CA LYS C 795 73.30 23.84 -1.37
C LYS C 795 74.18 24.14 -2.59
N ASP C 796 74.97 23.14 -3.00
CA ASP C 796 75.79 23.24 -4.20
C ASP C 796 75.67 21.92 -4.95
N PHE C 797 74.93 21.92 -6.04
CA PHE C 797 74.67 20.71 -6.82
C PHE C 797 75.10 20.90 -8.27
N GLY C 798 76.19 21.63 -8.48
CA GLY C 798 76.73 21.78 -9.82
C GLY C 798 75.94 22.69 -10.74
N GLY C 799 75.16 23.62 -10.20
CA GLY C 799 74.44 24.57 -11.01
C GLY C 799 72.96 24.65 -10.71
N PHE C 800 72.35 23.52 -10.42
CA PHE C 800 70.98 23.47 -9.93
C PHE C 800 71.02 23.50 -8.41
N ASN C 801 70.06 24.21 -7.79
CA ASN C 801 69.92 24.10 -6.35
C ASN C 801 68.48 24.11 -5.85
N PHE C 802 67.49 24.12 -6.75
CA PHE C 802 66.10 23.80 -6.40
C PHE C 802 65.56 24.73 -5.30
N SER C 803 65.93 26.00 -5.35
CA SER C 803 65.49 26.92 -4.31
C SER C 803 63.98 27.14 -4.35
N GLN C 804 63.35 26.95 -5.51
CA GLN C 804 61.94 27.25 -5.65
C GLN C 804 61.04 26.11 -5.15
N ILE C 805 61.58 24.91 -4.97
CA ILE C 805 60.80 23.77 -4.49
C ILE C 805 61.24 23.26 -3.14
N LEU C 806 62.38 23.72 -2.63
CA LEU C 806 62.82 23.32 -1.31
C LEU C 806 62.05 24.10 -0.24
N PRO C 807 61.92 23.55 0.97
CA PRO C 807 61.20 24.25 2.02
C PRO C 807 61.85 25.59 2.36
N ASP C 808 61.01 26.56 2.70
CA ASP C 808 61.48 27.89 3.04
C ASP C 808 61.45 28.06 4.55
N PRO C 809 62.59 28.17 5.22
CA PRO C 809 62.57 28.32 6.68
C PRO C 809 62.08 29.68 7.14
N SER C 810 62.16 30.72 6.29
CA SER C 810 61.71 32.04 6.70
C SER C 810 60.22 32.05 6.99
N LYS C 811 59.42 31.40 6.14
CA LYS C 811 58.00 31.33 6.36
C LYS C 811 57.69 30.44 7.56
N PRO C 812 56.61 30.73 8.30
CA PRO C 812 56.28 29.89 9.46
C PRO C 812 55.65 28.55 9.09
N SER C 813 55.09 28.42 7.89
CA SER C 813 54.51 27.16 7.45
C SER C 813 55.56 26.18 6.93
N LYS C 814 56.79 26.64 6.70
CA LYS C 814 57.86 25.80 6.15
C LYS C 814 57.45 25.16 4.83
N ARG C 815 56.79 25.93 3.99
CA ARG C 815 56.37 25.48 2.67
C ARG C 815 57.25 26.12 1.60
N SER C 816 57.42 25.41 0.49
CA SER C 816 58.14 25.96 -0.64
C SER C 816 57.34 27.10 -1.27
N PRO C 817 58.01 28.03 -1.96
CA PRO C 817 57.26 29.14 -2.60
C PRO C 817 56.18 28.67 -3.56
N ILE C 818 56.44 27.61 -4.32
CA ILE C 818 55.43 27.07 -5.22
C ILE C 818 54.26 26.52 -4.44
N GLU C 819 54.54 25.81 -3.34
CA GLU C 819 53.46 25.28 -2.51
C GLU C 819 52.64 26.40 -1.88
N ASP C 820 53.32 27.47 -1.45
CA ASP C 820 52.60 28.62 -0.89
C ASP C 820 51.69 29.26 -1.94
N LEU C 821 52.20 29.41 -3.17
CA LEU C 821 51.36 29.97 -4.23
C LEU C 821 50.17 29.07 -4.52
N LEU C 822 50.38 27.75 -4.54
CA LEU C 822 49.28 26.82 -4.77
C LEU C 822 48.24 26.93 -3.67
N PHE C 823 48.67 27.04 -2.41
CA PHE C 823 47.71 27.18 -1.33
C PHE C 823 46.95 28.50 -1.40
N ASN C 824 47.62 29.57 -1.80
CA ASN C 824 46.93 30.85 -1.94
C ASN C 824 46.01 30.89 -3.15
N LYS C 825 46.22 30.01 -4.13
CA LYS C 825 45.37 30.01 -5.33
C LYS C 825 44.08 29.22 -5.16
N VAL C 826 43.88 28.56 -4.02
CA VAL C 826 42.68 27.77 -3.77
C VAL C 826 41.89 28.44 -2.67
N THR C 827 40.61 28.71 -2.95
CA THR C 827 39.74 29.35 -1.97
C THR C 827 38.59 28.43 -1.58
N ASP C 848 27.29 33.14 7.91
CA ASP C 848 28.10 31.95 7.69
C ASP C 848 27.23 30.76 7.33
N LEU C 849 27.35 30.28 6.09
CA LEU C 849 26.57 29.12 5.66
C LEU C 849 26.99 27.85 6.39
N ILE C 850 28.24 27.80 6.86
CA ILE C 850 28.72 26.64 7.61
C ILE C 850 27.90 26.46 8.89
N CYS C 851 27.66 27.55 9.61
CA CYS C 851 26.86 27.48 10.82
C CYS C 851 25.41 27.09 10.51
N ALA C 852 24.87 27.61 9.41
CA ALA C 852 23.50 27.26 9.03
C ALA C 852 23.38 25.77 8.74
N GLN C 853 24.34 25.20 8.03
CA GLN C 853 24.35 23.76 7.80
C GLN C 853 24.55 23.00 9.11
N LYS C 854 25.42 23.51 9.99
CA LYS C 854 25.71 22.84 11.24
C LYS C 854 24.47 22.73 12.12
N PHE C 855 23.66 23.79 12.15
CA PHE C 855 22.48 23.81 13.00
C PHE C 855 21.43 22.77 12.59
N ASN C 856 21.54 22.20 11.40
CA ASN C 856 20.59 21.20 10.93
C ASN C 856 21.10 19.77 11.13
N GLY C 857 22.26 19.58 11.75
CA GLY C 857 22.80 18.27 12.00
C GLY C 857 23.91 17.82 11.07
N LEU C 858 24.51 18.73 10.31
CA LEU C 858 25.57 18.39 9.36
C LEU C 858 26.89 18.87 9.93
N THR C 859 27.84 17.94 10.09
CA THR C 859 29.14 18.22 10.66
C THR C 859 30.24 17.85 9.68
N VAL C 860 31.40 18.46 9.85
CA VAL C 860 32.59 18.21 9.03
C VAL C 860 33.72 17.76 9.94
N LEU C 861 34.31 16.63 9.64
CA LEU C 861 35.41 16.15 10.47
C LEU C 861 36.75 16.58 9.89
N PRO C 862 37.74 16.85 10.74
CA PRO C 862 39.05 17.26 10.24
C PRO C 862 39.85 16.07 9.78
N PRO C 863 40.71 16.25 8.78
CA PRO C 863 41.55 15.14 8.31
C PRO C 863 42.59 14.75 9.36
N LEU C 864 43.01 13.49 9.29
CA LEU C 864 43.99 12.98 10.26
C LEU C 864 45.33 13.69 10.10
N LEU C 865 45.77 13.92 8.87
CA LEU C 865 47.06 14.54 8.61
C LEU C 865 46.87 16.02 8.34
N THR C 866 47.53 16.86 9.12
CA THR C 866 47.49 18.29 8.87
C THR C 866 48.35 18.63 7.66
N ASP C 867 48.22 19.88 7.20
CA ASP C 867 48.99 20.32 6.05
C ASP C 867 50.49 20.31 6.33
N GLU C 868 50.88 20.55 7.58
CA GLU C 868 52.29 20.54 7.94
C GLU C 868 52.90 19.16 7.73
N MET C 869 52.17 18.10 8.12
CA MET C 869 52.70 16.75 7.95
C MET C 869 52.84 16.39 6.48
N ILE C 870 51.87 16.79 5.66
CA ILE C 870 51.96 16.52 4.22
C ILE C 870 53.14 17.26 3.61
N ALA C 871 53.34 18.51 4.03
CA ALA C 871 54.50 19.26 3.55
C ALA C 871 55.80 18.59 3.99
N GLN C 872 55.83 18.06 5.21
CA GLN C 872 57.01 17.34 5.68
C GLN C 872 57.28 16.11 4.83
N TYR C 873 56.23 15.35 4.50
CA TYR C 873 56.39 14.18 3.64
C TYR C 873 56.95 14.58 2.29
N THR C 874 56.39 15.64 1.69
CA THR C 874 56.87 16.09 0.39
C THR C 874 58.33 16.52 0.46
N SER C 875 58.70 17.26 1.52
CA SER C 875 60.08 17.69 1.67
C SER C 875 61.02 16.49 1.84
N ALA C 876 60.59 15.48 2.59
CA ALA C 876 61.42 14.29 2.76
C ALA C 876 61.63 13.58 1.43
N LEU C 877 60.56 13.45 0.62
CA LEU C 877 60.71 12.82 -0.68
C LEU C 877 61.66 13.61 -1.58
N LEU C 878 61.53 14.94 -1.57
CA LEU C 878 62.41 15.78 -2.39
C LEU C 878 63.86 15.64 -1.97
N ALA C 879 64.11 15.68 -0.66
CA ALA C 879 65.48 15.55 -0.17
C ALA C 879 66.06 14.18 -0.53
N GLY C 880 65.26 13.12 -0.38
CA GLY C 880 65.75 11.80 -0.73
C GLY C 880 66.10 11.68 -2.20
N THR C 881 65.21 12.16 -3.08
CA THR C 881 65.47 12.04 -4.51
C THR C 881 66.57 12.98 -4.98
N ILE C 882 66.85 14.05 -4.23
CA ILE C 882 67.92 14.95 -4.63
C ILE C 882 69.28 14.40 -4.19
N THR C 883 69.38 13.92 -2.95
CA THR C 883 70.68 13.51 -2.43
C THR C 883 70.98 12.02 -2.62
N SER C 884 70.04 11.23 -3.13
CA SER C 884 70.31 9.79 -3.24
C SER C 884 69.83 9.15 -4.53
N GLY C 885 69.28 9.92 -5.47
CA GLY C 885 68.79 9.31 -6.70
C GLY C 885 67.58 8.44 -6.44
N TRP C 886 67.50 7.32 -7.16
CA TRP C 886 66.40 6.38 -7.00
C TRP C 886 66.72 5.25 -6.04
N THR C 887 67.88 5.28 -5.38
CA THR C 887 68.28 4.17 -4.53
C THR C 887 67.39 4.06 -3.29
N PHE C 888 66.97 5.20 -2.73
CA PHE C 888 66.22 5.18 -1.49
C PHE C 888 64.83 4.58 -1.65
N GLY C 889 64.34 4.44 -2.88
CA GLY C 889 63.06 3.83 -3.11
C GLY C 889 63.05 2.33 -3.19
N ALA C 890 64.21 1.69 -3.08
CA ALA C 890 64.33 0.24 -3.16
C ALA C 890 65.20 -0.34 -2.06
N GLY C 891 65.53 0.43 -1.03
CA GLY C 891 66.38 -0.02 0.03
C GLY C 891 67.06 1.13 0.74
N PRO C 892 68.25 0.89 1.28
CA PRO C 892 69.00 1.98 1.92
C PRO C 892 69.39 3.05 0.92
N ALA C 893 69.43 4.29 1.40
CA ALA C 893 69.77 5.43 0.55
C ALA C 893 71.28 5.51 0.39
N LEU C 894 71.73 5.51 -0.86
CA LEU C 894 73.15 5.64 -1.19
C LEU C 894 73.38 6.97 -1.89
N GLN C 895 74.27 7.78 -1.33
CA GLN C 895 74.53 9.11 -1.88
C GLN C 895 75.29 9.02 -3.19
N ILE C 896 75.14 10.08 -3.99
CA ILE C 896 75.78 10.18 -5.30
C ILE C 896 75.71 11.64 -5.74
N PRO C 897 76.77 12.19 -6.33
CA PRO C 897 76.70 13.58 -6.80
C PRO C 897 75.60 13.76 -7.84
N PHE C 898 74.94 14.92 -7.77
CA PHE C 898 73.79 15.16 -8.64
C PHE C 898 74.12 15.11 -10.13
N PRO C 899 75.19 15.74 -10.62
CA PRO C 899 75.51 15.59 -12.04
C PRO C 899 75.75 14.15 -12.45
N MET C 900 76.30 13.31 -11.56
CA MET C 900 76.45 11.89 -11.88
C MET C 900 75.09 11.22 -12.02
N GLN C 901 74.14 11.56 -11.15
CA GLN C 901 72.79 11.02 -11.28
C GLN C 901 72.14 11.47 -12.58
N MET C 902 72.36 12.73 -12.96
CA MET C 902 71.85 13.22 -14.23
C MET C 902 72.47 12.47 -15.41
N ALA C 903 73.76 12.15 -15.31
CA ALA C 903 74.39 11.35 -16.36
C ALA C 903 73.78 9.95 -16.42
N TYR C 904 73.49 9.36 -15.27
CA TYR C 904 72.81 8.07 -15.25
C TYR C 904 71.47 8.14 -15.95
N ARG C 905 70.70 9.19 -15.65
CA ARG C 905 69.39 9.32 -16.28
C ARG C 905 69.49 9.62 -17.77
N PHE C 906 70.54 10.32 -18.19
CA PHE C 906 70.80 10.47 -19.62
C PHE C 906 71.07 9.12 -20.28
N ASN C 907 71.86 8.27 -19.62
CA ASN C 907 72.02 6.91 -20.11
C ASN C 907 70.69 6.18 -20.16
N GLY C 908 69.77 6.51 -19.26
CA GLY C 908 68.49 5.83 -19.24
C GLY C 908 67.68 6.01 -20.51
N ILE C 909 67.82 7.16 -21.17
CA ILE C 909 67.03 7.46 -22.36
C ILE C 909 67.83 7.25 -23.65
N GLY C 910 69.02 6.68 -23.56
CA GLY C 910 69.79 6.36 -24.75
C GLY C 910 70.75 7.41 -25.22
N VAL C 911 71.22 8.29 -24.33
CA VAL C 911 72.20 9.31 -24.66
C VAL C 911 73.44 9.07 -23.81
N THR C 912 74.62 9.20 -24.42
CA THR C 912 75.85 8.87 -23.74
C THR C 912 76.16 9.85 -22.62
N GLN C 913 77.06 9.45 -21.73
CA GLN C 913 77.38 10.25 -20.56
C GLN C 913 78.03 11.57 -20.95
N ASN C 914 78.94 11.54 -21.92
CA ASN C 914 79.77 12.72 -22.19
C ASN C 914 78.96 13.94 -22.60
N VAL C 915 77.76 13.74 -23.15
CA VAL C 915 76.96 14.87 -23.61
C VAL C 915 76.65 15.80 -22.43
N LEU C 916 76.22 15.23 -21.31
CA LEU C 916 75.88 16.05 -20.16
C LEU C 916 77.12 16.67 -19.53
N TYR C 917 78.22 15.91 -19.43
CA TYR C 917 79.42 16.48 -18.84
C TYR C 917 79.98 17.61 -19.68
N GLU C 918 79.75 17.59 -20.99
CA GLU C 918 80.19 18.68 -21.86
C GLU C 918 79.19 19.81 -21.99
N ASN C 919 77.92 19.61 -21.62
CA ASN C 919 76.92 20.67 -21.70
C ASN C 919 76.27 20.95 -20.35
N GLN C 920 77.00 20.68 -19.25
CA GLN C 920 76.43 20.79 -17.91
C GLN C 920 75.95 22.20 -17.60
N LYS C 921 76.75 23.22 -17.94
CA LYS C 921 76.35 24.59 -17.62
C LYS C 921 75.07 24.98 -18.34
N LEU C 922 74.99 24.68 -19.64
CA LEU C 922 73.80 24.99 -20.40
C LEU C 922 72.59 24.22 -19.88
N ILE C 923 72.79 22.95 -19.52
CA ILE C 923 71.68 22.15 -19.00
C ILE C 923 71.16 22.73 -17.69
N ALA C 924 72.08 23.12 -16.81
CA ALA C 924 71.66 23.72 -15.54
C ALA C 924 70.93 25.03 -15.75
N ASN C 925 71.41 25.85 -16.69
CA ASN C 925 70.73 27.12 -16.97
C ASN C 925 69.33 26.88 -17.50
N GLN C 926 69.19 25.92 -18.42
CA GLN C 926 67.87 25.59 -18.95
C GLN C 926 66.94 25.09 -17.86
N PHE C 927 67.46 24.24 -16.97
CA PHE C 927 66.65 23.73 -15.87
C PHE C 927 66.18 24.86 -14.96
N ASN C 928 67.07 25.78 -14.62
CA ASN C 928 66.70 26.88 -13.75
C ASN C 928 65.67 27.79 -14.41
N SER C 929 65.84 28.09 -15.69
CA SER C 929 64.86 28.92 -16.38
C SER C 929 63.49 28.25 -16.45
N ALA C 930 63.48 26.94 -16.76
CA ALA C 930 62.21 26.22 -16.84
C ALA C 930 61.51 26.18 -15.48
N ILE C 931 62.29 25.96 -14.41
CA ILE C 931 61.68 25.93 -13.08
C ILE C 931 61.20 27.32 -12.68
N GLY C 932 61.88 28.38 -13.15
CA GLY C 932 61.41 29.72 -12.85
C GLY C 932 60.11 30.06 -13.56
N LYS C 933 59.96 29.59 -14.80
CA LYS C 933 58.75 29.91 -15.56
C LYS C 933 57.49 29.29 -14.95
N ILE C 934 57.63 28.24 -14.15
CA ILE C 934 56.46 27.54 -13.62
C ILE C 934 55.66 28.44 -12.68
N GLN C 935 56.34 29.18 -11.82
CA GLN C 935 55.65 30.05 -10.88
C GLN C 935 54.86 31.13 -11.61
N ASP C 936 55.47 31.75 -12.63
CA ASP C 936 54.75 32.76 -13.41
C ASP C 936 53.58 32.14 -14.16
N SER C 937 53.76 30.93 -14.70
CA SER C 937 52.66 30.28 -15.41
C SER C 937 51.48 30.01 -14.49
N LEU C 938 51.76 29.56 -13.26
CA LEU C 938 50.68 29.34 -12.30
C LEU C 938 50.03 30.65 -11.88
N SER C 939 50.84 31.68 -11.60
CA SER C 939 50.30 32.94 -11.11
C SER C 939 49.42 33.62 -12.17
N SER C 940 49.86 33.59 -13.42
CA SER C 940 49.10 34.28 -14.48
C SER C 940 47.75 33.63 -14.72
N THR C 941 47.74 32.31 -14.90
CA THR C 941 46.50 31.61 -15.23
C THR C 941 45.67 31.41 -13.97
N PRO C 942 44.43 31.90 -13.94
CA PRO C 942 43.59 31.71 -12.74
C PRO C 942 42.96 30.33 -12.67
N SER C 943 42.65 29.75 -13.83
CA SER C 943 41.94 28.49 -13.92
C SER C 943 42.87 27.29 -13.92
N ALA C 944 44.08 27.44 -13.37
CA ALA C 944 45.04 26.32 -13.35
C ALA C 944 44.53 25.18 -12.48
N LEU C 945 43.95 25.49 -11.32
CA LEU C 945 43.53 24.48 -10.34
C LEU C 945 42.04 24.20 -10.41
N GLY C 946 41.47 24.25 -11.61
CA GLY C 946 40.07 23.93 -11.77
C GLY C 946 39.74 22.50 -11.40
N LYS C 947 40.67 21.57 -11.65
CA LYS C 947 40.44 20.18 -11.29
C LYS C 947 40.24 20.02 -9.79
N LEU C 948 41.00 20.77 -9.00
CA LEU C 948 40.81 20.73 -7.55
C LEU C 948 39.58 21.52 -7.12
N GLN C 949 39.27 22.61 -7.81
CA GLN C 949 38.13 23.44 -7.42
C GLN C 949 36.79 22.74 -7.69
N ASP C 950 36.74 21.88 -8.70
CA ASP C 950 35.47 21.23 -9.06
C ASP C 950 34.96 20.36 -7.94
N VAL C 951 35.85 19.64 -7.25
CA VAL C 951 35.42 18.76 -6.16
C VAL C 951 34.78 19.58 -5.04
N VAL C 952 35.43 20.69 -4.67
CA VAL C 952 34.89 21.55 -3.62
C VAL C 952 33.54 22.11 -4.04
N ASN C 953 33.42 22.57 -5.29
CA ASN C 953 32.16 23.13 -5.75
C ASN C 953 31.05 22.08 -5.73
N GLN C 954 31.35 20.86 -6.17
CA GLN C 954 30.34 19.81 -6.19
C GLN C 954 29.86 19.45 -4.80
N ASN C 955 30.80 19.30 -3.86
CA ASN C 955 30.40 18.97 -2.49
C ASN C 955 29.58 20.09 -1.87
N ALA C 956 29.99 21.35 -2.08
CA ALA C 956 29.24 22.47 -1.54
C ALA C 956 27.84 22.54 -2.13
N GLN C 957 27.72 22.29 -3.43
CA GLN C 957 26.40 22.32 -4.06
C GLN C 957 25.51 21.21 -3.52
N ALA C 958 26.07 20.01 -3.32
CA ALA C 958 25.28 18.92 -2.76
C ALA C 958 24.77 19.26 -1.35
N LEU C 959 25.65 19.80 -0.51
CA LEU C 959 25.22 20.18 0.83
C LEU C 959 24.17 21.29 0.79
N ASN C 960 24.35 22.25 -0.12
CA ASN C 960 23.37 23.34 -0.24
C ASN C 960 22.01 22.80 -0.66
N THR C 961 22.00 21.85 -1.60
CA THR C 961 20.73 21.25 -2.02
C THR C 961 20.07 20.50 -0.86
N LEU C 962 20.87 19.75 -0.10
CA LEU C 962 20.31 19.06 1.07
C LEU C 962 19.69 20.03 2.05
N VAL C 963 20.37 21.14 2.33
CA VAL C 963 19.84 22.11 3.28
C VAL C 963 18.57 22.75 2.73
N LYS C 964 18.58 23.13 1.45
CA LYS C 964 17.41 23.77 0.86
C LYS C 964 16.21 22.85 0.77
N GLN C 965 16.43 21.54 0.73
CA GLN C 965 15.33 20.60 0.57
C GLN C 965 14.42 20.54 1.79
N LEU C 966 14.82 21.12 2.92
CA LEU C 966 14.00 21.11 4.13
C LEU C 966 12.81 22.06 4.07
N SER C 967 12.71 22.89 3.04
CA SER C 967 11.65 23.88 2.93
C SER C 967 10.50 23.42 2.06
N SER C 968 10.42 22.13 1.74
CA SER C 968 9.38 21.60 0.88
C SER C 968 8.25 20.99 1.69
N ASN C 969 7.02 21.26 1.27
CA ASN C 969 5.86 20.73 1.99
C ASN C 969 5.69 19.24 1.79
N PHE C 970 6.03 18.74 0.59
CA PHE C 970 5.80 17.34 0.22
C PHE C 970 4.33 16.96 0.34
N GLY C 971 3.44 17.92 0.12
CA GLY C 971 2.03 17.69 0.23
C GLY C 971 1.42 17.93 1.60
N ALA C 972 2.23 18.24 2.60
CA ALA C 972 1.71 18.55 3.92
C ALA C 972 1.23 20.00 3.96
N ILE C 973 0.61 20.37 5.09
CA ILE C 973 0.11 21.73 5.22
C ILE C 973 1.26 22.72 5.34
N SER C 974 2.32 22.34 6.04
CA SER C 974 3.47 23.22 6.22
C SER C 974 4.72 22.37 6.34
N SER C 975 5.87 23.01 6.12
CA SER C 975 7.16 22.35 6.18
C SER C 975 7.77 22.39 7.57
N VAL C 976 7.09 22.96 8.55
CA VAL C 976 7.59 23.08 9.92
C VAL C 976 6.90 22.03 10.77
N LEU C 977 7.69 21.27 11.55
CA LEU C 977 7.10 20.27 12.43
C LEU C 977 6.47 20.90 13.66
N ASN C 978 7.10 21.95 14.21
CA ASN C 978 6.64 22.52 15.47
C ASN C 978 5.23 23.10 15.33
N ASP C 979 4.97 23.83 14.25
CA ASP C 979 3.66 24.43 14.10
C ASP C 979 2.59 23.38 13.79
N ILE C 980 2.95 22.33 13.08
CA ILE C 980 2.01 21.23 12.87
C ILE C 980 1.65 20.58 14.20
N LEU C 981 2.65 20.34 15.05
CA LEU C 981 2.37 19.76 16.36
C LEU C 981 1.64 20.74 17.27
N SER C 982 1.77 22.04 17.03
CA SER C 982 1.12 23.05 17.85
C SER C 982 -0.25 23.45 17.31
N ARG C 983 -0.76 22.76 16.29
CA ARG C 983 -2.01 23.14 15.65
C ARG C 983 -2.97 21.99 15.42
N LEU C 984 -2.54 20.73 15.53
CA LEU C 984 -3.37 19.60 15.18
C LEU C 984 -3.22 18.50 16.22
N ASP C 985 -4.23 17.63 16.29
CA ASP C 985 -4.24 16.51 17.20
C ASP C 985 -3.37 15.36 16.66
N PRO C 986 -2.84 14.53 17.55
CA PRO C 986 -1.92 13.45 17.13
C PRO C 986 -2.51 12.53 16.08
N PRO C 987 -3.80 12.13 16.18
CA PRO C 987 -4.32 11.19 15.16
C PRO C 987 -4.19 11.68 13.74
N GLU C 988 -4.32 12.99 13.50
CA GLU C 988 -4.09 13.54 12.17
C GLU C 988 -2.71 14.17 12.03
N ALA C 989 -2.06 14.53 13.13
CA ALA C 989 -0.67 14.98 13.05
C ALA C 989 0.22 13.88 12.50
N GLU C 990 -0.11 12.62 12.79
CA GLU C 990 0.67 11.50 12.24
C GLU C 990 0.57 11.47 10.72
N VAL C 991 -0.64 11.61 10.19
CA VAL C 991 -0.83 11.55 8.74
C VAL C 991 -0.32 12.81 8.08
N GLN C 992 -0.16 13.89 8.84
CA GLN C 992 0.52 15.07 8.29
C GLN C 992 2.04 14.88 8.29
N ILE C 993 2.57 14.16 9.28
CA ILE C 993 4.01 14.10 9.50
C ILE C 993 4.67 13.04 8.62
N ASP C 994 3.98 11.93 8.34
CA ASP C 994 4.61 10.84 7.60
C ASP C 994 5.05 11.28 6.21
N ARG C 995 4.30 12.21 5.60
CA ARG C 995 4.67 12.71 4.28
C ARG C 995 6.03 13.42 4.34
N LEU C 996 6.21 14.30 5.32
CA LEU C 996 7.49 14.96 5.51
C LEU C 996 8.59 13.95 5.76
N ILE C 997 8.30 12.93 6.57
CA ILE C 997 9.30 11.92 6.89
C ILE C 997 9.76 11.21 5.62
N THR C 998 8.79 10.81 4.78
CA THR C 998 9.13 10.09 3.55
C THR C 998 9.95 10.96 2.61
N GLY C 999 9.53 12.22 2.42
CA GLY C 999 10.28 13.10 1.54
C GLY C 999 11.71 13.33 2.00
N ARG C 1000 11.88 13.58 3.30
CA ARG C 1000 13.22 13.86 3.82
C ARG C 1000 14.10 12.61 3.75
N LEU C 1001 13.53 11.43 4.02
CA LEU C 1001 14.30 10.20 3.92
C LEU C 1001 14.74 9.95 2.49
N GLN C 1002 13.86 10.22 1.52
CA GLN C 1002 14.24 10.07 0.11
C GLN C 1002 15.38 11.02 -0.25
N SER C 1003 15.31 12.26 0.24
CA SER C 1003 16.39 13.22 -0.04
C SER C 1003 17.72 12.72 0.52
N LEU C 1004 17.71 12.22 1.76
CA LEU C 1004 18.93 11.68 2.34
C LEU C 1004 19.47 10.51 1.53
N GLN C 1005 18.59 9.61 1.10
CA GLN C 1005 19.02 8.46 0.32
C GLN C 1005 19.71 8.91 -0.97
N THR C 1006 19.11 9.87 -1.67
CA THR C 1006 19.69 10.36 -2.91
C THR C 1006 21.06 10.96 -2.66
N TYR C 1007 21.17 11.81 -1.63
CA TYR C 1007 22.45 12.45 -1.34
C TYR C 1007 23.52 11.42 -1.03
N VAL C 1008 23.19 10.40 -0.25
CA VAL C 1008 24.17 9.38 0.10
C VAL C 1008 24.63 8.62 -1.13
N THR C 1009 23.70 8.32 -2.05
CA THR C 1009 24.08 7.60 -3.26
C THR C 1009 25.07 8.41 -4.11
N GLN C 1010 24.78 9.70 -4.31
CA GLN C 1010 25.70 10.53 -5.08
C GLN C 1010 27.05 10.62 -4.39
N GLN C 1011 27.05 10.73 -3.06
CA GLN C 1011 28.32 10.78 -2.33
C GLN C 1011 29.13 9.51 -2.53
N LEU C 1012 28.47 8.35 -2.52
CA LEU C 1012 29.18 7.09 -2.72
C LEU C 1012 29.82 7.04 -4.10
N ILE C 1013 29.08 7.43 -5.14
CA ILE C 1013 29.64 7.39 -6.49
C ILE C 1013 30.83 8.34 -6.61
N ARG C 1014 30.70 9.56 -6.06
CA ARG C 1014 31.79 10.52 -6.11
C ARG C 1014 33.02 10.00 -5.38
N ALA C 1015 32.81 9.37 -4.22
CA ALA C 1015 33.92 8.83 -3.47
C ALA C 1015 34.64 7.72 -4.25
N ALA C 1016 33.88 6.90 -4.97
CA ALA C 1016 34.51 5.87 -5.80
C ALA C 1016 35.41 6.49 -6.87
N GLU C 1017 34.92 7.53 -7.55
CA GLU C 1017 35.76 8.13 -8.58
C GLU C 1017 36.98 8.83 -7.97
N ILE C 1018 36.82 9.43 -6.79
CA ILE C 1018 37.96 10.06 -6.14
C ILE C 1018 38.99 9.01 -5.73
N ARG C 1019 38.53 7.84 -5.30
CA ARG C 1019 39.46 6.75 -4.97
C ARG C 1019 40.24 6.31 -6.20
N ALA C 1020 39.57 6.22 -7.34
CA ALA C 1020 40.29 5.88 -8.57
C ALA C 1020 41.37 6.91 -8.87
N SER C 1021 41.03 8.19 -8.73
CA SER C 1021 42.02 9.24 -8.98
C SER C 1021 43.19 9.13 -8.00
N ALA C 1022 42.91 8.83 -6.73
CA ALA C 1022 43.97 8.72 -5.74
C ALA C 1022 44.88 7.53 -6.03
N ASN C 1023 44.32 6.42 -6.50
CA ASN C 1023 45.15 5.28 -6.89
C ASN C 1023 46.06 5.65 -8.04
N LEU C 1024 45.53 6.39 -9.03
CA LEU C 1024 46.38 6.84 -10.12
C LEU C 1024 47.49 7.74 -9.61
N ALA C 1025 47.19 8.64 -8.68
CA ALA C 1025 48.20 9.54 -8.13
C ALA C 1025 49.29 8.76 -7.40
N ALA C 1026 48.90 7.75 -6.63
CA ALA C 1026 49.90 6.94 -5.92
C ALA C 1026 50.79 6.20 -6.90
N THR C 1027 50.22 5.62 -7.96
CA THR C 1027 51.03 4.95 -8.96
C THR C 1027 51.99 5.92 -9.63
N LYS C 1028 51.51 7.13 -9.95
CA LYS C 1028 52.39 8.13 -10.58
C LYS C 1028 53.52 8.51 -9.64
N MET C 1029 53.23 8.69 -8.36
CA MET C 1029 54.30 8.99 -7.41
C MET C 1029 55.34 7.88 -7.42
N SER C 1030 54.90 6.63 -7.27
CA SER C 1030 55.83 5.51 -7.16
C SER C 1030 56.69 5.37 -8.41
N GLU C 1031 56.10 5.59 -9.59
CA GLU C 1031 56.82 5.29 -10.82
C GLU C 1031 57.54 6.48 -11.44
N CYS C 1032 57.12 7.71 -11.16
CA CYS C 1032 57.80 8.89 -11.69
C CYS C 1032 58.77 9.52 -10.70
N VAL C 1033 58.47 9.49 -9.40
CA VAL C 1033 59.31 10.17 -8.44
C VAL C 1033 60.38 9.24 -7.87
N LEU C 1034 60.01 8.01 -7.55
CA LEU C 1034 60.93 7.04 -6.97
C LEU C 1034 61.76 6.32 -8.02
N GLY C 1035 61.57 6.62 -9.30
CA GLY C 1035 62.34 5.97 -10.34
C GLY C 1035 62.15 6.69 -11.65
N GLN C 1036 62.77 6.14 -12.70
CA GLN C 1036 62.67 6.65 -14.05
C GLN C 1036 61.82 5.70 -14.88
N SER C 1037 60.82 6.25 -15.57
CA SER C 1037 59.81 5.46 -16.26
C SER C 1037 60.04 5.52 -17.76
N LYS C 1038 59.77 4.39 -18.42
CA LYS C 1038 59.86 4.31 -19.88
C LYS C 1038 58.51 4.28 -20.55
N ARG C 1039 57.42 4.32 -19.80
CA ARG C 1039 56.09 4.36 -20.40
C ARG C 1039 55.86 5.73 -21.04
N VAL C 1040 55.38 5.71 -22.28
CA VAL C 1040 55.20 6.95 -23.03
C VAL C 1040 54.06 7.76 -22.43
N ASP C 1041 54.31 9.06 -22.24
CA ASP C 1041 53.33 10.04 -21.79
C ASP C 1041 52.82 9.79 -20.37
N PHE C 1042 53.37 8.80 -19.67
CA PHE C 1042 52.94 8.56 -18.29
C PHE C 1042 53.46 9.65 -17.37
N CYS C 1043 54.74 10.01 -17.50
CA CYS C 1043 55.35 11.04 -16.66
C CYS C 1043 55.76 12.18 -17.59
N GLY C 1044 54.82 13.07 -17.87
CA GLY C 1044 55.09 14.21 -18.72
C GLY C 1044 55.13 13.86 -20.19
N LYS C 1045 55.43 14.88 -21.00
CA LYS C 1045 55.51 14.74 -22.44
C LYS C 1045 56.96 14.85 -22.88
N GLY C 1046 57.46 13.82 -23.58
CA GLY C 1046 58.85 13.76 -23.96
C GLY C 1046 59.52 12.54 -23.37
N TYR C 1047 60.85 12.58 -23.24
CA TYR C 1047 61.59 11.50 -22.61
C TYR C 1047 61.79 11.84 -21.14
N HIS C 1048 61.24 11.01 -20.25
CA HIS C 1048 61.22 11.32 -18.83
C HIS C 1048 62.63 11.29 -18.23
N LEU C 1049 62.92 12.28 -17.39
CA LEU C 1049 64.18 12.35 -16.66
C LEU C 1049 63.97 12.20 -15.16
N MET C 1050 63.14 13.04 -14.56
CA MET C 1050 62.80 12.92 -13.14
C MET C 1050 61.55 13.73 -12.88
N SER C 1051 61.00 13.56 -11.68
CA SER C 1051 59.79 14.27 -11.27
C SER C 1051 59.95 14.76 -9.84
N PHE C 1052 59.22 15.82 -9.50
CA PHE C 1052 59.23 16.40 -8.17
C PHE C 1052 57.78 16.59 -7.70
N PRO C 1053 57.43 16.13 -6.51
CA PRO C 1053 56.07 16.32 -6.01
C PRO C 1053 55.89 17.59 -5.21
N GLN C 1054 54.70 18.16 -5.31
CA GLN C 1054 54.30 19.32 -4.52
C GLN C 1054 52.91 19.08 -3.96
N SER C 1055 52.68 19.56 -2.75
CA SER C 1055 51.41 19.34 -2.08
C SER C 1055 50.47 20.51 -2.30
N ALA C 1056 49.20 20.19 -2.57
CA ALA C 1056 48.14 21.15 -2.79
C ALA C 1056 46.95 20.76 -1.93
N PRO C 1057 46.05 21.69 -1.64
CA PRO C 1057 44.86 21.35 -0.84
C PRO C 1057 44.03 20.27 -1.52
N HIS C 1058 43.86 19.15 -0.84
CA HIS C 1058 43.07 18.01 -1.33
C HIS C 1058 43.61 17.47 -2.65
N GLY C 1059 44.92 17.52 -2.85
CA GLY C 1059 45.49 17.04 -4.10
C GLY C 1059 47.00 17.09 -4.05
N VAL C 1060 47.60 16.75 -5.20
CA VAL C 1060 49.05 16.74 -5.36
C VAL C 1060 49.38 17.31 -6.74
N VAL C 1061 50.60 17.83 -6.86
CA VAL C 1061 51.09 18.41 -8.11
C VAL C 1061 52.46 17.81 -8.41
N PHE C 1062 52.63 17.33 -9.64
CA PHE C 1062 53.90 16.79 -10.09
C PHE C 1062 54.57 17.74 -11.08
N LEU C 1063 55.88 17.86 -10.99
CA LEU C 1063 56.68 18.65 -11.94
C LEU C 1063 57.57 17.68 -12.71
N HIS C 1064 57.16 17.32 -13.91
CA HIS C 1064 57.90 16.36 -14.73
C HIS C 1064 58.98 17.07 -15.52
N VAL C 1065 60.20 16.54 -15.44
CA VAL C 1065 61.34 17.04 -16.21
C VAL C 1065 61.58 16.07 -17.36
N THR C 1066 61.59 16.59 -18.59
CA THR C 1066 61.68 15.75 -19.77
C THR C 1066 62.75 16.28 -20.72
N TYR C 1067 63.24 15.40 -21.57
CA TYR C 1067 64.25 15.71 -22.58
C TYR C 1067 63.55 15.81 -23.93
N VAL C 1068 63.71 16.94 -24.61
CA VAL C 1068 63.04 17.21 -25.87
C VAL C 1068 64.11 17.52 -26.92
N PRO C 1069 64.19 16.74 -28.00
CA PRO C 1069 65.16 17.05 -29.06
C PRO C 1069 64.79 18.30 -29.82
N ALA C 1070 65.80 18.92 -30.42
CA ALA C 1070 65.59 20.15 -31.18
C ALA C 1070 66.66 20.28 -32.25
N GLN C 1071 66.35 21.09 -33.27
CA GLN C 1071 67.29 21.45 -34.34
C GLN C 1071 67.76 20.22 -35.10
N GLU C 1072 66.80 19.54 -35.73
CA GLU C 1072 67.10 18.36 -36.52
C GLU C 1072 67.71 18.74 -37.86
N LYS C 1073 68.35 17.76 -38.51
CA LYS C 1073 69.00 18.00 -39.79
C LYS C 1073 68.63 16.93 -40.82
N ASN C 1074 69.33 16.93 -41.95
CA ASN C 1074 69.03 16.06 -43.07
C ASN C 1074 70.27 15.24 -43.39
N PHE C 1075 70.09 13.93 -43.56
CA PHE C 1075 71.23 13.06 -43.89
C PHE C 1075 70.76 11.92 -44.77
N THR C 1076 71.72 11.32 -45.46
CA THR C 1076 71.50 10.09 -46.22
C THR C 1076 72.02 8.91 -45.42
N THR C 1077 71.23 7.84 -45.38
CA THR C 1077 71.54 6.70 -44.53
C THR C 1077 71.54 5.42 -45.36
N ALA C 1078 72.22 4.40 -44.85
CA ALA C 1078 72.28 3.09 -45.45
C ALA C 1078 72.10 2.03 -44.38
N PRO C 1079 71.52 0.88 -44.72
CA PRO C 1079 71.35 -0.17 -43.71
C PRO C 1079 72.64 -0.82 -43.28
N ALA C 1080 73.56 -1.05 -44.22
CA ALA C 1080 74.81 -1.71 -43.91
C ALA C 1080 75.91 -1.17 -44.82
N ILE C 1081 77.15 -1.41 -44.42
CA ILE C 1081 78.33 -0.96 -45.16
C ILE C 1081 79.08 -2.19 -45.66
N CYS C 1082 79.37 -2.22 -46.95
CA CYS C 1082 80.07 -3.35 -47.56
C CYS C 1082 81.55 -3.03 -47.67
N HIS C 1083 82.38 -3.95 -47.19
CA HIS C 1083 83.83 -3.78 -47.26
C HIS C 1083 84.48 -5.16 -47.23
N ASP C 1084 85.41 -5.40 -48.15
CA ASP C 1084 86.14 -6.66 -48.24
C ASP C 1084 85.20 -7.84 -48.46
N GLY C 1085 84.08 -7.60 -49.13
CA GLY C 1085 83.13 -8.67 -49.39
C GLY C 1085 82.29 -9.09 -48.21
N LYS C 1086 82.32 -8.34 -47.11
CA LYS C 1086 81.56 -8.67 -45.92
C LYS C 1086 80.69 -7.48 -45.53
N ALA C 1087 79.50 -7.77 -45.02
CA ALA C 1087 78.56 -6.73 -44.61
C ALA C 1087 78.80 -6.37 -43.15
N HIS C 1088 78.78 -5.07 -42.86
CA HIS C 1088 79.00 -4.55 -41.52
C HIS C 1088 77.77 -3.79 -41.05
N PHE C 1089 77.41 -3.98 -39.79
CA PHE C 1089 76.26 -3.33 -39.19
C PHE C 1089 76.69 -2.53 -37.97
N PRO C 1090 76.03 -1.42 -37.67
CA PRO C 1090 76.40 -0.64 -36.49
C PRO C 1090 76.11 -1.40 -35.21
N ARG C 1091 76.94 -1.14 -34.19
CA ARG C 1091 76.72 -1.79 -32.90
C ARG C 1091 75.60 -1.12 -32.13
N GLU C 1092 75.67 0.21 -31.98
CA GLU C 1092 74.62 0.92 -31.26
C GLU C 1092 74.25 2.25 -31.91
N GLY C 1093 74.61 2.47 -33.16
CA GLY C 1093 74.35 3.73 -33.82
C GLY C 1093 73.64 3.55 -35.14
N VAL C 1094 73.87 4.50 -36.04
CA VAL C 1094 73.27 4.49 -37.37
C VAL C 1094 74.24 5.16 -38.34
N PHE C 1095 74.29 4.65 -39.56
CA PHE C 1095 75.21 5.15 -40.56
C PHE C 1095 74.63 6.39 -41.24
N VAL C 1096 75.42 7.46 -41.31
CA VAL C 1096 75.03 8.71 -41.96
C VAL C 1096 76.21 9.22 -42.78
N SER C 1097 75.91 10.18 -43.65
CA SER C 1097 76.92 10.85 -44.46
C SER C 1097 76.43 12.25 -44.78
N ASN C 1098 77.36 13.22 -44.87
CA ASN C 1098 76.86 14.54 -45.23
C ASN C 1098 76.64 14.66 -46.73
N GLY C 1099 77.08 13.66 -47.51
CA GLY C 1099 77.04 13.74 -48.95
C GLY C 1099 78.26 13.09 -49.59
N THR C 1100 79.40 13.11 -48.90
CA THR C 1100 80.60 12.47 -49.44
C THR C 1100 81.21 11.44 -48.50
N HIS C 1101 81.26 11.73 -47.20
CA HIS C 1101 81.93 10.88 -46.23
C HIS C 1101 80.93 10.28 -45.26
N TRP C 1102 81.10 8.99 -44.96
CA TRP C 1102 80.18 8.24 -44.12
C TRP C 1102 80.66 8.20 -42.67
N PHE C 1103 79.71 8.22 -41.74
CA PHE C 1103 80.01 8.16 -40.32
C PHE C 1103 79.03 7.23 -39.63
N VAL C 1104 79.24 7.03 -38.34
CA VAL C 1104 78.30 6.34 -37.47
C VAL C 1104 78.06 7.21 -36.24
N THR C 1105 76.79 7.41 -35.88
CA THR C 1105 76.44 8.29 -34.78
C THR C 1105 75.29 7.69 -33.99
N GLN C 1106 75.17 8.13 -32.74
CA GLN C 1106 74.04 7.72 -31.93
C GLN C 1106 72.75 8.33 -32.47
N ARG C 1107 71.63 7.66 -32.16
CA ARG C 1107 70.37 8.00 -32.83
C ARG C 1107 69.73 9.26 -32.27
N ASN C 1108 69.91 9.57 -30.99
CA ASN C 1108 69.23 10.68 -30.36
C ASN C 1108 70.05 11.96 -30.32
N PHE C 1109 71.28 11.94 -30.83
CA PHE C 1109 72.13 13.12 -30.80
C PHE C 1109 73.18 12.98 -31.89
N TYR C 1110 73.43 14.07 -32.61
CA TYR C 1110 74.37 14.04 -33.73
C TYR C 1110 75.79 14.10 -33.19
N GLU C 1111 76.54 13.01 -33.36
CA GLU C 1111 77.94 12.94 -32.95
C GLU C 1111 78.67 12.02 -33.91
N PRO C 1112 79.04 12.52 -35.08
CA PRO C 1112 79.64 11.65 -36.10
C PRO C 1112 80.99 11.10 -35.67
N GLN C 1113 81.29 9.91 -36.17
CA GLN C 1113 82.53 9.24 -35.82
C GLN C 1113 82.98 8.37 -36.99
N ILE C 1114 84.27 8.06 -37.01
CA ILE C 1114 84.82 7.23 -38.08
C ILE C 1114 84.36 5.79 -37.91
N ILE C 1115 84.07 5.13 -39.02
CA ILE C 1115 83.58 3.76 -39.00
C ILE C 1115 84.77 2.82 -38.88
N THR C 1116 84.92 2.19 -37.72
CA THR C 1116 86.00 1.24 -37.47
C THR C 1116 85.39 -0.13 -37.16
N THR C 1117 86.24 -1.06 -36.76
CA THR C 1117 85.79 -2.39 -36.38
C THR C 1117 85.37 -2.49 -34.92
N ASP C 1118 85.40 -1.38 -34.19
CA ASP C 1118 84.98 -1.37 -32.80
C ASP C 1118 83.53 -0.96 -32.61
N ASN C 1119 82.98 -0.15 -33.51
CA ASN C 1119 81.59 0.26 -33.44
C ASN C 1119 80.70 -0.51 -34.41
N THR C 1120 81.24 -1.51 -35.10
CA THR C 1120 80.48 -2.31 -36.06
C THR C 1120 80.77 -3.78 -35.83
N PHE C 1121 79.83 -4.62 -36.29
CA PHE C 1121 80.01 -6.06 -36.29
C PHE C 1121 79.68 -6.62 -37.67
N VAL C 1122 80.27 -7.76 -37.98
CA VAL C 1122 80.19 -8.35 -39.31
C VAL C 1122 79.21 -9.51 -39.30
N SER C 1123 78.46 -9.66 -40.39
CA SER C 1123 77.53 -10.78 -40.52
C SER C 1123 77.22 -10.97 -42.00
N GLY C 1124 77.60 -12.11 -42.55
CA GLY C 1124 77.26 -12.44 -43.92
C GLY C 1124 78.13 -11.71 -44.94
N ASN C 1125 77.62 -11.65 -46.17
CA ASN C 1125 78.33 -10.99 -47.25
C ASN C 1125 77.45 -9.94 -47.93
N CYS C 1126 77.87 -9.43 -49.08
CA CYS C 1126 77.36 -8.18 -49.64
C CYS C 1126 76.32 -8.38 -50.73
N ASP C 1127 75.45 -9.39 -50.63
CA ASP C 1127 74.42 -9.56 -51.65
C ASP C 1127 73.03 -9.71 -51.06
N VAL C 1128 72.96 -10.21 -49.82
CA VAL C 1128 71.66 -10.45 -49.21
C VAL C 1128 70.97 -9.14 -48.86
N VAL C 1129 71.71 -8.19 -48.28
CA VAL C 1129 71.11 -6.94 -47.83
C VAL C 1129 70.76 -6.07 -49.02
N ILE C 1130 69.63 -5.36 -48.92
CA ILE C 1130 69.16 -4.46 -49.95
C ILE C 1130 69.52 -3.03 -49.53
N GLY C 1131 70.27 -2.34 -50.38
CA GLY C 1131 70.71 -1.00 -50.07
C GLY C 1131 72.10 -0.88 -49.48
N ILE C 1132 72.91 -1.93 -49.56
CA ILE C 1132 74.27 -1.88 -49.03
C ILE C 1132 75.11 -0.89 -49.85
N VAL C 1133 76.17 -0.39 -49.24
CA VAL C 1133 76.93 0.73 -49.77
C VAL C 1133 78.43 0.45 -49.66
N ASN C 1134 79.18 0.83 -50.69
CA ASN C 1134 80.63 0.74 -50.68
C ASN C 1134 81.20 1.73 -49.66
N ASN C 1135 82.13 1.27 -48.83
CA ASN C 1135 82.91 2.18 -47.99
C ASN C 1135 84.12 1.44 -47.45
N THR C 1136 84.89 2.11 -46.60
CA THR C 1136 86.08 1.57 -45.97
C THR C 1136 85.89 1.51 -44.47
N VAL C 1137 86.34 0.42 -43.86
CA VAL C 1137 86.26 0.23 -42.42
C VAL C 1137 87.69 0.24 -41.88
N TYR C 1138 88.03 1.30 -41.15
CA TYR C 1138 89.38 1.46 -40.64
C TYR C 1138 89.66 0.45 -39.54
N ASP C 1139 90.88 -0.09 -39.55
CA ASP C 1139 91.31 -1.06 -38.54
C ASP C 1139 92.40 -0.43 -37.68
N PRO C 1140 92.16 -0.22 -36.38
CA PRO C 1140 93.19 0.42 -35.55
C PRO C 1140 94.44 -0.42 -35.36
N LEU C 1141 94.33 -1.75 -35.46
CA LEU C 1141 95.47 -2.60 -35.11
C LEU C 1141 96.58 -2.52 -36.15
N GLN C 1142 96.22 -2.41 -37.43
CA GLN C 1142 97.22 -2.49 -38.49
C GLN C 1142 98.28 -1.39 -38.42
N PRO C 1143 97.94 -0.10 -38.27
CA PRO C 1143 99.02 0.91 -38.18
C PRO C 1143 99.93 0.69 -36.98
N GLU C 1144 99.38 0.24 -35.86
CA GLU C 1144 100.22 -0.06 -34.70
C GLU C 1144 101.16 -1.23 -34.99
N LEU C 1145 100.65 -2.25 -35.68
CA LEU C 1145 101.49 -3.39 -36.03
C LEU C 1145 102.62 -2.98 -36.97
N ASP C 1146 102.31 -2.15 -37.97
CA ASP C 1146 103.32 -1.72 -38.93
C ASP C 1146 104.28 -0.68 -38.37
N SER C 1147 103.94 -0.05 -37.25
CA SER C 1147 104.83 0.93 -36.64
C SER C 1147 105.79 0.27 -35.65
N GLN D 1 -54.50 13.65 40.14
CA GLN D 1 -55.92 13.91 39.94
C GLN D 1 -56.77 12.77 40.51
N SER D 2 -56.23 11.55 40.46
CA SER D 2 -56.81 10.38 41.13
C SER D 2 -58.27 10.16 40.71
N THR D 3 -58.49 10.05 39.40
CA THR D 3 -59.82 9.70 38.91
C THR D 3 -60.24 8.33 39.46
N THR D 4 -61.50 8.22 39.86
CA THR D 4 -62.05 7.01 40.43
C THR D 4 -61.78 5.79 39.56
N GLU D 5 -61.78 5.98 38.24
CA GLU D 5 -61.53 4.88 37.31
C GLU D 5 -60.16 4.25 37.53
N GLU D 6 -59.17 5.04 37.94
CA GLU D 6 -57.83 4.51 38.13
C GLU D 6 -57.73 3.59 39.34
N GLN D 7 -58.64 3.71 40.30
CA GLN D 7 -58.70 2.77 41.41
C GLN D 7 -59.69 1.64 41.14
N ALA D 8 -60.75 1.92 40.39
CA ALA D 8 -61.65 0.86 39.95
C ALA D 8 -60.95 -0.12 39.03
N LYS D 9 -59.94 0.32 38.29
CA LYS D 9 -59.18 -0.60 37.46
C LYS D 9 -58.36 -1.57 38.31
N THR D 10 -57.73 -1.07 39.38
CA THR D 10 -57.02 -1.94 40.30
C THR D 10 -57.98 -2.89 41.00
N PHE D 11 -59.16 -2.40 41.38
CA PHE D 11 -60.17 -3.26 42.00
C PHE D 11 -60.60 -4.36 41.03
N LEU D 12 -60.80 -4.01 39.75
CA LEU D 12 -61.18 -5.02 38.76
C LEU D 12 -60.06 -6.01 38.50
N LEU D 13 -58.80 -5.56 38.55
CA LEU D 13 -57.68 -6.48 38.39
C LEU D 13 -57.63 -7.47 39.55
N LYS D 14 -57.83 -6.99 40.78
CA LYS D 14 -57.89 -7.89 41.93
C LYS D 14 -59.07 -8.86 41.81
N PHE D 15 -60.22 -8.35 41.36
CA PHE D 15 -61.38 -9.21 41.17
C PHE D 15 -61.10 -10.29 40.14
N ASP D 16 -60.47 -9.92 39.02
CA ASP D 16 -60.14 -10.91 37.99
C ASP D 16 -59.18 -11.95 38.54
N HIS D 17 -58.14 -11.51 39.25
CA HIS D 17 -57.16 -12.45 39.79
C HIS D 17 -57.81 -13.43 40.75
N ASP D 18 -58.69 -12.95 41.63
CA ASP D 18 -59.34 -13.85 42.58
C ASP D 18 -60.34 -14.76 41.87
N ALA D 19 -61.19 -14.19 41.02
CA ALA D 19 -62.29 -14.93 40.42
C ALA D 19 -61.81 -15.97 39.42
N GLU D 20 -60.70 -15.72 38.71
CA GLU D 20 -60.19 -16.71 37.78
C GLU D 20 -59.86 -18.01 38.52
N ASP D 21 -59.07 -17.92 39.59
CA ASP D 21 -58.75 -19.11 40.37
C ASP D 21 -60.00 -19.68 41.04
N LEU D 22 -60.87 -18.82 41.56
CA LEU D 22 -62.06 -19.29 42.26
C LEU D 22 -62.93 -20.14 41.35
N SER D 23 -63.26 -19.62 40.17
CA SER D 23 -64.08 -20.37 39.22
C SER D 23 -63.31 -21.54 38.61
N TYR D 24 -61.99 -21.42 38.48
CA TYR D 24 -61.22 -22.48 37.85
C TYR D 24 -61.19 -23.73 38.73
N GLN D 25 -60.93 -23.57 40.03
CA GLN D 25 -61.01 -24.75 40.89
C GLN D 25 -62.46 -25.12 41.17
N SER D 26 -63.37 -24.16 41.14
CA SER D 26 -64.79 -24.49 41.20
C SER D 26 -65.23 -25.29 40.00
N SER D 27 -64.82 -24.88 38.79
CA SER D 27 -65.16 -25.63 37.60
C SER D 27 -64.41 -26.95 37.53
N LEU D 28 -63.17 -26.98 38.02
CA LEU D 28 -62.46 -28.26 38.13
C LEU D 28 -63.18 -29.19 39.10
N ALA D 29 -63.62 -28.65 40.23
CA ALA D 29 -64.46 -29.43 41.14
C ALA D 29 -65.82 -29.73 40.52
N SER D 30 -66.35 -28.81 39.71
CA SER D 30 -67.64 -29.05 39.06
C SER D 30 -67.55 -30.23 38.11
N TRP D 31 -66.44 -30.36 37.38
CA TRP D 31 -66.26 -31.51 36.51
C TRP D 31 -66.22 -32.81 37.30
N ASN D 32 -65.54 -32.81 38.45
CA ASN D 32 -65.42 -34.02 39.26
C ASN D 32 -66.76 -34.48 39.81
N TYR D 33 -67.77 -33.60 39.86
CA TYR D 33 -69.09 -33.99 40.31
C TYR D 33 -69.93 -34.61 39.20
N ASN D 34 -69.91 -34.03 38.00
CA ASN D 34 -70.68 -34.59 36.90
C ASN D 34 -70.19 -35.99 36.54
N THR D 35 -68.88 -36.20 36.57
CA THR D 35 -68.31 -37.51 36.29
C THR D 35 -68.25 -38.42 37.51
N ASN D 36 -68.52 -37.90 38.71
CA ASN D 36 -68.46 -38.70 39.92
C ASN D 36 -69.33 -38.04 40.98
N ILE D 37 -70.50 -38.63 41.25
CA ILE D 37 -71.43 -38.13 42.25
C ILE D 37 -71.28 -38.98 43.50
N THR D 38 -70.82 -38.36 44.59
CA THR D 38 -70.69 -39.04 45.87
C THR D 38 -71.11 -38.07 46.97
N ASP D 39 -70.93 -38.50 48.22
CA ASP D 39 -71.28 -37.64 49.36
C ASP D 39 -70.24 -36.56 49.58
N GLU D 40 -68.96 -36.87 49.34
CA GLU D 40 -67.91 -35.88 49.50
C GLU D 40 -68.00 -34.83 48.39
N ASN D 41 -68.29 -35.27 47.16
CA ASN D 41 -68.26 -34.34 46.02
C ASN D 41 -69.30 -33.24 46.16
N VAL D 42 -70.54 -33.60 46.54
CA VAL D 42 -71.60 -32.59 46.62
C VAL D 42 -71.24 -31.54 47.67
N GLN D 43 -70.61 -31.96 48.76
CA GLN D 43 -70.27 -31.04 49.84
C GLN D 43 -69.28 -29.97 49.37
N LYS D 44 -68.25 -30.38 48.62
CA LYS D 44 -67.26 -29.39 48.23
C LYS D 44 -67.76 -28.49 47.10
N MET D 45 -68.67 -28.98 46.25
CA MET D 45 -69.37 -28.07 45.36
C MET D 45 -70.19 -27.05 46.13
N ASN D 46 -70.90 -27.49 47.17
CA ASN D 46 -71.68 -26.54 47.96
C ASN D 46 -70.76 -25.48 48.59
N GLU D 47 -69.64 -25.92 49.16
CA GLU D 47 -68.71 -24.97 49.79
C GLU D 47 -68.15 -24.00 48.77
N ALA D 48 -67.70 -24.52 47.62
CA ALA D 48 -67.09 -23.65 46.60
C ALA D 48 -68.10 -22.66 46.05
N ARG D 49 -69.32 -23.12 45.77
CA ARG D 49 -70.34 -22.22 45.25
C ARG D 49 -70.75 -21.18 46.27
N ALA D 50 -70.86 -21.56 47.55
CA ALA D 50 -71.17 -20.60 48.58
C ALA D 50 -70.08 -19.54 48.70
N LYS D 51 -68.82 -19.97 48.68
CA LYS D 51 -67.71 -19.02 48.75
C LYS D 51 -67.69 -18.09 47.55
N TRP D 52 -67.92 -18.64 46.36
CA TRP D 52 -67.94 -17.82 45.15
C TRP D 52 -69.08 -16.81 45.18
N SER D 53 -70.27 -17.23 45.62
CA SER D 53 -71.40 -16.32 45.71
C SER D 53 -71.14 -15.23 46.74
N ALA D 54 -70.57 -15.61 47.89
CA ALA D 54 -70.26 -14.61 48.91
C ALA D 54 -69.24 -13.60 48.40
N PHE D 55 -68.19 -14.08 47.72
CA PHE D 55 -67.19 -13.17 47.18
C PHE D 55 -67.80 -12.24 46.14
N TYR D 56 -68.66 -12.77 45.26
CA TYR D 56 -69.34 -11.94 44.27
C TYR D 56 -70.22 -10.90 44.96
N GLU D 57 -70.84 -11.26 46.07
CA GLU D 57 -71.73 -10.31 46.75
C GLU D 57 -70.91 -9.20 47.40
N GLU D 58 -69.76 -9.56 48.00
CA GLU D 58 -68.87 -8.54 48.54
C GLU D 58 -68.37 -7.60 47.44
N GLN D 59 -68.01 -8.16 46.28
CA GLN D 59 -67.56 -7.29 45.19
C GLN D 59 -68.69 -6.44 44.64
N SER D 60 -69.93 -6.95 44.67
CA SER D 60 -71.07 -6.12 44.30
C SER D 60 -71.23 -4.94 45.25
N LYS D 61 -71.04 -5.18 46.55
CA LYS D 61 -71.03 -4.07 47.49
C LYS D 61 -69.90 -3.10 47.21
N ALA D 62 -68.70 -3.62 46.94
CA ALA D 62 -67.54 -2.77 46.71
C ALA D 62 -67.67 -1.98 45.41
N ALA D 63 -68.48 -2.45 44.46
CA ALA D 63 -68.74 -1.70 43.25
C ALA D 63 -69.67 -0.50 43.47
N LYS D 64 -70.31 -0.40 44.63
CA LYS D 64 -71.38 0.58 44.79
C LYS D 64 -70.87 2.01 44.88
N MET D 65 -69.82 2.26 45.67
CA MET D 65 -69.37 3.63 45.85
C MET D 65 -68.65 4.18 44.61
N PHE D 66 -68.23 3.32 43.69
CA PHE D 66 -67.74 3.75 42.39
C PHE D 66 -68.92 3.75 41.42
N SER D 67 -69.33 4.95 41.01
CA SER D 67 -70.53 5.12 40.22
C SER D 67 -70.29 4.71 38.75
N LEU D 68 -71.39 4.67 38.00
CA LEU D 68 -71.33 4.32 36.59
C LEU D 68 -71.07 5.51 35.68
N GLU D 69 -71.45 6.71 36.11
CA GLU D 69 -71.20 7.90 35.29
C GLU D 69 -69.74 8.33 35.31
N GLU D 70 -68.93 7.76 36.19
CA GLU D 70 -67.50 8.07 36.24
C GLU D 70 -66.70 7.31 35.19
N ILE D 71 -67.34 6.40 34.45
CA ILE D 71 -66.70 5.67 33.36
C ILE D 71 -67.39 6.05 32.07
N GLN D 72 -66.62 6.55 31.11
CA GLN D 72 -67.16 6.93 29.81
C GLN D 72 -67.13 5.80 28.80
N ASP D 73 -66.16 4.91 28.90
CA ASP D 73 -66.09 3.77 27.98
C ASP D 73 -67.30 2.86 28.17
N LEU D 74 -67.95 2.53 27.06
CA LEU D 74 -69.13 1.67 27.12
C LEU D 74 -68.77 0.26 27.57
N THR D 75 -67.67 -0.28 27.04
CA THR D 75 -67.26 -1.64 27.39
C THR D 75 -66.92 -1.74 28.87
N LEU D 76 -66.17 -0.78 29.40
CA LEU D 76 -65.85 -0.79 30.83
C LEU D 76 -67.10 -0.54 31.67
N LYS D 77 -68.02 0.29 31.17
CA LYS D 77 -69.28 0.52 31.87
C LYS D 77 -70.07 -0.77 31.99
N ARG D 78 -70.01 -1.63 30.97
CA ARG D 78 -70.75 -2.89 31.01
C ARG D 78 -70.27 -3.78 32.15
N GLN D 79 -68.95 -3.84 32.36
CA GLN D 79 -68.39 -4.69 33.42
C GLN D 79 -68.88 -4.23 34.79
N LEU D 80 -68.81 -2.93 35.06
CA LEU D 80 -69.27 -2.41 36.34
C LEU D 80 -70.78 -2.59 36.51
N GLN D 81 -71.54 -2.37 35.43
CA GLN D 81 -72.99 -2.56 35.50
C GLN D 81 -73.33 -4.00 35.83
N ALA D 82 -72.63 -4.96 35.23
CA ALA D 82 -72.83 -6.36 35.56
C ALA D 82 -72.44 -6.66 37.00
N LEU D 83 -71.34 -6.05 37.46
CA LEU D 83 -70.85 -6.33 38.81
C LEU D 83 -71.67 -5.62 39.88
N GLN D 84 -72.23 -4.45 39.57
CA GLN D 84 -72.91 -3.65 40.59
C GLN D 84 -74.19 -4.30 41.09
N GLN D 85 -74.77 -5.22 40.34
CA GLN D 85 -76.02 -5.85 40.76
C GLN D 85 -75.82 -6.68 42.01
N SER D 86 -76.70 -6.48 42.99
CA SER D 86 -76.67 -7.20 44.26
C SER D 86 -77.66 -8.36 44.30
N GLY D 87 -78.94 -8.08 44.03
CA GLY D 87 -79.95 -9.13 44.01
C GLY D 87 -81.14 -8.85 44.91
N THR D 88 -81.51 -9.83 45.72
CA THR D 88 -82.70 -9.75 46.57
C THR D 88 -82.42 -9.14 47.94
N SER D 89 -81.16 -8.82 48.25
CA SER D 89 -80.82 -8.30 49.57
C SER D 89 -81.30 -6.86 49.79
N ALA D 90 -81.80 -6.20 48.75
CA ALA D 90 -82.16 -4.79 48.86
C ALA D 90 -83.34 -4.55 49.81
N LEU D 91 -84.23 -5.52 49.96
CA LEU D 91 -85.37 -5.36 50.86
C LEU D 91 -84.99 -5.76 52.29
N SER D 92 -85.98 -5.73 53.17
CA SER D 92 -85.75 -6.04 54.57
C SER D 92 -85.38 -7.50 54.76
N ALA D 93 -84.85 -7.81 55.94
CA ALA D 93 -84.35 -9.15 56.23
C ALA D 93 -85.47 -10.18 56.17
N ASP D 94 -86.65 -9.85 56.72
CA ASP D 94 -87.73 -10.83 56.80
C ASP D 94 -88.21 -11.26 55.42
N LYS D 95 -88.37 -10.30 54.51
CA LYS D 95 -88.84 -10.64 53.17
C LYS D 95 -87.81 -11.47 52.42
N SER D 96 -86.53 -11.14 52.57
CA SER D 96 -85.48 -11.93 51.93
C SER D 96 -85.46 -13.36 52.48
N LYS D 97 -85.57 -13.51 53.80
CA LYS D 97 -85.59 -14.84 54.40
C LYS D 97 -86.79 -15.64 53.94
N ARG D 98 -87.95 -14.98 53.82
CA ARG D 98 -89.12 -15.69 53.32
C ARG D 98 -88.95 -16.08 51.85
N LEU D 99 -88.25 -15.24 51.08
CA LEU D 99 -87.89 -15.65 49.72
C LEU D 99 -87.04 -16.91 49.71
N ASN D 100 -85.98 -16.94 50.54
CA ASN D 100 -85.12 -18.13 50.52
C ASN D 100 -85.86 -19.37 50.99
N THR D 101 -86.72 -19.25 52.00
CA THR D 101 -87.43 -20.44 52.46
C THR D 101 -88.53 -20.88 51.49
N ILE D 102 -89.10 -19.94 50.72
CA ILE D 102 -90.06 -20.31 49.68
C ILE D 102 -89.36 -21.01 48.53
N LEU D 103 -88.18 -20.50 48.13
CA LEU D 103 -87.43 -21.15 47.05
C LEU D 103 -87.02 -22.55 47.44
N ASN D 104 -86.73 -22.78 48.72
CA ASN D 104 -86.45 -24.13 49.19
C ASN D 104 -87.67 -25.04 49.01
N THR D 105 -88.86 -24.50 49.28
CA THR D 105 -90.07 -25.30 49.16
C THR D 105 -90.30 -25.76 47.72
N MET D 106 -90.13 -24.85 46.75
CA MET D 106 -90.27 -25.24 45.35
C MET D 106 -89.13 -26.13 44.87
N SER D 107 -88.10 -26.32 45.69
CA SER D 107 -87.02 -27.24 45.32
C SER D 107 -87.32 -28.68 45.73
N THR D 108 -87.90 -28.87 46.93
CA THR D 108 -88.02 -30.21 47.50
C THR D 108 -89.26 -30.93 47.00
N ILE D 109 -90.45 -30.46 47.41
CA ILE D 109 -91.68 -31.18 47.12
C ILE D 109 -92.01 -31.11 45.63
N TYR D 110 -91.62 -30.03 44.96
CA TYR D 110 -91.96 -29.84 43.55
C TYR D 110 -91.41 -30.96 42.69
N SER D 111 -90.19 -31.42 42.98
CA SER D 111 -89.55 -32.47 42.21
C SER D 111 -90.19 -33.84 42.43
N SER D 112 -91.08 -33.97 43.41
CA SER D 112 -91.68 -35.26 43.75
C SER D 112 -93.07 -35.43 43.16
N GLY D 113 -93.30 -34.91 41.96
CA GLY D 113 -94.57 -35.07 41.28
C GLY D 113 -94.95 -36.51 41.03
N LYS D 114 -96.20 -36.87 41.33
CA LYS D 114 -96.67 -38.24 41.23
C LYS D 114 -98.05 -38.27 40.58
N VAL D 115 -98.34 -39.37 39.90
CA VAL D 115 -99.64 -39.61 39.29
C VAL D 115 -100.15 -40.96 39.74
N LEU D 116 -101.47 -41.13 39.74
CA LEU D 116 -102.12 -42.34 40.20
C LEU D 116 -102.87 -42.99 39.03
N ASP D 117 -102.47 -44.20 38.67
CA ASP D 117 -103.16 -44.93 37.62
C ASP D 117 -104.51 -45.43 38.14
N PRO D 118 -105.55 -45.44 37.29
CA PRO D 118 -106.82 -46.04 37.73
C PRO D 118 -106.68 -47.48 38.18
N ASN D 119 -105.85 -48.26 37.49
CA ASN D 119 -105.55 -49.62 37.91
C ASN D 119 -104.28 -49.63 38.75
N THR D 120 -104.38 -50.18 39.96
CA THR D 120 -103.26 -50.13 40.90
C THR D 120 -102.09 -51.01 40.48
N GLN D 121 -102.31 -51.96 39.57
CA GLN D 121 -101.25 -52.90 39.20
C GLN D 121 -100.11 -52.20 38.47
N GLU D 122 -100.37 -51.10 37.78
CA GLU D 122 -99.34 -50.31 37.12
C GLU D 122 -99.18 -48.98 37.85
N CYS D 123 -97.94 -48.63 38.17
CA CYS D 123 -97.60 -47.34 38.74
C CYS D 123 -96.46 -46.74 37.93
N LEU D 124 -96.68 -45.55 37.37
CA LEU D 124 -95.70 -44.88 36.53
C LEU D 124 -95.45 -43.47 37.04
N VAL D 125 -94.22 -42.99 36.84
CA VAL D 125 -93.84 -41.65 37.23
C VAL D 125 -93.61 -40.82 35.97
N LEU D 126 -93.32 -39.53 36.17
CA LEU D 126 -93.10 -38.64 35.04
C LEU D 126 -91.89 -39.07 34.22
N GLU D 127 -90.79 -39.44 34.88
CA GLU D 127 -89.64 -39.99 34.17
C GLU D 127 -89.49 -41.46 34.53
N PRO D 128 -89.63 -42.39 33.58
CA PRO D 128 -90.06 -42.18 32.19
C PRO D 128 -91.44 -42.78 31.93
N GLY D 129 -92.12 -43.24 32.99
CA GLY D 129 -93.38 -43.94 32.80
C GLY D 129 -94.47 -43.09 32.17
N LEU D 130 -94.64 -41.86 32.67
CA LEU D 130 -95.65 -40.98 32.10
C LEU D 130 -95.25 -40.53 30.70
N ASP D 131 -94.00 -40.10 30.53
CA ASP D 131 -93.55 -39.54 29.25
C ASP D 131 -93.89 -40.48 28.10
N ASP D 132 -93.71 -41.78 28.31
CA ASP D 132 -94.17 -42.75 27.31
C ASP D 132 -95.67 -42.60 27.08
N ILE D 133 -96.44 -42.36 28.15
CA ILE D 133 -97.89 -42.32 28.02
C ILE D 133 -98.32 -41.13 27.16
N MET D 134 -97.81 -39.93 27.44
CA MET D 134 -98.23 -38.80 26.62
C MET D 134 -97.63 -38.86 25.22
N GLU D 135 -96.33 -39.09 25.10
CA GLU D 135 -95.70 -38.95 23.79
C GLU D 135 -95.81 -40.21 22.94
N ASN D 136 -95.44 -41.37 23.47
CA ASN D 136 -95.41 -42.62 22.72
C ASN D 136 -96.72 -43.35 22.97
N SER D 137 -97.76 -42.97 22.22
CA SER D 137 -99.07 -43.58 22.38
C SER D 137 -99.86 -43.39 21.10
N GLN D 138 -100.89 -44.23 20.94
CA GLN D 138 -101.76 -44.16 19.77
C GLN D 138 -103.23 -44.23 20.17
N ASP D 139 -103.55 -43.96 21.43
CA ASP D 139 -104.92 -44.05 21.94
C ASP D 139 -105.31 -42.73 22.61
N TYR D 140 -106.58 -42.67 23.01
CA TYR D 140 -107.18 -41.48 23.60
C TYR D 140 -107.31 -41.57 25.12
N SER D 141 -107.76 -42.73 25.63
CA SER D 141 -108.09 -42.86 27.04
C SER D 141 -106.85 -42.74 27.92
N ARG D 142 -105.73 -43.30 27.48
CA ARG D 142 -104.51 -43.24 28.29
C ARG D 142 -104.04 -41.80 28.46
N ARG D 143 -104.02 -41.03 27.36
CA ARG D 143 -103.65 -39.63 27.45
C ARG D 143 -104.64 -38.85 28.31
N LEU D 144 -105.93 -39.15 28.17
CA LEU D 144 -106.94 -38.44 28.95
C LEU D 144 -106.74 -38.68 30.44
N TRP D 145 -106.57 -39.94 30.84
CA TRP D 145 -106.41 -40.21 32.27
C TRP D 145 -105.10 -39.65 32.79
N ALA D 146 -104.03 -39.71 31.99
CA ALA D 146 -102.76 -39.14 32.45
C ALA D 146 -102.89 -37.64 32.69
N TRP D 147 -103.52 -36.93 31.74
CA TRP D 147 -103.71 -35.49 31.89
C TRP D 147 -104.54 -35.18 33.12
N GLU D 148 -105.66 -35.88 33.29
CA GLU D 148 -106.54 -35.64 34.43
C GLU D 148 -105.83 -35.91 35.75
N GLY D 149 -105.18 -37.07 35.85
CA GLY D 149 -104.55 -37.45 37.10
C GLY D 149 -103.39 -36.55 37.48
N TRP D 150 -102.56 -36.17 36.51
CA TRP D 150 -101.45 -35.30 36.84
C TRP D 150 -101.92 -33.90 37.21
N ARG D 151 -102.80 -33.31 36.41
CA ARG D 151 -103.19 -31.93 36.68
C ARG D 151 -104.09 -31.82 37.90
N ALA D 152 -104.80 -32.90 38.25
CA ALA D 152 -105.69 -32.85 39.40
C ALA D 152 -104.92 -32.63 40.71
N GLU D 153 -103.70 -33.15 40.79
CA GLU D 153 -102.97 -33.19 42.04
C GLU D 153 -102.06 -31.98 42.26
N VAL D 154 -101.29 -31.59 41.24
CA VAL D 154 -100.19 -30.66 41.47
C VAL D 154 -100.66 -29.22 41.65
N GLY D 155 -101.83 -28.86 41.12
CA GLY D 155 -102.25 -27.47 41.15
C GLY D 155 -102.55 -26.94 42.53
N LYS D 156 -103.22 -27.75 43.35
CA LYS D 156 -103.76 -27.28 44.62
C LYS D 156 -102.65 -26.77 45.55
N GLN D 157 -101.60 -27.57 45.72
CA GLN D 157 -100.54 -27.21 46.66
C GLN D 157 -99.64 -26.12 46.11
N LEU D 158 -99.44 -26.09 44.79
CA LEU D 158 -98.44 -25.21 44.18
C LEU D 158 -98.99 -23.86 43.75
N ARG D 159 -100.30 -23.70 43.66
CA ARG D 159 -100.85 -22.41 43.23
C ARG D 159 -100.51 -21.25 44.16
N PRO D 160 -100.71 -21.33 45.48
CA PRO D 160 -100.58 -20.12 46.31
C PRO D 160 -99.20 -19.48 46.29
N LEU D 161 -98.13 -20.27 46.15
CA LEU D 161 -96.79 -19.72 46.24
C LEU D 161 -96.46 -18.81 45.05
N TYR D 162 -97.12 -19.03 43.91
CA TYR D 162 -96.77 -18.28 42.70
C TYR D 162 -97.06 -16.80 42.86
N GLU D 163 -98.20 -16.44 43.44
CA GLU D 163 -98.54 -15.03 43.59
C GLU D 163 -97.58 -14.33 44.54
N GLU D 164 -97.23 -14.98 45.66
CA GLU D 164 -96.26 -14.40 46.57
C GLU D 164 -94.90 -14.23 45.90
N TYR D 165 -94.47 -15.23 45.13
CA TYR D 165 -93.21 -15.12 44.41
C TYR D 165 -93.25 -13.95 43.43
N VAL D 166 -94.36 -13.79 42.72
CA VAL D 166 -94.46 -12.72 41.72
C VAL D 166 -94.41 -11.36 42.39
N VAL D 167 -95.17 -11.17 43.48
CA VAL D 167 -95.19 -9.86 44.12
C VAL D 167 -93.83 -9.55 44.76
N LEU D 168 -93.16 -10.57 45.30
CA LEU D 168 -91.84 -10.33 45.87
C LEU D 168 -90.82 -10.00 44.79
N GLU D 169 -90.87 -10.68 43.64
CA GLU D 169 -90.01 -10.32 42.54
C GLU D 169 -90.28 -8.90 42.07
N ASN D 170 -91.54 -8.49 42.08
CA ASN D 170 -91.87 -7.11 41.76
C ASN D 170 -91.28 -6.14 42.79
N GLU D 171 -91.29 -6.53 44.07
CA GLU D 171 -90.77 -5.63 45.10
C GLU D 171 -89.25 -5.46 44.97
N MET D 172 -88.51 -6.54 44.74
CA MET D 172 -87.09 -6.40 44.40
C MET D 172 -86.90 -5.63 43.09
N ALA D 173 -87.80 -5.77 42.12
CA ALA D 173 -87.69 -4.99 40.90
C ALA D 173 -87.78 -3.50 41.19
N ARG D 174 -88.73 -3.11 42.03
CA ARG D 174 -88.84 -1.70 42.43
C ARG D 174 -87.64 -1.27 43.26
N ALA D 175 -87.08 -2.19 44.06
CA ALA D 175 -85.94 -1.85 44.90
C ALA D 175 -84.74 -1.42 44.06
N ASN D 176 -84.57 -2.03 42.88
CA ASN D 176 -83.50 -1.66 41.95
C ASN D 176 -83.92 -0.58 40.97
N ASN D 177 -84.87 0.27 41.36
CA ASN D 177 -85.32 1.42 40.59
C ASN D 177 -85.96 1.03 39.26
N TYR D 178 -86.40 -0.22 39.11
CA TYR D 178 -87.10 -0.64 37.91
C TYR D 178 -88.61 -0.56 38.13
N GLU D 179 -89.32 -0.26 37.04
CA GLU D 179 -90.75 -0.02 37.13
C GLU D 179 -91.51 -1.27 37.59
N ASP D 180 -91.17 -2.43 37.04
CA ASP D 180 -91.89 -3.66 37.36
C ASP D 180 -90.99 -4.85 37.03
N TYR D 181 -91.54 -6.05 37.20
CA TYR D 181 -90.82 -7.26 36.86
C TYR D 181 -90.55 -7.35 35.36
N GLY D 182 -91.46 -6.84 34.54
CA GLY D 182 -91.21 -6.80 33.10
C GLY D 182 -90.01 -5.94 32.77
N ASP D 183 -89.94 -4.73 33.34
CA ASP D 183 -88.77 -3.89 33.16
C ASP D 183 -87.52 -4.54 33.75
N TYR D 184 -87.68 -5.34 34.80
CA TYR D 184 -86.56 -6.10 35.34
C TYR D 184 -86.02 -7.08 34.30
N TRP D 185 -86.91 -7.78 33.59
CA TRP D 185 -86.48 -8.69 32.54
C TRP D 185 -86.25 -8.00 31.20
N ARG D 186 -86.83 -6.83 30.97
CA ARG D 186 -86.63 -6.12 29.71
C ARG D 186 -85.34 -5.31 29.68
N GLY D 187 -84.58 -5.29 30.77
CA GLY D 187 -83.33 -4.57 30.79
C GLY D 187 -82.17 -5.25 30.12
N ASP D 188 -82.35 -6.47 29.64
CA ASP D 188 -81.28 -7.21 28.99
C ASP D 188 -81.04 -6.77 27.54
N TYR D 189 -81.94 -5.99 26.96
CA TYR D 189 -81.80 -5.53 25.58
C TYR D 189 -81.75 -4.01 25.48
N GLU D 190 -81.41 -3.33 26.57
CA GLU D 190 -81.34 -1.87 26.58
C GLU D 190 -79.91 -1.44 26.31
N VAL D 191 -79.73 -0.56 25.32
CA VAL D 191 -78.44 0.00 24.97
C VAL D 191 -78.55 1.51 25.06
N THR D 192 -77.68 2.12 25.89
CA THR D 192 -77.69 3.56 26.10
C THR D 192 -76.28 4.10 25.95
N GLY D 193 -76.17 5.25 25.28
CA GLY D 193 -74.90 5.92 25.10
C GLY D 193 -74.11 5.48 23.88
N ALA D 194 -74.53 4.41 23.20
CA ALA D 194 -73.83 3.98 22.00
C ALA D 194 -74.12 4.90 20.82
N GLY D 195 -75.36 5.33 20.68
CA GLY D 195 -75.76 6.19 19.58
C GLY D 195 -76.94 5.63 18.80
N ASP D 196 -76.81 5.56 17.48
CA ASP D 196 -77.87 5.00 16.66
C ASP D 196 -77.90 3.47 16.69
N TYR D 197 -76.80 2.84 17.14
CA TYR D 197 -76.77 1.38 17.30
C TYR D 197 -77.33 0.99 18.67
N ASP D 198 -78.59 1.37 18.89
CA ASP D 198 -79.26 1.15 20.16
C ASP D 198 -80.54 0.35 19.96
N TYR D 199 -81.13 -0.08 21.08
CA TYR D 199 -82.35 -0.86 21.07
C TYR D 199 -83.21 -0.44 22.25
N SER D 200 -84.52 -0.45 22.05
CA SER D 200 -85.48 -0.03 23.07
C SER D 200 -86.05 -1.23 23.79
N ARG D 201 -86.40 -1.03 25.06
CA ARG D 201 -86.95 -2.12 25.87
C ARG D 201 -88.30 -2.59 25.32
N ASP D 202 -89.15 -1.66 24.91
CA ASP D 202 -90.46 -2.00 24.38
C ASP D 202 -90.43 -2.32 22.88
N GLN D 203 -89.32 -2.04 22.20
CA GLN D 203 -89.25 -2.33 20.77
C GLN D 203 -89.24 -3.83 20.49
N LEU D 204 -88.69 -4.63 21.41
CA LEU D 204 -88.66 -6.06 21.22
C LEU D 204 -90.07 -6.65 21.17
N ILE D 205 -90.95 -6.18 22.06
CA ILE D 205 -92.32 -6.69 22.09
C ILE D 205 -93.06 -6.31 20.81
N THR D 206 -92.91 -5.04 20.37
CA THR D 206 -93.63 -4.58 19.19
C THR D 206 -93.14 -5.27 17.92
N ASP D 207 -91.83 -5.43 17.77
CA ASP D 207 -91.28 -6.01 16.55
C ASP D 207 -91.60 -7.50 16.45
N VAL D 208 -91.57 -8.21 17.57
CA VAL D 208 -91.86 -9.65 17.55
C VAL D 208 -93.32 -9.88 17.14
N GLU D 209 -94.24 -9.09 17.69
CA GLU D 209 -95.64 -9.19 17.29
C GLU D 209 -95.82 -8.89 15.81
N ARG D 210 -95.08 -7.91 15.29
CA ARG D 210 -95.12 -7.62 13.87
C ARG D 210 -94.65 -8.81 13.04
N THR D 211 -93.56 -9.46 13.48
CA THR D 211 -93.05 -10.62 12.77
C THR D 211 -94.04 -11.79 12.83
N PHE D 212 -94.84 -11.86 13.90
CA PHE D 212 -95.85 -12.91 14.00
C PHE D 212 -96.90 -12.78 12.89
N ALA D 213 -97.20 -11.55 12.47
CA ALA D 213 -98.22 -11.36 11.44
C ALA D 213 -97.82 -12.00 10.12
N GLU D 214 -96.56 -11.86 9.73
CA GLU D 214 -96.09 -12.47 8.48
C GLU D 214 -96.12 -13.99 8.55
N ILE D 215 -96.02 -14.55 9.76
CA ILE D 215 -96.06 -16.00 9.92
C ILE D 215 -97.46 -16.55 9.67
N LYS D 216 -98.49 -15.75 9.95
CA LYS D 216 -99.86 -16.27 10.02
C LYS D 216 -100.33 -17.02 8.78
N PRO D 217 -100.09 -16.55 7.54
CA PRO D 217 -100.54 -17.35 6.39
C PRO D 217 -99.93 -18.75 6.33
N LEU D 218 -98.61 -18.84 6.44
CA LEU D 218 -97.95 -20.14 6.40
C LEU D 218 -98.35 -21.00 7.59
N TYR D 219 -98.49 -20.38 8.77
CA TYR D 219 -98.92 -21.12 9.95
C TYR D 219 -100.31 -21.70 9.76
N GLU D 220 -101.23 -20.91 9.19
CA GLU D 220 -102.58 -21.41 8.93
C GLU D 220 -102.57 -22.53 7.91
N GLN D 221 -101.78 -22.38 6.85
CA GLN D 221 -101.69 -23.45 5.83
C GLN D 221 -101.19 -24.74 6.46
N LEU D 222 -100.09 -24.66 7.21
CA LEU D 222 -99.50 -25.85 7.81
C LEU D 222 -100.43 -26.47 8.85
N HIS D 223 -101.07 -25.65 9.67
CA HIS D 223 -101.99 -26.16 10.67
C HIS D 223 -103.19 -26.85 10.03
N ALA D 224 -103.71 -26.27 8.94
CA ALA D 224 -104.81 -26.91 8.23
C ALA D 224 -104.39 -28.24 7.64
N TYR D 225 -103.19 -28.30 7.05
CA TYR D 225 -102.71 -29.56 6.48
C TYR D 225 -102.56 -30.63 7.57
N VAL D 226 -101.93 -30.27 8.69
CA VAL D 226 -101.74 -31.22 9.78
C VAL D 226 -103.08 -31.63 10.38
N ARG D 227 -104.04 -30.70 10.44
CA ARG D 227 -105.36 -31.04 10.95
C ARG D 227 -106.06 -32.04 10.05
N THR D 228 -106.06 -31.78 8.74
CA THR D 228 -106.63 -32.76 7.80
C THR D 228 -105.94 -34.10 7.92
N LYS D 229 -104.64 -34.11 8.24
CA LYS D 229 -103.98 -35.37 8.55
C LYS D 229 -104.47 -35.98 9.86
N LEU D 230 -104.88 -35.15 10.82
CA LEU D 230 -105.18 -35.62 12.17
C LEU D 230 -106.61 -36.11 12.35
N MET D 231 -107.53 -35.78 11.44
CA MET D 231 -108.90 -36.27 11.55
C MET D 231 -108.97 -37.78 11.44
N ASP D 232 -107.98 -38.40 10.79
CA ASP D 232 -107.93 -39.86 10.74
C ASP D 232 -107.52 -40.48 12.06
N ALA D 233 -107.09 -39.68 13.04
CA ALA D 233 -106.64 -40.18 14.33
C ALA D 233 -107.72 -40.17 15.40
N TYR D 234 -108.47 -39.07 15.54
CA TYR D 234 -109.51 -38.95 16.55
C TYR D 234 -110.79 -38.42 15.91
N PRO D 235 -111.44 -39.23 15.07
CA PRO D 235 -112.68 -38.77 14.44
C PRO D 235 -113.82 -38.52 15.41
N SER D 236 -113.87 -39.26 16.52
CA SER D 236 -115.04 -39.30 17.38
C SER D 236 -115.05 -38.21 18.46
N HIS D 237 -113.98 -37.43 18.58
CA HIS D 237 -113.93 -36.37 19.58
C HIS D 237 -113.45 -35.03 19.04
N ILE D 238 -112.97 -34.97 17.80
CA ILE D 238 -112.48 -33.74 17.20
C ILE D 238 -113.22 -33.50 15.89
N SER D 239 -113.79 -32.30 15.75
CA SER D 239 -114.41 -31.91 14.50
C SER D 239 -113.34 -31.52 13.48
N PRO D 240 -113.62 -31.69 12.18
CA PRO D 240 -112.61 -31.35 11.16
C PRO D 240 -112.18 -29.89 11.19
N THR D 241 -112.92 -29.02 11.87
CA THR D 241 -112.53 -27.63 12.06
C THR D 241 -112.33 -27.27 13.52
N GLY D 242 -112.33 -28.26 14.42
CA GLY D 242 -112.20 -27.99 15.85
C GLY D 242 -110.76 -27.95 16.33
N CYS D 243 -110.61 -27.55 17.59
CA CYS D 243 -109.30 -27.42 18.21
C CYS D 243 -108.85 -28.73 18.82
N LEU D 244 -107.54 -28.89 18.92
CA LEU D 244 -106.96 -30.09 19.54
C LEU D 244 -107.11 -29.99 21.06
N PRO D 245 -107.63 -31.02 21.73
CA PRO D 245 -107.72 -31.00 23.19
C PRO D 245 -106.35 -30.96 23.84
N ALA D 246 -106.31 -30.41 25.06
CA ALA D 246 -105.04 -30.25 25.77
C ALA D 246 -104.39 -31.58 26.11
N HIS D 247 -105.15 -32.67 26.14
CA HIS D 247 -104.58 -33.99 26.41
C HIS D 247 -104.18 -34.72 25.14
N LEU D 248 -104.35 -34.10 23.97
CA LEU D 248 -103.82 -34.60 22.71
C LEU D 248 -102.84 -33.59 22.11
N LEU D 249 -102.04 -32.96 22.96
CA LEU D 249 -101.10 -31.93 22.55
C LEU D 249 -99.70 -32.48 22.30
N GLY D 250 -99.56 -33.79 22.17
CA GLY D 250 -98.28 -34.40 21.84
C GLY D 250 -97.49 -34.85 23.05
N ASP D 251 -97.39 -33.98 24.05
CA ASP D 251 -96.71 -34.32 25.29
C ASP D 251 -97.31 -33.48 26.42
N MET D 252 -96.55 -33.32 27.49
CA MET D 252 -97.03 -32.59 28.66
C MET D 252 -97.27 -31.12 28.35
N TRP D 253 -96.37 -30.49 27.60
CA TRP D 253 -96.42 -29.06 27.34
C TRP D 253 -96.72 -28.71 25.89
N GLY D 254 -96.78 -29.68 24.99
CA GLY D 254 -96.88 -29.39 23.57
C GLY D 254 -95.58 -28.96 22.92
N ARG D 255 -94.46 -29.09 23.62
CA ARG D 255 -93.17 -28.64 23.08
C ARG D 255 -92.55 -29.69 22.16
N PHE D 256 -92.70 -30.97 22.49
CA PHE D 256 -92.06 -32.05 21.74
C PHE D 256 -93.13 -32.98 21.20
N TRP D 257 -93.19 -33.12 19.88
CA TRP D 257 -94.15 -34.01 19.22
C TRP D 257 -93.44 -35.07 18.38
N THR D 258 -92.15 -35.29 18.62
CA THR D 258 -91.33 -36.10 17.70
C THR D 258 -91.81 -37.54 17.61
N ASN D 259 -92.28 -38.11 18.72
CA ASN D 259 -92.62 -39.53 18.74
C ASN D 259 -93.86 -39.84 17.90
N LEU D 260 -94.60 -38.82 17.47
CA LEU D 260 -95.78 -39.00 16.65
C LEU D 260 -95.46 -39.12 15.16
N TYR D 261 -94.21 -39.41 14.82
CA TYR D 261 -93.81 -39.54 13.42
C TYR D 261 -94.62 -40.56 12.63
N PRO D 262 -94.85 -41.80 13.11
CA PRO D 262 -95.55 -42.77 12.26
C PRO D 262 -96.96 -42.36 11.86
N LEU D 263 -97.67 -41.63 12.72
CA LEU D 263 -99.07 -41.33 12.45
C LEU D 263 -99.26 -40.26 11.38
N THR D 264 -98.41 -39.24 11.36
CA THR D 264 -98.61 -38.07 10.50
C THR D 264 -97.62 -38.01 9.34
N VAL D 265 -97.06 -39.14 8.94
CA VAL D 265 -96.10 -39.12 7.82
C VAL D 265 -96.87 -38.92 6.51
N PRO D 266 -96.51 -37.91 5.70
CA PRO D 266 -97.19 -37.75 4.41
C PRO D 266 -96.96 -38.91 3.46
N PHE D 267 -95.70 -39.25 3.20
CA PHE D 267 -95.33 -40.35 2.32
C PHE D 267 -94.66 -41.43 3.16
N GLY D 268 -95.44 -42.44 3.56
CA GLY D 268 -94.90 -43.52 4.38
C GLY D 268 -94.05 -44.51 3.62
N GLN D 269 -94.14 -44.52 2.29
CA GLN D 269 -93.34 -45.42 1.47
C GLN D 269 -92.01 -44.81 1.03
N LYS D 270 -91.75 -43.55 1.39
CA LYS D 270 -90.47 -42.92 1.10
C LYS D 270 -89.64 -42.89 2.38
N PRO D 271 -88.51 -43.58 2.45
CA PRO D 271 -87.74 -43.62 3.69
C PRO D 271 -86.94 -42.34 3.91
N SER D 272 -86.81 -41.98 5.17
CA SER D 272 -86.01 -40.81 5.54
C SER D 272 -84.53 -41.10 5.35
N ILE D 273 -83.74 -40.03 5.30
CA ILE D 273 -82.29 -40.17 5.14
C ILE D 273 -81.73 -40.77 6.43
N ASP D 274 -81.32 -42.04 6.35
CA ASP D 274 -80.75 -42.74 7.49
C ASP D 274 -79.65 -43.66 6.97
N VAL D 275 -78.39 -43.26 7.17
CA VAL D 275 -77.24 -44.02 6.71
C VAL D 275 -76.52 -44.69 7.87
N THR D 276 -77.23 -44.96 8.98
CA THR D 276 -76.59 -45.45 10.19
C THR D 276 -75.77 -46.72 9.93
N ARG D 277 -76.24 -47.58 9.04
CA ARG D 277 -75.49 -48.80 8.72
C ARG D 277 -74.19 -48.50 8.00
N GLU D 278 -74.12 -47.38 7.26
CA GLU D 278 -72.97 -47.14 6.40
C GLU D 278 -71.69 -46.90 7.18
N MET D 279 -71.74 -46.12 8.26
CA MET D 279 -70.53 -45.92 9.06
C MET D 279 -70.18 -47.18 9.84
N GLU D 280 -71.17 -48.00 10.18
CA GLU D 280 -70.87 -49.28 10.82
C GLU D 280 -70.21 -50.26 9.86
N ASN D 281 -70.41 -50.08 8.55
CA ASN D 281 -69.69 -50.84 7.54
C ASN D 281 -68.36 -50.19 7.17
N GLN D 282 -68.13 -48.95 7.60
CA GLN D 282 -66.88 -48.25 7.36
C GLN D 282 -66.05 -48.06 8.63
N SER D 283 -66.50 -48.65 9.74
CA SER D 283 -65.77 -48.62 11.01
C SER D 283 -65.50 -47.19 11.47
N TRP D 284 -66.52 -46.35 11.37
CA TRP D 284 -66.43 -44.98 11.89
C TRP D 284 -66.76 -44.98 13.37
N ASP D 285 -65.84 -44.43 14.17
CA ASP D 285 -66.05 -44.28 15.59
C ASP D 285 -66.38 -42.83 15.93
N THR D 286 -66.65 -42.58 17.21
CA THR D 286 -66.93 -41.22 17.65
C THR D 286 -65.71 -40.32 17.44
N LYS D 287 -64.51 -40.86 17.65
CA LYS D 287 -63.30 -40.07 17.48
C LYS D 287 -63.14 -39.59 16.04
N ARG D 288 -63.42 -40.47 15.08
CA ARG D 288 -63.28 -40.10 13.67
C ARG D 288 -64.22 -38.95 13.30
N ILE D 289 -65.37 -38.87 13.96
CA ILE D 289 -66.30 -37.77 13.70
C ILE D 289 -65.64 -36.43 14.00
N PHE D 290 -64.80 -36.40 15.05
CA PHE D 290 -64.24 -35.13 15.49
C PHE D 290 -63.19 -34.60 14.51
N LYS D 291 -62.48 -35.47 13.80
CA LYS D 291 -61.50 -34.99 12.83
C LYS D 291 -62.13 -34.63 11.49
N GLU D 292 -63.11 -35.41 11.02
CA GLU D 292 -63.84 -35.02 9.81
C GLU D 292 -64.65 -33.75 10.04
N ALA D 293 -65.08 -33.51 11.27
CA ALA D 293 -65.70 -32.22 11.60
C ALA D 293 -64.71 -31.08 11.43
N GLU D 294 -63.47 -31.30 11.86
CA GLU D 294 -62.43 -30.27 11.70
C GLU D 294 -62.28 -29.86 10.24
N LYS D 295 -62.44 -30.82 9.32
CA LYS D 295 -62.32 -30.51 7.90
C LYS D 295 -63.25 -29.38 7.48
N PHE D 296 -64.43 -29.30 8.10
CA PHE D 296 -65.32 -28.18 7.84
C PHE D 296 -64.84 -26.91 8.52
N PHE D 297 -64.26 -27.03 9.72
CA PHE D 297 -63.82 -25.85 10.45
C PHE D 297 -62.57 -25.23 9.83
N VAL D 298 -61.65 -26.05 9.32
CA VAL D 298 -60.47 -25.47 8.67
C VAL D 298 -60.86 -24.74 7.41
N SER D 299 -61.92 -25.19 6.72
CA SER D 299 -62.41 -24.48 5.56
C SER D 299 -62.87 -23.06 5.91
N ILE D 300 -63.33 -22.86 7.15
CA ILE D 300 -63.69 -21.53 7.64
C ILE D 300 -62.67 -20.99 8.61
N GLY D 301 -61.54 -21.68 8.82
CA GLY D 301 -60.45 -21.18 9.62
C GLY D 301 -60.47 -21.61 11.07
N LEU D 302 -61.53 -22.23 11.54
CA LEU D 302 -61.61 -22.61 12.95
C LEU D 302 -60.71 -23.82 13.22
N PRO D 303 -59.88 -23.76 14.24
CA PRO D 303 -59.01 -24.90 14.58
C PRO D 303 -59.78 -25.98 15.33
N ASN D 304 -59.04 -27.00 15.74
CA ASN D 304 -59.58 -28.11 16.52
C ASN D 304 -59.55 -27.78 18.02
N MET D 305 -60.15 -28.67 18.81
CA MET D 305 -60.11 -28.55 20.25
C MET D 305 -58.68 -28.76 20.75
N THR D 306 -58.37 -28.14 21.88
CA THR D 306 -57.02 -28.20 22.42
C THR D 306 -56.62 -29.63 22.77
N GLN D 307 -55.32 -29.81 23.03
CA GLN D 307 -54.80 -31.14 23.33
C GLN D 307 -55.42 -31.73 24.60
N GLY D 308 -55.84 -30.87 25.53
CA GLY D 308 -56.51 -31.35 26.72
C GLY D 308 -57.80 -32.09 26.44
N PHE D 309 -58.45 -31.80 25.31
CA PHE D 309 -59.64 -32.54 24.91
C PHE D 309 -59.33 -34.01 24.66
N TRP D 310 -58.21 -34.30 24.01
CA TRP D 310 -57.92 -35.67 23.57
C TRP D 310 -57.73 -36.61 24.75
N ASP D 311 -57.04 -36.15 25.81
CA ASP D 311 -56.74 -37.03 26.94
C ASP D 311 -57.74 -36.86 28.09
N ASN D 312 -57.98 -35.62 28.52
CA ASN D 312 -58.81 -35.41 29.70
C ASN D 312 -60.28 -35.69 29.43
N SER D 313 -60.80 -35.20 28.31
CA SER D 313 -62.21 -35.39 28.00
C SER D 313 -62.47 -36.82 27.56
N MET D 314 -63.58 -37.37 28.03
CA MET D 314 -64.01 -38.73 27.68
C MET D 314 -65.17 -38.65 26.70
N LEU D 315 -65.10 -39.46 25.65
CA LEU D 315 -66.12 -39.47 24.61
C LEU D 315 -67.25 -40.46 24.90
N THR D 316 -67.23 -41.13 26.05
CA THR D 316 -68.27 -42.11 26.36
C THR D 316 -68.39 -42.22 27.88
N GLU D 317 -69.50 -42.80 28.31
CA GLU D 317 -69.75 -42.99 29.73
C GLU D 317 -68.76 -44.00 30.30
N PRO D 318 -68.11 -43.70 31.43
CA PRO D 318 -67.22 -44.68 32.04
C PRO D 318 -68.00 -45.86 32.62
N GLY D 319 -67.35 -47.02 32.61
CA GLY D 319 -68.00 -48.24 33.04
C GLY D 319 -67.39 -48.85 34.29
N ASP D 320 -66.82 -48.00 35.15
CA ASP D 320 -66.22 -48.44 36.40
C ASP D 320 -67.19 -48.43 37.57
N GLY D 321 -68.49 -48.35 37.31
CA GLY D 321 -69.50 -48.29 38.34
C GLY D 321 -69.97 -46.89 38.66
N ARG D 322 -69.27 -45.86 38.18
CA ARG D 322 -69.68 -44.49 38.40
C ARG D 322 -70.80 -44.11 37.45
N LYS D 323 -71.85 -43.49 37.99
CA LYS D 323 -72.95 -42.98 37.17
C LYS D 323 -72.76 -41.49 36.94
N VAL D 324 -73.04 -41.06 35.72
CA VAL D 324 -72.78 -39.70 35.27
C VAL D 324 -74.03 -39.12 34.65
N VAL D 325 -73.96 -37.83 34.32
CA VAL D 325 -75.01 -37.17 33.57
C VAL D 325 -74.67 -37.30 32.09
N CYS D 326 -75.54 -37.95 31.33
CA CYS D 326 -75.28 -38.25 29.93
C CYS D 326 -75.69 -37.14 28.98
N HIS D 327 -76.27 -36.06 29.49
CA HIS D 327 -76.59 -34.92 28.65
C HIS D 327 -75.32 -34.26 28.15
N PRO D 328 -75.18 -34.02 26.84
CA PRO D 328 -74.01 -33.28 26.35
C PRO D 328 -73.97 -31.89 26.96
N THR D 329 -72.78 -31.50 27.42
CA THR D 329 -72.60 -30.24 28.14
C THR D 329 -71.44 -29.47 27.55
N ALA D 330 -71.53 -28.15 27.65
CA ALA D 330 -70.49 -27.24 27.19
C ALA D 330 -69.81 -26.62 28.39
N TRP D 331 -68.51 -26.84 28.53
CA TRP D 331 -67.76 -26.41 29.70
C TRP D 331 -66.68 -25.43 29.28
N ASP D 332 -66.61 -24.29 29.96
CA ASP D 332 -65.53 -23.31 29.81
C ASP D 332 -64.88 -23.16 31.19
N LEU D 333 -63.92 -24.03 31.48
CA LEU D 333 -63.30 -24.01 32.81
C LEU D 333 -62.40 -22.80 33.00
N GLY D 334 -61.81 -22.29 31.92
CA GLY D 334 -60.88 -21.18 32.02
C GLY D 334 -59.45 -21.63 32.15
N LYS D 335 -58.57 -20.64 32.16
CA LYS D 335 -57.12 -20.85 32.31
C LYS D 335 -56.58 -21.77 31.22
N GLY D 336 -57.19 -21.74 30.03
CA GLY D 336 -56.80 -22.60 28.95
C GLY D 336 -57.20 -24.05 29.11
N ASP D 337 -57.95 -24.38 30.15
CA ASP D 337 -58.35 -25.75 30.44
C ASP D 337 -59.79 -25.91 29.96
N PHE D 338 -60.02 -26.88 29.09
CA PHE D 338 -61.35 -27.14 28.53
C PHE D 338 -61.60 -28.63 28.52
N ARG D 339 -62.78 -29.03 28.99
CA ARG D 339 -63.14 -30.45 29.04
C ARG D 339 -64.56 -30.60 28.52
N ILE D 340 -64.83 -31.75 27.92
CA ILE D 340 -66.05 -31.96 27.15
C ILE D 340 -66.61 -33.35 27.47
N LYS D 341 -67.90 -33.41 27.82
CA LYS D 341 -68.54 -34.64 28.26
C LYS D 341 -69.85 -34.89 27.51
N MET D 342 -70.00 -36.12 26.99
CA MET D 342 -71.30 -36.64 26.56
C MET D 342 -71.18 -38.15 26.40
N CYS D 343 -72.29 -38.85 26.63
CA CYS D 343 -72.40 -40.27 26.31
C CYS D 343 -72.84 -40.45 24.85
N THR D 344 -71.99 -39.98 23.95
CA THR D 344 -72.34 -39.97 22.53
C THR D 344 -72.40 -41.39 21.98
N LYS D 345 -73.18 -41.54 20.91
CA LYS D 345 -73.35 -42.82 20.23
C LYS D 345 -73.29 -42.59 18.73
N VAL D 346 -73.28 -43.68 17.98
CA VAL D 346 -73.20 -43.61 16.50
C VAL D 346 -74.64 -43.51 16.02
N THR D 347 -75.16 -42.29 16.03
CA THR D 347 -76.50 -41.98 15.53
C THR D 347 -76.48 -40.59 14.92
N MET D 348 -77.43 -40.34 14.01
CA MET D 348 -77.48 -39.06 13.32
C MET D 348 -77.77 -37.91 14.29
N ASP D 349 -78.67 -38.13 15.25
CA ASP D 349 -78.93 -37.11 16.25
C ASP D 349 -77.68 -36.85 17.09
N ASP D 350 -76.99 -37.91 17.52
CA ASP D 350 -75.72 -37.72 18.21
C ASP D 350 -74.65 -37.20 17.26
N PHE D 351 -74.77 -37.52 15.97
CA PHE D 351 -73.83 -36.97 14.98
C PHE D 351 -73.94 -35.45 14.92
N LEU D 352 -75.16 -34.93 15.03
CA LEU D 352 -75.36 -33.48 15.04
C LEU D 352 -74.98 -32.87 16.38
N THR D 353 -75.30 -33.55 17.49
CA THR D 353 -74.94 -33.00 18.80
C THR D 353 -73.42 -33.00 19.01
N ALA D 354 -72.70 -33.89 18.35
CA ALA D 354 -71.24 -33.85 18.42
C ALA D 354 -70.69 -32.59 17.78
N HIS D 355 -71.24 -32.19 16.63
CA HIS D 355 -70.81 -30.96 15.99
C HIS D 355 -71.29 -29.74 16.78
N HIS D 356 -72.47 -29.81 17.39
CA HIS D 356 -72.90 -28.74 18.28
C HIS D 356 -71.90 -28.55 19.43
N GLU D 357 -71.59 -29.64 20.13
CA GLU D 357 -70.68 -29.54 21.27
C GLU D 357 -69.29 -29.10 20.84
N MET D 358 -68.83 -29.56 19.68
CA MET D 358 -67.56 -29.07 19.16
C MET D 358 -67.65 -27.61 18.74
N GLY D 359 -68.70 -27.25 18.01
CA GLY D 359 -68.79 -25.91 17.45
C GLY D 359 -69.26 -24.85 18.44
N HIS D 360 -70.12 -25.22 19.38
CA HIS D 360 -70.59 -24.25 20.36
C HIS D 360 -69.50 -23.93 21.38
N ILE D 361 -68.59 -24.86 21.63
CA ILE D 361 -67.39 -24.55 22.41
C ILE D 361 -66.46 -23.63 21.64
N GLN D 362 -66.43 -23.75 20.31
CA GLN D 362 -65.57 -22.89 19.49
C GLN D 362 -65.88 -21.41 19.71
N TYR D 363 -67.11 -21.08 20.10
CA TYR D 363 -67.41 -19.71 20.46
C TYR D 363 -66.58 -19.26 21.66
N ASP D 364 -66.40 -20.14 22.64
CA ASP D 364 -65.58 -19.81 23.79
C ASP D 364 -64.14 -19.50 23.37
N MET D 365 -63.60 -20.27 22.44
CA MET D 365 -62.25 -20.03 21.94
C MET D 365 -62.15 -18.71 21.17
N ALA D 366 -63.26 -18.24 20.60
CA ALA D 366 -63.22 -17.01 19.81
C ALA D 366 -63.04 -15.79 20.70
N TYR D 367 -63.77 -15.73 21.82
CA TYR D 367 -63.66 -14.62 22.75
C TYR D 367 -62.81 -14.95 23.97
N ALA D 368 -62.04 -16.05 23.92
CA ALA D 368 -61.15 -16.39 25.02
C ALA D 368 -60.07 -15.34 25.24
N THR D 369 -59.75 -14.54 24.22
CA THR D 369 -58.78 -13.47 24.37
C THR D 369 -59.36 -12.24 25.04
N GLN D 370 -60.68 -12.14 25.15
CA GLN D 370 -61.32 -11.03 25.83
C GLN D 370 -61.07 -11.13 27.33
N PRO D 371 -61.20 -10.00 28.06
CA PRO D 371 -61.09 -10.06 29.53
C PRO D 371 -62.02 -11.08 30.16
N TYR D 372 -61.74 -11.45 31.40
CA TYR D 372 -62.50 -12.52 32.05
C TYR D 372 -63.97 -12.18 32.18
N LEU D 373 -64.27 -10.91 32.46
CA LEU D 373 -65.65 -10.46 32.55
C LEU D 373 -66.29 -10.27 31.17
N LEU D 374 -65.51 -10.31 30.10
CA LEU D 374 -66.02 -10.21 28.74
C LEU D 374 -65.86 -11.51 27.97
N ARG D 375 -65.64 -12.62 28.67
CA ARG D 375 -65.50 -13.94 28.04
C ARG D 375 -66.86 -14.63 27.95
N ASN D 376 -67.76 -14.00 27.20
CA ASN D 376 -69.12 -14.51 27.02
C ASN D 376 -69.61 -14.12 25.63
N GLY D 377 -70.77 -14.64 25.26
CA GLY D 377 -71.39 -14.31 24.01
C GLY D 377 -72.05 -12.93 24.04
N ALA D 378 -72.56 -12.53 22.88
CA ALA D 378 -73.21 -11.22 22.77
C ALA D 378 -74.41 -11.11 23.71
N ASN D 379 -75.24 -12.15 23.74
CA ASN D 379 -76.39 -12.21 24.63
C ASN D 379 -76.77 -13.68 24.80
N GLU D 380 -77.97 -13.90 25.33
CA GLU D 380 -78.41 -15.27 25.61
C GLU D 380 -78.62 -16.08 24.34
N GLY D 381 -79.10 -15.45 23.27
CA GLY D 381 -79.44 -16.19 22.07
C GLY D 381 -78.30 -16.42 21.10
N PHE D 382 -77.31 -15.51 21.09
CA PHE D 382 -76.20 -15.63 20.15
C PHE D 382 -75.38 -16.89 20.42
N HIS D 383 -75.07 -17.15 21.70
CA HIS D 383 -74.25 -18.31 22.04
C HIS D 383 -74.96 -19.62 21.67
N GLU D 384 -76.25 -19.71 21.95
CA GLU D 384 -77.00 -20.93 21.66
C GLU D 384 -77.42 -21.03 20.20
N ALA D 385 -77.31 -19.96 19.43
CA ALA D 385 -77.59 -20.01 18.01
C ALA D 385 -76.35 -20.29 17.16
N VAL D 386 -75.16 -19.94 17.66
CA VAL D 386 -73.94 -20.25 16.93
C VAL D 386 -73.78 -21.76 16.77
N GLY D 387 -74.05 -22.52 17.83
CA GLY D 387 -73.86 -23.96 17.77
C GLY D 387 -74.80 -24.65 16.81
N GLU D 388 -76.07 -24.22 16.78
CA GLU D 388 -77.06 -24.93 15.98
C GLU D 388 -76.82 -24.76 14.48
N ILE D 389 -76.42 -23.57 14.05
CA ILE D 389 -76.17 -23.34 12.63
C ILE D 389 -75.00 -24.17 12.12
N MET D 390 -74.11 -24.60 13.02
CA MET D 390 -72.99 -25.45 12.61
C MET D 390 -73.51 -26.76 12.05
N SER D 391 -74.36 -27.46 12.82
CA SER D 391 -74.90 -28.74 12.39
C SER D 391 -75.80 -28.64 11.17
N LEU D 392 -76.26 -27.42 10.83
CA LEU D 392 -77.07 -27.25 9.63
C LEU D 392 -76.30 -27.62 8.38
N SER D 393 -75.03 -27.23 8.30
CA SER D 393 -74.20 -27.58 7.15
C SER D 393 -73.77 -29.04 7.19
N ALA D 394 -73.61 -29.61 8.38
CA ALA D 394 -73.19 -31.00 8.50
C ALA D 394 -74.28 -31.98 8.10
N ALA D 395 -75.54 -31.54 8.05
CA ALA D 395 -76.65 -32.39 7.63
C ALA D 395 -76.99 -32.23 6.16
N THR D 396 -76.26 -31.40 5.42
CA THR D 396 -76.54 -31.21 4.01
C THR D 396 -76.15 -32.46 3.22
N PRO D 397 -76.93 -32.83 2.19
CA PRO D 397 -76.59 -34.03 1.42
C PRO D 397 -75.22 -33.96 0.75
N HIS D 398 -74.80 -32.77 0.30
CA HIS D 398 -73.50 -32.65 -0.35
C HIS D 398 -72.37 -32.94 0.64
N TYR D 399 -72.51 -32.46 1.88
CA TYR D 399 -71.46 -32.70 2.88
C TYR D 399 -71.31 -34.18 3.18
N LEU D 400 -72.43 -34.90 3.31
CA LEU D 400 -72.35 -36.33 3.54
C LEU D 400 -71.85 -37.09 2.32
N LYS D 401 -72.20 -36.61 1.12
CA LYS D 401 -71.70 -37.24 -0.10
C LYS D 401 -70.18 -37.10 -0.22
N ALA D 402 -69.66 -35.92 0.12
CA ALA D 402 -68.22 -35.71 0.07
C ALA D 402 -67.49 -36.26 1.29
N LEU D 403 -68.21 -36.58 2.36
CA LEU D 403 -67.61 -37.12 3.58
C LEU D 403 -67.62 -38.65 3.62
N GLY D 404 -68.18 -39.31 2.61
CA GLY D 404 -68.26 -40.75 2.60
C GLY D 404 -69.49 -41.34 3.26
N LEU D 405 -70.33 -40.52 3.89
CA LEU D 405 -71.56 -41.01 4.49
C LEU D 405 -72.66 -41.24 3.48
N LEU D 406 -72.47 -40.83 2.23
CA LEU D 406 -73.42 -41.03 1.16
C LEU D 406 -72.72 -41.60 -0.06
N PRO D 407 -73.42 -42.38 -0.88
CA PRO D 407 -72.79 -42.94 -2.07
C PRO D 407 -72.43 -41.85 -3.06
N PRO D 408 -71.37 -42.03 -3.85
CA PRO D 408 -71.01 -41.02 -4.85
C PRO D 408 -72.08 -40.82 -5.91
N ASP D 409 -72.92 -41.83 -6.17
CA ASP D 409 -74.00 -41.73 -7.13
C ASP D 409 -75.35 -41.47 -6.47
N PHE D 410 -75.36 -41.15 -5.19
CA PHE D 410 -76.60 -40.94 -4.47
C PHE D 410 -77.36 -39.75 -5.04
N TYR D 411 -78.65 -39.95 -5.29
CA TYR D 411 -79.55 -38.89 -5.75
C TYR D 411 -80.70 -38.75 -4.76
N GLU D 412 -80.99 -37.51 -4.36
CA GLU D 412 -82.09 -37.23 -3.44
C GLU D 412 -83.30 -36.75 -4.22
N ASP D 413 -84.46 -37.27 -3.85
CA ASP D 413 -85.72 -36.89 -4.49
C ASP D 413 -86.39 -35.76 -3.72
N SER D 414 -87.18 -34.96 -4.43
CA SER D 414 -87.88 -33.86 -3.79
C SER D 414 -88.88 -34.34 -2.74
N GLU D 415 -89.43 -35.55 -2.91
CA GLU D 415 -90.27 -36.13 -1.88
C GLU D 415 -89.46 -36.49 -0.65
N THR D 416 -88.21 -36.93 -0.84
CA THR D 416 -87.32 -37.18 0.29
C THR D 416 -87.03 -35.90 1.05
N GLU D 417 -86.86 -34.79 0.33
CA GLU D 417 -86.66 -33.50 0.98
C GLU D 417 -87.84 -33.10 1.85
N ILE D 418 -89.03 -33.59 1.51
CA ILE D 418 -90.25 -33.19 2.22
C ILE D 418 -90.16 -33.59 3.69
N ASN D 419 -89.58 -34.75 3.97
CA ASN D 419 -89.44 -35.21 5.36
C ASN D 419 -88.55 -34.26 6.16
N PHE D 420 -87.44 -33.80 5.56
CA PHE D 420 -86.50 -32.96 6.31
C PHE D 420 -87.14 -31.65 6.73
N LEU D 421 -87.94 -31.04 5.84
CA LEU D 421 -88.70 -29.84 6.22
C LEU D 421 -89.58 -30.09 7.43
N LEU D 422 -90.40 -31.15 7.38
CA LEU D 422 -91.37 -31.37 8.45
C LEU D 422 -90.68 -31.71 9.75
N LYS D 423 -89.61 -32.50 9.66
CA LYS D 423 -88.82 -32.85 10.83
C LYS D 423 -88.24 -31.62 11.52
N GLN D 424 -87.53 -30.76 10.78
CA GLN D 424 -86.89 -29.66 11.50
C GLN D 424 -87.90 -28.59 11.90
N ALA D 425 -88.99 -28.43 11.15
CA ALA D 425 -90.09 -27.57 11.57
C ALA D 425 -90.68 -28.07 12.89
N LEU D 426 -91.07 -29.35 12.92
CA LEU D 426 -91.62 -29.97 14.11
C LEU D 426 -90.67 -29.91 15.29
N THR D 427 -89.37 -29.84 15.04
CA THR D 427 -88.40 -29.76 16.12
C THR D 427 -88.24 -28.33 16.64
N ILE D 428 -88.07 -27.36 15.76
CA ILE D 428 -87.67 -26.00 16.12
C ILE D 428 -88.76 -24.98 15.81
N VAL D 429 -89.28 -24.99 14.58
CA VAL D 429 -90.09 -23.89 14.08
C VAL D 429 -91.54 -23.99 14.54
N GLY D 430 -92.06 -25.21 14.71
CA GLY D 430 -93.48 -25.38 14.98
C GLY D 430 -93.94 -24.73 16.27
N THR D 431 -93.04 -24.59 17.24
CA THR D 431 -93.40 -23.98 18.52
C THR D 431 -93.19 -22.46 18.56
N LEU D 432 -92.65 -21.88 17.48
CA LEU D 432 -92.41 -20.44 17.48
C LEU D 432 -93.67 -19.61 17.70
N PRO D 433 -94.80 -19.86 17.02
CA PRO D 433 -96.04 -19.16 17.43
C PRO D 433 -96.43 -19.48 18.86
N PHE D 434 -96.30 -20.74 19.27
CA PHE D 434 -96.63 -21.13 20.63
C PHE D 434 -95.73 -20.42 21.64
N THR D 435 -94.42 -20.41 21.39
CA THR D 435 -93.49 -19.74 22.29
C THR D 435 -93.76 -18.24 22.36
N TYR D 436 -93.96 -17.62 21.21
CA TYR D 436 -94.24 -16.19 21.17
C TYR D 436 -95.50 -15.84 21.94
N MET D 437 -96.57 -16.62 21.75
CA MET D 437 -97.83 -16.28 22.40
C MET D 437 -97.83 -16.65 23.88
N LEU D 438 -97.08 -17.68 24.27
CA LEU D 438 -96.89 -17.96 25.70
C LEU D 438 -96.13 -16.82 26.37
N GLU D 439 -95.11 -16.29 25.70
CA GLU D 439 -94.40 -15.15 26.28
C GLU D 439 -95.25 -13.89 26.26
N LYS D 440 -96.14 -13.76 25.28
CA LYS D 440 -97.15 -12.70 25.32
C LYS D 440 -98.04 -12.84 26.56
N TRP D 441 -98.49 -14.06 26.83
CA TRP D 441 -99.29 -14.31 28.03
C TRP D 441 -98.53 -13.91 29.28
N ARG D 442 -97.25 -14.29 29.38
CA ARG D 442 -96.46 -13.92 30.54
C ARG D 442 -96.26 -12.40 30.62
N TRP D 443 -96.07 -11.75 29.47
CA TRP D 443 -95.83 -10.31 29.47
C TRP D 443 -97.05 -9.53 29.95
N MET D 444 -98.24 -9.86 29.43
CA MET D 444 -99.44 -9.27 30.01
C MET D 444 -99.65 -9.71 31.45
N VAL D 445 -99.24 -10.92 31.81
CA VAL D 445 -99.22 -11.29 33.22
C VAL D 445 -98.26 -10.40 33.99
N PHE D 446 -97.08 -10.14 33.41
CA PHE D 446 -96.12 -9.25 34.05
C PHE D 446 -96.57 -7.79 33.97
N LYS D 447 -97.24 -7.40 32.90
CA LYS D 447 -97.68 -6.01 32.73
C LYS D 447 -98.95 -5.70 33.51
N GLY D 448 -99.66 -6.71 33.98
CA GLY D 448 -100.89 -6.49 34.72
C GLY D 448 -102.14 -6.39 33.87
N LYS D 449 -102.05 -6.63 32.56
CA LYS D 449 -103.23 -6.56 31.71
C LYS D 449 -104.25 -7.63 32.12
N ILE D 450 -103.78 -8.82 32.45
CA ILE D 450 -104.65 -9.91 32.90
C ILE D 450 -104.98 -9.67 34.37
N PRO D 451 -106.26 -9.58 34.74
CA PRO D 451 -106.60 -9.36 36.14
C PRO D 451 -106.16 -10.50 37.02
N LYS D 452 -105.85 -10.16 38.28
CA LYS D 452 -105.25 -11.13 39.20
C LYS D 452 -106.17 -12.32 39.47
N GLU D 453 -107.48 -12.10 39.45
CA GLU D 453 -108.43 -13.16 39.77
C GLU D 453 -108.66 -14.12 38.61
N GLN D 454 -108.18 -13.80 37.41
CA GLN D 454 -108.31 -14.67 36.26
C GLN D 454 -106.94 -14.98 35.65
N TRP D 455 -105.94 -15.17 36.50
CA TRP D 455 -104.58 -15.41 35.98
C TRP D 455 -104.51 -16.73 35.21
N MET D 456 -105.15 -17.78 35.72
CA MET D 456 -105.10 -19.08 35.07
C MET D 456 -106.27 -19.33 34.13
N GLN D 457 -107.41 -18.66 34.33
CA GLN D 457 -108.58 -18.92 33.50
C GLN D 457 -108.52 -18.20 32.16
N LYS D 458 -107.75 -17.12 32.04
CA LYS D 458 -107.53 -16.51 30.74
C LYS D 458 -106.53 -17.25 29.89
N TRP D 459 -105.60 -17.99 30.51
CA TRP D 459 -104.78 -18.94 29.76
C TRP D 459 -105.66 -19.91 28.98
N TRP D 460 -106.77 -20.34 29.58
CA TRP D 460 -107.72 -21.20 28.90
C TRP D 460 -108.76 -20.41 28.11
N GLU D 461 -109.07 -19.18 28.55
CA GLU D 461 -110.12 -18.39 27.89
C GLU D 461 -109.67 -17.94 26.50
N MET D 462 -108.51 -17.28 26.41
CA MET D 462 -108.01 -16.88 25.10
C MET D 462 -107.50 -18.08 24.31
N LYS D 463 -107.33 -19.23 24.97
CA LYS D 463 -106.93 -20.44 24.26
C LYS D 463 -107.99 -20.83 23.23
N ARG D 464 -109.25 -20.51 23.51
CA ARG D 464 -110.34 -20.86 22.60
C ARG D 464 -110.20 -20.13 21.27
N GLU D 465 -110.04 -18.81 21.33
CA GLU D 465 -110.03 -18.00 20.11
C GLU D 465 -108.62 -17.82 19.55
N ILE D 466 -107.67 -17.45 20.41
CA ILE D 466 -106.34 -17.02 19.97
C ILE D 466 -105.39 -18.21 19.82
N VAL D 467 -105.24 -19.01 20.87
CA VAL D 467 -104.35 -20.16 20.78
C VAL D 467 -104.95 -21.30 19.97
N GLY D 468 -106.27 -21.31 19.80
CA GLY D 468 -106.90 -22.37 19.03
C GLY D 468 -106.76 -23.74 19.63
N VAL D 469 -106.74 -23.83 20.96
CA VAL D 469 -106.69 -25.10 21.67
C VAL D 469 -107.82 -25.11 22.68
N VAL D 470 -108.64 -26.16 22.66
CA VAL D 470 -109.80 -26.27 23.53
C VAL D 470 -109.47 -27.17 24.71
N GLU D 471 -109.90 -26.76 25.90
CA GLU D 471 -109.69 -27.57 27.09
C GLU D 471 -110.71 -28.71 27.14
N PRO D 472 -110.34 -29.86 27.71
CA PRO D 472 -111.30 -30.95 27.84
C PRO D 472 -112.21 -30.83 29.06
N LEU D 473 -111.72 -30.27 30.17
CA LEU D 473 -112.54 -30.07 31.36
C LEU D 473 -112.10 -28.78 32.04
N PRO D 474 -112.99 -27.80 32.23
CA PRO D 474 -112.61 -26.57 32.91
C PRO D 474 -112.18 -26.83 34.35
N HIS D 475 -111.20 -26.07 34.82
CA HIS D 475 -110.69 -26.16 36.17
C HIS D 475 -110.81 -24.80 36.86
N ASP D 476 -110.96 -24.83 38.18
CA ASP D 476 -111.18 -23.62 38.95
C ASP D 476 -109.85 -22.94 39.29
N GLU D 477 -109.93 -21.88 40.10
CA GLU D 477 -108.80 -21.01 40.36
C GLU D 477 -107.67 -21.69 41.12
N THR D 478 -107.94 -22.82 41.78
CA THR D 478 -106.93 -23.47 42.60
C THR D 478 -105.85 -24.16 41.77
N TYR D 479 -106.08 -24.37 40.49
CA TYR D 479 -105.19 -25.19 39.68
C TYR D 479 -104.13 -24.34 38.99
N CYS D 480 -102.95 -24.91 38.80
CA CYS D 480 -101.79 -24.23 38.22
C CYS D 480 -101.17 -25.13 37.16
N ASP D 481 -101.54 -24.90 35.90
CA ASP D 481 -100.98 -25.62 34.77
C ASP D 481 -99.48 -25.40 34.61
N PRO D 482 -98.95 -24.18 34.77
CA PRO D 482 -97.49 -24.01 34.67
C PRO D 482 -96.70 -24.81 35.69
N ALA D 483 -97.32 -25.24 36.79
CA ALA D 483 -96.63 -26.04 37.79
C ALA D 483 -96.22 -27.40 37.28
N CYS D 484 -96.72 -27.83 36.12
CA CYS D 484 -96.32 -29.11 35.54
C CYS D 484 -94.92 -29.06 34.93
N LEU D 485 -94.33 -27.88 34.77
CA LEU D 485 -93.00 -27.74 34.20
C LEU D 485 -92.00 -27.42 35.31
N PHE D 486 -90.91 -28.18 35.34
CA PHE D 486 -89.90 -27.98 36.39
C PHE D 486 -89.18 -26.64 36.23
N HIS D 487 -89.08 -26.14 34.99
CA HIS D 487 -88.34 -24.91 34.75
C HIS D 487 -89.05 -23.68 35.32
N VAL D 488 -90.38 -23.74 35.44
CA VAL D 488 -91.12 -22.59 35.94
C VAL D 488 -90.74 -22.27 37.38
N ALA D 489 -90.63 -23.30 38.22
CA ALA D 489 -90.29 -23.07 39.63
C ALA D 489 -88.88 -22.53 39.82
N GLU D 490 -88.00 -22.71 38.84
CA GLU D 490 -86.61 -22.28 38.95
C GLU D 490 -86.33 -20.98 38.21
N ASP D 491 -87.37 -20.27 37.77
CA ASP D 491 -87.23 -18.95 37.14
C ASP D 491 -86.34 -19.01 35.90
N TYR D 492 -86.83 -19.71 34.88
CA TYR D 492 -86.13 -19.85 33.62
C TYR D 492 -86.86 -19.06 32.54
N SER D 493 -86.15 -18.16 31.87
CA SER D 493 -86.75 -17.33 30.83
C SER D 493 -87.06 -18.17 29.59
N PHE D 494 -88.08 -17.73 28.85
CA PHE D 494 -88.53 -18.43 27.66
C PHE D 494 -88.31 -17.67 26.36
N ILE D 495 -87.96 -16.38 26.44
CA ILE D 495 -87.65 -15.63 25.23
C ILE D 495 -86.30 -16.03 24.67
N ARG D 496 -85.48 -16.74 25.45
CA ARG D 496 -84.17 -17.15 24.98
C ARG D 496 -84.29 -18.07 23.78
N TYR D 497 -85.25 -18.99 23.81
CA TYR D 497 -85.43 -19.92 22.69
C TYR D 497 -85.83 -19.17 21.41
N TYR D 498 -86.74 -18.20 21.53
CA TYR D 498 -87.17 -17.44 20.36
C TYR D 498 -86.03 -16.60 19.79
N THR D 499 -85.28 -15.92 20.67
CA THR D 499 -84.15 -15.13 20.21
C THR D 499 -83.10 -16.02 19.56
N ARG D 500 -82.84 -17.19 20.15
CA ARG D 500 -81.89 -18.14 19.56
C ARG D 500 -82.35 -18.57 18.18
N THR D 501 -83.64 -18.87 18.02
CA THR D 501 -84.14 -19.31 16.72
C THR D 501 -83.98 -18.22 15.67
N ILE D 502 -84.39 -16.99 15.99
CA ILE D 502 -84.29 -15.91 15.03
C ILE D 502 -82.84 -15.61 14.68
N TYR D 503 -81.97 -15.59 15.69
CA TYR D 503 -80.56 -15.32 15.43
C TYR D 503 -79.92 -16.43 14.62
N GLN D 504 -80.32 -17.69 14.84
CA GLN D 504 -79.77 -18.79 14.08
C GLN D 504 -80.19 -18.71 12.61
N PHE D 505 -81.45 -18.35 12.35
CA PHE D 505 -81.85 -18.20 10.95
C PHE D 505 -81.16 -17.00 10.30
N GLN D 506 -81.01 -15.89 11.03
CA GLN D 506 -80.29 -14.75 10.47
C GLN D 506 -78.82 -15.11 10.18
N PHE D 507 -78.18 -15.85 11.08
CA PHE D 507 -76.81 -16.28 10.86
C PHE D 507 -76.71 -17.19 9.63
N HIS D 508 -77.64 -18.14 9.50
CA HIS D 508 -77.62 -19.03 8.35
C HIS D 508 -77.80 -18.25 7.05
N GLU D 509 -78.74 -17.31 7.02
CA GLU D 509 -78.95 -16.50 5.83
C GLU D 509 -77.73 -15.66 5.50
N ALA D 510 -77.10 -15.07 6.53
CA ALA D 510 -75.91 -14.26 6.29
C ALA D 510 -74.75 -15.09 5.76
N LEU D 511 -74.54 -16.27 6.33
CA LEU D 511 -73.46 -17.14 5.87
C LEU D 511 -73.72 -17.62 4.45
N CYS D 512 -74.98 -17.89 4.11
CA CYS D 512 -75.30 -18.33 2.76
C CYS D 512 -75.13 -17.20 1.75
N GLN D 513 -75.50 -15.97 2.14
CA GLN D 513 -75.25 -14.82 1.29
C GLN D 513 -73.76 -14.61 1.08
N THR D 514 -72.97 -14.79 2.14
CA THR D 514 -71.51 -14.73 2.01
C THR D 514 -70.99 -15.86 1.13
N ALA D 515 -71.56 -17.06 1.27
CA ALA D 515 -71.17 -18.20 0.46
C ALA D 515 -71.62 -18.08 -0.99
N LYS D 516 -72.47 -17.10 -1.30
CA LYS D 516 -72.91 -16.84 -2.67
C LYS D 516 -73.62 -18.04 -3.28
N HIS D 517 -74.33 -18.79 -2.45
CA HIS D 517 -75.12 -19.91 -2.95
C HIS D 517 -76.38 -19.40 -3.63
N GLU D 518 -76.79 -20.10 -4.69
CA GLU D 518 -77.90 -19.69 -5.53
C GLU D 518 -79.05 -20.68 -5.40
N GLY D 519 -80.28 -20.14 -5.36
CA GLY D 519 -81.46 -20.96 -5.26
C GLY D 519 -82.11 -20.85 -3.90
N PRO D 520 -83.02 -21.78 -3.60
CA PRO D 520 -83.65 -21.79 -2.28
C PRO D 520 -82.63 -22.02 -1.18
N LEU D 521 -82.91 -21.42 -0.01
CA LEU D 521 -81.92 -21.38 1.07
C LEU D 521 -81.59 -22.76 1.61
N TYR D 522 -82.47 -23.74 1.44
CA TYR D 522 -82.26 -25.05 2.05
C TYR D 522 -81.19 -25.87 1.34
N LYS D 523 -80.79 -25.51 0.12
CA LYS D 523 -79.71 -26.19 -0.58
C LYS D 523 -78.35 -25.55 -0.31
N CYS D 524 -78.27 -24.65 0.66
CA CYS D 524 -77.05 -23.90 0.91
C CYS D 524 -75.96 -24.78 1.52
N ASP D 525 -74.73 -24.55 1.08
CA ASP D 525 -73.56 -25.22 1.62
C ASP D 525 -72.44 -24.20 1.70
N ILE D 526 -71.78 -24.11 2.86
CA ILE D 526 -70.73 -23.14 3.08
C ILE D 526 -69.37 -23.82 3.25
N SER D 527 -69.27 -25.09 2.88
CA SER D 527 -68.01 -25.80 3.01
C SER D 527 -67.01 -25.33 1.96
N ASN D 528 -65.73 -25.43 2.30
CA ASN D 528 -64.58 -25.15 1.44
C ASN D 528 -64.45 -23.68 1.07
N SER D 529 -65.32 -22.80 1.57
CA SER D 529 -65.26 -21.38 1.25
C SER D 529 -64.42 -20.68 2.31
N THR D 530 -63.14 -20.47 2.02
CA THR D 530 -62.25 -19.80 2.96
C THR D 530 -62.60 -18.33 3.14
N ASP D 531 -63.19 -17.69 2.13
CA ASP D 531 -63.56 -16.29 2.26
C ASP D 531 -64.76 -16.12 3.18
N ALA D 532 -65.60 -17.14 3.32
CA ALA D 532 -66.73 -17.07 4.23
C ALA D 532 -66.32 -17.20 5.68
N GLY D 533 -65.15 -17.79 5.96
CA GLY D 533 -64.69 -17.92 7.33
C GLY D 533 -64.13 -16.64 7.91
N GLN D 534 -63.50 -15.81 7.09
CA GLN D 534 -62.97 -14.55 7.58
C GLN D 534 -64.09 -13.62 8.04
N ARG D 535 -65.22 -13.61 7.31
CA ARG D 535 -66.37 -12.84 7.74
C ARG D 535 -66.93 -13.37 9.05
N LEU D 536 -66.96 -14.69 9.21
CA LEU D 536 -67.42 -15.27 10.46
C LEU D 536 -66.51 -14.88 11.62
N LEU D 537 -65.20 -14.88 11.38
CA LEU D 537 -64.25 -14.51 12.42
C LEU D 537 -64.45 -13.07 12.88
N GLN D 538 -64.91 -12.19 11.98
CA GLN D 538 -65.15 -10.80 12.35
C GLN D 538 -66.20 -10.69 13.45
N MET D 539 -67.18 -11.59 13.46
CA MET D 539 -68.20 -11.61 14.50
C MET D 539 -67.76 -12.45 15.69
N LEU D 540 -67.02 -13.54 15.45
CA LEU D 540 -66.55 -14.39 16.54
C LEU D 540 -65.58 -13.66 17.46
N ASN D 541 -64.71 -12.81 16.89
CA ASN D 541 -63.67 -12.17 17.69
C ASN D 541 -64.27 -11.21 18.71
N LEU D 542 -65.32 -10.48 18.34
CA LEU D 542 -65.87 -9.45 19.21
C LEU D 542 -66.38 -10.03 20.53
N GLY D 543 -67.10 -11.14 20.46
CA GLY D 543 -67.65 -11.72 21.67
C GLY D 543 -68.63 -10.78 22.33
N LYS D 544 -68.35 -10.43 23.59
CA LYS D 544 -69.19 -9.49 24.34
C LYS D 544 -68.64 -8.07 24.33
N SER D 545 -67.58 -7.81 23.55
CA SER D 545 -67.04 -6.46 23.47
C SER D 545 -67.98 -5.50 22.76
N GLU D 546 -68.89 -6.01 21.94
CA GLU D 546 -69.82 -5.18 21.17
C GLU D 546 -71.24 -5.64 21.41
N PRO D 547 -72.21 -4.73 21.30
CA PRO D 547 -73.61 -5.12 21.47
C PRO D 547 -74.08 -6.02 20.34
N TRP D 548 -75.14 -6.79 20.64
CA TRP D 548 -75.68 -7.71 19.64
C TRP D 548 -76.19 -6.96 18.41
N THR D 549 -76.80 -5.79 18.62
CA THR D 549 -77.24 -4.93 17.53
C THR D 549 -76.16 -4.77 16.46
N LEU D 550 -74.97 -4.33 16.86
CA LEU D 550 -73.87 -4.14 15.92
C LEU D 550 -73.20 -5.45 15.55
N ALA D 551 -73.14 -6.41 16.47
CA ALA D 551 -72.56 -7.71 16.14
C ALA D 551 -73.38 -8.43 15.08
N LEU D 552 -74.72 -8.32 15.17
CA LEU D 552 -75.58 -8.91 14.15
C LEU D 552 -75.35 -8.26 12.79
N GLU D 553 -75.16 -6.93 12.79
CA GLU D 553 -74.94 -6.22 11.53
C GLU D 553 -73.61 -6.60 10.90
N ARG D 554 -72.62 -7.01 11.70
CA ARG D 554 -71.31 -7.35 11.14
C ARG D 554 -71.38 -8.59 10.26
N ILE D 555 -72.31 -9.50 10.53
CA ILE D 555 -72.45 -10.73 9.76
C ILE D 555 -73.62 -10.66 8.79
N VAL D 556 -74.72 -10.06 9.19
CA VAL D 556 -75.94 -10.03 8.39
C VAL D 556 -75.97 -8.82 7.48
N GLY D 557 -75.65 -7.64 8.01
CA GLY D 557 -75.74 -6.39 7.28
C GLY D 557 -76.88 -5.50 7.71
N ALA D 558 -77.74 -5.98 8.61
CA ALA D 558 -78.85 -5.20 9.12
C ALA D 558 -78.90 -5.30 10.64
N LYS D 559 -79.48 -4.29 11.27
CA LYS D 559 -79.57 -4.19 12.72
C LYS D 559 -81.02 -4.24 13.20
N THR D 560 -81.81 -5.12 12.60
CA THR D 560 -83.22 -5.24 12.95
C THR D 560 -83.66 -6.69 12.79
N MET D 561 -84.72 -7.05 13.51
CA MET D 561 -85.28 -8.40 13.38
C MET D 561 -85.85 -8.58 11.98
N ASP D 562 -85.62 -9.76 11.41
CA ASP D 562 -86.00 -10.01 10.01
C ASP D 562 -86.50 -11.43 9.86
N VAL D 563 -87.69 -11.57 9.26
CA VAL D 563 -88.24 -12.88 8.94
C VAL D 563 -88.32 -13.12 7.44
N LYS D 564 -87.86 -12.19 6.62
CA LYS D 564 -87.74 -12.46 5.19
C LYS D 564 -86.86 -13.67 4.88
N PRO D 565 -85.72 -13.89 5.55
CA PRO D 565 -85.02 -15.17 5.33
C PRO D 565 -85.87 -16.39 5.65
N LEU D 566 -86.71 -16.29 6.69
CA LEU D 566 -87.61 -17.40 7.02
C LEU D 566 -88.61 -17.66 5.90
N LEU D 567 -89.20 -16.59 5.37
CA LEU D 567 -90.17 -16.74 4.29
C LEU D 567 -89.52 -17.28 3.03
N ASN D 568 -88.30 -16.82 2.72
CA ASN D 568 -87.56 -17.34 1.58
C ASN D 568 -87.25 -18.82 1.77
N TYR D 569 -86.87 -19.21 2.99
CA TYR D 569 -86.54 -20.60 3.27
C TYR D 569 -87.75 -21.51 3.09
N PHE D 570 -88.94 -21.01 3.44
CA PHE D 570 -90.18 -21.77 3.33
C PHE D 570 -90.95 -21.45 2.05
N GLU D 571 -90.31 -20.77 1.10
CA GLU D 571 -91.01 -20.35 -0.13
C GLU D 571 -91.57 -21.53 -0.92
N PRO D 572 -90.82 -22.61 -1.20
CA PRO D 572 -91.44 -23.74 -1.93
C PRO D 572 -92.63 -24.34 -1.20
N LEU D 573 -92.56 -24.43 0.13
CA LEU D 573 -93.69 -24.98 0.88
C LEU D 573 -94.92 -24.10 0.75
N LEU D 574 -94.74 -22.78 0.80
CA LEU D 574 -95.86 -21.86 0.59
C LEU D 574 -96.46 -22.04 -0.79
N THR D 575 -95.61 -22.05 -1.83
CA THR D 575 -96.12 -22.18 -3.20
C THR D 575 -96.85 -23.49 -3.40
N TRP D 576 -96.39 -24.56 -2.74
CA TRP D 576 -97.09 -25.84 -2.85
C TRP D 576 -98.33 -25.91 -1.96
N LEU D 577 -98.44 -25.03 -0.97
CA LEU D 577 -99.53 -25.13 0.00
C LEU D 577 -100.71 -24.20 -0.27
N LYS D 578 -100.50 -23.06 -0.94
CA LYS D 578 -101.57 -22.07 -1.04
C LYS D 578 -102.83 -22.64 -1.69
N ASP D 579 -102.68 -23.58 -2.62
CA ASP D 579 -103.85 -24.15 -3.28
C ASP D 579 -104.65 -25.08 -2.38
N GLN D 580 -104.09 -25.52 -1.26
CA GLN D 580 -104.71 -26.56 -0.46
C GLN D 580 -106.01 -26.11 0.21
N ASN D 581 -106.12 -24.83 0.54
CA ASN D 581 -107.30 -24.35 1.27
C ASN D 581 -108.53 -24.21 0.38
N GLY D 582 -108.48 -24.64 -0.87
CA GLY D 582 -109.66 -24.58 -1.71
C GLY D 582 -110.79 -25.46 -1.21
N ASN D 583 -110.46 -26.63 -0.66
CA ASN D 583 -111.46 -27.58 -0.20
C ASN D 583 -111.50 -27.71 1.32
N SER D 584 -110.79 -26.86 2.06
CA SER D 584 -110.79 -26.90 3.51
C SER D 584 -110.97 -25.51 4.07
N PHE D 585 -111.63 -25.43 5.23
CA PHE D 585 -111.79 -24.17 5.92
C PHE D 585 -110.48 -23.74 6.55
N VAL D 586 -110.24 -22.43 6.57
CA VAL D 586 -109.00 -21.87 7.11
C VAL D 586 -109.25 -21.47 8.56
N GLY D 587 -108.20 -21.60 9.38
CA GLY D 587 -108.31 -21.29 10.78
C GLY D 587 -109.01 -22.40 11.56
N TRP D 588 -109.20 -22.14 12.85
CA TRP D 588 -109.91 -23.04 13.73
C TRP D 588 -111.28 -22.45 14.06
N SER D 589 -112.33 -23.23 13.90
CA SER D 589 -113.69 -22.75 14.10
C SER D 589 -114.00 -22.70 15.60
N THR D 590 -114.19 -21.49 16.12
CA THR D 590 -114.52 -21.29 17.52
C THR D 590 -115.98 -21.58 17.83
N ASP D 591 -116.85 -21.68 16.81
CA ASP D 591 -118.26 -21.94 17.06
C ASP D 591 -118.48 -23.29 17.72
N TRP D 592 -117.81 -24.33 17.22
CA TRP D 592 -117.96 -25.67 17.76
C TRP D 592 -116.89 -25.93 18.81
N THR D 593 -117.31 -26.33 20.00
CA THR D 593 -116.41 -26.70 21.08
C THR D 593 -116.79 -28.06 21.64
N PRO D 594 -115.81 -28.90 21.95
CA PRO D 594 -116.12 -30.23 22.52
C PRO D 594 -116.65 -30.18 23.94
N TYR D 595 -116.38 -29.11 24.70
CA TYR D 595 -116.63 -29.14 26.13
C TYR D 595 -118.05 -28.71 26.51
N SER D 596 -118.61 -27.71 25.82
CA SER D 596 -119.94 -27.22 26.19
C SER D 596 -121.02 -28.00 25.47
N GLU D 597 -120.94 -28.09 24.15
CA GLU D 597 -122.00 -28.68 23.34
C GLU D 597 -121.60 -30.06 22.85
#